data_4LIH
#
_entry.id   4LIH
#
_cell.length_a   90.310
_cell.length_b   104.190
_cell.length_c   108.280
_cell.angle_alpha   91.70
_cell.angle_beta   99.04
_cell.angle_gamma   90.02
#
_symmetry.space_group_name_H-M   'P 1'
#
loop_
_entity.id
_entity.type
_entity.pdbx_description
1 polymer 'Gamma-glutamyl-gamma-aminobutyraldehyde dehydrogenase'
2 non-polymer '2-(N-MORPHOLINO)-ETHANESULFONIC ACID'
3 non-polymer 1,2-ETHANEDIOL
4 water water
#
_entity_poly.entity_id   1
_entity_poly.type   'polypeptide(L)'
_entity_poly.pdbx_seq_one_letter_code
;MAHHHHHHMNKLTLADWQHKAASLEIEGRAFIDGASRDAHGGRTFDCVSPIDGRVLAKVADCGEADVNAAVAAARRAFDA
GVWAGLNPRARKAVLLRWAALMREHLDELSLLETLDAGKPIGDTTTVDVPGAAYCVEWFAEAIDKVGGEVAPADHHLVGL
VTREPVGVVAAVVPWNFPILMAAWKFGPALAAGNSVVLKPSEKSPLTAIRVAQLAFEAGIPAGVFNVVPGAGEPGKLLAL
HRDVDCIAFTGSTAVGKLIMQYAAQSNLKRAWLELGGKSPNIVLPDCPDLDRAAQTAAGAIFYNMGEMCTAGSRLLVHRD
IKDAFIEKLVAAARAYVPGNPLDPSVSMGAIVDGIQLERVLGYIEAGRGEGRLVTGGARVNAETGGFYVEPTVFEVKPDA
KIAREEIFGPVLSVIVFDDVDEAVRIANDTEYGLAAAVWTSNLTTAHDVSRRLRAGTVWVNCYDEGGDMNFPFGGYKQSG
NGRDKSLHALEKYTELKSTLIRLR
;
_entity_poly.pdbx_strand_id   A,B,C,D,E,F,G,H
#
# COMPACT_ATOMS: atom_id res chain seq x y z
N LYS A 11 3.03 38.75 -40.60
CA LYS A 11 2.09 37.58 -40.69
C LYS A 11 1.30 37.57 -42.00
N LEU A 12 1.47 36.52 -42.81
CA LEU A 12 0.66 36.30 -44.03
C LEU A 12 -0.79 35.99 -43.65
N THR A 13 -1.73 36.31 -44.54
CA THR A 13 -3.18 36.11 -44.34
C THR A 13 -3.60 34.77 -44.92
N LEU A 14 -4.85 34.39 -44.66
CA LEU A 14 -5.40 33.15 -45.17
C LEU A 14 -5.30 33.12 -46.68
N ALA A 15 -5.71 34.25 -47.31
CA ALA A 15 -5.67 34.39 -48.76
C ALA A 15 -4.26 34.22 -49.31
N ASP A 16 -3.27 34.76 -48.59
CA ASP A 16 -1.86 34.64 -48.97
C ASP A 16 -1.44 33.17 -48.98
N TRP A 17 -1.80 32.43 -47.93
CA TRP A 17 -1.45 31.02 -47.84
C TRP A 17 -2.14 30.19 -48.92
N GLN A 18 -3.41 30.49 -49.17
CA GLN A 18 -4.15 29.81 -50.23
C GLN A 18 -3.52 30.04 -51.60
N HIS A 19 -3.10 31.26 -51.87
CA HIS A 19 -2.40 31.56 -53.12
C HIS A 19 -1.04 30.85 -53.26
N LYS A 20 -0.23 30.87 -52.20
CA LYS A 20 1.00 30.09 -52.18
C LYS A 20 0.72 28.58 -52.41
N ALA A 21 -0.29 28.02 -51.77
CA ALA A 21 -0.62 26.60 -51.97
C ALA A 21 -0.92 26.27 -53.47
N ALA A 22 -1.57 27.21 -54.15
CA ALA A 22 -1.90 27.07 -55.58
C ALA A 22 -0.68 27.09 -56.52
N SER A 23 0.34 27.85 -56.19
CA SER A 23 1.55 27.95 -56.99
C SER A 23 2.65 26.96 -56.53
N LEU A 24 2.44 26.30 -55.41
CA LEU A 24 3.49 25.49 -54.81
C LEU A 24 3.83 24.27 -55.68
N GLU A 25 5.11 24.15 -56.05
CA GLU A 25 5.65 22.93 -56.66
C GLU A 25 6.09 21.97 -55.54
N ILE A 26 5.50 20.78 -55.47
CA ILE A 26 5.81 19.86 -54.35
C ILE A 26 6.70 18.73 -54.89
N GLU A 27 7.86 18.54 -54.26
CA GLU A 27 8.76 17.44 -54.62
C GLU A 27 8.35 16.16 -53.87
N GLY A 28 8.12 15.07 -54.64
CA GLY A 28 7.67 13.79 -54.09
C GLY A 28 8.69 12.66 -54.15
N ARG A 29 9.81 12.88 -54.80
CA ARG A 29 10.84 11.84 -54.89
C ARG A 29 11.60 11.61 -53.56
N ALA A 30 12.10 10.38 -53.40
CA ALA A 30 13.10 10.04 -52.39
C ALA A 30 14.33 10.88 -52.61
N PHE A 31 15.09 11.09 -51.54
CA PHE A 31 16.38 11.72 -51.66
C PHE A 31 17.44 10.78 -51.15
N ILE A 32 18.24 10.25 -52.09
CA ILE A 32 19.14 9.17 -51.77
C ILE A 32 20.47 9.48 -52.43
N ASP A 33 21.54 9.50 -51.62
CA ASP A 33 22.91 9.65 -52.10
C ASP A 33 23.08 10.88 -52.98
N GLY A 34 22.64 12.03 -52.46
CA GLY A 34 22.82 13.35 -53.10
C GLY A 34 21.89 13.74 -54.24
N ALA A 35 20.80 12.99 -54.44
CA ALA A 35 19.90 13.24 -55.55
C ALA A 35 18.50 12.74 -55.33
N SER A 36 17.53 13.45 -55.89
CA SER A 36 16.16 12.96 -55.92
C SER A 36 16.09 11.71 -56.80
N ARG A 37 15.30 10.72 -56.38
CA ARG A 37 15.14 9.47 -57.14
C ARG A 37 13.73 9.00 -57.05
N ASP A 38 13.21 8.45 -58.16
CA ASP A 38 11.94 7.73 -58.08
C ASP A 38 12.20 6.43 -57.31
N ALA A 39 11.17 5.86 -56.69
CA ALA A 39 11.26 4.53 -56.10
C ALA A 39 11.40 3.48 -57.19
N HIS A 40 12.07 2.37 -56.87
CA HIS A 40 12.39 1.33 -57.81
C HIS A 40 11.10 0.78 -58.40
N GLY A 41 11.07 0.72 -59.72
CA GLY A 41 9.93 0.21 -60.48
C GLY A 41 8.74 1.14 -60.61
N GLY A 42 8.94 2.40 -60.24
CA GLY A 42 7.96 3.47 -60.40
C GLY A 42 6.83 3.46 -59.38
N ARG A 43 7.13 3.11 -58.15
CA ARG A 43 6.09 2.98 -57.14
C ARG A 43 5.81 4.31 -56.48
N THR A 44 4.55 4.64 -56.33
CA THR A 44 4.21 5.84 -55.57
C THR A 44 3.01 5.58 -54.69
N PHE A 45 2.83 6.47 -53.73
CA PHE A 45 1.59 6.61 -52.99
C PHE A 45 1.08 8.04 -53.13
N ASP A 46 -0.23 8.22 -52.98
CA ASP A 46 -0.87 9.55 -53.02
C ASP A 46 -0.78 10.20 -51.66
N CYS A 47 -0.12 11.35 -51.64
CA CYS A 47 -0.02 12.17 -50.47
C CYS A 47 -1.23 13.09 -50.39
N VAL A 48 -2.10 12.76 -49.44
CA VAL A 48 -3.41 13.39 -49.31
C VAL A 48 -3.42 14.38 -48.13
N SER A 49 -4.09 15.51 -48.33
CA SER A 49 -4.19 16.52 -47.30
C SER A 49 -5.39 16.26 -46.40
N PRO A 50 -5.19 16.34 -45.09
CA PRO A 50 -6.28 16.23 -44.13
C PRO A 50 -7.26 17.40 -44.13
N ILE A 51 -6.88 18.49 -44.76
CA ILE A 51 -7.66 19.70 -44.71
C ILE A 51 -8.97 19.43 -45.43
N ASP A 52 -8.84 18.80 -46.61
CA ASP A 52 -9.99 18.64 -47.50
C ASP A 52 -9.92 17.39 -48.36
N GLY A 53 -8.96 16.51 -48.10
CA GLY A 53 -8.79 15.31 -48.94
C GLY A 53 -8.09 15.49 -50.30
N ARG A 54 -7.62 16.70 -50.62
N ARG A 54 -7.63 16.69 -50.65
CA ARG A 54 -6.94 16.94 -51.90
CA ARG A 54 -6.98 16.88 -51.94
C ARG A 54 -5.67 16.09 -51.99
C ARG A 54 -5.69 16.09 -52.00
N VAL A 55 -5.39 15.54 -53.17
CA VAL A 55 -4.12 14.85 -53.40
C VAL A 55 -3.06 15.88 -53.70
N LEU A 56 -2.08 16.02 -52.81
CA LEU A 56 -1.08 17.04 -52.96
C LEU A 56 -0.02 16.67 -53.98
N ALA A 57 0.32 15.38 -54.01
CA ALA A 57 1.45 14.92 -54.78
C ALA A 57 1.48 13.42 -54.78
N LYS A 58 2.08 12.85 -55.82
CA LYS A 58 2.48 11.44 -55.78
C LYS A 58 3.91 11.37 -55.22
N VAL A 59 4.10 10.56 -54.18
CA VAL A 59 5.35 10.49 -53.49
C VAL A 59 5.94 9.09 -53.64
N ALA A 60 7.25 9.02 -53.75
CA ALA A 60 7.92 7.73 -53.90
C ALA A 60 7.46 6.75 -52.81
N ASP A 61 7.07 5.54 -53.21
CA ASP A 61 6.76 4.48 -52.27
C ASP A 61 7.90 3.44 -52.19
N CYS A 62 8.85 3.67 -51.28
CA CYS A 62 10.06 2.87 -51.26
C CYS A 62 9.89 1.47 -50.72
N GLY A 63 10.67 0.58 -51.30
CA GLY A 63 10.76 -0.79 -50.83
C GLY A 63 12.21 -1.15 -50.61
N GLU A 64 12.49 -2.45 -50.64
CA GLU A 64 13.82 -2.91 -50.29
C GLU A 64 14.93 -2.42 -51.20
N ALA A 65 14.71 -2.30 -52.51
CA ALA A 65 15.82 -1.87 -53.36
C ALA A 65 16.27 -0.50 -52.90
N ASP A 66 15.29 0.36 -52.64
CA ASP A 66 15.58 1.75 -52.26
C ASP A 66 16.16 1.92 -50.87
N VAL A 67 15.61 1.19 -49.89
CA VAL A 67 16.20 1.16 -48.54
C VAL A 67 17.65 0.70 -48.67
N ASN A 68 17.89 -0.37 -49.45
CA ASN A 68 19.25 -0.87 -49.58
C ASN A 68 20.19 0.14 -50.23
N ALA A 69 19.72 0.87 -51.26
CA ALA A 69 20.53 1.92 -51.87
C ALA A 69 20.91 3.03 -50.86
N ALA A 70 19.93 3.43 -50.03
CA ALA A 70 20.11 4.49 -49.02
C ALA A 70 21.09 4.04 -47.96
N VAL A 71 20.92 2.82 -47.45
CA VAL A 71 21.82 2.27 -46.45
C VAL A 71 23.25 2.09 -46.95
N ALA A 72 23.40 1.65 -48.19
CA ALA A 72 24.71 1.46 -48.82
C ALA A 72 25.45 2.79 -48.97
N ALA A 73 24.73 3.81 -49.40
CA ALA A 73 25.30 5.16 -49.57
C ALA A 73 25.74 5.76 -48.22
N ALA A 74 24.91 5.53 -47.21
CA ALA A 74 25.20 5.95 -45.84
C ALA A 74 26.44 5.28 -45.29
N ARG A 75 26.49 3.97 -45.51
CA ARG A 75 27.61 3.13 -45.08
C ARG A 75 28.88 3.60 -45.79
N ARG A 76 28.76 3.84 -47.09
CA ARG A 76 29.91 4.23 -47.89
C ARG A 76 30.45 5.56 -47.39
N ALA A 77 29.54 6.49 -47.18
CA ALA A 77 29.95 7.84 -46.79
C ALA A 77 30.53 7.85 -45.38
N PHE A 78 29.98 7.05 -44.46
CA PHE A 78 30.53 7.01 -43.11
C PHE A 78 31.96 6.41 -43.10
N ASP A 79 32.08 5.27 -43.75
CA ASP A 79 33.35 4.53 -43.74
C ASP A 79 34.43 5.33 -44.47
N ALA A 80 34.03 6.20 -45.40
CA ALA A 80 34.94 7.11 -46.14
C ALA A 80 35.28 8.38 -45.36
N GLY A 81 34.50 8.68 -44.33
CA GLY A 81 34.84 9.82 -43.48
C GLY A 81 34.58 11.19 -44.09
N VAL A 82 33.71 11.26 -45.11
CA VAL A 82 33.40 12.52 -45.78
C VAL A 82 32.75 13.53 -44.84
N TRP A 83 32.13 13.02 -43.78
CA TRP A 83 31.44 13.84 -42.79
C TRP A 83 31.98 13.63 -41.36
N ALA A 84 32.11 12.36 -40.94
CA ALA A 84 32.73 12.06 -39.64
C ALA A 84 34.16 12.57 -39.51
N GLY A 85 34.88 12.63 -40.63
CA GLY A 85 36.28 13.04 -40.67
C GLY A 85 36.49 14.54 -40.73
N LEU A 86 35.40 15.31 -40.81
CA LEU A 86 35.51 16.74 -40.75
C LEU A 86 35.78 17.16 -39.31
N ASN A 87 36.52 18.25 -39.17
CA ASN A 87 36.78 18.81 -37.86
C ASN A 87 35.51 19.37 -37.25
N PRO A 88 35.43 19.40 -35.90
CA PRO A 88 34.21 19.89 -35.25
C PRO A 88 33.67 21.23 -35.81
N ARG A 89 34.54 22.22 -35.97
CA ARG A 89 34.09 23.54 -36.41
C ARG A 89 33.52 23.47 -37.84
N ALA A 90 34.10 22.62 -38.66
CA ALA A 90 33.66 22.44 -40.07
C ALA A 90 32.28 21.78 -40.14
N ARG A 91 32.04 20.75 -39.35
CA ARG A 91 30.67 20.18 -39.31
C ARG A 91 29.64 21.17 -38.74
N LYS A 92 30.05 21.91 -37.72
CA LYS A 92 29.17 22.93 -37.14
C LYS A 92 28.79 23.95 -38.22
N ALA A 93 29.76 24.33 -39.06
CA ALA A 93 29.49 25.35 -40.05
C ALA A 93 28.46 24.85 -41.09
N VAL A 94 28.61 23.62 -41.56
CA VAL A 94 27.61 23.03 -42.50
C VAL A 94 26.21 22.96 -41.88
N LEU A 95 26.10 22.44 -40.65
CA LEU A 95 24.81 22.32 -40.02
C LEU A 95 24.16 23.70 -39.78
N LEU A 96 24.92 24.69 -39.34
CA LEU A 96 24.41 26.05 -39.28
C LEU A 96 23.86 26.55 -40.63
N ARG A 97 24.56 26.28 -41.73
CA ARG A 97 24.09 26.71 -43.02
C ARG A 97 22.76 26.03 -43.39
N TRP A 98 22.58 24.78 -43.00
CA TRP A 98 21.36 24.04 -43.33
C TRP A 98 20.18 24.63 -42.58
N ALA A 99 20.39 24.89 -41.30
CA ALA A 99 19.41 25.54 -40.49
C ALA A 99 19.04 26.91 -41.00
N ALA A 100 20.04 27.71 -41.36
CA ALA A 100 19.80 29.01 -42.02
C ALA A 100 18.91 28.86 -43.26
N LEU A 101 19.20 27.84 -44.07
CA LEU A 101 18.36 27.55 -45.22
C LEU A 101 16.94 27.19 -44.81
N MET A 102 16.77 26.36 -43.78
CA MET A 102 15.43 26.04 -43.33
C MET A 102 14.70 27.34 -43.00
N ARG A 103 15.38 28.25 -42.33
CA ARG A 103 14.80 29.50 -41.94
C ARG A 103 14.47 30.38 -43.16
N GLU A 104 15.35 30.39 -44.16
CA GLU A 104 15.11 31.13 -45.39
C GLU A 104 13.87 30.58 -46.14
N HIS A 105 13.68 29.28 -46.06
CA HIS A 105 12.53 28.62 -46.67
C HIS A 105 11.41 28.36 -45.66
N LEU A 106 11.36 29.15 -44.59
CA LEU A 106 10.39 28.87 -43.54
C LEU A 106 8.93 28.85 -44.04
N ASP A 107 8.54 29.81 -44.89
CA ASP A 107 7.14 29.86 -45.38
C ASP A 107 6.78 28.59 -46.16
N GLU A 108 7.64 28.18 -47.09
CA GLU A 108 7.44 26.95 -47.87
C GLU A 108 7.35 25.71 -46.97
N LEU A 109 8.25 25.63 -46.00
CA LEU A 109 8.30 24.44 -45.14
C LEU A 109 7.08 24.41 -44.22
N SER A 110 6.74 25.56 -43.67
CA SER A 110 5.55 25.68 -42.85
C SER A 110 4.29 25.30 -43.65
N LEU A 111 4.19 25.77 -44.89
CA LEU A 111 3.00 25.47 -45.72
C LEU A 111 2.93 23.99 -46.11
N LEU A 112 4.07 23.39 -46.45
CA LEU A 112 4.12 21.96 -46.72
C LEU A 112 3.64 21.14 -45.51
N GLU A 113 4.09 21.50 -44.31
CA GLU A 113 3.71 20.81 -43.07
C GLU A 113 2.22 20.91 -42.77
N THR A 114 1.65 22.10 -43.00
CA THR A 114 0.23 22.40 -42.75
C THR A 114 -0.63 21.66 -43.79
N LEU A 115 -0.21 21.67 -45.06
CA LEU A 115 -0.92 20.87 -46.08
C LEU A 115 -0.89 19.37 -45.87
N ASP A 116 0.27 18.86 -45.49
CA ASP A 116 0.56 17.44 -45.38
C ASP A 116 -0.14 16.81 -44.16
N ALA A 117 -0.11 17.53 -43.03
CA ALA A 117 -0.48 16.91 -41.74
C ALA A 117 -1.65 17.59 -41.04
N GLY A 118 -2.16 18.70 -41.62
CA GLY A 118 -3.38 19.39 -41.13
C GLY A 118 -3.16 20.31 -39.95
N LYS A 119 -1.89 20.58 -39.67
CA LYS A 119 -1.46 21.40 -38.54
C LYS A 119 -1.60 22.91 -38.79
N PRO A 120 -2.24 23.65 -37.86
CA PRO A 120 -2.44 25.07 -38.13
C PRO A 120 -1.16 25.79 -38.65
N ILE A 121 -1.32 26.69 -39.62
CA ILE A 121 -0.23 27.47 -40.15
C ILE A 121 0.36 28.43 -39.10
N GLY A 122 -0.45 28.88 -38.14
CA GLY A 122 0.01 29.71 -37.04
C GLY A 122 0.97 28.90 -36.15
N ASP A 123 0.78 27.59 -36.10
CA ASP A 123 1.65 26.68 -35.37
C ASP A 123 2.94 26.33 -36.12
N THR A 124 2.80 25.92 -37.38
CA THR A 124 3.96 25.45 -38.16
C THR A 124 5.01 26.53 -38.44
N THR A 125 4.54 27.77 -38.60
CA THR A 125 5.42 28.89 -38.80
C THR A 125 6.18 29.34 -37.56
N THR A 126 5.68 28.97 -36.38
CA THR A 126 6.24 29.45 -35.14
C THR A 126 6.79 28.37 -34.20
N VAL A 127 6.28 27.17 -34.26
CA VAL A 127 6.70 26.07 -33.41
C VAL A 127 7.50 25.09 -34.23
N ASP A 128 6.91 24.52 -35.28
CA ASP A 128 7.52 23.35 -35.96
C ASP A 128 8.80 23.67 -36.75
N VAL A 129 8.74 24.58 -37.74
CA VAL A 129 9.90 24.88 -38.52
C VAL A 129 10.99 25.62 -37.65
N PRO A 130 10.65 26.67 -36.91
CA PRO A 130 11.73 27.24 -36.08
C PRO A 130 12.35 26.26 -35.08
N GLY A 131 11.53 25.34 -34.54
CA GLY A 131 11.98 24.29 -33.60
C GLY A 131 12.99 23.36 -34.29
N ALA A 132 12.70 22.97 -35.53
CA ALA A 132 13.62 22.11 -36.26
C ALA A 132 14.97 22.78 -36.45
N ALA A 133 14.93 24.06 -36.85
CA ALA A 133 16.11 24.81 -37.18
C ALA A 133 16.91 25.02 -35.88
N TYR A 134 16.20 25.31 -34.76
CA TYR A 134 16.85 25.49 -33.43
C TYR A 134 17.51 24.22 -32.99
N CYS A 135 16.85 23.09 -33.24
CA CYS A 135 17.45 21.83 -32.86
C CYS A 135 18.76 21.56 -33.62
N VAL A 136 18.76 21.76 -34.92
CA VAL A 136 19.95 21.59 -35.71
C VAL A 136 21.05 22.58 -35.24
N GLU A 137 20.70 23.83 -35.05
CA GLU A 137 21.67 24.83 -34.64
C GLU A 137 22.31 24.53 -33.30
N TRP A 138 21.50 24.05 -32.36
CA TRP A 138 21.97 23.83 -30.97
C TRP A 138 22.95 22.67 -30.98
N PHE A 139 22.63 21.59 -31.68
CA PHE A 139 23.58 20.49 -31.72
C PHE A 139 24.85 20.86 -32.49
N ALA A 140 24.71 21.69 -33.52
CA ALA A 140 25.83 22.20 -34.27
C ALA A 140 26.73 22.97 -33.33
N GLU A 141 26.10 23.85 -32.56
CA GLU A 141 26.85 24.74 -31.65
C GLU A 141 27.46 23.97 -30.47
N ALA A 142 26.93 22.78 -30.17
CA ALA A 142 27.49 21.97 -29.08
C ALA A 142 28.72 21.14 -29.48
N ILE A 143 28.90 20.89 -30.78
CA ILE A 143 29.92 19.97 -31.29
C ILE A 143 31.31 20.27 -30.80
N ASP A 144 31.60 21.56 -30.67
CA ASP A 144 32.98 22.00 -30.33
C ASP A 144 33.10 22.56 -28.93
N LYS A 145 32.13 22.21 -28.04
CA LYS A 145 32.13 22.70 -26.67
C LYS A 145 32.33 21.60 -25.60
N VAL A 146 32.07 20.37 -25.99
CA VAL A 146 32.13 19.28 -25.06
C VAL A 146 32.93 18.13 -25.62
N GLY A 147 33.70 17.55 -24.76
CA GLY A 147 34.61 16.49 -25.17
C GLY A 147 34.59 15.31 -24.24
N GLY A 148 35.66 14.54 -24.27
CA GLY A 148 35.74 13.33 -23.49
C GLY A 148 36.51 13.56 -22.23
N GLU A 149 37.07 12.48 -21.64
CA GLU A 149 37.66 12.54 -20.28
C GLU A 149 39.09 12.04 -20.30
N VAL A 150 39.94 12.62 -19.44
CA VAL A 150 41.24 12.03 -19.15
C VAL A 150 41.04 11.43 -17.77
N ALA A 151 41.10 10.10 -17.69
CA ALA A 151 40.76 9.44 -16.42
C ALA A 151 41.82 9.64 -15.32
N PRO A 152 41.40 9.65 -14.07
CA PRO A 152 42.35 9.72 -12.93
C PRO A 152 42.89 8.34 -12.60
N ALA A 153 43.66 7.83 -13.56
CA ALA A 153 44.17 6.49 -13.52
C ALA A 153 45.63 6.47 -13.04
N ASP A 154 46.14 5.26 -12.92
CA ASP A 154 47.48 5.07 -12.45
C ASP A 154 48.45 5.77 -13.41
N HIS A 155 49.54 6.26 -12.86
CA HIS A 155 50.40 7.20 -13.60
C HIS A 155 51.20 6.59 -14.75
N HIS A 156 51.38 5.28 -14.74
CA HIS A 156 51.99 4.61 -15.90
C HIS A 156 51.03 4.54 -17.10
N LEU A 157 49.78 4.98 -16.91
CA LEU A 157 48.85 5.03 -18.00
C LEU A 157 48.49 6.48 -18.36
N VAL A 158 48.18 6.65 -19.64
CA VAL A 158 47.39 7.78 -20.11
C VAL A 158 46.05 7.16 -20.48
N GLY A 159 45.03 7.48 -19.67
CA GLY A 159 43.70 6.89 -19.84
C GLY A 159 42.71 7.90 -20.39
N LEU A 160 42.08 7.58 -21.51
CA LEU A 160 41.17 8.50 -22.22
C LEU A 160 39.82 7.83 -22.40
N VAL A 161 38.77 8.59 -22.23
CA VAL A 161 37.46 8.09 -22.50
C VAL A 161 36.81 9.04 -23.50
N THR A 162 36.57 8.55 -24.70
CA THR A 162 36.03 9.39 -25.80
C THR A 162 34.71 8.84 -26.32
N ARG A 163 34.04 9.63 -27.13
CA ARG A 163 32.83 9.22 -27.83
C ARG A 163 33.08 9.21 -29.32
N GLU A 164 32.61 8.17 -30.01
CA GLU A 164 32.68 8.13 -31.47
C GLU A 164 31.28 7.88 -32.07
N PRO A 165 31.03 8.45 -33.24
CA PRO A 165 29.80 8.10 -33.94
C PRO A 165 29.62 6.62 -34.17
N VAL A 166 28.36 6.17 -34.10
CA VAL A 166 28.04 4.71 -34.16
C VAL A 166 28.16 4.23 -35.64
N GLY A 167 27.92 5.12 -36.57
CA GLY A 167 27.97 4.80 -38.02
C GLY A 167 26.72 5.18 -38.79
N VAL A 168 25.92 4.18 -39.17
CA VAL A 168 24.71 4.42 -39.89
C VAL A 168 23.49 4.41 -38.97
N VAL A 169 22.77 5.54 -38.96
CA VAL A 169 21.58 5.72 -38.11
C VAL A 169 20.32 5.76 -38.96
N ALA A 170 19.36 4.90 -38.64
CA ALA A 170 18.03 4.92 -39.22
C ALA A 170 17.13 5.67 -38.27
N ALA A 171 16.37 6.61 -38.79
CA ALA A 171 15.31 7.29 -38.01
C ALA A 171 13.94 7.14 -38.66
N VAL A 172 12.98 6.61 -37.90
CA VAL A 172 11.62 6.43 -38.33
C VAL A 172 10.76 7.33 -37.46
N VAL A 173 10.11 8.31 -38.06
CA VAL A 173 9.42 9.34 -37.30
C VAL A 173 7.95 9.45 -37.67
N PRO A 174 7.13 10.08 -36.78
CA PRO A 174 5.72 10.02 -36.94
C PRO A 174 5.21 11.25 -37.69
N TRP A 175 3.90 11.33 -37.81
CA TRP A 175 3.22 12.35 -38.61
C TRP A 175 2.69 13.50 -37.79
N ASN A 176 2.76 13.42 -36.46
CA ASN A 176 2.13 14.50 -35.67
C ASN A 176 2.99 15.75 -35.63
N PHE A 177 4.31 15.56 -35.63
CA PHE A 177 5.29 16.64 -35.73
C PHE A 177 6.36 16.23 -36.73
N PRO A 178 6.01 16.18 -38.05
CA PRO A 178 6.93 15.58 -39.01
C PRO A 178 8.31 16.21 -39.04
N ILE A 179 8.40 17.51 -39.31
CA ILE A 179 9.72 18.11 -39.42
C ILE A 179 10.44 18.19 -38.06
N LEU A 180 9.67 18.42 -37.00
N LEU A 180 9.68 18.43 -36.99
CA LEU A 180 10.23 18.67 -35.69
CA LEU A 180 10.28 18.67 -35.68
C LEU A 180 10.83 17.39 -35.08
C LEU A 180 10.84 17.37 -35.08
N MET A 181 10.06 16.30 -35.14
CA MET A 181 10.56 14.98 -34.65
C MET A 181 11.68 14.49 -35.51
N ALA A 182 11.58 14.68 -36.82
CA ALA A 182 12.68 14.33 -37.74
C ALA A 182 13.98 14.99 -37.26
N ALA A 183 13.93 16.30 -37.08
CA ALA A 183 15.10 17.07 -36.67
C ALA A 183 15.62 16.67 -35.28
N TRP A 184 14.73 16.29 -34.36
CA TRP A 184 15.16 15.78 -33.02
C TRP A 184 16.04 14.53 -33.15
N LYS A 185 15.77 13.72 -34.17
CA LYS A 185 16.67 12.62 -34.55
C LYS A 185 17.89 13.08 -35.33
N PHE A 186 17.70 13.74 -36.46
CA PHE A 186 18.85 13.98 -37.35
C PHE A 186 19.81 15.09 -36.87
N GLY A 187 19.30 16.03 -36.12
CA GLY A 187 20.12 17.10 -35.50
C GLY A 187 21.26 16.53 -34.69
N PRO A 188 20.94 15.79 -33.64
CA PRO A 188 22.07 15.18 -32.91
C PRO A 188 22.83 14.07 -33.67
N ALA A 189 22.11 13.21 -34.40
CA ALA A 189 22.82 12.11 -35.08
C ALA A 189 23.88 12.66 -36.04
N LEU A 190 23.54 13.71 -36.80
CA LEU A 190 24.46 14.24 -37.83
C LEU A 190 25.57 15.03 -37.18
N ALA A 191 25.26 15.70 -36.08
CA ALA A 191 26.28 16.52 -35.42
C ALA A 191 27.40 15.61 -34.98
N ALA A 192 27.04 14.41 -34.50
CA ALA A 192 28.01 13.42 -34.02
C ALA A 192 28.88 12.82 -35.17
N GLY A 193 28.48 13.01 -36.42
CA GLY A 193 29.30 12.45 -37.53
C GLY A 193 28.66 11.25 -38.20
N ASN A 194 27.52 10.81 -37.70
CA ASN A 194 26.79 9.72 -38.37
C ASN A 194 26.20 10.04 -39.74
N SER A 195 26.04 8.98 -40.54
CA SER A 195 25.16 8.99 -41.71
C SER A 195 23.76 8.60 -41.28
N VAL A 196 22.80 9.25 -41.89
CA VAL A 196 21.38 9.06 -41.56
C VAL A 196 20.52 8.63 -42.75
N VAL A 197 19.68 7.63 -42.49
CA VAL A 197 18.57 7.26 -43.36
C VAL A 197 17.28 7.54 -42.57
N LEU A 198 16.56 8.55 -43.03
CA LEU A 198 15.30 8.95 -42.43
C LEU A 198 14.10 8.40 -43.22
N LYS A 199 13.15 7.82 -42.51
CA LYS A 199 11.93 7.25 -43.06
C LYS A 199 10.79 8.03 -42.42
N PRO A 200 10.28 9.04 -43.13
CA PRO A 200 9.13 9.81 -42.65
C PRO A 200 7.82 8.99 -42.74
N SER A 201 6.80 9.36 -41.98
CA SER A 201 5.51 8.66 -42.03
C SER A 201 4.94 8.78 -43.41
N GLU A 202 4.33 7.72 -43.95
CA GLU A 202 3.54 7.82 -45.15
C GLU A 202 2.46 8.91 -45.06
N LYS A 203 2.02 9.25 -43.84
CA LYS A 203 1.07 10.31 -43.61
C LYS A 203 1.69 11.72 -43.66
N SER A 204 3.02 11.84 -43.71
CA SER A 204 3.65 13.16 -43.73
C SER A 204 5.07 13.15 -44.28
N PRO A 205 5.25 12.84 -45.55
CA PRO A 205 6.55 12.74 -46.12
C PRO A 205 7.20 14.05 -46.57
N LEU A 206 6.41 15.11 -46.78
CA LEU A 206 6.89 16.25 -47.61
C LEU A 206 8.05 17.10 -47.03
N THR A 207 7.97 17.52 -45.79
CA THR A 207 9.04 18.35 -45.21
C THR A 207 10.35 17.59 -45.10
N ALA A 208 10.28 16.29 -44.82
CA ALA A 208 11.46 15.45 -44.78
C ALA A 208 12.20 15.52 -46.09
N ILE A 209 11.44 15.23 -47.15
CA ILE A 209 11.92 15.30 -48.52
C ILE A 209 12.52 16.67 -48.79
N ARG A 210 11.79 17.73 -48.49
CA ARG A 210 12.26 19.07 -48.76
C ARG A 210 13.59 19.40 -48.07
N VAL A 211 13.73 19.06 -46.78
CA VAL A 211 14.94 19.43 -46.02
C VAL A 211 16.16 18.63 -46.46
N ALA A 212 15.89 17.50 -47.11
CA ALA A 212 16.95 16.66 -47.69
C ALA A 212 17.66 17.41 -48.81
N GLN A 213 16.85 18.07 -49.65
N GLN A 213 16.88 18.07 -49.65
CA GLN A 213 17.34 18.88 -50.74
CA GLN A 213 17.45 18.85 -50.74
C GLN A 213 18.18 20.03 -50.19
C GLN A 213 18.21 20.04 -50.19
N LEU A 214 17.65 20.69 -49.18
CA LEU A 214 18.35 21.80 -48.50
C LEU A 214 19.62 21.33 -47.83
N ALA A 215 19.62 20.10 -47.31
CA ALA A 215 20.82 19.54 -46.67
C ALA A 215 21.98 19.43 -47.65
N PHE A 216 21.71 18.87 -48.80
CA PHE A 216 22.70 18.76 -49.86
C PHE A 216 23.14 20.15 -50.35
N GLU A 217 22.19 21.07 -50.50
CA GLU A 217 22.50 22.46 -50.87
C GLU A 217 23.47 23.11 -49.86
N ALA A 218 23.34 22.77 -48.59
CA ALA A 218 24.16 23.36 -47.53
C ALA A 218 25.54 22.76 -47.43
N GLY A 219 25.77 21.61 -48.08
CA GLY A 219 27.05 20.92 -48.01
C GLY A 219 27.08 19.59 -47.25
N ILE A 220 25.94 19.02 -46.91
CA ILE A 220 25.96 17.70 -46.28
C ILE A 220 26.29 16.72 -47.39
N PRO A 221 27.37 15.94 -47.24
CA PRO A 221 27.80 15.14 -48.42
C PRO A 221 26.79 14.07 -48.86
N ALA A 222 26.90 13.68 -50.12
CA ALA A 222 26.06 12.64 -50.69
C ALA A 222 26.11 11.42 -49.79
N GLY A 223 24.93 10.93 -49.46
CA GLY A 223 24.81 9.73 -48.66
C GLY A 223 24.74 9.91 -47.16
N VAL A 224 25.08 11.10 -46.67
CA VAL A 224 25.12 11.37 -45.23
C VAL A 224 23.71 11.63 -44.64
N PHE A 225 22.83 12.15 -45.51
CA PHE A 225 21.43 12.38 -45.15
C PHE A 225 20.53 11.98 -46.32
N ASN A 226 19.80 10.89 -46.14
CA ASN A 226 18.90 10.29 -47.12
C ASN A 226 17.49 10.21 -46.54
N VAL A 227 16.48 10.41 -47.39
CA VAL A 227 15.07 10.34 -47.00
C VAL A 227 14.38 9.32 -47.94
N VAL A 228 13.76 8.33 -47.32
CA VAL A 228 13.12 7.20 -47.98
C VAL A 228 11.64 7.17 -47.62
N PRO A 229 10.81 7.86 -48.42
CA PRO A 229 9.36 7.83 -48.15
C PRO A 229 8.75 6.45 -48.43
N GLY A 230 7.58 6.20 -47.81
CA GLY A 230 6.85 4.92 -47.97
C GLY A 230 6.06 4.58 -46.71
N ALA A 231 5.55 3.36 -46.65
CA ALA A 231 4.70 2.92 -45.57
C ALA A 231 5.50 2.09 -44.53
N GLY A 232 4.90 1.03 -44.01
CA GLY A 232 5.54 0.18 -42.99
C GLY A 232 6.79 -0.57 -43.43
N GLU A 233 6.81 -1.06 -44.67
CA GLU A 233 7.90 -1.93 -45.10
C GLU A 233 9.30 -1.31 -44.93
N PRO A 234 9.51 -0.05 -45.37
CA PRO A 234 10.89 0.46 -45.25
C PRO A 234 11.36 0.63 -43.80
N GLY A 235 10.45 0.97 -42.90
CA GLY A 235 10.73 0.92 -41.45
C GLY A 235 11.12 -0.45 -40.87
N LYS A 236 10.40 -1.50 -41.25
CA LYS A 236 10.84 -2.88 -41.00
C LYS A 236 12.23 -3.16 -41.49
N LEU A 237 12.47 -2.80 -42.74
CA LEU A 237 13.68 -3.22 -43.40
C LEU A 237 14.84 -2.51 -42.74
N LEU A 238 14.64 -1.27 -42.30
CA LEU A 238 15.69 -0.55 -41.58
C LEU A 238 15.95 -1.17 -40.18
N ALA A 239 14.90 -1.64 -39.51
CA ALA A 239 15.10 -2.27 -38.24
C ALA A 239 15.80 -3.61 -38.38
N LEU A 240 15.61 -4.28 -39.51
CA LEU A 240 16.26 -5.57 -39.78
C LEU A 240 17.64 -5.48 -40.43
N HIS A 241 18.01 -4.30 -40.93
CA HIS A 241 19.16 -4.20 -41.80
C HIS A 241 20.47 -4.52 -41.12
N ARG A 242 21.25 -5.35 -41.79
CA ARG A 242 22.54 -5.81 -41.27
C ARG A 242 23.63 -4.71 -41.23
N ASP A 243 23.35 -3.61 -41.90
N ASP A 243 23.45 -3.66 -42.03
CA ASP A 243 24.30 -2.55 -42.06
CA ASP A 243 24.41 -2.52 -42.09
C ASP A 243 23.93 -1.21 -41.46
C ASP A 243 23.95 -1.20 -41.44
N VAL A 244 22.85 -1.23 -40.70
CA VAL A 244 22.39 -0.08 -39.90
C VAL A 244 22.88 -0.40 -38.46
N ASP A 245 23.42 0.62 -37.79
CA ASP A 245 24.06 0.45 -36.51
C ASP A 245 23.17 0.91 -35.35
N CYS A 246 22.12 1.66 -35.66
CA CYS A 246 21.27 2.29 -34.67
C CYS A 246 19.97 2.63 -35.29
N ILE A 247 18.85 2.39 -34.61
CA ILE A 247 17.55 2.82 -35.10
C ILE A 247 16.86 3.63 -33.99
N ALA A 248 16.43 4.83 -34.35
CA ALA A 248 15.69 5.79 -33.48
C ALA A 248 14.27 5.98 -34.02
N PHE A 249 13.26 5.69 -33.18
CA PHE A 249 11.85 5.62 -33.57
C PHE A 249 11.02 6.46 -32.60
N THR A 250 10.05 7.17 -33.15
CA THR A 250 9.01 7.80 -32.37
C THR A 250 7.74 7.34 -33.00
N GLY A 251 6.79 6.87 -32.18
CA GLY A 251 5.54 6.27 -32.68
C GLY A 251 4.78 5.52 -31.61
N SER A 252 3.94 4.57 -32.02
CA SER A 252 3.14 3.74 -31.08
C SER A 252 3.94 2.54 -30.53
N THR A 253 3.36 1.84 -29.58
CA THR A 253 4.08 0.80 -28.84
C THR A 253 4.17 -0.53 -29.58
N ALA A 254 3.16 -0.84 -30.39
CA ALA A 254 3.14 -2.09 -31.12
C ALA A 254 4.22 -2.06 -32.19
N VAL A 255 4.40 -0.88 -32.76
CA VAL A 255 5.44 -0.70 -33.75
C VAL A 255 6.77 -0.66 -32.98
N GLY A 256 6.78 0.04 -31.85
CA GLY A 256 8.00 0.17 -31.03
C GLY A 256 8.50 -1.18 -30.55
N LYS A 257 7.59 -2.01 -30.02
CA LYS A 257 7.93 -3.39 -29.66
C LYS A 257 8.41 -4.21 -30.85
N LEU A 258 7.89 -3.94 -32.06
CA LEU A 258 8.33 -4.64 -33.27
C LEU A 258 9.73 -4.25 -33.67
N ILE A 259 10.00 -2.95 -33.65
CA ILE A 259 11.34 -2.41 -33.93
C ILE A 259 12.42 -2.97 -32.99
N MET A 260 12.14 -3.03 -31.70
N MET A 260 12.10 -3.01 -31.71
CA MET A 260 13.15 -3.57 -30.76
CA MET A 260 12.99 -3.57 -30.68
C MET A 260 13.42 -5.03 -31.08
C MET A 260 13.38 -4.99 -31.04
N GLN A 261 12.35 -5.77 -31.41
CA GLN A 261 12.50 -7.18 -31.72
C GLN A 261 13.37 -7.38 -32.97
N TYR A 262 13.12 -6.67 -34.05
N TYR A 262 13.03 -6.62 -34.01
CA TYR A 262 13.92 -6.88 -35.26
CA TYR A 262 13.73 -6.62 -35.30
C TYR A 262 15.35 -6.36 -35.09
C TYR A 262 15.24 -6.31 -35.12
N ALA A 263 15.51 -5.31 -34.28
CA ALA A 263 16.86 -4.87 -33.97
C ALA A 263 17.66 -5.99 -33.34
N ALA A 264 17.13 -6.60 -32.27
CA ALA A 264 17.83 -7.65 -31.54
C ALA A 264 18.10 -8.84 -32.42
N GLN A 265 17.04 -9.28 -33.12
CA GLN A 265 17.05 -10.50 -33.92
C GLN A 265 17.99 -10.44 -35.12
N SER A 266 18.26 -9.25 -35.59
CA SER A 266 19.14 -9.08 -36.75
C SER A 266 20.58 -8.92 -36.30
N ASN A 267 21.01 -7.69 -36.02
CA ASN A 267 22.42 -7.44 -35.68
C ASN A 267 22.63 -6.70 -34.38
N LEU A 268 21.61 -6.68 -33.54
CA LEU A 268 21.70 -6.03 -32.21
C LEU A 268 22.03 -4.52 -32.33
N LYS A 269 21.59 -3.93 -33.45
CA LYS A 269 21.67 -2.48 -33.65
C LYS A 269 21.05 -1.82 -32.43
N ARG A 270 21.56 -0.65 -32.05
CA ARG A 270 21.00 0.05 -30.90
C ARG A 270 19.62 0.51 -31.25
N ALA A 271 18.67 0.34 -30.31
CA ALA A 271 17.29 0.73 -30.61
C ALA A 271 16.82 1.67 -29.54
N TRP A 272 16.27 2.80 -30.00
CA TRP A 272 15.88 3.91 -29.16
C TRP A 272 14.47 4.38 -29.50
N LEU A 273 13.56 4.29 -28.53
CA LEU A 273 12.16 4.54 -28.79
C LEU A 273 11.61 5.70 -27.98
N GLU A 274 10.76 6.49 -28.62
CA GLU A 274 9.97 7.54 -27.96
C GLU A 274 8.54 7.15 -28.33
N LEU A 275 7.71 6.88 -27.32
CA LEU A 275 6.41 6.24 -27.54
C LEU A 275 5.33 7.15 -26.96
N GLY A 276 4.16 6.59 -26.68
CA GLY A 276 3.00 7.37 -26.28
C GLY A 276 2.95 7.65 -24.78
N GLY A 277 1.85 8.25 -24.34
CA GLY A 277 1.70 8.68 -22.95
C GLY A 277 0.24 8.81 -22.57
N LYS A 278 0.00 9.00 -21.26
CA LYS A 278 -1.31 9.34 -20.72
C LYS A 278 -0.97 10.25 -19.55
N SER A 279 -0.36 11.38 -19.93
CA SER A 279 0.34 12.24 -18.97
C SER A 279 -0.66 12.96 -18.05
N PRO A 280 -0.41 12.95 -16.74
CA PRO A 280 -1.32 13.62 -15.79
C PRO A 280 -0.89 15.06 -15.48
N ASN A 281 -1.87 15.94 -15.37
CA ASN A 281 -1.72 17.36 -15.12
C ASN A 281 -2.51 17.68 -13.85
N ILE A 282 -1.77 17.87 -12.74
CA ILE A 282 -2.36 17.95 -11.39
C ILE A 282 -2.55 19.38 -10.90
N VAL A 283 -3.78 19.77 -10.62
CA VAL A 283 -4.06 21.16 -10.21
C VAL A 283 -4.56 21.16 -8.79
N LEU A 284 -3.76 21.76 -7.91
CA LEU A 284 -4.04 21.86 -6.50
C LEU A 284 -4.69 23.20 -6.12
N PRO A 285 -5.38 23.23 -4.96
CA PRO A 285 -6.11 24.44 -4.50
C PRO A 285 -5.26 25.71 -4.40
N ASP A 286 -3.98 25.57 -4.04
CA ASP A 286 -3.10 26.73 -3.96
C ASP A 286 -2.35 27.04 -5.27
N CYS A 287 -2.84 26.53 -6.39
CA CYS A 287 -2.33 26.91 -7.72
C CYS A 287 -2.17 28.42 -7.80
N PRO A 288 -0.97 28.93 -8.22
CA PRO A 288 -0.77 30.38 -8.19
C PRO A 288 -1.74 31.19 -9.06
N ASP A 289 -2.18 30.66 -10.21
CA ASP A 289 -3.00 31.44 -11.15
C ASP A 289 -3.92 30.46 -11.86
N LEU A 290 -5.17 30.40 -11.41
CA LEU A 290 -6.13 29.38 -11.84
C LEU A 290 -6.60 29.58 -13.29
N ASP A 291 -6.59 30.85 -13.73
CA ASP A 291 -6.88 31.18 -15.11
C ASP A 291 -5.82 30.69 -16.06
N ARG A 292 -4.56 30.98 -15.75
CA ARG A 292 -3.45 30.43 -16.56
C ARG A 292 -3.48 28.92 -16.54
N ALA A 293 -3.70 28.34 -15.37
CA ALA A 293 -3.77 26.88 -15.28
C ALA A 293 -4.87 26.29 -16.17
N ALA A 294 -6.07 26.93 -16.22
CA ALA A 294 -7.18 26.41 -17.01
C ALA A 294 -6.90 26.56 -18.49
N GLN A 295 -6.36 27.71 -18.88
CA GLN A 295 -5.95 27.94 -20.26
C GLN A 295 -4.88 26.99 -20.71
N THR A 296 -3.92 26.73 -19.83
CA THR A 296 -2.78 25.82 -20.14
C THR A 296 -3.26 24.36 -20.18
N ALA A 297 -4.23 24.01 -19.33
CA ALA A 297 -4.82 22.64 -19.34
C ALA A 297 -5.53 22.37 -20.66
N ALA A 298 -6.21 23.40 -21.20
CA ALA A 298 -6.80 23.32 -22.53
C ALA A 298 -5.73 23.18 -23.58
N GLY A 299 -4.66 23.98 -23.52
CA GLY A 299 -3.60 23.88 -24.52
C GLY A 299 -2.88 22.53 -24.46
N ALA A 300 -2.83 21.94 -23.29
CA ALA A 300 -2.05 20.72 -23.10
C ALA A 300 -2.67 19.56 -23.85
N ILE A 301 -3.95 19.65 -24.15
CA ILE A 301 -4.71 18.55 -24.76
C ILE A 301 -5.29 18.90 -26.09
N PHE A 302 -5.42 20.20 -26.41
CA PHE A 302 -6.04 20.59 -27.67
C PHE A 302 -5.04 21.13 -28.68
N TYR A 303 -3.87 21.60 -28.22
CA TYR A 303 -2.77 21.96 -29.11
C TYR A 303 -2.37 20.80 -30.05
N ASN A 304 -2.19 21.10 -31.33
CA ASN A 304 -1.95 20.07 -32.35
C ASN A 304 -3.00 18.98 -32.37
N MET A 305 -4.23 19.37 -32.09
CA MET A 305 -5.35 18.43 -32.10
C MET A 305 -5.25 17.25 -31.11
N GLY A 306 -4.52 17.40 -30.01
CA GLY A 306 -4.34 16.27 -29.04
C GLY A 306 -3.41 15.19 -29.55
N GLU A 307 -2.84 15.43 -30.72
CA GLU A 307 -1.94 14.49 -31.41
C GLU A 307 -0.54 14.82 -30.92
N MET A 308 -0.33 14.49 -29.69
CA MET A 308 0.88 14.88 -28.97
C MET A 308 1.13 13.74 -28.00
N CYS A 309 2.31 13.15 -28.07
CA CYS A 309 2.58 12.03 -27.19
C CYS A 309 2.52 12.47 -25.69
N THR A 310 2.96 13.72 -25.47
CA THR A 310 2.99 14.29 -24.10
C THR A 310 1.70 15.02 -23.73
N ALA A 311 0.60 14.78 -24.46
CA ALA A 311 -0.64 15.51 -24.20
C ALA A 311 -1.05 15.35 -22.70
N GLY A 312 -1.51 16.44 -22.09
CA GLY A 312 -2.01 16.42 -20.70
C GLY A 312 -3.44 15.87 -20.72
N SER A 313 -3.55 14.56 -20.93
CA SER A 313 -4.84 13.94 -21.27
C SER A 313 -5.60 13.50 -20.03
N ARG A 314 -4.95 13.56 -18.86
CA ARG A 314 -5.65 13.33 -17.60
C ARG A 314 -5.41 14.61 -16.80
N LEU A 315 -6.48 15.39 -16.61
CA LEU A 315 -6.47 16.55 -15.72
C LEU A 315 -7.01 16.14 -14.37
N LEU A 316 -6.12 16.10 -13.39
CA LEU A 316 -6.45 15.74 -12.04
C LEU A 316 -6.64 17.06 -11.28
N VAL A 317 -7.82 17.26 -10.74
CA VAL A 317 -8.16 18.53 -10.10
C VAL A 317 -8.75 18.31 -8.71
N HIS A 318 -8.33 19.09 -7.75
CA HIS A 318 -8.78 18.91 -6.38
C HIS A 318 -10.26 19.30 -6.27
N ARG A 319 -11.02 18.53 -5.53
CA ARG A 319 -12.48 18.78 -5.36
C ARG A 319 -12.84 20.22 -5.02
N ASP A 320 -12.01 20.87 -4.21
CA ASP A 320 -12.28 22.18 -3.67
C ASP A 320 -12.35 23.22 -4.77
N ILE A 321 -11.55 23.06 -5.83
CA ILE A 321 -11.51 24.02 -6.93
C ILE A 321 -12.12 23.48 -8.21
N LYS A 322 -12.68 22.28 -8.15
CA LYS A 322 -13.12 21.59 -9.40
C LYS A 322 -14.20 22.33 -10.20
N ASP A 323 -15.23 22.81 -9.53
CA ASP A 323 -16.34 23.51 -10.22
C ASP A 323 -15.86 24.73 -10.98
N ALA A 324 -15.14 25.60 -10.28
CA ALA A 324 -14.60 26.81 -10.87
C ALA A 324 -13.58 26.52 -11.97
N PHE A 325 -12.78 25.46 -11.77
CA PHE A 325 -11.75 25.13 -12.71
C PHE A 325 -12.35 24.61 -14.02
N ILE A 326 -13.32 23.71 -13.92
CA ILE A 326 -14.00 23.15 -15.10
C ILE A 326 -14.69 24.30 -15.87
N GLU A 327 -15.36 25.22 -15.15
CA GLU A 327 -15.89 26.40 -15.83
C GLU A 327 -14.84 27.13 -16.68
N LYS A 328 -13.65 27.40 -16.13
CA LYS A 328 -12.59 28.10 -16.84
C LYS A 328 -12.04 27.29 -18.01
N LEU A 329 -12.01 25.97 -17.85
CA LEU A 329 -11.57 25.01 -18.86
C LEU A 329 -12.51 25.01 -20.08
N VAL A 330 -13.80 24.94 -19.80
CA VAL A 330 -14.81 24.99 -20.84
C VAL A 330 -14.72 26.27 -21.66
N ALA A 331 -14.56 27.39 -20.98
CA ALA A 331 -14.33 28.68 -21.61
C ALA A 331 -13.06 28.65 -22.48
N ALA A 332 -11.95 28.15 -21.90
CA ALA A 332 -10.70 27.98 -22.66
C ALA A 332 -10.83 27.09 -23.90
N ALA A 333 -11.58 26.00 -23.80
CA ALA A 333 -11.78 25.07 -24.95
C ALA A 333 -12.37 25.76 -26.18
N ARG A 334 -13.09 26.88 -26.00
CA ARG A 334 -13.74 27.60 -27.11
C ARG A 334 -12.77 28.07 -28.18
N ALA A 335 -11.58 28.55 -27.80
CA ALA A 335 -10.61 29.02 -28.79
C ALA A 335 -10.16 27.92 -29.75
N TYR A 336 -10.47 26.67 -29.40
CA TYR A 336 -9.99 25.54 -30.20
C TYR A 336 -11.11 24.94 -31.03
N VAL A 337 -12.02 25.76 -31.52
CA VAL A 337 -13.04 25.26 -32.44
C VAL A 337 -12.32 24.95 -33.73
N PRO A 338 -12.52 23.76 -34.32
CA PRO A 338 -11.73 23.44 -35.54
C PRO A 338 -11.96 24.41 -36.65
N GLY A 339 -10.97 24.58 -37.51
CA GLY A 339 -11.12 25.44 -38.68
C GLY A 339 -10.06 25.07 -39.69
N ASN A 340 -10.06 25.79 -40.80
CA ASN A 340 -9.07 25.59 -41.88
C ASN A 340 -7.67 25.90 -41.34
N PRO A 341 -6.77 24.92 -41.37
CA PRO A 341 -5.46 25.25 -40.82
C PRO A 341 -4.65 26.23 -41.67
N LEU A 342 -5.07 26.51 -42.91
CA LEU A 342 -4.45 27.55 -43.73
C LEU A 342 -4.74 28.97 -43.24
N ASP A 343 -5.70 29.08 -42.30
CA ASP A 343 -6.11 30.34 -41.71
C ASP A 343 -5.27 30.61 -40.45
N PRO A 344 -4.52 31.72 -40.44
CA PRO A 344 -3.63 32.00 -39.30
C PRO A 344 -4.30 32.24 -37.97
N SER A 345 -5.62 32.45 -37.92
CA SER A 345 -6.29 32.67 -36.66
C SER A 345 -6.73 31.36 -36.03
N VAL A 346 -6.58 30.24 -36.74
CA VAL A 346 -7.12 28.95 -36.25
C VAL A 346 -6.15 28.23 -35.31
N SER A 347 -6.67 27.76 -34.17
CA SER A 347 -5.87 27.10 -33.15
C SER A 347 -5.99 25.58 -33.14
N MET A 348 -7.06 25.05 -33.75
CA MET A 348 -7.28 23.59 -33.94
C MET A 348 -7.47 23.29 -35.41
N GLY A 349 -6.62 22.42 -35.94
CA GLY A 349 -6.68 22.05 -37.35
C GLY A 349 -7.37 20.71 -37.57
N ALA A 350 -6.88 19.95 -38.51
CA ALA A 350 -7.52 18.73 -38.98
C ALA A 350 -6.86 17.53 -38.34
N ILE A 351 -7.66 16.50 -38.09
CA ILE A 351 -7.15 15.17 -37.72
C ILE A 351 -6.53 14.51 -38.95
N VAL A 352 -5.47 13.72 -38.76
CA VAL A 352 -4.60 13.40 -39.89
C VAL A 352 -5.28 12.62 -41.04
N ASP A 353 -6.20 11.71 -40.71
CA ASP A 353 -7.00 10.99 -41.69
C ASP A 353 -8.28 10.40 -41.10
N GLY A 354 -9.09 9.76 -41.93
CA GLY A 354 -10.40 9.23 -41.48
C GLY A 354 -10.22 8.15 -40.44
N ILE A 355 -9.20 7.32 -40.57
CA ILE A 355 -9.00 6.23 -39.61
C ILE A 355 -8.68 6.79 -38.20
N GLN A 356 -7.87 7.84 -38.15
N GLN A 356 -7.86 7.84 -38.16
CA GLN A 356 -7.59 8.51 -36.87
CA GLN A 356 -7.58 8.51 -36.90
C GLN A 356 -8.82 9.18 -36.31
C GLN A 356 -8.82 9.17 -36.32
N LEU A 357 -9.56 9.87 -37.18
CA LEU A 357 -10.82 10.50 -36.80
C LEU A 357 -11.78 9.47 -36.19
N GLU A 358 -11.91 8.32 -36.85
N GLU A 358 -11.96 8.32 -36.84
CA GLU A 358 -12.83 7.26 -36.41
CA GLU A 358 -12.92 7.31 -36.34
C GLU A 358 -12.44 6.67 -35.04
C GLU A 358 -12.46 6.68 -35.01
N ARG A 359 -11.14 6.50 -34.83
CA ARG A 359 -10.57 6.02 -33.57
C ARG A 359 -10.87 6.99 -32.43
N VAL A 360 -10.63 8.28 -32.68
CA VAL A 360 -11.00 9.31 -31.71
C VAL A 360 -12.53 9.33 -31.43
N LEU A 361 -13.35 9.26 -32.47
CA LEU A 361 -14.78 9.25 -32.24
C LEU A 361 -15.19 8.00 -31.44
N GLY A 362 -14.48 6.89 -31.61
CA GLY A 362 -14.76 5.67 -30.87
C GLY A 362 -14.50 5.82 -29.38
N TYR A 363 -13.43 6.54 -29.04
CA TYR A 363 -13.20 6.86 -27.64
C TYR A 363 -14.25 7.83 -27.08
N ILE A 364 -14.67 8.81 -27.89
CA ILE A 364 -15.71 9.76 -27.47
C ILE A 364 -17.00 8.98 -27.14
N GLU A 365 -17.31 7.98 -27.95
CA GLU A 365 -18.48 7.10 -27.69
C GLU A 365 -18.32 6.36 -26.35
N ALA A 366 -17.16 5.73 -26.11
CA ALA A 366 -16.91 5.10 -24.81
C ALA A 366 -17.06 6.13 -23.71
N GLY A 367 -16.56 7.34 -23.91
CA GLY A 367 -16.60 8.39 -22.89
C GLY A 367 -18.03 8.75 -22.50
N ARG A 368 -18.90 8.85 -23.51
CA ARG A 368 -20.31 9.20 -23.29
C ARG A 368 -20.97 8.20 -22.36
N GLY A 369 -20.58 6.94 -22.46
CA GLY A 369 -21.15 5.90 -21.60
C GLY A 369 -20.61 5.88 -20.16
N GLU A 370 -19.34 6.23 -20.00
CA GLU A 370 -18.63 6.03 -18.72
C GLU A 370 -18.36 7.28 -17.95
N GLY A 371 -18.66 8.44 -18.51
CA GLY A 371 -18.40 9.70 -17.89
C GLY A 371 -19.43 10.76 -18.22
N ARG A 372 -19.24 11.91 -17.61
CA ARG A 372 -20.05 13.10 -17.93
C ARG A 372 -19.42 13.94 -19.04
N LEU A 373 -20.14 14.16 -20.14
CA LEU A 373 -19.65 15.03 -21.23
C LEU A 373 -19.75 16.49 -20.79
N VAL A 374 -18.61 17.16 -20.76
CA VAL A 374 -18.57 18.53 -20.26
C VAL A 374 -18.71 19.49 -21.43
N THR A 375 -17.98 19.20 -22.50
CA THR A 375 -18.06 20.01 -23.68
C THR A 375 -17.57 19.26 -24.91
N GLY A 376 -18.03 19.72 -26.07
CA GLY A 376 -17.60 19.15 -27.34
C GLY A 376 -18.18 17.81 -27.66
N GLY A 377 -17.36 16.96 -28.27
CA GLY A 377 -17.73 15.59 -28.54
C GLY A 377 -18.24 15.27 -29.93
N ALA A 378 -18.33 16.23 -30.84
CA ALA A 378 -18.90 15.99 -32.18
C ALA A 378 -17.87 16.11 -33.30
N ARG A 379 -17.96 15.25 -34.32
CA ARG A 379 -17.36 15.52 -35.60
C ARG A 379 -17.94 16.83 -36.18
N VAL A 380 -17.12 17.60 -36.87
CA VAL A 380 -17.57 18.83 -37.54
C VAL A 380 -17.02 18.94 -38.97
N ASN A 381 -17.64 19.81 -39.77
CA ASN A 381 -17.15 20.12 -41.10
C ASN A 381 -16.87 18.94 -42.01
N ALA A 382 -17.69 17.90 -41.89
CA ALA A 382 -17.55 16.70 -42.70
C ALA A 382 -17.60 17.05 -44.19
N GLU A 383 -18.43 18.07 -44.52
CA GLU A 383 -18.65 18.50 -45.90
C GLU A 383 -17.41 19.05 -46.62
N THR A 384 -16.39 19.45 -45.86
CA THR A 384 -15.15 19.97 -46.45
C THR A 384 -14.33 18.88 -47.13
N GLY A 385 -14.61 17.63 -46.81
CA GLY A 385 -13.78 16.51 -47.22
C GLY A 385 -12.59 16.24 -46.27
N GLY A 386 -12.41 17.10 -45.27
CA GLY A 386 -11.35 16.90 -44.27
C GLY A 386 -11.88 16.35 -42.95
N PHE A 387 -10.98 16.21 -41.98
CA PHE A 387 -11.23 15.43 -40.77
C PHE A 387 -11.11 16.31 -39.54
N TYR A 388 -12.23 16.57 -38.88
CA TYR A 388 -12.32 17.60 -37.82
C TYR A 388 -13.25 17.13 -36.68
N VAL A 389 -12.84 17.40 -35.45
CA VAL A 389 -13.58 16.96 -34.25
C VAL A 389 -13.41 18.07 -33.23
N GLU A 390 -14.48 18.38 -32.54
CA GLU A 390 -14.45 19.41 -31.51
C GLU A 390 -13.52 19.07 -30.34
N PRO A 391 -12.97 20.12 -29.67
CA PRO A 391 -12.27 19.83 -28.40
C PRO A 391 -13.26 19.32 -27.36
N THR A 392 -12.95 18.17 -26.75
CA THR A 392 -13.92 17.40 -25.98
C THR A 392 -13.40 17.13 -24.58
N VAL A 393 -14.26 17.35 -23.58
CA VAL A 393 -13.91 17.12 -22.19
C VAL A 393 -14.94 16.21 -21.56
N PHE A 394 -14.46 15.17 -20.86
CA PHE A 394 -15.27 14.35 -19.95
C PHE A 394 -14.79 14.41 -18.50
N GLU A 395 -15.75 14.22 -17.60
CA GLU A 395 -15.43 13.99 -16.17
C GLU A 395 -15.54 12.50 -15.96
N VAL A 396 -14.48 11.86 -15.51
CA VAL A 396 -14.45 10.37 -15.40
C VAL A 396 -13.75 9.98 -14.13
N LYS A 397 -13.99 8.73 -13.73
CA LYS A 397 -13.17 8.07 -12.75
C LYS A 397 -11.82 7.70 -13.36
N PRO A 398 -10.82 7.50 -12.50
CA PRO A 398 -9.51 7.25 -13.05
C PRO A 398 -9.32 5.92 -13.75
N ASP A 399 -10.22 4.95 -13.52
CA ASP A 399 -10.15 3.64 -14.20
C ASP A 399 -10.99 3.55 -15.46
N ALA A 400 -11.58 4.67 -15.92
CA ALA A 400 -12.39 4.70 -17.15
C ALA A 400 -11.50 4.37 -18.33
N LYS A 401 -12.09 3.78 -19.36
CA LYS A 401 -11.35 3.49 -20.58
C LYS A 401 -10.62 4.71 -21.12
N ILE A 402 -11.33 5.85 -21.26
CA ILE A 402 -10.69 7.04 -21.86
C ILE A 402 -9.62 7.65 -20.92
N ALA A 403 -9.66 7.29 -19.65
CA ALA A 403 -8.62 7.73 -18.71
C ALA A 403 -7.40 6.82 -18.80
N ARG A 404 -7.58 5.60 -19.24
CA ARG A 404 -6.44 4.66 -19.25
C ARG A 404 -5.68 4.61 -20.56
N GLU A 405 -6.40 4.65 -21.67
CA GLU A 405 -5.86 4.40 -22.97
C GLU A 405 -5.52 5.68 -23.68
N GLU A 406 -4.37 5.68 -24.36
CA GLU A 406 -3.99 6.81 -25.25
C GLU A 406 -4.95 6.94 -26.42
N ILE A 407 -5.50 8.12 -26.58
CA ILE A 407 -6.48 8.39 -27.60
C ILE A 407 -5.83 9.04 -28.80
N PHE A 408 -4.87 9.92 -28.53
CA PHE A 408 -4.15 10.67 -29.54
C PHE A 408 -5.06 11.62 -30.30
N GLY A 409 -5.93 12.31 -29.56
CA GLY A 409 -6.87 13.26 -30.14
C GLY A 409 -7.32 14.19 -29.02
N PRO A 410 -8.19 15.16 -29.34
CA PRO A 410 -8.46 16.26 -28.43
C PRO A 410 -9.53 15.92 -27.44
N VAL A 411 -9.26 14.90 -26.62
CA VAL A 411 -10.21 14.37 -25.66
C VAL A 411 -9.53 14.28 -24.29
N LEU A 412 -10.05 15.09 -23.37
CA LEU A 412 -9.54 15.23 -22.04
C LEU A 412 -10.38 14.46 -21.04
N SER A 413 -9.68 13.80 -20.11
CA SER A 413 -10.28 13.09 -18.97
C SER A 413 -10.01 13.91 -17.71
N VAL A 414 -11.08 14.47 -17.14
CA VAL A 414 -11.01 15.22 -15.90
C VAL A 414 -11.33 14.28 -14.72
N ILE A 415 -10.39 14.23 -13.77
CA ILE A 415 -10.43 13.27 -12.64
C ILE A 415 -10.32 14.08 -11.36
N VAL A 416 -11.23 13.86 -10.42
CA VAL A 416 -11.24 14.60 -9.16
C VAL A 416 -10.49 13.84 -8.09
N PHE A 417 -9.83 14.56 -7.17
CA PHE A 417 -9.20 13.93 -6.05
C PHE A 417 -9.35 14.77 -4.81
N ASP A 418 -9.12 14.14 -3.67
CA ASP A 418 -9.34 14.78 -2.37
C ASP A 418 -8.08 15.16 -1.66
N ASP A 419 -6.97 14.53 -2.01
CA ASP A 419 -5.71 14.93 -1.43
C ASP A 419 -4.54 14.56 -2.31
N VAL A 420 -3.43 15.25 -2.03
CA VAL A 420 -2.29 15.24 -2.92
C VAL A 420 -1.70 13.85 -3.09
N ASP A 421 -1.63 13.08 -2.01
CA ASP A 421 -1.05 11.73 -2.15
C ASP A 421 -1.89 10.85 -3.07
N GLU A 422 -3.20 10.97 -2.97
CA GLU A 422 -4.13 10.33 -3.90
C GLU A 422 -3.83 10.77 -5.35
N ALA A 423 -3.57 12.07 -5.56
CA ALA A 423 -3.35 12.56 -6.95
C ALA A 423 -2.07 11.94 -7.48
N VAL A 424 -1.09 11.85 -6.61
CA VAL A 424 0.19 11.24 -7.01
C VAL A 424 -0.01 9.76 -7.35
N ARG A 425 -0.76 9.04 -6.51
N ARG A 425 -0.76 9.04 -6.52
CA ARG A 425 -1.04 7.63 -6.77
CA ARG A 425 -1.05 7.63 -6.78
C ARG A 425 -1.75 7.45 -8.12
C ARG A 425 -1.73 7.47 -8.14
N ILE A 426 -2.77 8.25 -8.40
CA ILE A 426 -3.48 8.20 -9.69
C ILE A 426 -2.53 8.55 -10.86
N ALA A 427 -1.73 9.61 -10.67
CA ALA A 427 -0.81 10.07 -11.69
C ALA A 427 0.11 8.92 -12.10
N ASN A 428 0.66 8.21 -11.11
CA ASN A 428 1.67 7.19 -11.41
C ASN A 428 1.06 5.84 -11.79
N ASP A 429 -0.26 5.70 -11.67
CA ASP A 429 -0.94 4.40 -11.89
C ASP A 429 -1.19 4.25 -13.38
N THR A 430 -0.13 3.95 -14.11
CA THR A 430 -0.18 3.85 -15.54
C THR A 430 1.10 3.14 -16.00
N GLU A 431 1.04 2.47 -17.15
CA GLU A 431 2.25 1.91 -17.77
C GLU A 431 3.05 2.95 -18.53
N TYR A 432 2.44 4.12 -18.75
CA TYR A 432 3.13 5.23 -19.41
C TYR A 432 3.97 6.07 -18.41
N GLY A 433 4.82 6.93 -18.94
CA GLY A 433 5.66 7.79 -18.10
C GLY A 433 6.40 8.84 -18.90
N LEU A 434 5.71 9.46 -19.84
CA LEU A 434 6.38 10.44 -20.70
C LEU A 434 6.52 11.82 -20.03
N ALA A 435 5.47 12.24 -19.32
CA ALA A 435 5.47 13.53 -18.73
C ALA A 435 4.39 13.61 -17.69
N ALA A 436 4.50 14.67 -16.90
CA ALA A 436 3.54 14.98 -15.86
C ALA A 436 3.65 16.45 -15.48
N ALA A 437 2.64 16.95 -14.78
CA ALA A 437 2.73 18.32 -14.23
C ALA A 437 2.02 18.50 -12.92
N VAL A 438 2.45 19.49 -12.12
CA VAL A 438 1.79 19.85 -10.88
C VAL A 438 1.72 21.37 -10.76
N TRP A 439 0.56 21.85 -10.30
CA TRP A 439 0.35 23.30 -10.10
C TRP A 439 0.11 23.59 -8.65
N THR A 440 1.03 24.37 -8.05
CA THR A 440 1.00 24.71 -6.64
C THR A 440 1.92 25.89 -6.39
N SER A 441 1.52 26.73 -5.42
CA SER A 441 2.32 27.86 -4.99
C SER A 441 3.33 27.49 -3.90
N ASN A 442 3.22 26.28 -3.35
CA ASN A 442 3.95 25.89 -2.15
C ASN A 442 5.28 25.27 -2.52
N LEU A 443 6.36 25.79 -1.93
CA LEU A 443 7.72 25.36 -2.22
C LEU A 443 7.91 23.88 -2.00
N THR A 444 7.53 23.39 -0.83
CA THR A 444 7.69 21.96 -0.50
C THR A 444 6.84 21.04 -1.36
N THR A 445 5.58 21.40 -1.57
CA THR A 445 4.70 20.62 -2.44
C THR A 445 5.29 20.51 -3.85
N ALA A 446 5.74 21.65 -4.38
CA ALA A 446 6.29 21.64 -5.74
C ALA A 446 7.45 20.65 -5.90
N HIS A 447 8.43 20.74 -5.03
CA HIS A 447 9.58 19.85 -5.14
C HIS A 447 9.27 18.43 -4.76
N ASP A 448 8.44 18.22 -3.75
N ASP A 448 8.46 18.24 -3.71
CA ASP A 448 8.17 16.87 -3.29
CA ASP A 448 8.08 16.89 -3.24
C ASP A 448 7.33 16.10 -4.29
C ASP A 448 7.38 16.14 -4.35
N VAL A 449 6.27 16.72 -4.82
CA VAL A 449 5.43 16.08 -5.85
C VAL A 449 6.23 15.89 -7.14
N SER A 450 6.98 16.89 -7.57
CA SER A 450 7.77 16.75 -8.82
C SER A 450 8.76 15.57 -8.75
N ARG A 451 9.36 15.33 -7.58
CA ARG A 451 10.26 14.19 -7.39
C ARG A 451 9.51 12.85 -7.49
N ARG A 452 8.28 12.84 -6.99
CA ARG A 452 7.53 11.61 -6.92
C ARG A 452 6.85 11.17 -8.21
N LEU A 453 6.63 12.08 -9.16
CA LEU A 453 5.99 11.74 -10.44
C LEU A 453 6.98 10.97 -11.35
N ARG A 454 6.57 9.78 -11.79
CA ARG A 454 7.45 8.88 -12.49
C ARG A 454 7.35 9.16 -13.98
N ALA A 455 8.03 10.24 -14.42
CA ALA A 455 7.94 10.67 -15.80
C ALA A 455 9.22 11.40 -16.20
N GLY A 456 9.52 11.36 -17.48
CA GLY A 456 10.78 11.93 -18.02
C GLY A 456 10.84 13.43 -17.94
N THR A 457 9.68 14.08 -18.13
CA THR A 457 9.55 15.55 -17.96
C THR A 457 8.47 15.89 -16.95
N VAL A 458 8.79 16.69 -15.92
CA VAL A 458 7.79 17.15 -15.00
C VAL A 458 7.76 18.67 -15.06
N TRP A 459 6.61 19.20 -15.47
CA TRP A 459 6.36 20.63 -15.50
C TRP A 459 5.68 21.10 -14.17
N VAL A 460 6.19 22.19 -13.60
CA VAL A 460 5.60 22.75 -12.39
C VAL A 460 5.03 24.15 -12.74
N ASN A 461 3.73 24.33 -12.52
CA ASN A 461 3.07 25.60 -12.85
C ASN A 461 3.24 26.01 -14.31
N CYS A 462 3.29 24.96 -15.16
CA CYS A 462 3.34 25.08 -16.58
C CYS A 462 2.99 23.71 -17.15
N TYR A 463 2.91 23.65 -18.47
CA TYR A 463 2.69 22.39 -19.17
C TYR A 463 3.19 22.61 -20.59
N ASP A 464 4.03 21.71 -21.07
CA ASP A 464 4.57 21.78 -22.44
C ASP A 464 5.20 23.14 -22.67
N GLU A 465 5.98 23.59 -21.70
CA GLU A 465 6.48 24.94 -21.57
C GLU A 465 7.70 25.09 -22.46
N GLY A 466 7.60 26.02 -23.39
CA GLY A 466 8.71 26.31 -24.27
C GLY A 466 9.19 25.15 -25.11
N GLY A 467 10.47 25.20 -25.44
CA GLY A 467 11.06 24.20 -26.33
C GLY A 467 12.54 24.01 -26.13
N ASP A 468 13.03 24.27 -24.90
CA ASP A 468 14.44 24.42 -24.68
C ASP A 468 15.15 23.09 -24.93
N MET A 469 16.23 23.17 -25.69
CA MET A 469 17.05 22.00 -26.02
C MET A 469 17.84 21.47 -24.86
N ASN A 470 17.95 22.20 -23.76
CA ASN A 470 18.65 21.66 -22.57
C ASN A 470 17.94 20.56 -21.78
N PHE A 471 16.68 20.29 -22.09
CA PHE A 471 15.91 19.38 -21.24
C PHE A 471 15.71 18.05 -21.96
N PRO A 472 16.46 16.98 -21.56
CA PRO A 472 16.18 15.67 -22.18
C PRO A 472 14.71 15.30 -21.99
N PHE A 473 14.18 14.55 -22.95
CA PHE A 473 12.77 14.34 -23.16
C PHE A 473 12.58 12.87 -23.57
N GLY A 474 11.74 12.14 -22.85
CA GLY A 474 11.53 10.73 -23.17
C GLY A 474 10.92 9.99 -22.00
N GLY A 475 10.78 8.69 -22.14
CA GLY A 475 9.96 7.93 -21.24
C GLY A 475 10.64 7.30 -20.03
N TYR A 476 9.84 7.19 -18.97
CA TYR A 476 9.93 6.12 -17.97
C TYR A 476 9.01 5.02 -18.47
N LYS A 477 9.25 3.79 -18.00
CA LYS A 477 8.29 2.69 -18.20
C LYS A 477 8.05 2.41 -19.70
N GLN A 478 6.81 2.39 -20.18
CA GLN A 478 6.55 2.01 -21.57
C GLN A 478 6.37 3.23 -22.48
N SER A 479 6.86 4.39 -22.05
CA SER A 479 6.80 5.59 -22.93
C SER A 479 8.09 5.82 -23.72
N GLY A 480 8.99 4.85 -23.70
CA GLY A 480 10.20 4.88 -24.56
C GLY A 480 11.47 4.78 -23.75
N ASN A 481 12.59 4.53 -24.40
CA ASN A 481 13.89 4.51 -23.73
C ASN A 481 14.84 5.55 -24.33
N GLY A 482 15.70 6.16 -23.50
CA GLY A 482 16.61 7.17 -24.06
C GLY A 482 15.89 8.50 -24.07
N ARG A 483 16.61 9.55 -24.49
CA ARG A 483 16.12 10.87 -24.48
C ARG A 483 16.44 11.58 -25.83
N ASP A 484 15.51 12.41 -26.26
CA ASP A 484 15.71 13.44 -27.24
C ASP A 484 15.96 14.81 -26.60
N LYS A 485 16.58 15.72 -27.38
CA LYS A 485 17.06 17.00 -26.87
C LYS A 485 18.20 16.80 -25.82
N SER A 486 18.96 17.85 -25.58
CA SER A 486 20.05 17.94 -24.61
C SER A 486 21.21 17.14 -25.10
N LEU A 487 22.33 17.30 -24.42
CA LEU A 487 23.55 16.57 -24.78
C LEU A 487 23.36 15.08 -24.66
N HIS A 488 22.44 14.68 -23.78
CA HIS A 488 22.10 13.28 -23.53
C HIS A 488 21.53 12.60 -24.77
N ALA A 489 21.00 13.38 -25.70
CA ALA A 489 20.52 12.85 -26.99
C ALA A 489 21.65 12.18 -27.79
N LEU A 490 22.87 12.69 -27.64
CA LEU A 490 24.04 12.23 -28.40
C LEU A 490 24.49 10.81 -28.01
N GLU A 491 24.14 10.38 -26.81
CA GLU A 491 24.51 9.05 -26.33
C GLU A 491 23.85 7.97 -27.20
N LYS A 492 22.71 8.29 -27.79
CA LYS A 492 22.00 7.33 -28.63
C LYS A 492 22.71 7.04 -29.93
N TYR A 493 23.65 7.91 -30.32
CA TYR A 493 24.24 7.95 -31.68
C TYR A 493 25.76 7.85 -31.64
N THR A 494 26.31 7.61 -30.42
CA THR A 494 27.74 7.45 -30.19
C THR A 494 28.01 6.20 -29.35
N GLU A 495 29.26 5.73 -29.39
CA GLU A 495 29.79 4.75 -28.47
C GLU A 495 30.90 5.37 -27.64
N LEU A 496 31.00 4.91 -26.41
CA LEU A 496 32.14 5.15 -25.57
C LEU A 496 33.27 4.22 -25.88
N LYS A 497 34.45 4.79 -25.78
CA LYS A 497 35.68 4.07 -25.90
C LYS A 497 36.61 4.48 -24.75
N SER A 498 37.15 3.49 -24.03
CA SER A 498 38.24 3.65 -23.10
C SER A 498 39.55 3.28 -23.83
N THR A 499 40.50 4.22 -23.90
CA THR A 499 41.84 3.96 -24.42
C THR A 499 42.85 4.01 -23.25
N LEU A 500 43.48 2.86 -22.94
CA LEU A 500 44.51 2.84 -21.90
C LEU A 500 45.88 2.75 -22.56
N ILE A 501 46.67 3.81 -22.43
CA ILE A 501 47.93 3.91 -23.11
C ILE A 501 49.01 3.66 -22.09
N ARG A 502 49.70 2.53 -22.16
CA ARG A 502 50.73 2.23 -21.17
C ARG A 502 52.11 2.72 -21.59
N LEU A 503 52.65 3.63 -20.79
CA LEU A 503 53.90 4.32 -21.10
C LEU A 503 55.12 3.51 -20.67
N ARG A 504 54.93 2.62 -19.70
CA ARG A 504 56.01 1.79 -19.17
C ARG A 504 55.37 0.68 -18.32
N LEU B 12 49.40 -19.28 2.05
CA LEU B 12 48.75 -20.63 2.10
C LEU B 12 49.27 -21.51 0.96
N THR B 13 49.54 -22.78 1.26
CA THR B 13 49.96 -23.78 0.27
C THR B 13 48.78 -24.51 -0.37
N LEU B 14 49.05 -25.31 -1.39
CA LEU B 14 48.03 -26.23 -1.94
C LEU B 14 47.38 -27.07 -0.84
N ALA B 15 48.19 -27.65 0.04
CA ALA B 15 47.65 -28.50 1.09
C ALA B 15 46.72 -27.70 2.01
N ASP B 16 47.15 -26.49 2.36
CA ASP B 16 46.33 -25.58 3.13
C ASP B 16 44.97 -25.38 2.47
N TRP B 17 44.94 -25.14 1.16
CA TRP B 17 43.67 -24.84 0.47
C TRP B 17 42.81 -26.09 0.37
N GLN B 18 43.42 -27.25 0.15
CA GLN B 18 42.68 -28.51 0.21
C GLN B 18 42.06 -28.72 1.58
N HIS B 19 42.82 -28.41 2.63
CA HIS B 19 42.30 -28.61 3.98
C HIS B 19 41.08 -27.70 4.18
N LYS B 20 41.21 -26.44 3.77
CA LYS B 20 40.12 -25.44 3.91
C LYS B 20 38.89 -25.87 3.09
N ALA B 21 39.13 -26.37 1.88
CA ALA B 21 38.05 -26.88 1.05
C ALA B 21 37.28 -27.99 1.74
N ALA B 22 37.99 -28.96 2.33
CA ALA B 22 37.33 -30.05 3.06
C ALA B 22 36.49 -29.56 4.26
N SER B 23 36.90 -28.44 4.86
CA SER B 23 36.28 -27.94 6.10
C SER B 23 35.14 -26.94 5.82
N LEU B 24 34.89 -26.64 4.56
CA LEU B 24 34.02 -25.54 4.21
C LEU B 24 32.56 -25.99 4.30
N GLU B 25 31.72 -25.21 4.96
CA GLU B 25 30.29 -25.49 4.95
C GLU B 25 29.66 -24.59 3.90
N ILE B 26 29.10 -25.19 2.85
CA ILE B 26 28.67 -24.40 1.69
C ILE B 26 27.17 -24.18 1.75
N GLU B 27 26.75 -22.93 1.64
CA GLU B 27 25.32 -22.60 1.58
C GLU B 27 24.81 -22.70 0.14
N GLY B 28 23.79 -23.53 -0.11
CA GLY B 28 23.23 -23.67 -1.47
C GLY B 28 21.82 -23.14 -1.69
N ARG B 29 21.21 -22.59 -0.65
CA ARG B 29 19.86 -22.06 -0.79
C ARG B 29 19.85 -20.69 -1.48
N ALA B 30 18.70 -20.32 -2.00
CA ALA B 30 18.45 -18.98 -2.50
C ALA B 30 18.56 -18.01 -1.35
N PHE B 31 18.68 -16.71 -1.64
CA PHE B 31 18.57 -15.71 -0.62
C PHE B 31 17.53 -14.71 -1.10
N ILE B 32 16.35 -14.79 -0.50
CA ILE B 32 15.22 -14.02 -0.94
C ILE B 32 14.59 -13.33 0.23
N ASP B 33 14.43 -12.03 0.10
CA ASP B 33 13.75 -11.22 1.06
C ASP B 33 14.30 -11.48 2.46
N GLY B 34 15.60 -11.30 2.60
CA GLY B 34 16.25 -11.31 3.92
C GLY B 34 16.57 -12.69 4.48
N ALA B 35 16.31 -13.75 3.72
CA ALA B 35 16.41 -15.11 4.26
C ALA B 35 16.95 -16.12 3.29
N SER B 36 17.71 -17.10 3.80
CA SER B 36 18.09 -18.29 2.98
C SER B 36 16.87 -19.19 2.87
N ARG B 37 16.46 -19.53 1.65
CA ARG B 37 15.21 -20.26 1.41
C ARG B 37 15.52 -21.34 0.41
N ASP B 38 14.96 -22.53 0.58
CA ASP B 38 14.90 -23.48 -0.53
C ASP B 38 14.00 -22.94 -1.64
N ALA B 39 14.21 -23.44 -2.85
CA ALA B 39 13.24 -23.25 -3.91
C ALA B 39 11.86 -23.77 -3.46
N HIS B 40 10.81 -23.08 -3.88
CA HIS B 40 9.44 -23.52 -3.60
C HIS B 40 9.23 -24.89 -4.23
N GLY B 41 8.85 -25.87 -3.42
CA GLY B 41 8.74 -27.26 -3.89
C GLY B 41 10.01 -28.07 -3.67
N GLY B 42 11.09 -27.40 -3.26
CA GLY B 42 12.30 -28.05 -2.78
C GLY B 42 13.30 -28.57 -3.78
N ARG B 43 13.17 -28.23 -5.05
CA ARG B 43 14.06 -28.82 -6.05
C ARG B 43 15.48 -28.25 -5.93
N THR B 44 16.47 -29.07 -6.26
CA THR B 44 17.85 -28.64 -6.25
C THR B 44 18.53 -29.19 -7.47
N PHE B 45 19.66 -28.58 -7.84
CA PHE B 45 20.58 -29.14 -8.81
C PHE B 45 21.90 -29.34 -8.12
N ASP B 46 22.70 -30.22 -8.68
CA ASP B 46 23.97 -30.53 -8.13
C ASP B 46 25.00 -29.55 -8.64
N CYS B 47 25.68 -28.87 -7.72
CA CYS B 47 26.76 -27.94 -8.06
C CYS B 47 28.08 -28.70 -8.08
N VAL B 48 28.62 -28.88 -9.26
CA VAL B 48 29.75 -29.78 -9.48
C VAL B 48 31.00 -28.94 -9.71
N SER B 49 32.10 -29.35 -9.08
CA SER B 49 33.38 -28.68 -9.30
C SER B 49 34.01 -29.20 -10.58
N PRO B 50 34.47 -28.29 -11.45
CA PRO B 50 35.26 -28.71 -12.62
C PRO B 50 36.67 -29.25 -12.32
N ILE B 51 37.16 -29.08 -11.10
CA ILE B 51 38.49 -29.56 -10.69
C ILE B 51 38.58 -31.07 -10.81
N ASP B 52 37.54 -31.74 -10.32
CA ASP B 52 37.53 -33.20 -10.19
C ASP B 52 36.16 -33.84 -10.32
N GLY B 53 35.14 -33.05 -10.67
CA GLY B 53 33.79 -33.56 -10.88
C GLY B 53 33.02 -33.84 -9.60
N ARG B 54 33.57 -33.49 -8.45
CA ARG B 54 32.95 -33.74 -7.16
C ARG B 54 31.74 -32.80 -6.96
N VAL B 55 30.66 -33.32 -6.36
CA VAL B 55 29.53 -32.49 -6.01
C VAL B 55 29.83 -31.64 -4.78
N LEU B 56 29.75 -30.32 -4.91
CA LEU B 56 30.08 -29.42 -3.80
C LEU B 56 28.91 -29.19 -2.84
N ALA B 57 27.72 -29.11 -3.43
CA ALA B 57 26.51 -28.73 -2.72
C ALA B 57 25.33 -29.03 -3.61
N LYS B 58 24.16 -29.15 -2.99
CA LYS B 58 22.90 -29.12 -3.69
C LYS B 58 22.34 -27.71 -3.57
N VAL B 59 22.05 -27.13 -4.72
CA VAL B 59 21.69 -25.70 -4.82
C VAL B 59 20.22 -25.59 -5.23
N ALA B 60 19.53 -24.67 -4.58
CA ALA B 60 18.15 -24.38 -4.92
C ALA B 60 17.97 -24.16 -6.42
N ASP B 61 17.03 -24.87 -7.03
CA ASP B 61 16.86 -24.83 -8.49
C ASP B 61 15.59 -24.05 -8.77
N CYS B 62 15.72 -22.73 -8.89
CA CYS B 62 14.56 -21.88 -8.72
C CYS B 62 13.74 -21.76 -10.00
N GLY B 63 12.47 -21.45 -9.82
CA GLY B 63 11.53 -21.36 -10.91
C GLY B 63 10.62 -20.17 -10.69
N GLU B 64 9.47 -20.20 -11.36
CA GLU B 64 8.46 -19.12 -11.36
C GLU B 64 8.11 -18.58 -10.00
N ALA B 65 7.78 -19.45 -9.07
CA ALA B 65 7.36 -18.95 -7.75
C ALA B 65 8.46 -18.19 -7.05
N ASP B 66 9.71 -18.63 -7.23
CA ASP B 66 10.85 -18.00 -6.57
C ASP B 66 11.16 -16.65 -7.19
N VAL B 67 11.20 -16.63 -8.52
CA VAL B 67 11.37 -15.38 -9.25
C VAL B 67 10.30 -14.36 -8.81
N ASN B 68 9.04 -14.79 -8.80
CA ASN B 68 7.97 -13.89 -8.40
C ASN B 68 8.13 -13.37 -6.98
N ALA B 69 8.60 -14.21 -6.06
CA ALA B 69 8.75 -13.77 -4.65
C ALA B 69 9.90 -12.78 -4.53
N ALA B 70 11.00 -13.04 -5.26
CA ALA B 70 12.14 -12.12 -5.25
C ALA B 70 11.78 -10.76 -5.84
N VAL B 71 11.07 -10.78 -6.96
CA VAL B 71 10.66 -9.56 -7.64
C VAL B 71 9.67 -8.81 -6.76
N ALA B 72 8.71 -9.51 -6.16
CA ALA B 72 7.74 -8.86 -5.27
C ALA B 72 8.39 -8.17 -4.07
N ALA B 73 9.41 -8.79 -3.46
CA ALA B 73 10.13 -8.21 -2.32
C ALA B 73 10.97 -7.00 -2.70
N ALA B 74 11.59 -7.10 -3.88
CA ALA B 74 12.37 -6.02 -4.45
C ALA B 74 11.47 -4.83 -4.72
N ARG B 75 10.27 -5.09 -5.26
CA ARG B 75 9.32 -4.02 -5.53
C ARG B 75 8.86 -3.39 -4.24
N ARG B 76 8.50 -4.24 -3.28
CA ARG B 76 7.99 -3.75 -1.99
C ARG B 76 9.05 -2.86 -1.34
N ALA B 77 10.30 -3.31 -1.37
CA ALA B 77 11.39 -2.59 -0.71
C ALA B 77 11.63 -1.23 -1.39
N PHE B 78 11.68 -1.26 -2.72
CA PHE B 78 11.87 -0.04 -3.47
C PHE B 78 10.77 0.97 -3.09
N ASP B 79 9.52 0.55 -3.17
CA ASP B 79 8.38 1.44 -2.88
C ASP B 79 8.33 1.97 -1.44
N ALA B 80 8.72 1.16 -0.48
CA ALA B 80 8.87 1.63 0.90
C ALA B 80 10.05 2.61 1.08
N GLY B 81 11.03 2.61 0.18
CA GLY B 81 12.19 3.51 0.29
C GLY B 81 13.23 3.16 1.34
N VAL B 82 13.23 1.90 1.80
CA VAL B 82 14.18 1.42 2.80
C VAL B 82 15.63 1.53 2.39
N TRP B 83 15.86 1.62 1.10
CA TRP B 83 17.19 1.72 0.50
C TRP B 83 17.25 2.97 -0.37
N ALA B 84 16.29 3.14 -1.30
CA ALA B 84 16.31 4.31 -2.20
C ALA B 84 16.14 5.61 -1.46
N GLY B 85 15.44 5.53 -0.32
CA GLY B 85 15.13 6.70 0.53
C GLY B 85 16.20 7.05 1.54
N LEU B 86 17.27 6.24 1.63
CA LEU B 86 18.40 6.59 2.45
C LEU B 86 19.21 7.70 1.78
N ASN B 87 19.79 8.58 2.61
CA ASN B 87 20.66 9.62 2.11
C ASN B 87 21.89 9.01 1.43
N PRO B 88 22.49 9.71 0.45
CA PRO B 88 23.67 9.22 -0.27
C PRO B 88 24.78 8.76 0.66
N ARG B 89 25.07 9.52 1.71
CA ARG B 89 26.11 9.08 2.63
C ARG B 89 25.71 7.83 3.43
N ALA B 90 24.44 7.65 3.69
CA ALA B 90 23.98 6.46 4.45
C ALA B 90 24.04 5.19 3.59
N ARG B 91 23.68 5.29 2.31
CA ARG B 91 23.87 4.13 1.41
C ARG B 91 25.34 3.86 1.18
N LYS B 92 26.14 4.90 1.04
CA LYS B 92 27.57 4.74 0.94
C LYS B 92 28.13 3.91 2.15
N ALA B 93 27.71 4.23 3.37
CA ALA B 93 28.23 3.55 4.56
C ALA B 93 27.91 2.04 4.52
N VAL B 94 26.67 1.70 4.18
CA VAL B 94 26.25 0.28 4.13
C VAL B 94 27.02 -0.48 3.04
N LEU B 95 27.21 0.14 1.88
CA LEU B 95 27.92 -0.51 0.81
C LEU B 95 29.37 -0.71 1.14
N LEU B 96 29.99 0.24 1.83
N LEU B 96 29.97 0.26 1.82
CA LEU B 96 31.38 0.10 2.22
CA LEU B 96 31.36 0.16 2.29
C LEU B 96 31.54 -1.02 3.26
C LEU B 96 31.52 -1.02 3.25
N ARG B 97 30.57 -1.13 4.14
N ARG B 97 30.58 -1.12 4.18
CA ARG B 97 30.57 -2.20 5.15
CA ARG B 97 30.60 -2.20 5.13
C ARG B 97 30.45 -3.58 4.49
C ARG B 97 30.55 -3.55 4.41
N TRP B 98 29.65 -3.67 3.43
CA TRP B 98 29.50 -4.90 2.69
C TRP B 98 30.79 -5.29 1.99
N ALA B 99 31.44 -4.34 1.34
CA ALA B 99 32.73 -4.61 0.72
C ALA B 99 33.77 -5.01 1.79
N ALA B 100 33.72 -4.36 2.94
CA ALA B 100 34.65 -4.67 4.00
C ALA B 100 34.40 -6.12 4.48
N LEU B 101 33.13 -6.55 4.53
CA LEU B 101 32.85 -7.97 4.89
C LEU B 101 33.36 -8.93 3.84
N MET B 102 33.23 -8.55 2.57
CA MET B 102 33.79 -9.36 1.48
C MET B 102 35.28 -9.57 1.70
N ARG B 103 35.97 -8.49 2.05
CA ARG B 103 37.43 -8.57 2.22
C ARG B 103 37.80 -9.39 3.47
N GLU B 104 37.05 -9.20 4.55
CA GLU B 104 37.19 -10.05 5.76
C GLU B 104 36.99 -11.55 5.45
N HIS B 105 36.08 -11.87 4.52
CA HIS B 105 35.78 -13.25 4.11
C HIS B 105 36.49 -13.61 2.79
N LEU B 106 37.63 -12.96 2.50
CA LEU B 106 38.26 -13.12 1.17
C LEU B 106 38.71 -14.55 0.86
N ASP B 107 39.37 -15.22 1.80
CA ASP B 107 39.75 -16.63 1.61
C ASP B 107 38.56 -17.53 1.30
N GLU B 108 37.48 -17.37 2.06
CA GLU B 108 36.27 -18.18 1.87
C GLU B 108 35.66 -17.91 0.48
N LEU B 109 35.46 -16.64 0.16
CA LEU B 109 34.89 -16.30 -1.16
C LEU B 109 35.78 -16.81 -2.31
N SER B 110 37.11 -16.65 -2.16
CA SER B 110 38.08 -17.05 -3.20
C SER B 110 38.10 -18.54 -3.40
N LEU B 111 38.00 -19.28 -2.29
CA LEU B 111 37.93 -20.73 -2.33
C LEU B 111 36.59 -21.17 -2.97
N LEU B 112 35.47 -20.57 -2.59
CA LEU B 112 34.19 -20.91 -3.24
C LEU B 112 34.28 -20.74 -4.75
N GLU B 113 34.84 -19.62 -5.18
CA GLU B 113 34.94 -19.30 -6.63
C GLU B 113 35.82 -20.33 -7.38
N THR B 114 36.94 -20.71 -6.77
CA THR B 114 37.86 -21.69 -7.35
C THR B 114 37.17 -23.07 -7.42
N LEU B 115 36.52 -23.49 -6.32
CA LEU B 115 35.82 -24.79 -6.30
C LEU B 115 34.68 -24.85 -7.34
N ASP B 116 33.96 -23.74 -7.45
CA ASP B 116 32.73 -23.66 -8.20
C ASP B 116 33.00 -23.54 -9.70
N ALA B 117 34.02 -22.78 -10.06
CA ALA B 117 34.27 -22.43 -11.46
C ALA B 117 35.61 -22.90 -11.97
N GLY B 118 36.45 -23.49 -11.12
CA GLY B 118 37.73 -24.04 -11.59
C GLY B 118 38.82 -23.02 -11.83
N LYS B 119 38.64 -21.82 -11.28
CA LYS B 119 39.55 -20.71 -11.42
C LYS B 119 40.72 -20.81 -10.42
N PRO B 120 41.96 -20.61 -10.87
CA PRO B 120 43.09 -20.66 -9.94
C PRO B 120 42.89 -19.78 -8.69
N ILE B 121 43.07 -20.39 -7.52
CA ILE B 121 43.10 -19.68 -6.21
C ILE B 121 44.07 -18.48 -6.20
N GLY B 122 45.16 -18.57 -6.98
CA GLY B 122 46.09 -17.44 -7.17
C GLY B 122 45.48 -16.21 -7.84
N ASP B 123 44.45 -16.45 -8.65
CA ASP B 123 43.65 -15.43 -9.31
C ASP B 123 42.45 -14.97 -8.47
N THR B 124 41.69 -15.90 -7.93
CA THR B 124 40.45 -15.54 -7.22
C THR B 124 40.72 -14.68 -5.99
N THR B 125 41.84 -14.99 -5.36
CA THR B 125 42.30 -14.24 -4.18
C THR B 125 42.87 -12.87 -4.49
N THR B 126 43.31 -12.65 -5.73
CA THR B 126 43.97 -11.42 -6.14
C THR B 126 43.26 -10.59 -7.20
N VAL B 127 42.41 -11.19 -8.02
CA VAL B 127 41.71 -10.47 -9.08
C VAL B 127 40.22 -10.45 -8.77
N ASP B 128 39.60 -11.62 -8.60
CA ASP B 128 38.16 -11.68 -8.56
C ASP B 128 37.56 -11.08 -7.30
N VAL B 129 37.96 -11.60 -6.16
CA VAL B 129 37.36 -11.14 -4.92
C VAL B 129 37.74 -9.68 -4.63
N PRO B 130 39.04 -9.34 -4.67
CA PRO B 130 39.30 -7.87 -4.46
C PRO B 130 38.66 -6.96 -5.53
N GLY B 131 38.54 -7.45 -6.75
CA GLY B 131 37.91 -6.72 -7.82
C GLY B 131 36.43 -6.47 -7.50
N ALA B 132 35.73 -7.47 -6.97
CA ALA B 132 34.33 -7.29 -6.54
C ALA B 132 34.20 -6.22 -5.45
N ALA B 133 35.04 -6.30 -4.42
CA ALA B 133 35.01 -5.31 -3.33
C ALA B 133 35.25 -3.92 -3.86
N TYR B 134 36.31 -3.77 -4.63
CA TYR B 134 36.68 -2.50 -5.24
C TYR B 134 35.51 -1.89 -6.03
N CYS B 135 34.86 -2.69 -6.88
CA CYS B 135 33.72 -2.17 -7.61
C CYS B 135 32.66 -1.62 -6.66
N VAL B 136 32.29 -2.42 -5.66
CA VAL B 136 31.31 -1.94 -4.70
C VAL B 136 31.75 -0.64 -4.04
N GLU B 137 33.01 -0.61 -3.61
CA GLU B 137 33.56 0.48 -2.84
C GLU B 137 33.62 1.75 -3.69
N TRP B 138 33.98 1.58 -4.94
CA TRP B 138 34.09 2.70 -5.90
C TRP B 138 32.72 3.36 -6.15
N PHE B 139 31.70 2.54 -6.47
CA PHE B 139 30.38 3.08 -6.61
C PHE B 139 29.81 3.70 -5.36
N ALA B 140 30.05 3.06 -4.22
CA ALA B 140 29.69 3.63 -2.89
C ALA B 140 30.29 5.01 -2.70
N GLU B 141 31.56 5.15 -3.08
CA GLU B 141 32.30 6.43 -2.93
C GLU B 141 31.86 7.48 -3.93
N ALA B 142 31.26 7.06 -5.06
CA ALA B 142 30.83 8.02 -6.09
C ALA B 142 29.46 8.63 -5.84
N ILE B 143 28.66 7.99 -4.98
CA ILE B 143 27.26 8.31 -4.73
C ILE B 143 27.01 9.74 -4.33
N ASP B 144 27.89 10.26 -3.47
CA ASP B 144 27.82 11.64 -2.92
C ASP B 144 28.84 12.60 -3.53
N LYS B 145 29.31 12.30 -4.76
CA LYS B 145 30.27 13.14 -5.48
C LYS B 145 29.72 13.75 -6.78
N VAL B 146 28.74 13.13 -7.42
CA VAL B 146 28.23 13.65 -8.65
C VAL B 146 26.73 13.80 -8.64
N GLY B 147 26.27 14.86 -9.27
CA GLY B 147 24.85 15.19 -9.19
C GLY B 147 24.27 15.46 -10.54
N GLY B 148 23.14 16.15 -10.52
CA GLY B 148 22.45 16.52 -11.74
C GLY B 148 22.86 17.90 -12.21
N GLU B 149 21.98 18.49 -13.01
CA GLU B 149 22.18 19.78 -13.66
C GLU B 149 21.10 20.80 -13.32
N VAL B 150 21.56 22.05 -13.26
CA VAL B 150 20.72 23.23 -13.37
C VAL B 150 20.91 23.79 -14.79
N ALA B 151 19.85 23.70 -15.60
CA ALA B 151 19.95 24.06 -17.00
C ALA B 151 20.08 25.55 -17.22
N PRO B 152 20.81 25.97 -18.27
CA PRO B 152 20.88 27.41 -18.60
C PRO B 152 19.63 27.83 -19.38
N ALA B 153 18.51 27.84 -18.62
CA ALA B 153 17.17 27.96 -19.18
C ALA B 153 16.74 29.42 -19.06
N ASP B 154 15.66 29.77 -19.74
CA ASP B 154 15.08 31.09 -19.60
C ASP B 154 14.84 31.39 -18.13
N HIS B 155 14.96 32.68 -17.76
CA HIS B 155 15.02 33.05 -16.33
C HIS B 155 13.72 32.87 -15.56
N HIS B 156 12.60 32.79 -16.28
CA HIS B 156 11.30 32.58 -15.62
C HIS B 156 11.16 31.14 -15.13
N LEU B 157 12.12 30.30 -15.50
CA LEU B 157 12.13 28.89 -15.09
C LEU B 157 13.33 28.60 -14.20
N VAL B 158 13.14 27.67 -13.28
CA VAL B 158 14.23 26.94 -12.66
C VAL B 158 14.16 25.56 -13.36
N GLY B 159 15.22 25.24 -14.07
CA GLY B 159 15.31 24.03 -14.90
C GLY B 159 16.30 23.03 -14.31
N LEU B 160 15.80 21.88 -13.87
CA LEU B 160 16.66 20.88 -13.30
C LEU B 160 16.70 19.64 -14.19
N VAL B 161 17.84 18.95 -14.19
CA VAL B 161 17.97 17.66 -14.80
C VAL B 161 18.63 16.70 -13.79
N THR B 162 17.86 15.73 -13.37
CA THR B 162 18.24 14.80 -12.33
C THR B 162 18.13 13.37 -12.81
N ARG B 163 18.67 12.47 -12.01
CA ARG B 163 18.60 11.04 -12.26
C ARG B 163 17.97 10.35 -11.06
N GLU B 164 17.14 9.36 -11.35
CA GLU B 164 16.43 8.61 -10.30
C GLU B 164 16.61 7.11 -10.53
N PRO B 165 16.62 6.27 -9.45
CA PRO B 165 16.71 4.84 -9.70
C PRO B 165 15.50 4.37 -10.53
N VAL B 166 15.73 3.42 -11.42
CA VAL B 166 14.69 2.82 -12.28
C VAL B 166 13.68 1.94 -11.49
N GLY B 167 14.16 1.35 -10.38
CA GLY B 167 13.34 0.57 -9.45
C GLY B 167 13.86 -0.84 -9.15
N VAL B 168 13.33 -1.82 -9.88
CA VAL B 168 13.76 -3.21 -9.79
C VAL B 168 14.63 -3.63 -10.95
N VAL B 169 15.85 -4.06 -10.63
CA VAL B 169 16.85 -4.44 -11.64
C VAL B 169 17.16 -5.90 -11.51
N ALA B 170 17.02 -6.64 -12.62
CA ALA B 170 17.46 -7.99 -12.70
C ALA B 170 18.82 -8.05 -13.34
N ALA B 171 19.64 -8.96 -12.83
CA ALA B 171 20.99 -9.10 -13.31
C ALA B 171 21.25 -10.58 -13.52
N VAL B 172 21.57 -10.97 -14.76
CA VAL B 172 21.84 -12.37 -15.13
C VAL B 172 23.29 -12.43 -15.58
N VAL B 173 24.11 -13.22 -14.91
CA VAL B 173 25.56 -13.13 -15.06
C VAL B 173 26.15 -14.53 -15.33
N PRO B 174 27.34 -14.56 -15.90
CA PRO B 174 27.89 -15.79 -16.43
C PRO B 174 28.80 -16.44 -15.41
N TRP B 175 29.41 -17.54 -15.82
CA TRP B 175 30.22 -18.37 -14.93
C TRP B 175 31.74 -18.14 -15.00
N ASN B 176 32.19 -17.31 -15.95
CA ASN B 176 33.62 -17.15 -16.20
C ASN B 176 34.26 -16.25 -15.18
N PHE B 177 33.50 -15.26 -14.68
CA PHE B 177 33.90 -14.43 -13.54
C PHE B 177 32.66 -14.17 -12.67
N PRO B 178 32.25 -15.18 -11.91
CA PRO B 178 30.97 -15.12 -11.22
C PRO B 178 30.83 -13.95 -10.27
N ILE B 179 31.74 -13.80 -9.31
CA ILE B 179 31.52 -12.77 -8.29
C ILE B 179 31.88 -11.40 -8.90
N LEU B 180 32.86 -11.37 -9.79
CA LEU B 180 33.33 -10.09 -10.36
C LEU B 180 32.25 -9.48 -11.27
N MET B 181 31.74 -10.28 -12.20
CA MET B 181 30.67 -9.78 -13.09
C MET B 181 29.37 -9.45 -12.33
N ALA B 182 29.03 -10.24 -11.30
CA ALA B 182 27.86 -9.95 -10.45
C ALA B 182 28.00 -8.56 -9.83
N ALA B 183 29.18 -8.31 -9.27
CA ALA B 183 29.48 -7.03 -8.64
C ALA B 183 29.42 -5.91 -9.67
N TRP B 184 29.95 -6.17 -10.86
CA TRP B 184 29.86 -5.14 -11.92
C TRP B 184 28.43 -4.68 -12.19
N LYS B 185 27.47 -5.56 -11.98
CA LYS B 185 26.06 -5.20 -12.06
C LYS B 185 25.52 -4.64 -10.76
N PHE B 186 25.71 -5.35 -9.65
CA PHE B 186 25.02 -4.93 -8.40
C PHE B 186 25.64 -3.72 -7.71
N GLY B 187 26.94 -3.53 -7.88
CA GLY B 187 27.61 -2.37 -7.29
C GLY B 187 26.98 -1.04 -7.71
N PRO B 188 26.98 -0.76 -9.00
CA PRO B 188 26.30 0.47 -9.44
C PRO B 188 24.77 0.41 -9.26
N ALA B 189 24.12 -0.68 -9.63
CA ALA B 189 22.64 -0.73 -9.51
C ALA B 189 22.20 -0.45 -8.09
N LEU B 190 22.86 -1.05 -7.10
CA LEU B 190 22.53 -0.76 -5.69
C LEU B 190 22.93 0.66 -5.23
N ALA B 191 24.09 1.16 -5.65
CA ALA B 191 24.51 2.51 -5.26
C ALA B 191 23.46 3.56 -5.65
N ALA B 192 22.83 3.37 -6.79
CA ALA B 192 21.83 4.29 -7.30
C ALA B 192 20.49 4.12 -6.60
N GLY B 193 20.35 3.10 -5.77
CA GLY B 193 19.16 2.98 -4.93
C GLY B 193 18.16 1.90 -5.32
N ASN B 194 18.46 1.16 -6.40
CA ASN B 194 17.52 0.15 -6.90
C ASN B 194 17.49 -1.07 -6.02
N SER B 195 16.39 -1.83 -6.11
CA SER B 195 16.40 -3.22 -5.63
C SER B 195 16.88 -4.12 -6.74
N VAL B 196 17.59 -5.17 -6.35
CA VAL B 196 18.20 -6.06 -7.32
C VAL B 196 17.82 -7.52 -7.11
N VAL B 197 17.53 -8.18 -8.19
CA VAL B 197 17.41 -9.61 -8.17
C VAL B 197 18.48 -10.21 -9.07
N LEU B 198 19.40 -10.97 -8.47
CA LEU B 198 20.56 -11.53 -9.19
C LEU B 198 20.34 -13.02 -9.48
N LYS B 199 20.50 -13.41 -10.74
CA LYS B 199 20.35 -14.79 -11.16
C LYS B 199 21.72 -15.24 -11.65
N PRO B 200 22.52 -15.89 -10.80
CA PRO B 200 23.86 -16.31 -11.21
C PRO B 200 23.72 -17.55 -12.10
N SER B 201 24.78 -17.89 -12.84
CA SER B 201 24.77 -19.03 -13.69
C SER B 201 24.61 -20.29 -12.85
N GLU B 202 23.93 -21.26 -13.43
CA GLU B 202 23.83 -22.55 -12.78
C GLU B 202 25.23 -23.21 -12.71
N LYS B 203 26.19 -22.74 -13.51
CA LYS B 203 27.54 -23.27 -13.42
C LYS B 203 28.37 -22.62 -12.29
N SER B 204 27.88 -21.56 -11.67
CA SER B 204 28.62 -20.85 -10.64
C SER B 204 27.74 -20.04 -9.65
N PRO B 205 26.86 -20.73 -8.91
CA PRO B 205 25.93 -20.07 -7.97
C PRO B 205 26.57 -19.63 -6.63
N LEU B 206 27.70 -20.21 -6.25
CA LEU B 206 28.11 -20.17 -4.82
C LEU B 206 28.48 -18.80 -4.23
N THR B 207 29.36 -18.06 -4.91
CA THR B 207 29.79 -16.77 -4.37
C THR B 207 28.65 -15.75 -4.35
N ALA B 208 27.74 -15.79 -5.32
CA ALA B 208 26.54 -14.93 -5.32
C ALA B 208 25.66 -15.14 -4.09
N ILE B 209 25.46 -16.42 -3.79
CA ILE B 209 24.72 -16.78 -2.59
C ILE B 209 25.43 -16.23 -1.35
N ARG B 210 26.73 -16.49 -1.25
CA ARG B 210 27.48 -16.06 -0.07
C ARG B 210 27.51 -14.53 0.11
N VAL B 211 27.69 -13.77 -0.97
CA VAL B 211 27.64 -12.30 -0.80
C VAL B 211 26.26 -11.76 -0.46
N ALA B 212 25.19 -12.50 -0.80
CA ALA B 212 23.83 -12.07 -0.49
C ALA B 212 23.65 -12.14 1.02
N GLN B 213 24.23 -13.16 1.65
CA GLN B 213 24.18 -13.27 3.11
C GLN B 213 25.01 -12.13 3.75
N LEU B 214 26.22 -11.88 3.24
CA LEU B 214 27.00 -10.75 3.71
C LEU B 214 26.32 -9.41 3.49
N ALA B 215 25.65 -9.24 2.35
CA ALA B 215 24.85 -8.01 2.12
C ALA B 215 23.85 -7.77 3.26
N PHE B 216 23.07 -8.80 3.62
CA PHE B 216 22.08 -8.67 4.67
C PHE B 216 22.75 -8.33 5.99
N GLU B 217 23.90 -8.97 6.23
CA GLU B 217 24.69 -8.77 7.44
C GLU B 217 25.18 -7.34 7.56
N ALA B 218 25.63 -6.77 6.44
CA ALA B 218 26.06 -5.37 6.38
C ALA B 218 24.97 -4.31 6.53
N GLY B 219 23.72 -4.69 6.27
CA GLY B 219 22.61 -3.78 6.39
C GLY B 219 21.84 -3.50 5.11
N ILE B 220 22.10 -4.24 4.04
CA ILE B 220 21.25 -4.10 2.85
C ILE B 220 19.89 -4.67 3.28
N PRO B 221 18.82 -3.84 3.24
CA PRO B 221 17.55 -4.29 3.79
C PRO B 221 16.99 -5.47 3.00
N ALA B 222 16.19 -6.30 3.69
CA ALA B 222 15.50 -7.46 3.12
C ALA B 222 14.73 -7.01 1.87
N GLY B 223 14.89 -7.74 0.75
CA GLY B 223 14.22 -7.39 -0.49
C GLY B 223 15.09 -6.65 -1.48
N VAL B 224 16.14 -6.01 -0.97
CA VAL B 224 16.84 -5.03 -1.79
C VAL B 224 17.91 -5.77 -2.54
N PHE B 225 18.42 -6.88 -1.99
CA PHE B 225 19.42 -7.70 -2.76
C PHE B 225 19.10 -9.17 -2.62
N ASN B 226 18.76 -9.80 -3.74
CA ASN B 226 18.25 -11.17 -3.73
C ASN B 226 19.03 -11.98 -4.74
N VAL B 227 19.29 -13.25 -4.43
CA VAL B 227 19.95 -14.15 -5.36
C VAL B 227 19.05 -15.37 -5.57
N VAL B 228 18.78 -15.67 -6.83
CA VAL B 228 17.87 -16.73 -7.22
C VAL B 228 18.67 -17.69 -8.11
N PRO B 229 19.27 -18.74 -7.53
CA PRO B 229 20.06 -19.69 -8.33
C PRO B 229 19.17 -20.53 -9.21
N GLY B 230 19.80 -21.19 -10.19
CA GLY B 230 19.08 -21.98 -11.18
C GLY B 230 19.61 -21.73 -12.59
N ALA B 231 18.94 -22.31 -13.58
CA ALA B 231 19.49 -22.32 -14.94
C ALA B 231 18.78 -21.28 -15.80
N GLY B 232 18.56 -21.57 -17.08
CA GLY B 232 18.11 -20.53 -18.00
C GLY B 232 16.70 -20.02 -17.74
N GLU B 233 15.85 -20.85 -17.12
CA GLU B 233 14.44 -20.51 -16.99
C GLU B 233 14.23 -19.29 -16.07
N PRO B 234 14.79 -19.30 -14.83
CA PRO B 234 14.53 -18.09 -14.03
C PRO B 234 15.07 -16.79 -14.67
N GLY B 235 16.14 -16.90 -15.43
CA GLY B 235 16.72 -15.75 -16.15
C GLY B 235 15.81 -15.28 -17.24
N LYS B 236 15.25 -16.23 -17.99
CA LYS B 236 14.22 -15.90 -18.98
C LYS B 236 12.99 -15.29 -18.30
N LEU B 237 12.57 -15.86 -17.16
CA LEU B 237 11.41 -15.32 -16.43
C LEU B 237 11.66 -13.91 -15.93
N LEU B 238 12.88 -13.62 -15.49
CA LEU B 238 13.19 -12.24 -15.07
C LEU B 238 13.14 -11.30 -16.26
N ALA B 239 13.67 -11.72 -17.39
CA ALA B 239 13.61 -10.92 -18.62
C ALA B 239 12.17 -10.64 -19.11
N LEU B 240 11.27 -11.57 -18.85
CA LEU B 240 9.86 -11.44 -19.25
C LEU B 240 8.98 -10.80 -18.21
N HIS B 241 9.50 -10.56 -17.01
CA HIS B 241 8.68 -10.24 -15.86
C HIS B 241 8.02 -8.89 -15.95
N ARG B 242 6.73 -8.83 -15.56
CA ARG B 242 5.92 -7.60 -15.67
C ARG B 242 6.34 -6.48 -14.73
N ASP B 243 7.04 -6.83 -13.68
CA ASP B 243 7.38 -5.88 -12.65
C ASP B 243 8.89 -5.68 -12.47
N VAL B 244 9.67 -6.09 -13.45
CA VAL B 244 11.10 -5.78 -13.50
C VAL B 244 11.30 -4.62 -14.44
N ASP B 245 12.12 -3.64 -14.03
CA ASP B 245 12.27 -2.41 -14.81
C ASP B 245 13.46 -2.41 -15.76
N CYS B 246 14.39 -3.30 -15.52
CA CYS B 246 15.67 -3.26 -16.18
C CYS B 246 16.27 -4.62 -16.01
N ILE B 247 16.89 -5.08 -17.08
CA ILE B 247 17.63 -6.33 -17.00
C ILE B 247 19.04 -6.08 -17.55
N ALA B 248 20.05 -6.50 -16.79
CA ALA B 248 21.42 -6.37 -17.22
C ALA B 248 21.94 -7.77 -17.40
N PHE B 249 22.55 -8.04 -18.54
CA PHE B 249 22.94 -9.41 -18.87
C PHE B 249 24.38 -9.41 -19.38
N THR B 250 25.14 -10.41 -18.94
CA THR B 250 26.42 -10.65 -19.43
C THR B 250 26.44 -12.11 -19.82
N GLY B 251 26.79 -12.37 -21.08
CA GLY B 251 26.93 -13.75 -21.56
C GLY B 251 27.20 -13.77 -23.05
N SER B 252 26.66 -14.77 -23.72
CA SER B 252 26.98 -14.97 -25.11
C SER B 252 26.09 -14.07 -25.92
N THR B 253 26.58 -13.68 -27.09
CA THR B 253 25.81 -12.86 -28.01
C THR B 253 24.48 -13.52 -28.38
N ALA B 254 24.51 -14.83 -28.61
CA ALA B 254 23.30 -15.55 -29.02
C ALA B 254 22.21 -15.48 -27.97
N VAL B 255 22.59 -15.58 -26.70
CA VAL B 255 21.57 -15.57 -25.67
C VAL B 255 21.17 -14.11 -25.47
N GLY B 256 22.11 -13.19 -25.60
CA GLY B 256 21.77 -11.76 -25.54
C GLY B 256 20.62 -11.32 -26.40
N LYS B 257 20.59 -11.82 -27.62
CA LYS B 257 19.52 -11.51 -28.55
C LYS B 257 18.15 -11.92 -28.02
N LEU B 258 18.08 -13.05 -27.32
CA LEU B 258 16.81 -13.49 -26.74
C LEU B 258 16.36 -12.56 -25.63
N ILE B 259 17.33 -12.20 -24.77
CA ILE B 259 17.08 -11.29 -23.66
C ILE B 259 16.43 -10.00 -24.16
N MET B 260 16.97 -9.43 -25.23
N MET B 260 16.99 -9.44 -25.23
CA MET B 260 16.41 -8.19 -25.80
CA MET B 260 16.47 -8.23 -25.85
C MET B 260 14.98 -8.42 -26.31
C MET B 260 15.01 -8.43 -26.31
N GLN B 261 14.72 -9.57 -26.92
CA GLN B 261 13.36 -9.88 -27.36
C GLN B 261 12.42 -10.09 -26.18
N TYR B 262 12.87 -10.76 -25.13
CA TYR B 262 12.03 -10.94 -23.94
C TYR B 262 11.64 -9.60 -23.32
N ALA B 263 12.63 -8.74 -23.09
CA ALA B 263 12.35 -7.37 -22.63
C ALA B 263 11.30 -6.65 -23.49
N ALA B 264 11.50 -6.66 -24.80
CA ALA B 264 10.61 -5.93 -25.71
C ALA B 264 9.18 -6.47 -25.69
N GLN B 265 9.07 -7.80 -25.79
CA GLN B 265 7.76 -8.49 -25.84
C GLN B 265 6.90 -8.27 -24.60
N SER B 266 7.56 -8.19 -23.44
CA SER B 266 6.88 -8.08 -22.15
C SER B 266 6.50 -6.65 -21.76
N ASN B 267 7.36 -5.89 -21.09
CA ASN B 267 7.01 -4.53 -20.64
C ASN B 267 7.98 -3.42 -21.07
N LEU B 268 8.79 -3.71 -22.09
CA LEU B 268 9.76 -2.72 -22.58
C LEU B 268 10.82 -2.33 -21.50
N LYS B 269 11.06 -3.25 -20.55
CA LYS B 269 12.07 -3.02 -19.54
C LYS B 269 13.36 -2.62 -20.28
N ARG B 270 14.22 -1.86 -19.64
CA ARG B 270 15.55 -1.51 -20.21
C ARG B 270 16.39 -2.76 -20.28
N ALA B 271 17.12 -2.98 -21.37
CA ALA B 271 17.93 -4.15 -21.50
C ALA B 271 19.35 -3.76 -21.89
N TRP B 272 20.31 -4.27 -21.13
CA TRP B 272 21.71 -3.89 -21.27
C TRP B 272 22.56 -5.10 -21.26
N LEU B 273 23.32 -5.28 -22.34
CA LEU B 273 24.02 -6.55 -22.56
C LEU B 273 25.52 -6.36 -22.67
N GLU B 274 26.26 -7.35 -22.17
CA GLU B 274 27.66 -7.43 -22.36
C GLU B 274 27.86 -8.84 -22.92
N LEU B 275 28.49 -8.92 -24.10
CA LEU B 275 28.37 -10.10 -24.92
C LEU B 275 29.76 -10.60 -25.28
N GLY B 276 29.88 -11.42 -26.31
CA GLY B 276 31.17 -12.02 -26.62
C GLY B 276 32.06 -11.11 -27.39
N GLY B 277 33.20 -11.66 -27.76
CA GLY B 277 34.16 -10.95 -28.56
C GLY B 277 35.07 -11.89 -29.32
N LYS B 278 35.81 -11.27 -30.25
CA LYS B 278 36.95 -11.90 -30.89
C LYS B 278 38.01 -10.81 -31.05
N SER B 279 38.57 -10.39 -29.92
CA SER B 279 39.32 -9.16 -29.87
C SER B 279 40.73 -9.33 -30.48
N PRO B 280 41.15 -8.39 -31.34
CA PRO B 280 42.45 -8.40 -32.03
C PRO B 280 43.55 -7.67 -31.25
N ASN B 281 44.71 -8.30 -31.17
CA ASN B 281 45.84 -7.79 -30.40
C ASN B 281 46.97 -7.64 -31.41
N ILE B 282 47.29 -6.41 -31.76
CA ILE B 282 48.11 -6.06 -32.93
C ILE B 282 49.53 -5.70 -32.49
N VAL B 283 50.55 -6.41 -33.04
CA VAL B 283 51.93 -6.20 -32.59
C VAL B 283 52.74 -5.75 -33.80
N LEU B 284 53.29 -4.55 -33.69
CA LEU B 284 54.03 -3.96 -34.81
C LEU B 284 55.51 -4.03 -34.53
N PRO B 285 56.32 -3.92 -35.60
CA PRO B 285 57.79 -4.02 -35.49
C PRO B 285 58.44 -3.08 -34.49
N ASP B 286 57.86 -1.91 -34.29
CA ASP B 286 58.41 -0.94 -33.35
C ASP B 286 57.76 -1.04 -31.94
N CYS B 287 57.07 -2.13 -31.69
CA CYS B 287 56.62 -2.47 -30.32
C CYS B 287 57.78 -2.18 -29.32
N PRO B 288 57.48 -1.50 -28.20
CA PRO B 288 58.51 -1.04 -27.28
C PRO B 288 59.37 -2.16 -26.72
N ASP B 289 58.71 -3.27 -26.35
CA ASP B 289 59.32 -4.40 -25.65
C ASP B 289 58.62 -5.67 -26.15
N LEU B 290 59.25 -6.39 -27.07
CA LEU B 290 58.66 -7.58 -27.68
C LEU B 290 58.48 -8.71 -26.69
N ASP B 291 59.35 -8.77 -25.68
CA ASP B 291 59.27 -9.82 -24.69
C ASP B 291 58.05 -9.58 -23.76
N ARG B 292 57.79 -8.33 -23.34
CA ARG B 292 56.57 -8.02 -22.57
C ARG B 292 55.34 -8.31 -23.44
N ALA B 293 55.42 -7.87 -24.71
CA ALA B 293 54.32 -8.10 -25.66
C ALA B 293 54.00 -9.58 -25.80
N ALA B 294 55.02 -10.40 -25.96
CA ALA B 294 54.78 -11.82 -26.08
C ALA B 294 54.20 -12.42 -24.80
N GLN B 295 54.72 -12.02 -23.62
CA GLN B 295 54.24 -12.55 -22.35
C GLN B 295 52.79 -12.11 -22.15
N THR B 296 52.50 -10.87 -22.52
CA THR B 296 51.16 -10.32 -22.38
C THR B 296 50.22 -10.96 -23.38
N ALA B 297 50.72 -11.31 -24.57
CA ALA B 297 49.86 -11.92 -25.59
C ALA B 297 49.36 -13.29 -25.11
N ALA B 298 50.24 -14.02 -24.41
CA ALA B 298 49.89 -15.33 -23.87
C ALA B 298 48.86 -15.15 -22.75
N GLY B 299 49.14 -14.23 -21.83
CA GLY B 299 48.20 -13.91 -20.76
C GLY B 299 46.85 -13.51 -21.31
N ALA B 300 46.84 -12.81 -22.44
CA ALA B 300 45.60 -12.28 -23.03
C ALA B 300 44.65 -13.36 -23.52
N ILE B 301 45.16 -14.54 -23.80
CA ILE B 301 44.37 -15.66 -24.29
C ILE B 301 44.37 -16.88 -23.32
N PHE B 302 45.35 -17.00 -22.41
CA PHE B 302 45.39 -18.12 -21.48
C PHE B 302 44.96 -17.76 -20.07
N TYR B 303 44.92 -16.48 -19.72
CA TYR B 303 44.36 -16.12 -18.43
C TYR B 303 42.92 -16.57 -18.38
N ASN B 304 42.55 -17.11 -17.21
CA ASN B 304 41.22 -17.65 -16.94
C ASN B 304 40.78 -18.69 -17.97
N MET B 305 41.74 -19.51 -18.38
CA MET B 305 41.50 -20.59 -19.34
C MET B 305 40.93 -20.09 -20.66
N GLY B 306 41.23 -18.82 -20.98
CA GLY B 306 40.64 -18.13 -22.11
C GLY B 306 39.12 -17.96 -22.07
N GLU B 307 38.53 -18.21 -20.93
CA GLU B 307 37.09 -18.01 -20.71
C GLU B 307 36.95 -16.54 -20.34
N MET B 308 37.24 -15.69 -21.31
N MET B 308 37.26 -15.70 -21.33
CA MET B 308 37.12 -14.25 -21.10
CA MET B 308 37.31 -14.23 -21.20
C MET B 308 36.56 -13.66 -22.37
C MET B 308 36.57 -13.66 -22.40
N CYS B 309 35.48 -12.89 -22.21
CA CYS B 309 34.84 -12.25 -23.38
C CYS B 309 35.85 -11.37 -24.12
N THR B 310 36.79 -10.75 -23.38
CA THR B 310 37.73 -9.85 -23.98
C THR B 310 39.01 -10.53 -24.39
N ALA B 311 39.03 -11.86 -24.36
CA ALA B 311 40.21 -12.61 -24.68
C ALA B 311 40.84 -12.12 -25.98
N GLY B 312 42.17 -11.95 -25.95
CA GLY B 312 42.95 -11.49 -27.07
C GLY B 312 43.16 -12.66 -28.00
N SER B 313 42.06 -13.11 -28.61
CA SER B 313 42.00 -14.41 -29.26
C SER B 313 42.51 -14.40 -30.69
N ARG B 314 42.70 -13.18 -31.24
CA ARG B 314 43.37 -13.00 -32.55
C ARG B 314 44.62 -12.17 -32.33
N LEU B 315 45.80 -12.79 -32.53
CA LEU B 315 47.05 -12.10 -32.41
C LEU B 315 47.46 -11.73 -33.80
N LEU B 316 47.43 -10.44 -34.09
CA LEU B 316 47.81 -9.92 -35.41
C LEU B 316 49.27 -9.50 -35.30
N VAL B 317 50.13 -10.17 -36.07
CA VAL B 317 51.55 -9.88 -36.02
C VAL B 317 52.15 -9.55 -37.40
N HIS B 318 52.99 -8.52 -37.41
CA HIS B 318 53.60 -8.02 -38.66
C HIS B 318 54.59 -9.09 -39.13
N ARG B 319 54.65 -9.30 -40.43
CA ARG B 319 55.48 -10.37 -41.01
C ARG B 319 56.97 -10.32 -40.60
N ASP B 320 57.51 -9.12 -40.46
CA ASP B 320 58.92 -8.91 -40.14
C ASP B 320 59.35 -9.47 -38.76
N ILE B 321 58.43 -9.49 -37.80
CA ILE B 321 58.71 -10.02 -36.46
C ILE B 321 58.01 -11.35 -36.13
N LYS B 322 57.17 -11.84 -37.04
CA LYS B 322 56.31 -13.00 -36.74
C LYS B 322 57.05 -14.23 -36.22
N ASP B 323 58.14 -14.63 -36.84
CA ASP B 323 58.88 -15.84 -36.41
C ASP B 323 59.40 -15.70 -35.00
N ALA B 324 60.16 -14.65 -34.79
CA ALA B 324 60.77 -14.38 -33.48
C ALA B 324 59.67 -14.19 -32.44
N PHE B 325 58.59 -13.52 -32.81
CA PHE B 325 57.47 -13.34 -31.86
C PHE B 325 56.81 -14.66 -31.46
N ILE B 326 56.53 -15.52 -32.43
CA ILE B 326 55.94 -16.81 -32.13
C ILE B 326 56.84 -17.66 -31.19
N GLU B 327 58.15 -17.63 -31.39
CA GLU B 327 59.07 -18.33 -30.50
C GLU B 327 58.89 -17.88 -29.08
N LYS B 328 58.81 -16.56 -28.90
CA LYS B 328 58.65 -15.95 -27.60
C LYS B 328 57.31 -16.30 -26.96
N LEU B 329 56.27 -16.36 -27.77
CA LEU B 329 54.94 -16.71 -27.31
C LEU B 329 54.90 -18.16 -26.82
N VAL B 330 55.61 -19.04 -27.54
CA VAL B 330 55.63 -20.45 -27.16
C VAL B 330 56.31 -20.59 -25.79
N ALA B 331 57.44 -19.90 -25.61
CA ALA B 331 58.09 -19.83 -24.28
C ALA B 331 57.09 -19.34 -23.20
N ALA B 332 56.35 -18.28 -23.53
CA ALA B 332 55.36 -17.69 -22.59
C ALA B 332 54.22 -18.64 -22.27
N ALA B 333 53.85 -19.48 -23.23
CA ALA B 333 52.81 -20.49 -23.01
C ALA B 333 53.13 -21.49 -21.91
N ARG B 334 54.42 -21.74 -21.69
CA ARG B 334 54.85 -22.76 -20.73
C ARG B 334 54.36 -22.46 -19.31
N ALA B 335 54.15 -21.19 -18.99
CA ALA B 335 53.65 -20.85 -17.68
C ALA B 335 52.20 -21.30 -17.46
N TYR B 336 51.50 -21.71 -18.52
CA TYR B 336 50.06 -21.99 -18.48
C TYR B 336 49.71 -23.47 -18.57
N VAL B 337 50.61 -24.32 -18.04
CA VAL B 337 50.38 -25.76 -17.90
C VAL B 337 49.14 -25.95 -17.02
N PRO B 338 48.16 -26.75 -17.51
CA PRO B 338 46.98 -26.98 -16.71
C PRO B 338 47.32 -27.62 -15.38
N GLY B 339 46.63 -27.23 -14.32
CA GLY B 339 46.85 -27.85 -13.03
C GLY B 339 45.68 -27.69 -12.11
N ASN B 340 45.81 -28.23 -10.91
CA ASN B 340 44.80 -28.07 -9.88
C ASN B 340 44.71 -26.60 -9.47
N PRO B 341 43.55 -25.97 -9.71
CA PRO B 341 43.48 -24.55 -9.36
C PRO B 341 43.52 -24.25 -7.84
N LEU B 342 43.48 -25.27 -7.00
CA LEU B 342 43.71 -25.07 -5.57
C LEU B 342 45.20 -24.91 -5.25
N ASP B 343 46.06 -25.25 -6.22
CA ASP B 343 47.50 -24.97 -6.13
C ASP B 343 47.83 -23.51 -6.47
N PRO B 344 48.37 -22.74 -5.49
CA PRO B 344 48.68 -21.34 -5.73
C PRO B 344 49.76 -21.03 -6.76
N SER B 345 50.46 -22.04 -7.27
CA SER B 345 51.44 -21.86 -8.34
C SER B 345 50.82 -22.03 -9.74
N VAL B 346 49.60 -22.54 -9.79
CA VAL B 346 48.91 -22.77 -11.07
C VAL B 346 48.32 -21.48 -11.68
N SER B 347 48.55 -21.33 -12.97
CA SER B 347 48.04 -20.21 -13.76
C SER B 347 46.93 -20.62 -14.71
N MET B 348 46.85 -21.90 -15.05
CA MET B 348 45.85 -22.43 -15.98
C MET B 348 45.04 -23.47 -15.20
N GLY B 349 43.80 -23.14 -14.85
CA GLY B 349 42.90 -24.06 -14.16
C GLY B 349 41.97 -24.90 -15.05
N ALA B 350 40.79 -25.23 -14.53
CA ALA B 350 39.88 -26.15 -15.22
C ALA B 350 38.87 -25.40 -16.07
N ILE B 351 38.55 -25.98 -17.22
CA ILE B 351 37.39 -25.62 -18.01
C ILE B 351 36.16 -25.99 -17.21
N VAL B 352 35.14 -25.17 -17.35
CA VAL B 352 33.98 -25.25 -16.46
C VAL B 352 33.18 -26.58 -16.39
N ASP B 353 32.96 -27.24 -17.51
CA ASP B 353 32.30 -28.56 -17.52
C ASP B 353 32.65 -29.25 -18.83
N GLY B 354 32.14 -30.47 -19.04
CA GLY B 354 32.58 -31.30 -20.19
C GLY B 354 31.99 -30.86 -21.51
N ILE B 355 30.79 -30.28 -21.46
CA ILE B 355 30.16 -29.75 -22.70
C ILE B 355 30.98 -28.56 -23.24
N GLN B 356 31.36 -27.69 -22.33
CA GLN B 356 32.20 -26.57 -22.68
C GLN B 356 33.56 -27.06 -23.15
N LEU B 357 34.14 -28.03 -22.43
CA LEU B 357 35.42 -28.61 -22.89
C LEU B 357 35.32 -29.19 -24.30
N GLU B 358 34.25 -29.91 -24.59
CA GLU B 358 34.08 -30.51 -25.93
C GLU B 358 33.89 -29.49 -27.06
N ARG B 359 33.23 -28.37 -26.75
CA ARG B 359 33.15 -27.22 -27.66
C ARG B 359 34.54 -26.70 -28.04
N VAL B 360 35.41 -26.54 -27.03
CA VAL B 360 36.77 -26.05 -27.22
C VAL B 360 37.56 -27.08 -28.08
N LEU B 361 37.42 -28.36 -27.73
CA LEU B 361 38.12 -29.42 -28.45
C LEU B 361 37.61 -29.52 -29.90
N GLY B 362 36.33 -29.22 -30.14
CA GLY B 362 35.82 -29.16 -31.52
C GLY B 362 36.47 -28.03 -32.33
N TYR B 363 36.65 -26.88 -31.67
CA TYR B 363 37.38 -25.78 -32.33
C TYR B 363 38.86 -26.09 -32.52
N ILE B 364 39.49 -26.78 -31.58
CA ILE B 364 40.89 -27.21 -31.76
C ILE B 364 40.98 -28.12 -32.99
N GLU B 365 40.00 -29.01 -33.13
CA GLU B 365 39.98 -29.94 -34.25
C GLU B 365 39.75 -29.20 -35.56
N ALA B 366 38.88 -28.20 -35.55
CA ALA B 366 38.70 -27.33 -36.71
C ALA B 366 40.04 -26.69 -37.08
N GLY B 367 40.74 -26.12 -36.09
CA GLY B 367 42.01 -25.46 -36.34
C GLY B 367 43.10 -26.39 -36.92
N ARG B 368 43.12 -27.62 -36.44
CA ARG B 368 44.07 -28.60 -36.99
C ARG B 368 43.87 -28.73 -38.49
N GLY B 369 42.62 -28.60 -38.94
CA GLY B 369 42.28 -28.80 -40.32
C GLY B 369 42.53 -27.60 -41.23
N GLU B 370 42.49 -26.39 -40.70
CA GLU B 370 42.55 -25.17 -41.52
C GLU B 370 43.81 -24.34 -41.30
N GLY B 371 44.62 -24.71 -40.31
CA GLY B 371 45.85 -23.96 -40.00
C GLY B 371 47.02 -24.78 -39.49
N ARG B 372 47.97 -24.12 -38.83
CA ARG B 372 49.19 -24.78 -38.37
C ARG B 372 49.24 -24.82 -36.86
N LEU B 373 49.22 -26.01 -36.27
CA LEU B 373 49.33 -26.10 -34.81
C LEU B 373 50.73 -25.75 -34.40
N VAL B 374 50.85 -24.74 -33.52
CA VAL B 374 52.13 -24.23 -33.03
C VAL B 374 52.49 -24.90 -31.70
N THR B 375 51.55 -24.94 -30.76
CA THR B 375 51.77 -25.55 -29.46
C THR B 375 50.42 -25.92 -28.79
N GLY B 376 50.49 -26.95 -27.92
CA GLY B 376 49.34 -27.42 -27.16
C GLY B 376 48.35 -28.27 -27.96
N GLY B 377 47.07 -28.12 -27.62
CA GLY B 377 45.98 -28.69 -28.40
C GLY B 377 45.31 -29.91 -27.79
N ALA B 378 45.83 -30.42 -26.69
CA ALA B 378 45.32 -31.65 -26.11
C ALA B 378 44.50 -31.42 -24.87
N ARG B 379 43.47 -32.25 -24.70
CA ARG B 379 42.88 -32.44 -23.39
C ARG B 379 43.82 -33.25 -22.52
N VAL B 380 43.99 -32.84 -21.27
CA VAL B 380 44.87 -33.56 -20.32
C VAL B 380 44.20 -33.86 -18.99
N ASN B 381 44.80 -34.80 -18.27
CA ASN B 381 44.38 -35.16 -16.91
C ASN B 381 42.90 -35.57 -16.76
N ALA B 382 42.38 -36.27 -17.75
CA ALA B 382 40.99 -36.73 -17.70
C ALA B 382 40.70 -37.65 -16.51
N GLU B 383 41.72 -38.41 -16.09
CA GLU B 383 41.62 -39.34 -14.95
C GLU B 383 41.19 -38.68 -13.64
N THR B 384 41.34 -37.36 -13.55
CA THR B 384 41.00 -36.60 -12.32
C THR B 384 39.50 -36.40 -12.16
N GLY B 385 38.75 -36.62 -13.22
CA GLY B 385 37.35 -36.28 -13.22
C GLY B 385 37.14 -34.82 -13.63
N GLY B 386 38.25 -34.07 -13.78
CA GLY B 386 38.21 -32.66 -14.17
C GLY B 386 38.45 -32.40 -15.63
N PHE B 387 38.21 -31.15 -16.03
CA PHE B 387 38.21 -30.71 -17.41
C PHE B 387 39.38 -29.75 -17.66
N TYR B 388 40.40 -30.25 -18.36
CA TYR B 388 41.64 -29.50 -18.60
C TYR B 388 42.09 -29.62 -20.05
N VAL B 389 42.50 -28.48 -20.59
CA VAL B 389 43.00 -28.41 -21.98
C VAL B 389 44.27 -27.54 -21.99
N GLU B 390 45.27 -27.97 -22.76
CA GLU B 390 46.50 -27.26 -22.91
C GLU B 390 46.34 -25.85 -23.51
N PRO B 391 47.26 -24.93 -23.16
CA PRO B 391 47.27 -23.65 -23.87
C PRO B 391 47.65 -23.88 -25.32
N THR B 392 46.81 -23.44 -26.23
CA THR B 392 46.87 -23.84 -27.64
C THR B 392 47.05 -22.65 -28.61
N VAL B 393 48.02 -22.76 -29.51
CA VAL B 393 48.31 -21.73 -30.51
C VAL B 393 48.31 -22.32 -31.92
N PHE B 394 47.55 -21.69 -32.81
CA PHE B 394 47.52 -21.97 -34.23
C PHE B 394 47.92 -20.73 -35.01
N GLU B 395 48.62 -20.95 -36.11
CA GLU B 395 48.75 -19.93 -37.15
C GLU B 395 47.63 -20.18 -38.16
N VAL B 396 46.87 -19.12 -38.50
CA VAL B 396 45.75 -19.23 -39.42
C VAL B 396 45.61 -17.98 -40.26
N LYS B 397 44.87 -18.11 -41.37
CA LYS B 397 44.46 -16.96 -42.17
C LYS B 397 43.26 -16.33 -41.49
N PRO B 398 42.96 -15.06 -41.81
CA PRO B 398 41.86 -14.39 -41.09
C PRO B 398 40.45 -14.93 -41.37
N ASP B 399 40.29 -15.71 -42.44
CA ASP B 399 38.96 -16.27 -42.76
C ASP B 399 38.72 -17.61 -42.10
N ALA B 400 39.70 -18.10 -41.34
CA ALA B 400 39.55 -19.39 -40.67
C ALA B 400 38.42 -19.40 -39.63
N LYS B 401 37.75 -20.54 -39.48
CA LYS B 401 36.65 -20.66 -38.50
C LYS B 401 37.12 -20.29 -37.09
N ILE B 402 38.28 -20.78 -36.69
CA ILE B 402 38.77 -20.44 -35.37
C ILE B 402 39.15 -18.96 -35.24
N ALA B 403 39.45 -18.31 -36.36
CA ALA B 403 39.73 -16.87 -36.35
C ALA B 403 38.49 -16.01 -36.32
N ARG B 404 37.36 -16.57 -36.73
CA ARG B 404 36.09 -15.86 -36.84
C ARG B 404 35.24 -16.04 -35.60
N GLU B 405 35.19 -17.28 -35.08
CA GLU B 405 34.19 -17.61 -34.08
C GLU B 405 34.81 -17.58 -32.68
N GLU B 406 34.04 -17.08 -31.72
CA GLU B 406 34.46 -17.07 -30.31
C GLU B 406 34.51 -18.50 -29.77
N ILE B 407 35.69 -18.91 -29.29
CA ILE B 407 35.92 -20.25 -28.77
C ILE B 407 35.60 -20.37 -27.27
N PHE B 408 35.97 -19.33 -26.53
CA PHE B 408 35.82 -19.27 -25.05
C PHE B 408 36.65 -20.37 -24.35
N GLY B 409 37.83 -20.63 -24.92
CA GLY B 409 38.88 -21.42 -24.33
C GLY B 409 40.26 -20.89 -24.72
N PRO B 410 41.32 -21.61 -24.31
CA PRO B 410 42.68 -21.08 -24.39
C PRO B 410 43.33 -21.42 -25.75
N VAL B 411 42.64 -20.95 -26.80
CA VAL B 411 43.00 -21.21 -28.21
C VAL B 411 43.27 -19.90 -28.98
N LEU B 412 44.53 -19.67 -29.35
CA LEU B 412 44.93 -18.45 -30.02
C LEU B 412 45.04 -18.63 -31.52
N SER B 413 44.53 -17.64 -32.24
CA SER B 413 44.70 -17.51 -33.66
C SER B 413 45.76 -16.44 -33.95
N VAL B 414 46.90 -16.88 -34.50
CA VAL B 414 47.95 -15.98 -34.96
C VAL B 414 47.79 -15.75 -36.45
N ILE B 415 47.63 -14.46 -36.78
CA ILE B 415 47.37 -13.94 -38.14
C ILE B 415 48.47 -12.93 -38.52
N VAL B 416 49.12 -13.15 -39.68
CA VAL B 416 50.17 -12.28 -40.15
C VAL B 416 49.54 -11.15 -40.97
N PHE B 417 50.19 -9.99 -40.95
CA PHE B 417 49.87 -8.87 -41.86
C PHE B 417 51.13 -8.16 -42.36
N ASP B 418 50.98 -7.32 -43.37
CA ASP B 418 52.13 -6.66 -44.03
C ASP B 418 52.26 -5.17 -43.74
N ASP B 419 51.20 -4.51 -43.30
CA ASP B 419 51.27 -3.10 -42.95
C ASP B 419 50.13 -2.69 -42.02
N VAL B 420 50.29 -1.55 -41.35
CA VAL B 420 49.30 -1.12 -40.33
C VAL B 420 47.87 -1.08 -40.88
N ASP B 421 47.69 -0.54 -42.08
CA ASP B 421 46.34 -0.43 -42.66
C ASP B 421 45.65 -1.80 -42.79
N GLU B 422 46.43 -2.81 -43.17
CA GLU B 422 45.93 -4.17 -43.28
C GLU B 422 45.61 -4.71 -41.88
N ALA B 423 46.43 -4.39 -40.89
CA ALA B 423 46.17 -4.88 -39.56
C ALA B 423 44.82 -4.34 -39.09
N VAL B 424 44.56 -3.08 -39.40
CA VAL B 424 43.34 -2.40 -38.91
C VAL B 424 42.11 -2.95 -39.65
N ARG B 425 42.28 -3.21 -40.94
CA ARG B 425 41.17 -3.83 -41.68
C ARG B 425 40.82 -5.18 -41.08
N ILE B 426 41.83 -6.03 -40.85
CA ILE B 426 41.60 -7.37 -40.29
C ILE B 426 40.97 -7.25 -38.91
N ALA B 427 41.51 -6.37 -38.07
CA ALA B 427 41.02 -6.17 -36.73
C ALA B 427 39.53 -5.83 -36.72
N ASN B 428 39.11 -4.93 -37.60
CA ASN B 428 37.73 -4.45 -37.60
C ASN B 428 36.75 -5.32 -38.38
N ASP B 429 37.25 -6.30 -39.11
CA ASP B 429 36.38 -7.18 -39.93
C ASP B 429 35.85 -8.33 -39.09
N THR B 430 34.89 -7.98 -38.21
CA THR B 430 34.28 -8.90 -37.29
C THR B 430 32.98 -8.26 -36.86
N GLU B 431 32.00 -9.07 -36.48
CA GLU B 431 30.75 -8.54 -35.90
C GLU B 431 30.90 -8.23 -34.44
N TYR B 432 32.04 -8.59 -33.83
CA TYR B 432 32.35 -8.24 -32.45
C TYR B 432 33.02 -6.88 -32.36
N GLY B 433 33.16 -6.44 -31.14
CA GLY B 433 33.56 -5.09 -30.89
C GLY B 433 33.88 -4.82 -29.42
N LEU B 434 34.34 -5.82 -28.67
CA LEU B 434 34.45 -5.62 -27.23
C LEU B 434 35.77 -4.90 -26.85
N ALA B 435 36.87 -5.33 -27.48
CA ALA B 435 38.18 -4.77 -27.18
C ALA B 435 39.18 -5.00 -28.28
N ALA B 436 40.31 -4.32 -28.22
CA ALA B 436 41.39 -4.43 -29.19
C ALA B 436 42.64 -3.85 -28.52
N ALA B 437 43.80 -4.11 -29.12
CA ALA B 437 45.02 -3.57 -28.61
C ALA B 437 45.98 -3.35 -29.75
N VAL B 438 46.90 -2.42 -29.54
CA VAL B 438 48.04 -2.22 -30.48
C VAL B 438 49.32 -1.94 -29.72
N TRP B 439 50.44 -2.47 -30.22
CA TRP B 439 51.75 -2.31 -29.59
C TRP B 439 52.68 -1.56 -30.53
N THR B 440 53.11 -0.37 -30.13
CA THR B 440 53.92 0.50 -30.98
C THR B 440 54.54 1.54 -30.11
N SER B 441 55.78 1.93 -30.43
CA SER B 441 56.48 3.03 -29.75
C SER B 441 56.21 4.40 -30.37
N ASN B 442 55.61 4.41 -31.54
CA ASN B 442 55.39 5.65 -32.26
C ASN B 442 54.14 6.38 -31.72
N LEU B 443 54.31 7.64 -31.34
CA LEU B 443 53.21 8.52 -30.91
C LEU B 443 52.02 8.56 -31.87
N THR B 444 52.28 8.86 -33.14
CA THR B 444 51.18 9.01 -34.11
C THR B 444 50.52 7.65 -34.38
N THR B 445 51.33 6.61 -34.56
CA THR B 445 50.76 5.28 -34.72
C THR B 445 49.86 4.85 -33.55
N ALA B 446 50.32 5.03 -32.31
CA ALA B 446 49.53 4.64 -31.16
C ALA B 446 48.16 5.35 -31.19
N HIS B 447 48.16 6.69 -31.36
CA HIS B 447 46.91 7.43 -31.37
C HIS B 447 46.02 7.20 -32.60
N ASP B 448 46.64 7.10 -33.76
N ASP B 448 46.64 7.13 -33.79
CA ASP B 448 45.89 6.89 -35.00
CA ASP B 448 45.93 6.85 -35.05
C ASP B 448 45.21 5.52 -35.07
C ASP B 448 45.18 5.52 -35.00
N VAL B 449 45.93 4.47 -34.71
CA VAL B 449 45.38 3.15 -34.72
C VAL B 449 44.35 3.03 -33.63
N SER B 450 44.69 3.46 -32.42
CA SER B 450 43.72 3.34 -31.31
C SER B 450 42.39 4.02 -31.67
N ARG B 451 42.43 5.18 -32.33
CA ARG B 451 41.17 5.81 -32.82
C ARG B 451 40.41 4.97 -33.84
N ARG B 452 41.11 4.24 -34.68
CA ARG B 452 40.47 3.52 -35.78
C ARG B 452 39.87 2.16 -35.38
N LEU B 453 40.31 1.60 -34.28
CA LEU B 453 39.82 0.29 -33.82
C LEU B 453 38.40 0.43 -33.24
N ARG B 454 37.44 -0.29 -33.84
CA ARG B 454 36.02 -0.17 -33.48
C ARG B 454 35.67 -1.08 -32.29
N ALA B 455 36.06 -0.66 -31.09
CA ALA B 455 35.94 -1.56 -29.89
C ALA B 455 35.79 -0.71 -28.67
N GLY B 456 35.12 -1.22 -27.66
CA GLY B 456 34.83 -0.44 -26.44
C GLY B 456 36.04 -0.06 -25.57
N THR B 457 37.02 -0.93 -25.58
CA THR B 457 38.25 -0.72 -24.86
C THR B 457 39.41 -0.97 -25.82
N VAL B 458 40.33 -0.01 -25.96
CA VAL B 458 41.50 -0.22 -26.76
C VAL B 458 42.69 -0.04 -25.83
N TRP B 459 43.54 -1.07 -25.78
CA TRP B 459 44.77 -1.06 -25.02
C TRP B 459 45.98 -0.74 -25.91
N VAL B 460 46.85 0.19 -25.47
CA VAL B 460 48.08 0.47 -26.20
C VAL B 460 49.25 0.05 -25.34
N ASN B 461 50.12 -0.81 -25.91
CA ASN B 461 51.27 -1.35 -25.20
C ASN B 461 50.89 -2.04 -23.90
N CYS B 462 49.75 -2.71 -23.96
CA CYS B 462 49.20 -3.45 -22.84
C CYS B 462 47.98 -4.27 -23.31
N TYR B 463 47.44 -5.10 -22.42
CA TYR B 463 46.24 -5.90 -22.73
C TYR B 463 45.61 -6.32 -21.44
N ASP B 464 44.28 -6.12 -21.34
CA ASP B 464 43.58 -6.45 -20.11
C ASP B 464 44.35 -5.82 -18.91
N GLU B 465 44.68 -4.56 -19.07
CA GLU B 465 45.58 -3.88 -18.16
C GLU B 465 44.85 -3.41 -16.91
N GLY B 466 45.27 -3.92 -15.75
CA GLY B 466 44.67 -3.55 -14.47
C GLY B 466 43.17 -3.82 -14.43
N GLY B 467 42.48 -2.99 -13.64
CA GLY B 467 41.06 -3.16 -13.42
C GLY B 467 40.37 -1.89 -13.02
N ASP B 468 40.91 -0.77 -13.51
CA ASP B 468 40.50 0.51 -12.97
C ASP B 468 39.02 0.79 -13.28
N MET B 469 38.29 1.30 -12.29
CA MET B 469 36.85 1.53 -12.39
C MET B 469 36.47 2.76 -13.23
N ASN B 470 37.46 3.58 -13.60
CA ASN B 470 37.20 4.78 -14.38
C ASN B 470 36.99 4.51 -15.88
N PHE B 471 37.23 3.28 -16.33
CA PHE B 471 37.17 3.01 -17.77
C PHE B 471 35.87 2.29 -18.16
N PRO B 472 34.88 3.00 -18.79
CA PRO B 472 33.72 2.20 -19.21
C PRO B 472 34.14 1.03 -20.09
N PHE B 473 33.44 -0.10 -19.95
CA PHE B 473 33.76 -1.35 -20.56
C PHE B 473 32.47 -1.95 -21.19
N GLY B 474 32.52 -2.23 -22.49
CA GLY B 474 31.40 -2.83 -23.18
C GLY B 474 31.57 -2.79 -24.70
N GLY B 475 30.52 -3.20 -25.39
CA GLY B 475 30.62 -3.52 -26.79
C GLY B 475 30.35 -2.37 -27.75
N TYR B 476 31.06 -2.40 -28.88
CA TYR B 476 30.53 -1.91 -30.15
C TYR B 476 29.85 -3.11 -30.85
N LYS B 477 29.01 -2.81 -31.83
CA LYS B 477 28.40 -3.83 -32.73
C LYS B 477 27.71 -4.96 -31.95
N GLN B 478 28.07 -6.23 -32.16
CA GLN B 478 27.36 -7.34 -31.45
C GLN B 478 28.01 -7.85 -30.17
N SER B 479 28.90 -7.04 -29.58
CA SER B 479 29.50 -7.37 -28.28
C SER B 479 28.84 -6.71 -27.08
N GLY B 480 27.69 -6.10 -27.27
CA GLY B 480 26.93 -5.54 -26.19
C GLY B 480 26.59 -4.08 -26.36
N ASN B 481 25.65 -3.62 -25.55
CA ASN B 481 25.24 -2.21 -25.56
C ASN B 481 25.36 -1.68 -24.12
N GLY B 482 25.72 -0.42 -23.97
CA GLY B 482 25.99 0.12 -22.61
C GLY B 482 27.33 -0.32 -22.02
N ARG B 483 27.65 0.18 -20.83
CA ARG B 483 29.01 0.02 -20.32
C ARG B 483 28.93 -0.39 -18.86
N ASP B 484 29.79 -1.32 -18.46
CA ASP B 484 30.07 -1.58 -17.07
C ASP B 484 31.32 -0.80 -16.66
N LYS B 485 31.46 -0.64 -15.36
CA LYS B 485 32.48 0.20 -14.77
C LYS B 485 32.17 1.68 -15.09
N SER B 486 32.77 2.57 -14.29
CA SER B 486 32.72 4.03 -14.53
C SER B 486 31.39 4.62 -14.15
N LEU B 487 31.34 5.94 -14.09
CA LEU B 487 30.07 6.62 -13.75
C LEU B 487 29.02 6.30 -14.82
N HIS B 488 29.50 5.94 -16.01
CA HIS B 488 28.60 5.66 -17.12
C HIS B 488 27.78 4.42 -16.88
N ALA B 489 28.28 3.56 -16.00
CA ALA B 489 27.52 2.35 -15.65
C ALA B 489 26.18 2.66 -14.95
N LEU B 490 26.13 3.79 -14.22
CA LEU B 490 24.94 4.21 -13.44
C LEU B 490 23.75 4.52 -14.32
N GLU B 491 23.99 4.87 -15.59
CA GLU B 491 22.96 5.28 -16.55
C GLU B 491 22.03 4.15 -16.92
N LYS B 492 22.57 2.94 -16.82
CA LYS B 492 21.79 1.75 -17.11
C LYS B 492 20.76 1.52 -16.03
N TYR B 493 20.95 2.12 -14.85
CA TYR B 493 20.14 1.82 -13.65
C TYR B 493 19.36 3.04 -13.11
N THR B 494 19.28 4.09 -13.93
CA THR B 494 18.59 5.33 -13.56
C THR B 494 17.85 5.87 -14.76
N GLU B 495 16.93 6.79 -14.51
CA GLU B 495 16.21 7.54 -15.58
C GLU B 495 16.56 8.99 -15.39
N LEU B 496 16.70 9.72 -16.50
CA LEU B 496 16.75 11.18 -16.45
C LEU B 496 15.35 11.75 -16.33
N LYS B 497 15.29 12.83 -15.56
CA LYS B 497 14.11 13.61 -15.39
C LYS B 497 14.46 15.07 -15.58
N SER B 498 13.73 15.73 -16.50
CA SER B 498 13.80 17.19 -16.65
C SER B 498 12.65 17.83 -15.84
N THR B 499 12.97 18.66 -14.85
CA THR B 499 11.94 19.39 -14.09
C THR B 499 11.98 20.86 -14.51
N LEU B 500 10.86 21.37 -15.01
CA LEU B 500 10.75 22.73 -15.45
C LEU B 500 9.86 23.44 -14.47
N ILE B 501 10.47 24.20 -13.61
CA ILE B 501 9.68 24.97 -12.61
C ILE B 501 9.46 26.41 -13.07
N ARG B 502 8.22 26.75 -13.42
CA ARG B 502 7.87 28.09 -13.90
C ARG B 502 7.49 29.01 -12.73
N LEU B 503 8.24 30.10 -12.54
CA LEU B 503 8.10 30.98 -11.36
C LEU B 503 7.12 32.10 -11.60
N ARG B 504 6.98 32.47 -12.88
CA ARG B 504 6.13 33.59 -13.31
CA ARG B 504 6.05 33.51 -13.29
C ARG B 504 5.73 33.35 -14.76
N LEU C 12 43.47 41.45 -51.59
CA LEU C 12 43.99 42.86 -51.65
C LEU C 12 45.52 42.94 -51.72
N THR C 13 46.01 43.93 -52.47
CA THR C 13 47.44 44.16 -52.70
C THR C 13 47.98 45.25 -51.78
N LEU C 14 49.30 45.46 -51.81
CA LEU C 14 49.92 46.57 -51.10
C LEU C 14 49.24 47.88 -51.45
N ALA C 15 48.98 48.10 -52.74
CA ALA C 15 48.40 49.36 -53.18
C ALA C 15 47.00 49.58 -52.59
N ASP C 16 46.19 48.52 -52.57
CA ASP C 16 44.81 48.57 -52.06
C ASP C 16 44.73 49.00 -50.60
N TRP C 17 45.63 48.44 -49.78
CA TRP C 17 45.70 48.79 -48.36
C TRP C 17 46.17 50.23 -48.19
N GLN C 18 47.17 50.58 -49.00
CA GLN C 18 47.60 51.98 -49.09
C GLN C 18 46.44 52.95 -49.40
N HIS C 19 45.58 52.61 -50.36
CA HIS C 19 44.42 53.49 -50.66
C HIS C 19 43.39 53.50 -49.54
N LYS C 20 43.10 52.34 -48.97
CA LYS C 20 42.15 52.27 -47.87
C LYS C 20 42.63 53.15 -46.71
N ALA C 21 43.91 53.02 -46.35
CA ALA C 21 44.46 53.79 -45.24
C ALA C 21 44.34 55.30 -45.50
N ALA C 22 44.71 55.75 -46.68
CA ALA C 22 44.57 57.19 -47.01
C ALA C 22 43.11 57.71 -46.86
N SER C 23 42.12 56.89 -47.20
CA SER C 23 40.69 57.29 -47.10
C SER C 23 40.08 57.02 -45.71
N LEU C 24 40.72 56.17 -44.91
CA LEU C 24 40.13 55.68 -43.67
C LEU C 24 39.82 56.83 -42.70
N GLU C 25 38.58 56.86 -42.18
CA GLU C 25 38.20 57.76 -41.09
C GLU C 25 38.37 57.03 -39.74
N ILE C 26 39.15 57.60 -38.82
CA ILE C 26 39.46 56.90 -37.56
C ILE C 26 38.78 57.58 -36.40
N GLU C 27 38.01 56.81 -35.63
CA GLU C 27 37.37 57.32 -34.44
C GLU C 27 38.34 57.30 -33.24
N GLY C 28 38.49 58.46 -32.59
CA GLY C 28 39.34 58.62 -31.45
C GLY C 28 38.67 58.81 -30.10
N ARG C 29 37.35 58.99 -30.07
CA ARG C 29 36.68 59.22 -28.81
C ARG C 29 36.59 57.97 -27.94
N ALA C 30 36.46 58.19 -26.64
CA ALA C 30 36.05 57.12 -25.73
C ALA C 30 34.64 56.60 -26.07
N PHE C 31 34.34 55.37 -25.71
CA PHE C 31 32.95 54.91 -25.80
C PHE C 31 32.41 54.52 -24.43
N ILE C 32 31.55 55.39 -23.93
CA ILE C 32 31.08 55.30 -22.61
C ILE C 32 29.55 55.48 -22.57
N ASP C 33 28.89 54.50 -21.99
CA ASP C 33 27.47 54.52 -21.73
C ASP C 33 26.69 54.74 -23.03
N GLY C 34 27.09 54.02 -24.09
CA GLY C 34 26.35 54.00 -25.35
C GLY C 34 26.57 55.26 -26.17
N ALA C 35 27.54 56.06 -25.79
CA ALA C 35 27.95 57.22 -26.58
C ALA C 35 29.47 57.35 -26.79
N SER C 36 29.85 57.90 -27.93
CA SER C 36 31.23 58.34 -28.15
C SER C 36 31.39 59.74 -27.52
N ARG C 37 32.36 59.87 -26.62
CA ARG C 37 32.50 61.08 -25.82
C ARG C 37 33.98 61.43 -25.75
N ASP C 38 34.30 62.72 -25.77
CA ASP C 38 35.65 63.19 -25.46
C ASP C 38 35.99 62.90 -24.00
N ALA C 39 37.29 62.80 -23.70
CA ALA C 39 37.73 62.74 -22.33
C ALA C 39 37.39 64.02 -21.56
N HIS C 40 37.26 63.91 -20.24
CA HIS C 40 37.33 65.07 -19.33
C HIS C 40 38.31 66.13 -19.82
N GLY C 41 37.84 67.37 -19.87
CA GLY C 41 38.68 68.47 -20.30
C GLY C 41 39.08 68.46 -21.75
N GLY C 42 38.52 67.55 -22.56
CA GLY C 42 38.93 67.43 -23.97
C GLY C 42 40.34 66.94 -24.19
N ARG C 43 40.95 66.34 -23.17
CA ARG C 43 42.37 65.96 -23.27
C ARG C 43 42.52 64.83 -24.28
N THR C 44 43.52 64.92 -25.16
CA THR C 44 43.88 63.81 -26.04
C THR C 44 45.34 63.41 -25.94
N PHE C 45 45.67 62.24 -26.51
CA PHE C 45 47.06 61.87 -26.81
C PHE C 45 47.12 61.49 -28.28
N ASP C 46 48.31 61.59 -28.86
CA ASP C 46 48.51 61.27 -30.26
C ASP C 46 48.77 59.78 -30.48
N CYS C 47 47.98 59.20 -31.37
CA CYS C 47 48.12 57.80 -31.71
C CYS C 47 49.04 57.72 -32.92
N VAL C 48 50.23 57.17 -32.74
CA VAL C 48 51.26 57.26 -33.78
C VAL C 48 51.54 55.88 -34.35
N SER C 49 51.52 55.74 -35.68
CA SER C 49 51.79 54.44 -36.30
C SER C 49 53.27 54.08 -36.27
N PRO C 50 53.62 52.84 -35.86
CA PRO C 50 55.03 52.40 -35.90
C PRO C 50 55.57 52.04 -37.26
N ILE C 51 54.72 52.07 -38.29
CA ILE C 51 55.14 51.76 -39.65
C ILE C 51 56.12 52.84 -40.17
N ASP C 52 55.73 54.09 -39.90
CA ASP C 52 56.43 55.28 -40.40
C ASP C 52 56.35 56.51 -39.50
N GLY C 53 55.84 56.36 -38.29
CA GLY C 53 55.71 57.50 -37.38
C GLY C 53 54.63 58.53 -37.69
N ARG C 54 53.74 58.28 -38.64
CA ARG C 54 52.60 59.17 -38.90
C ARG C 54 51.57 59.20 -37.75
N VAL C 55 51.09 60.39 -37.41
CA VAL C 55 49.99 60.53 -36.44
C VAL C 55 48.68 60.10 -37.09
N LEU C 56 48.07 59.01 -36.57
CA LEU C 56 46.81 58.49 -37.13
C LEU C 56 45.58 59.25 -36.64
N ALA C 57 45.64 59.74 -35.40
CA ALA C 57 44.48 60.36 -34.75
C ALA C 57 44.84 60.89 -33.40
N LYS C 58 44.02 61.81 -32.92
CA LYS C 58 44.07 62.23 -31.54
C LYS C 58 42.98 61.47 -30.79
N VAL C 59 43.39 60.79 -29.72
CA VAL C 59 42.54 59.82 -29.01
C VAL C 59 42.25 60.32 -27.59
N ALA C 60 41.01 60.17 -27.16
CA ALA C 60 40.59 60.54 -25.81
C ALA C 60 41.58 60.01 -24.75
N ASP C 61 42.11 60.91 -23.93
CA ASP C 61 43.10 60.56 -22.90
C ASP C 61 42.42 60.64 -21.54
N CYS C 62 41.82 59.53 -21.16
CA CYS C 62 40.89 59.46 -20.06
C CYS C 62 41.59 59.49 -18.68
N GLY C 63 40.93 60.15 -17.74
CA GLY C 63 41.35 60.20 -16.34
C GLY C 63 40.21 59.79 -15.42
N GLU C 64 40.31 60.19 -14.16
CA GLU C 64 39.38 59.77 -13.12
C GLU C 64 37.91 60.00 -13.49
N ALA C 65 37.56 61.20 -13.96
CA ALA C 65 36.13 61.48 -14.25
C ALA C 65 35.54 60.51 -15.29
N ASP C 66 36.35 60.17 -16.28
CA ASP C 66 35.90 59.26 -17.32
C ASP C 66 35.81 57.81 -16.80
N VAL C 67 36.82 57.38 -16.06
CA VAL C 67 36.80 56.04 -15.46
C VAL C 67 35.55 55.93 -14.60
N ASN C 68 35.29 56.97 -13.82
CA ASN C 68 34.14 56.94 -12.96
C ASN C 68 32.80 56.88 -13.71
N ALA C 69 32.70 57.60 -14.84
CA ALA C 69 31.47 57.65 -15.62
C ALA C 69 31.22 56.29 -16.27
N ALA C 70 32.29 55.63 -16.68
CA ALA C 70 32.21 54.29 -17.27
C ALA C 70 31.82 53.19 -16.26
N VAL C 71 32.44 53.24 -15.08
CA VAL C 71 32.14 52.29 -14.00
C VAL C 71 30.70 52.50 -13.47
N ALA C 72 30.31 53.77 -13.33
CA ALA C 72 28.92 54.05 -12.92
C ALA C 72 27.91 53.55 -13.95
N ALA C 73 28.18 53.79 -15.23
CA ALA C 73 27.32 53.33 -16.31
C ALA C 73 27.23 51.78 -16.36
N ALA C 74 28.36 51.14 -16.07
CA ALA C 74 28.42 49.66 -16.04
C ALA C 74 27.62 49.12 -14.86
N ARG C 75 27.77 49.77 -13.71
CA ARG C 75 27.03 49.40 -12.51
C ARG C 75 25.54 49.56 -12.75
N ARG C 76 25.12 50.74 -13.22
CA ARG C 76 23.69 50.98 -13.45
C ARG C 76 23.09 49.95 -14.39
N ALA C 77 23.74 49.70 -15.55
CA ALA C 77 23.28 48.70 -16.48
C ALA C 77 23.17 47.30 -15.85
N PHE C 78 24.14 46.93 -15.02
CA PHE C 78 24.15 45.61 -14.42
C PHE C 78 22.96 45.49 -13.47
N ASP C 79 22.81 46.49 -12.60
CA ASP C 79 21.64 46.53 -11.68
C ASP C 79 20.31 46.53 -12.39
N ALA C 80 20.22 47.18 -13.55
CA ALA C 80 18.93 47.24 -14.25
C ALA C 80 18.65 45.92 -14.97
N GLY C 81 19.67 45.07 -15.05
CA GLY C 81 19.55 43.78 -15.72
C GLY C 81 19.23 43.84 -17.20
N VAL C 82 19.63 44.94 -17.86
CA VAL C 82 19.39 45.10 -19.30
C VAL C 82 20.16 44.11 -20.16
N TRP C 83 21.25 43.57 -19.60
CA TRP C 83 22.08 42.55 -20.23
C TRP C 83 22.08 41.26 -19.39
N ALA C 84 22.32 41.33 -18.07
CA ALA C 84 22.35 40.11 -17.23
C ALA C 84 20.97 39.42 -17.09
N GLY C 85 19.90 40.19 -17.27
CA GLY C 85 18.57 39.66 -17.12
C GLY C 85 17.96 39.14 -18.40
N LEU C 86 18.69 39.24 -19.50
CA LEU C 86 18.27 38.60 -20.76
C LEU C 86 18.45 37.09 -20.68
N ASN C 87 17.66 36.36 -21.45
CA ASN C 87 17.79 34.93 -21.47
C ASN C 87 19.02 34.51 -22.19
N PRO C 88 19.52 33.31 -21.88
CA PRO C 88 20.77 32.89 -22.52
C PRO C 88 20.72 32.97 -24.03
N ARG C 89 19.66 32.46 -24.65
CA ARG C 89 19.54 32.52 -26.13
C ARG C 89 19.48 33.96 -26.68
N ALA C 90 18.90 34.88 -25.91
CA ALA C 90 18.83 36.29 -26.30
C ALA C 90 20.24 36.97 -26.25
N ARG C 91 21.02 36.72 -25.18
CA ARG C 91 22.41 37.22 -25.13
C ARG C 91 23.22 36.60 -26.23
N LYS C 92 23.04 35.30 -26.43
CA LYS C 92 23.74 34.64 -27.52
C LYS C 92 23.49 35.37 -28.87
N ALA C 93 22.24 35.76 -29.10
CA ALA C 93 21.86 36.35 -30.39
C ALA C 93 22.61 37.66 -30.59
N VAL C 94 22.64 38.47 -29.54
CA VAL C 94 23.30 39.78 -29.68
C VAL C 94 24.79 39.61 -29.90
N LEU C 95 25.42 38.70 -29.14
CA LEU C 95 26.85 38.49 -29.28
C LEU C 95 27.23 37.93 -30.63
N LEU C 96 26.43 36.99 -31.11
CA LEU C 96 26.62 36.52 -32.49
C LEU C 96 26.52 37.66 -33.53
N ARG C 97 25.54 38.56 -33.35
N ARG C 97 25.55 38.57 -33.36
CA ARG C 97 25.38 39.73 -34.26
CA ARG C 97 25.41 39.68 -34.30
C ARG C 97 26.63 40.60 -34.29
C ARG C 97 26.62 40.62 -34.30
N TRP C 98 27.16 40.86 -33.11
CA TRP C 98 28.37 41.66 -32.96
C TRP C 98 29.55 41.00 -33.68
N ALA C 99 29.78 39.71 -33.47
CA ALA C 99 30.86 38.97 -34.17
C ALA C 99 30.66 39.02 -35.68
N ALA C 100 29.39 38.91 -36.12
CA ALA C 100 29.11 39.02 -37.55
C ALA C 100 29.43 40.43 -38.08
N LEU C 101 29.16 41.46 -37.29
CA LEU C 101 29.56 42.83 -37.66
C LEU C 101 31.06 43.03 -37.69
N MET C 102 31.78 42.39 -36.78
CA MET C 102 33.24 42.41 -36.83
C MET C 102 33.78 41.84 -38.16
N ARG C 103 33.18 40.72 -38.55
CA ARG C 103 33.56 40.03 -39.79
C ARG C 103 33.17 40.84 -41.05
N GLU C 104 32.02 41.49 -41.00
CA GLU C 104 31.60 42.42 -42.05
C GLU C 104 32.62 43.55 -42.19
N HIS C 105 33.10 43.99 -41.03
CA HIS C 105 34.08 45.08 -40.95
C HIS C 105 35.53 44.58 -40.87
N LEU C 106 35.79 43.36 -41.30
CA LEU C 106 37.15 42.82 -41.12
C LEU C 106 38.28 43.67 -41.72
N ASP C 107 38.04 44.24 -42.91
CA ASP C 107 39.10 44.99 -43.60
C ASP C 107 39.45 46.22 -42.79
N GLU C 108 38.43 46.94 -42.34
CA GLU C 108 38.60 48.16 -41.55
C GLU C 108 39.34 47.84 -40.25
N LEU C 109 38.85 46.82 -39.54
CA LEU C 109 39.44 46.46 -38.25
C LEU C 109 40.86 45.95 -38.40
N SER C 110 41.13 45.17 -39.43
CA SER C 110 42.49 44.68 -39.69
C SER C 110 43.46 45.83 -39.97
N LEU C 111 43.00 46.79 -40.78
CA LEU C 111 43.80 47.94 -41.15
C LEU C 111 44.05 48.84 -39.95
N LEU C 112 43.02 49.09 -39.12
CA LEU C 112 43.26 49.79 -37.86
C LEU C 112 44.38 49.10 -37.05
N GLU C 113 44.30 47.78 -36.88
CA GLU C 113 45.26 47.05 -36.04
C GLU C 113 46.66 47.16 -36.61
N THR C 114 46.75 47.05 -37.91
CA THR C 114 48.06 47.10 -38.60
C THR C 114 48.67 48.51 -38.44
N LEU C 115 47.92 49.55 -38.80
CA LEU C 115 48.37 50.94 -38.60
C LEU C 115 48.76 51.32 -37.15
N ASP C 116 48.01 50.80 -36.19
CA ASP C 116 48.08 51.22 -34.77
C ASP C 116 49.28 50.56 -34.08
N ALA C 117 49.45 49.27 -34.36
CA ALA C 117 50.39 48.40 -33.68
C ALA C 117 51.44 47.79 -34.60
N GLY C 118 51.41 48.11 -35.90
CA GLY C 118 52.46 47.69 -36.85
C GLY C 118 52.49 46.20 -37.21
N LYS C 119 51.40 45.52 -37.00
CA LYS C 119 51.31 44.09 -37.19
C LYS C 119 51.02 43.83 -38.69
N PRO C 120 51.75 42.91 -39.34
CA PRO C 120 51.48 42.61 -40.75
C PRO C 120 50.01 42.42 -41.08
N ILE C 121 49.54 43.13 -42.13
CA ILE C 121 48.16 43.02 -42.61
C ILE C 121 47.76 41.58 -42.99
N GLY C 122 48.74 40.78 -43.40
CA GLY C 122 48.50 39.37 -43.67
C GLY C 122 48.16 38.58 -42.40
N ASP C 123 48.55 39.13 -41.24
CA ASP C 123 48.27 38.51 -39.93
C ASP C 123 46.96 39.05 -39.35
N THR C 124 46.79 40.36 -39.36
CA THR C 124 45.61 40.93 -38.71
C THR C 124 44.31 40.45 -39.38
N THR C 125 44.35 40.28 -40.70
CA THR C 125 43.19 39.79 -41.50
C THR C 125 42.89 38.31 -41.36
N THR C 126 43.88 37.49 -41.00
CA THR C 126 43.69 36.06 -40.90
C THR C 126 43.68 35.53 -39.45
N VAL C 127 44.43 36.20 -38.55
CA VAL C 127 44.60 35.77 -37.15
C VAL C 127 43.83 36.68 -36.18
N ASP C 128 44.19 37.95 -36.11
CA ASP C 128 43.68 38.81 -35.05
C ASP C 128 42.15 39.10 -35.09
N VAL C 129 41.67 39.62 -36.23
CA VAL C 129 40.25 39.95 -36.34
C VAL C 129 39.39 38.68 -36.39
N PRO C 130 39.80 37.66 -37.15
CA PRO C 130 38.97 36.44 -37.09
C PRO C 130 39.00 35.72 -35.72
N GLY C 131 40.08 35.87 -34.96
CA GLY C 131 40.22 35.24 -33.65
C GLY C 131 39.33 35.96 -32.66
N ALA C 132 39.22 37.25 -32.85
CA ALA C 132 38.38 38.09 -32.00
C ALA C 132 36.95 37.67 -32.14
N ALA C 133 36.51 37.57 -33.40
CA ALA C 133 35.15 37.18 -33.75
C ALA C 133 34.84 35.75 -33.27
N TYR C 134 35.74 34.82 -33.58
CA TYR C 134 35.61 33.42 -33.13
C TYR C 134 35.46 33.28 -31.58
N CYS C 135 36.25 34.04 -30.82
CA CYS C 135 36.17 34.02 -29.38
C CYS C 135 34.78 34.49 -28.91
N VAL C 136 34.29 35.60 -29.50
CA VAL C 136 32.97 36.09 -29.19
C VAL C 136 31.90 35.06 -29.51
N GLU C 137 31.92 34.59 -30.77
CA GLU C 137 31.05 33.52 -31.20
C GLU C 137 31.03 32.30 -30.25
N TRP C 138 32.22 31.87 -29.83
CA TRP C 138 32.36 30.60 -29.14
C TRP C 138 31.73 30.72 -27.75
N PHE C 139 32.07 31.80 -27.05
CA PHE C 139 31.41 32.08 -25.78
C PHE C 139 29.91 32.29 -25.90
N ALA C 140 29.43 32.97 -26.96
CA ALA C 140 27.97 33.12 -27.14
C ALA C 140 27.25 31.78 -27.36
N GLU C 141 27.87 30.90 -28.16
CA GLU C 141 27.36 29.56 -28.47
C GLU C 141 27.41 28.65 -27.23
N ALA C 142 28.27 29.01 -26.25
CA ALA C 142 28.42 28.23 -25.05
C ALA C 142 27.41 28.53 -23.97
N ILE C 143 26.79 29.71 -24.03
CA ILE C 143 26.04 30.25 -22.88
C ILE C 143 24.82 29.40 -22.59
N ASP C 144 24.24 28.74 -23.60
CA ASP C 144 23.03 27.96 -23.42
C ASP C 144 23.27 26.44 -23.55
N LYS C 145 24.52 26.02 -23.30
CA LYS C 145 24.92 24.62 -23.34
C LYS C 145 25.37 24.08 -22.00
N VAL C 146 25.86 24.93 -21.13
CA VAL C 146 26.41 24.41 -19.89
C VAL C 146 25.79 25.16 -18.74
N GLY C 147 25.57 24.45 -17.65
CA GLY C 147 24.87 25.04 -16.52
C GLY C 147 25.49 24.61 -15.21
N GLY C 148 24.67 24.66 -14.17
CA GLY C 148 25.12 24.36 -12.80
C GLY C 148 24.78 22.95 -12.39
N GLU C 149 24.63 22.73 -11.08
CA GLU C 149 24.67 21.41 -10.49
C GLU C 149 23.50 21.23 -9.53
N VAL C 150 22.94 20.02 -9.52
CA VAL C 150 22.05 19.57 -8.47
C VAL C 150 22.89 18.59 -7.67
N ALA C 151 23.25 19.04 -6.47
CA ALA C 151 24.14 18.30 -5.62
C ALA C 151 23.49 17.01 -5.10
N PRO C 152 24.28 15.95 -4.91
CA PRO C 152 23.79 14.71 -4.30
C PRO C 152 23.72 14.86 -2.82
N ALA C 153 22.82 15.72 -2.40
CA ALA C 153 22.61 16.02 -0.99
C ALA C 153 21.58 15.13 -0.32
N ASP C 154 21.48 15.31 0.98
CA ASP C 154 20.45 14.62 1.77
C ASP C 154 19.08 14.97 1.20
N HIS C 155 18.14 14.05 1.33
CA HIS C 155 16.88 14.14 0.58
C HIS C 155 15.92 15.24 1.06
N HIS C 156 16.13 15.72 2.29
CA HIS C 156 15.27 16.82 2.82
C HIS C 156 15.66 18.18 2.26
N LEU C 157 16.73 18.19 1.47
CA LEU C 157 17.24 19.38 0.82
C LEU C 157 17.16 19.24 -0.70
N VAL C 158 16.95 20.37 -1.36
CA VAL C 158 17.23 20.48 -2.77
C VAL C 158 18.43 21.39 -2.77
N GLY C 159 19.55 20.84 -3.15
CA GLY C 159 20.77 21.58 -3.24
C GLY C 159 21.19 21.97 -4.65
N LEU C 160 21.31 23.26 -4.88
CA LEU C 160 21.70 23.80 -6.19
C LEU C 160 23.08 24.42 -6.08
N VAL C 161 23.87 24.32 -7.15
CA VAL C 161 25.16 25.01 -7.20
C VAL C 161 25.18 25.70 -8.52
N THR C 162 25.10 27.01 -8.49
CA THR C 162 25.05 27.82 -9.71
C THR C 162 26.17 28.84 -9.83
N ARG C 163 26.25 29.49 -10.99
CA ARG C 163 27.18 30.58 -11.23
C ARG C 163 26.40 31.83 -11.61
N GLU C 164 26.78 32.95 -11.01
CA GLU C 164 26.20 34.27 -11.34
C GLU C 164 27.29 35.25 -11.81
N PRO C 165 26.93 36.23 -12.68
CA PRO C 165 27.93 37.22 -13.05
C PRO C 165 28.40 38.04 -11.83
N VAL C 166 29.68 38.36 -11.82
CA VAL C 166 30.33 39.10 -10.71
C VAL C 166 29.86 40.55 -10.62
N GLY C 167 29.52 41.12 -11.77
CA GLY C 167 28.99 42.47 -11.84
C GLY C 167 29.68 43.33 -12.88
N VAL C 168 30.60 44.16 -12.41
CA VAL C 168 31.32 45.08 -13.28
C VAL C 168 32.76 44.62 -13.40
N VAL C 169 33.16 44.37 -14.64
CA VAL C 169 34.45 43.82 -14.94
C VAL C 169 35.31 44.83 -15.68
N ALA C 170 36.47 45.11 -15.13
CA ALA C 170 37.41 45.94 -15.78
C ALA C 170 38.39 45.05 -16.49
N ALA C 171 38.82 45.46 -17.69
CA ALA C 171 39.81 44.73 -18.51
C ALA C 171 40.91 45.65 -19.09
N VAL C 172 42.18 45.33 -18.81
CA VAL C 172 43.31 46.14 -19.20
C VAL C 172 44.15 45.23 -20.05
N VAL C 173 44.34 45.59 -21.31
CA VAL C 173 44.95 44.68 -22.26
C VAL C 173 46.06 45.36 -23.01
N PRO C 174 46.98 44.56 -23.55
CA PRO C 174 48.20 45.13 -23.97
C PRO C 174 48.12 45.47 -25.45
N TRP C 175 49.25 45.88 -26.01
CA TRP C 175 49.32 46.38 -27.40
C TRP C 175 49.84 45.39 -28.45
N ASN C 176 50.31 44.22 -28.04
CA ASN C 176 50.86 43.27 -29.02
C ASN C 176 49.79 42.52 -29.83
N PHE C 177 48.64 42.27 -29.19
CA PHE C 177 47.44 41.72 -29.84
C PHE C 177 46.24 42.47 -29.32
N PRO C 178 46.09 43.73 -29.72
CA PRO C 178 45.02 44.58 -29.21
C PRO C 178 43.60 44.00 -29.30
N ILE C 179 43.09 43.72 -30.50
CA ILE C 179 41.68 43.30 -30.62
C ILE C 179 41.49 41.88 -30.04
N LEU C 180 42.49 41.01 -30.23
CA LEU C 180 42.43 39.61 -29.88
C LEU C 180 42.44 39.40 -28.34
N MET C 181 43.38 40.04 -27.65
CA MET C 181 43.40 39.95 -26.20
C MET C 181 42.24 40.70 -25.54
N ALA C 182 41.82 41.86 -26.11
CA ALA C 182 40.55 42.50 -25.68
C ALA C 182 39.42 41.47 -25.71
N ALA C 183 39.26 40.79 -26.84
CA ALA C 183 38.19 39.81 -27.03
C ALA C 183 38.30 38.62 -26.08
N TRP C 184 39.53 38.18 -25.80
CA TRP C 184 39.74 37.08 -24.86
C TRP C 184 39.14 37.44 -23.49
N LYS C 185 39.11 38.74 -23.18
CA LYS C 185 38.50 39.20 -21.94
C LYS C 185 37.01 39.43 -22.12
N PHE C 186 36.63 40.28 -23.08
CA PHE C 186 35.23 40.71 -23.18
C PHE C 186 34.25 39.61 -23.71
N GLY C 187 34.76 38.67 -24.49
CA GLY C 187 33.94 37.57 -24.97
C GLY C 187 33.30 36.78 -23.83
N PRO C 188 34.13 36.16 -23.03
CA PRO C 188 33.56 35.46 -21.89
C PRO C 188 32.91 36.37 -20.85
N ALA C 189 33.51 37.53 -20.52
CA ALA C 189 32.91 38.39 -19.49
C ALA C 189 31.47 38.85 -19.82
N LEU C 190 31.26 39.29 -21.07
CA LEU C 190 29.93 39.71 -21.57
C LEU C 190 28.97 38.50 -21.74
N ALA C 191 29.50 37.35 -22.20
CA ALA C 191 28.66 36.16 -22.33
C ALA C 191 28.02 35.82 -21.00
N ALA C 192 28.79 35.97 -19.93
CA ALA C 192 28.28 35.61 -18.62
C ALA C 192 27.28 36.64 -18.02
N GLY C 193 27.13 37.79 -18.66
CA GLY C 193 26.14 38.79 -18.18
C GLY C 193 26.72 40.02 -17.53
N ASN C 194 28.04 40.05 -17.38
CA ASN C 194 28.69 41.23 -16.76
C ASN C 194 28.66 42.49 -17.59
N SER C 195 28.87 43.62 -16.93
CA SER C 195 29.18 44.87 -17.67
C SER C 195 30.72 44.94 -17.69
N VAL C 196 31.27 45.49 -18.77
CA VAL C 196 32.73 45.55 -18.98
C VAL C 196 33.19 46.97 -19.25
N VAL C 197 34.24 47.36 -18.54
CA VAL C 197 34.97 48.59 -18.85
C VAL C 197 36.35 48.14 -19.32
N LEU C 198 36.58 48.35 -20.60
CA LEU C 198 37.82 48.00 -21.25
C LEU C 198 38.74 49.21 -21.37
N LYS C 199 39.97 49.00 -20.89
CA LYS C 199 41.04 50.00 -20.96
C LYS C 199 42.17 49.48 -21.85
N PRO C 200 42.18 49.90 -23.13
CA PRO C 200 43.20 49.36 -24.01
C PRO C 200 44.49 50.15 -23.81
N SER C 201 45.56 49.65 -24.42
CA SER C 201 46.89 50.23 -24.23
C SER C 201 46.89 51.56 -24.96
N GLU C 202 47.55 52.53 -24.35
CA GLU C 202 47.73 53.79 -25.01
C GLU C 202 48.51 53.59 -26.33
N LYS C 203 49.22 52.45 -26.51
CA LYS C 203 49.95 52.17 -27.76
C LYS C 203 49.09 51.49 -28.85
N SER C 204 47.85 51.16 -28.50
CA SER C 204 46.92 50.46 -29.42
C SER C 204 45.46 50.66 -29.07
N PRO C 205 44.94 51.91 -29.11
CA PRO C 205 43.55 52.17 -28.73
C PRO C 205 42.47 51.86 -29.79
N LEU C 206 42.86 51.77 -31.06
CA LEU C 206 41.91 52.04 -32.16
C LEU C 206 40.86 50.95 -32.41
N THR C 207 41.27 49.68 -32.46
CA THR C 207 40.26 48.61 -32.65
C THR C 207 39.31 48.47 -31.45
N ALA C 208 39.83 48.69 -30.26
CA ALA C 208 38.97 48.66 -29.08
C ALA C 208 37.84 49.69 -29.20
N ILE C 209 38.21 50.90 -29.59
CA ILE C 209 37.20 51.92 -29.73
C ILE C 209 36.19 51.48 -30.80
N ARG C 210 36.68 51.04 -31.95
CA ARG C 210 35.77 50.75 -33.05
C ARG C 210 34.83 49.58 -32.64
N VAL C 211 35.36 48.53 -32.01
CA VAL C 211 34.48 47.41 -31.68
C VAL C 211 33.43 47.82 -30.69
N ALA C 212 33.72 48.79 -29.82
CA ALA C 212 32.70 49.30 -28.91
C ALA C 212 31.56 49.94 -29.68
N GLN C 213 31.85 50.72 -30.72
CA GLN C 213 30.78 51.28 -31.55
C GLN C 213 29.93 50.17 -32.19
N LEU C 214 30.60 49.16 -32.75
CA LEU C 214 29.92 48.05 -33.38
C LEU C 214 29.12 47.25 -32.34
N ALA C 215 29.61 47.13 -31.11
CA ALA C 215 28.87 46.44 -30.05
C ALA C 215 27.50 47.10 -29.87
N PHE C 216 27.50 48.41 -29.70
CA PHE C 216 26.28 49.19 -29.57
C PHE C 216 25.37 49.03 -30.79
N GLU C 217 25.96 49.05 -31.98
CA GLU C 217 25.25 48.81 -33.24
C GLU C 217 24.49 47.48 -33.23
N ALA C 218 25.16 46.45 -32.72
CA ALA C 218 24.65 45.10 -32.71
C ALA C 218 23.60 44.88 -31.64
N GLY C 219 23.48 45.83 -30.72
CA GLY C 219 22.46 45.75 -29.65
C GLY C 219 22.96 45.48 -28.25
N ILE C 220 24.26 45.64 -27.98
CA ILE C 220 24.75 45.53 -26.60
C ILE C 220 24.26 46.81 -25.89
N PRO C 221 23.53 46.71 -24.77
CA PRO C 221 22.93 47.92 -24.18
C PRO C 221 23.97 48.96 -23.71
N ALA C 222 23.56 50.22 -23.63
CA ALA C 222 24.42 51.28 -23.12
C ALA C 222 24.93 50.97 -21.71
N GLY C 223 26.23 51.17 -21.53
CA GLY C 223 26.91 50.93 -20.23
C GLY C 223 27.36 49.48 -20.00
N VAL C 224 26.88 48.56 -20.82
CA VAL C 224 27.36 47.16 -20.71
C VAL C 224 28.79 46.92 -21.28
N PHE C 225 29.17 47.66 -22.33
CA PHE C 225 30.51 47.58 -22.90
C PHE C 225 31.04 48.98 -23.19
N ASN C 226 32.01 49.41 -22.38
CA ASN C 226 32.60 50.74 -22.44
C ASN C 226 34.07 50.63 -22.74
N VAL C 227 34.60 51.59 -23.47
CA VAL C 227 36.03 51.64 -23.79
C VAL C 227 36.62 52.98 -23.34
N VAL C 228 37.63 52.92 -22.47
CA VAL C 228 38.25 54.11 -21.88
C VAL C 228 39.72 54.18 -22.31
N PRO C 229 40.00 54.80 -23.47
CA PRO C 229 41.40 54.97 -23.91
C PRO C 229 42.28 55.87 -23.01
N GLY C 230 43.59 55.69 -23.09
CA GLY C 230 44.58 56.44 -22.29
C GLY C 230 45.66 55.49 -21.75
N ALA C 231 46.53 56.01 -20.87
CA ALA C 231 47.75 55.28 -20.49
C ALA C 231 47.58 54.51 -19.20
N GLY C 232 48.57 54.61 -18.29
CA GLY C 232 48.56 53.76 -17.13
C GLY C 232 47.59 54.21 -16.06
N GLU C 233 47.37 55.51 -16.00
CA GLU C 233 46.58 56.05 -14.91
C GLU C 233 45.14 55.48 -14.87
N PRO C 234 44.41 55.52 -15.99
CA PRO C 234 43.06 54.95 -15.95
C PRO C 234 43.05 53.46 -15.58
N GLY C 235 44.04 52.70 -16.05
CA GLY C 235 44.14 51.29 -15.66
C GLY C 235 44.31 51.15 -14.16
N LYS C 236 45.20 51.98 -13.58
CA LYS C 236 45.41 51.99 -12.14
C LYS C 236 44.11 52.30 -11.43
N LEU C 237 43.42 53.35 -11.92
CA LEU C 237 42.15 53.78 -11.35
C LEU C 237 41.06 52.69 -11.38
N LEU C 238 41.06 51.90 -12.46
CA LEU C 238 40.14 50.77 -12.52
C LEU C 238 40.54 49.70 -11.51
N ALA C 239 41.84 49.39 -11.40
CA ALA C 239 42.30 48.39 -10.40
C ALA C 239 42.02 48.83 -8.95
N LEU C 240 41.97 50.14 -8.70
CA LEU C 240 41.72 50.68 -7.37
C LEU C 240 40.24 51.03 -7.18
N HIS C 241 39.40 50.83 -8.19
CA HIS C 241 38.06 51.39 -8.10
C HIS C 241 37.23 50.69 -7.01
N ARG C 242 36.43 51.48 -6.28
CA ARG C 242 35.64 50.97 -5.17
C ARG C 242 34.43 50.14 -5.64
N ASP C 243 34.01 50.37 -6.88
CA ASP C 243 32.84 49.71 -7.47
C ASP C 243 33.11 48.82 -8.70
N VAL C 244 34.34 48.38 -8.88
CA VAL C 244 34.66 47.38 -9.89
C VAL C 244 34.83 46.08 -9.12
N ASP C 245 34.29 44.99 -9.67
CA ASP C 245 34.21 43.73 -8.92
C ASP C 245 35.33 42.74 -9.26
N CYS C 246 35.95 42.96 -10.41
CA CYS C 246 36.95 42.08 -11.02
C CYS C 246 37.81 42.90 -11.99
N ILE C 247 39.10 42.65 -12.00
CA ILE C 247 39.96 43.20 -13.01
C ILE C 247 40.74 42.04 -13.63
N ALA C 248 40.68 41.95 -14.98
CA ALA C 248 41.46 41.02 -15.79
C ALA C 248 42.50 41.80 -16.58
N PHE C 249 43.76 41.43 -16.41
CA PHE C 249 44.85 42.21 -16.89
C PHE C 249 45.75 41.26 -17.69
N THR C 250 46.22 41.74 -18.84
CA THR C 250 47.28 41.06 -19.54
C THR C 250 48.37 42.04 -19.81
N GLY C 251 49.62 41.65 -19.55
CA GLY C 251 50.76 42.57 -19.63
C GLY C 251 52.00 41.98 -19.00
N SER C 252 52.92 42.85 -18.56
CA SER C 252 54.20 42.39 -18.01
C SER C 252 53.99 41.82 -16.60
N THR C 253 54.89 40.92 -16.19
CA THR C 253 54.79 40.37 -14.82
C THR C 253 54.89 41.49 -13.75
N ALA C 254 55.76 42.47 -13.97
CA ALA C 254 56.00 43.57 -13.00
C ALA C 254 54.76 44.45 -12.78
N VAL C 255 54.07 44.82 -13.87
CA VAL C 255 52.82 45.61 -13.75
C VAL C 255 51.69 44.74 -13.13
N GLY C 256 51.70 43.45 -13.43
CA GLY C 256 50.72 42.56 -12.83
C GLY C 256 50.80 42.54 -11.31
N LYS C 257 52.02 42.54 -10.77
CA LYS C 257 52.20 42.59 -9.32
C LYS C 257 51.55 43.82 -8.74
N LEU C 258 51.60 44.92 -9.47
CA LEU C 258 50.95 46.15 -9.02
C LEU C 258 49.44 46.03 -9.06
N ILE C 259 48.91 45.48 -10.15
CA ILE C 259 47.47 45.27 -10.32
C ILE C 259 46.91 44.50 -9.13
N MET C 260 47.60 43.43 -8.73
CA MET C 260 47.18 42.65 -7.56
C MET C 260 47.14 43.42 -6.26
N GLN C 261 48.18 44.24 -6.06
CA GLN C 261 48.27 45.07 -4.87
C GLN C 261 47.15 46.12 -4.85
N TYR C 262 46.90 46.78 -5.98
CA TYR C 262 45.78 47.73 -6.12
C TYR C 262 44.44 47.08 -5.74
N ALA C 263 44.20 45.86 -6.25
CA ALA C 263 42.99 45.09 -5.91
C ALA C 263 42.87 44.86 -4.41
N ALA C 264 43.95 44.35 -3.82
CA ALA C 264 44.04 44.10 -2.35
C ALA C 264 43.80 45.32 -1.49
N GLN C 265 44.47 46.41 -1.82
CA GLN C 265 44.41 47.60 -0.99
C GLN C 265 43.05 48.27 -1.06
N SER C 266 42.31 48.04 -2.14
CA SER C 266 41.04 48.75 -2.32
C SER C 266 39.87 47.93 -1.77
N ASN C 267 39.22 47.15 -2.63
CA ASN C 267 37.98 46.47 -2.29
C ASN C 267 38.04 44.96 -2.47
N LEU C 268 39.26 44.41 -2.56
CA LEU C 268 39.40 42.97 -2.70
C LEU C 268 38.67 42.44 -3.94
N LYS C 269 38.54 43.26 -4.97
CA LYS C 269 38.12 42.76 -6.29
C LYS C 269 38.97 41.57 -6.73
N ARG C 270 38.39 40.67 -7.52
CA ARG C 270 39.13 39.59 -8.10
C ARG C 270 40.09 40.13 -9.13
N ALA C 271 41.31 39.59 -9.14
CA ALA C 271 42.34 40.01 -10.03
C ALA C 271 42.85 38.77 -10.74
N TRP C 272 42.80 38.83 -12.07
CA TRP C 272 43.15 37.72 -12.91
C TRP C 272 44.16 38.21 -13.93
N LEU C 273 45.36 37.63 -13.92
CA LEU C 273 46.47 38.19 -14.69
C LEU C 273 46.98 37.20 -15.73
N GLU C 274 47.32 37.73 -16.90
CA GLU C 274 48.04 36.95 -17.93
C GLU C 274 49.32 37.73 -18.19
N LEU C 275 50.45 37.12 -17.87
CA LEU C 275 51.70 37.86 -17.74
C LEU C 275 52.78 37.37 -18.73
N GLY C 276 54.04 37.73 -18.49
CA GLY C 276 55.07 37.38 -19.44
C GLY C 276 55.51 35.94 -19.46
N GLY C 277 56.50 35.66 -20.32
CA GLY C 277 57.05 34.37 -20.41
C GLY C 277 58.49 34.28 -20.86
N LYS C 278 59.03 33.09 -20.69
CA LYS C 278 60.28 32.72 -21.29
C LYS C 278 60.21 31.26 -21.65
N SER C 279 59.33 30.97 -22.62
CA SER C 279 58.87 29.60 -22.89
C SER C 279 59.90 28.78 -23.64
N PRO C 280 60.15 27.53 -23.16
CA PRO C 280 61.12 26.64 -23.79
C PRO C 280 60.48 25.77 -24.85
N ASN C 281 61.22 25.59 -25.93
CA ASN C 281 60.83 24.81 -27.11
C ASN C 281 61.91 23.77 -27.29
N ILE C 282 61.61 22.53 -26.88
CA ILE C 282 62.60 21.43 -26.83
C ILE C 282 62.56 20.56 -28.06
N VAL C 283 63.68 20.49 -28.77
CA VAL C 283 63.84 19.64 -29.97
C VAL C 283 64.82 18.47 -29.69
N LEU C 284 64.28 17.26 -29.76
CA LEU C 284 65.03 16.04 -29.47
C LEU C 284 65.38 15.40 -30.80
N PRO C 285 66.37 14.50 -30.79
CA PRO C 285 66.89 13.90 -32.03
C PRO C 285 65.88 13.07 -32.82
N ASP C 286 64.92 12.46 -32.12
CA ASP C 286 63.88 11.69 -32.79
C ASP C 286 62.65 12.56 -33.19
N CYS C 287 62.80 13.89 -33.22
CA CYS C 287 61.80 14.80 -33.77
C CYS C 287 61.25 14.21 -35.08
N PRO C 288 59.92 14.08 -35.25
CA PRO C 288 59.47 13.42 -36.51
C PRO C 288 59.88 14.12 -37.82
N ASP C 289 59.95 15.45 -37.76
CA ASP C 289 60.20 16.27 -38.96
C ASP C 289 61.01 17.51 -38.53
N LEU C 290 62.32 17.41 -38.63
N LEU C 290 62.33 17.40 -38.63
CA LEU C 290 63.23 18.48 -38.23
CA LEU C 290 63.27 18.46 -38.25
C LEU C 290 63.08 19.77 -39.05
C LEU C 290 63.07 19.77 -39.04
N ASP C 291 62.66 19.63 -40.31
CA ASP C 291 62.40 20.79 -41.17
C ASP C 291 61.18 21.57 -40.71
N ARG C 292 60.07 20.90 -40.45
CA ARG C 292 58.92 21.58 -39.85
C ARG C 292 59.28 22.19 -38.50
N ALA C 293 60.01 21.43 -37.68
CA ALA C 293 60.41 21.92 -36.36
C ALA C 293 61.27 23.19 -36.43
N ALA C 294 62.18 23.26 -37.41
CA ALA C 294 63.06 24.43 -37.61
C ALA C 294 62.29 25.66 -38.06
N GLN C 295 61.41 25.50 -39.04
CA GLN C 295 60.56 26.57 -39.47
C GLN C 295 59.57 27.00 -38.38
N THR C 296 59.00 26.04 -37.66
CA THR C 296 58.11 26.39 -36.56
C THR C 296 58.88 27.06 -35.40
N ALA C 297 60.08 26.60 -35.12
CA ALA C 297 60.93 27.28 -34.14
C ALA C 297 61.13 28.78 -34.48
N ALA C 298 61.37 29.07 -35.77
CA ALA C 298 61.52 30.45 -36.21
C ALA C 298 60.24 31.24 -36.03
N GLY C 299 59.12 30.66 -36.44
CA GLY C 299 57.81 31.28 -36.24
C GLY C 299 57.47 31.51 -34.79
N ALA C 300 57.98 30.63 -33.94
CA ALA C 300 57.65 30.73 -32.52
C ALA C 300 58.25 31.97 -31.90
N ILE C 301 59.34 32.48 -32.48
CA ILE C 301 60.05 33.63 -31.90
C ILE C 301 59.92 34.86 -32.80
N PHE C 302 59.68 34.67 -34.09
CA PHE C 302 59.65 35.80 -35.02
C PHE C 302 58.26 36.26 -35.42
N TYR C 303 57.26 35.37 -35.37
CA TYR C 303 55.85 35.79 -35.55
C TYR C 303 55.53 36.97 -34.65
N ASN C 304 54.85 38.00 -35.19
CA ASN C 304 54.43 39.20 -34.44
C ASN C 304 55.60 39.91 -33.78
N MET C 305 56.75 39.84 -34.46
CA MET C 305 57.94 40.52 -34.05
C MET C 305 58.45 40.05 -32.69
N GLY C 306 58.11 38.82 -32.27
CA GLY C 306 58.53 38.31 -30.99
C GLY C 306 57.78 38.95 -29.84
N GLU C 307 56.78 39.73 -30.17
CA GLU C 307 56.04 40.48 -29.21
C GLU C 307 54.86 39.54 -28.83
N MET C 308 55.19 38.46 -28.15
N MET C 308 55.21 38.43 -28.21
CA MET C 308 54.24 37.43 -27.83
CA MET C 308 54.30 37.35 -27.84
C MET C 308 54.64 36.87 -26.46
C MET C 308 54.69 36.95 -26.42
N CYS C 309 53.73 36.96 -25.49
CA CYS C 309 54.00 36.46 -24.16
C CYS C 309 54.47 34.98 -24.19
N THR C 310 53.93 34.19 -25.14
CA THR C 310 54.32 32.79 -25.34
C THR C 310 55.42 32.50 -26.33
N ALA C 311 56.10 33.55 -26.80
CA ALA C 311 57.24 33.40 -27.73
C ALA C 311 58.11 32.24 -27.28
N GLY C 312 58.47 31.40 -28.23
CA GLY C 312 59.40 30.30 -28.05
C GLY C 312 60.81 30.86 -28.07
N SER C 313 61.11 31.60 -27.00
CA SER C 313 62.34 32.41 -26.87
C SER C 313 63.55 31.67 -26.30
N ARG C 314 63.35 30.48 -25.75
CA ARG C 314 64.46 29.58 -25.43
C ARG C 314 64.28 28.35 -26.30
N LEU C 315 65.20 28.16 -27.24
CA LEU C 315 65.15 26.96 -28.10
C LEU C 315 66.18 26.03 -27.50
N LEU C 316 65.71 24.94 -26.92
CA LEU C 316 66.57 23.90 -26.37
C LEU C 316 66.74 22.79 -27.40
N VAL C 317 67.99 22.53 -27.79
CA VAL C 317 68.28 21.60 -28.86
C VAL C 317 69.34 20.58 -28.40
N HIS C 318 69.07 19.31 -28.64
CA HIS C 318 70.02 18.25 -28.31
C HIS C 318 71.33 18.47 -29.09
N ARG C 319 72.45 18.24 -28.40
CA ARG C 319 73.80 18.41 -29.02
C ARG C 319 73.99 17.70 -30.37
N ASP C 320 73.43 16.49 -30.49
CA ASP C 320 73.61 15.65 -31.69
C ASP C 320 73.01 16.29 -32.93
N ILE C 321 71.96 17.10 -32.77
CA ILE C 321 71.33 17.76 -33.92
C ILE C 321 71.52 19.27 -33.96
N LYS C 322 72.24 19.81 -32.99
CA LYS C 322 72.35 21.26 -32.86
C LYS C 322 72.87 22.01 -34.12
N ASP C 323 74.00 21.59 -34.69
CA ASP C 323 74.62 22.34 -35.80
C ASP C 323 73.65 22.42 -36.97
N ALA C 324 73.16 21.25 -37.38
CA ALA C 324 72.24 21.13 -38.48
C ALA C 324 70.92 21.88 -38.23
N PHE C 325 70.41 21.77 -37.01
CA PHE C 325 69.17 22.47 -36.67
C PHE C 325 69.37 23.97 -36.71
N ILE C 326 70.48 24.45 -36.15
CA ILE C 326 70.80 25.88 -36.25
C ILE C 326 70.84 26.32 -37.71
N GLU C 327 71.42 25.50 -38.59
CA GLU C 327 71.48 25.90 -40.00
C GLU C 327 70.06 26.07 -40.61
N LYS C 328 69.12 25.17 -40.27
CA LYS C 328 67.72 25.28 -40.75
C LYS C 328 66.95 26.46 -40.16
N LEU C 329 67.29 26.78 -38.92
CA LEU C 329 66.76 27.94 -38.24
C LEU C 329 67.13 29.22 -38.97
N VAL C 330 68.42 29.34 -39.28
CA VAL C 330 68.98 30.48 -40.03
C VAL C 330 68.29 30.66 -41.38
N ALA C 331 68.14 29.58 -42.13
CA ALA C 331 67.35 29.64 -43.38
C ALA C 331 65.92 30.14 -43.11
N ALA C 332 65.21 29.49 -42.19
CA ALA C 332 63.81 29.83 -41.88
C ALA C 332 63.63 31.28 -41.44
N ALA C 333 64.69 31.87 -40.85
CA ALA C 333 64.66 33.27 -40.42
C ALA C 333 64.48 34.25 -41.57
N ARG C 334 65.06 33.93 -42.73
CA ARG C 334 65.08 34.85 -43.92
C ARG C 334 63.68 35.31 -44.35
N ALA C 335 62.69 34.48 -44.08
CA ALA C 335 61.29 34.83 -44.33
C ALA C 335 60.77 35.97 -43.46
N TYR C 336 61.46 36.24 -42.33
CA TYR C 336 61.02 37.30 -41.43
C TYR C 336 61.84 38.58 -41.55
N VAL C 337 62.34 38.87 -42.76
CA VAL C 337 62.98 40.15 -42.98
C VAL C 337 61.90 41.23 -42.84
N PRO C 338 62.16 42.24 -41.98
CA PRO C 338 61.15 43.28 -41.73
C PRO C 338 60.78 44.01 -43.01
N GLY C 339 59.49 44.26 -43.13
CA GLY C 339 58.93 44.93 -44.28
C GLY C 339 57.80 45.81 -43.81
N ASN C 340 57.24 46.55 -44.76
CA ASN C 340 56.07 47.36 -44.49
C ASN C 340 54.86 46.48 -44.14
N PRO C 341 54.28 46.68 -42.96
CA PRO C 341 53.15 45.87 -42.55
C PRO C 341 51.92 45.96 -43.46
N LEU C 342 51.76 47.06 -44.20
CA LEU C 342 50.62 47.18 -45.12
C LEU C 342 50.76 46.28 -46.36
N ASP C 343 51.95 45.69 -46.54
CA ASP C 343 52.23 44.77 -47.66
C ASP C 343 51.86 43.36 -47.28
N PRO C 344 50.88 42.74 -47.99
CA PRO C 344 50.43 41.40 -47.59
C PRO C 344 51.42 40.26 -47.73
N SER C 345 52.55 40.47 -48.42
CA SER C 345 53.59 39.44 -48.47
C SER C 345 54.56 39.47 -47.26
N VAL C 346 54.44 40.47 -46.41
CA VAL C 346 55.38 40.65 -45.28
C VAL C 346 54.94 39.79 -44.09
N SER C 347 55.93 39.17 -43.43
CA SER C 347 55.72 38.26 -42.30
C SER C 347 56.18 38.84 -40.97
N MET C 348 57.04 39.86 -41.00
CA MET C 348 57.39 40.54 -39.76
C MET C 348 57.33 42.06 -39.94
N GLY C 349 56.50 42.70 -39.14
CA GLY C 349 56.26 44.13 -39.22
C GLY C 349 57.14 44.97 -38.31
N ALA C 350 56.56 45.98 -37.69
CA ALA C 350 57.32 47.01 -36.98
C ALA C 350 57.21 46.80 -35.48
N ILE C 351 58.27 47.20 -34.76
CA ILE C 351 58.26 47.28 -33.31
C ILE C 351 57.39 48.50 -32.94
N VAL C 352 56.65 48.39 -31.83
CA VAL C 352 55.54 49.31 -31.54
C VAL C 352 55.96 50.78 -31.37
N ASP C 353 57.11 51.03 -30.74
CA ASP C 353 57.66 52.38 -30.68
C ASP C 353 59.18 52.41 -30.43
N GLY C 354 59.75 53.62 -30.49
CA GLY C 354 61.19 53.80 -30.27
C GLY C 354 61.73 53.27 -28.95
N ILE C 355 61.00 53.52 -27.86
CA ILE C 355 61.44 53.07 -26.52
C ILE C 355 61.52 51.54 -26.45
N GLN C 356 60.51 50.87 -27.01
CA GLN C 356 60.55 49.41 -27.14
C GLN C 356 61.65 48.94 -28.05
N LEU C 357 61.85 49.65 -29.15
CA LEU C 357 62.94 49.24 -30.04
C LEU C 357 64.27 49.32 -29.29
N GLU C 358 64.45 50.37 -28.50
CA GLU C 358 65.73 50.56 -27.83
C GLU C 358 65.94 49.50 -26.74
N ARG C 359 64.85 49.14 -26.05
CA ARG C 359 64.83 48.02 -25.15
C ARG C 359 65.34 46.72 -25.81
N VAL C 360 64.75 46.37 -26.95
CA VAL C 360 65.13 45.16 -27.68
C VAL C 360 66.60 45.21 -28.11
N LEU C 361 67.03 46.38 -28.61
CA LEU C 361 68.44 46.59 -28.97
C LEU C 361 69.38 46.49 -27.76
N GLY C 362 68.95 46.96 -26.58
CA GLY C 362 69.75 46.81 -25.36
C GLY C 362 69.98 45.35 -25.04
N TYR C 363 68.93 44.53 -25.21
CA TYR C 363 69.09 43.09 -25.03
C TYR C 363 69.99 42.45 -26.06
N ILE C 364 69.86 42.84 -27.33
CA ILE C 364 70.78 42.35 -28.35
C ILE C 364 72.24 42.67 -28.00
N GLU C 365 72.51 43.89 -27.55
CA GLU C 365 73.86 44.21 -27.11
C GLU C 365 74.29 43.31 -25.92
N ALA C 366 73.41 43.09 -24.96
CA ALA C 366 73.68 42.14 -23.85
C ALA C 366 74.08 40.76 -24.38
N GLY C 367 73.30 40.24 -25.33
CA GLY C 367 73.62 38.97 -25.99
C GLY C 367 75.02 38.90 -26.62
N ARG C 368 75.41 39.98 -27.30
CA ARG C 368 76.75 40.03 -27.90
C ARG C 368 77.82 39.80 -26.85
N GLY C 369 77.59 40.30 -25.63
CA GLY C 369 78.55 40.16 -24.55
C GLY C 369 78.61 38.80 -23.88
N GLU C 370 77.51 38.05 -23.87
CA GLU C 370 77.48 36.78 -23.13
C GLU C 370 77.28 35.54 -24.01
N GLY C 371 77.12 35.71 -25.31
CA GLY C 371 76.90 34.56 -26.20
C GLY C 371 77.43 34.82 -27.59
N ARG C 372 76.99 33.98 -28.54
CA ARG C 372 77.46 33.98 -29.91
C ARG C 372 76.33 34.38 -30.85
N LEU C 373 76.50 35.49 -31.54
CA LEU C 373 75.48 35.99 -32.43
C LEU C 373 75.48 35.16 -33.70
N VAL C 374 74.38 34.44 -33.96
CA VAL C 374 74.28 33.54 -35.11
C VAL C 374 73.71 34.27 -36.34
N THR C 375 72.65 35.05 -36.15
CA THR C 375 72.11 35.84 -37.26
C THR C 375 71.33 37.03 -36.76
N GLY C 376 71.05 37.95 -37.68
CA GLY C 376 70.38 39.20 -37.37
C GLY C 376 71.23 40.08 -36.49
N GLY C 377 70.57 40.89 -35.67
CA GLY C 377 71.23 41.72 -34.70
C GLY C 377 70.98 43.20 -34.88
N ALA C 378 70.46 43.61 -36.05
CA ALA C 378 70.48 45.05 -36.42
C ALA C 378 69.10 45.67 -36.53
N ARG C 379 68.98 46.92 -36.04
CA ARG C 379 67.90 47.81 -36.49
C ARG C 379 67.99 48.06 -37.99
N VAL C 380 66.83 48.12 -38.67
CA VAL C 380 66.75 48.37 -40.11
C VAL C 380 65.67 49.38 -40.46
N ASN C 381 65.73 49.88 -41.70
CA ASN C 381 64.75 50.85 -42.23
C ASN C 381 64.43 52.08 -41.36
N ALA C 382 65.42 52.55 -40.62
CA ALA C 382 65.32 53.79 -39.85
C ALA C 382 64.82 54.96 -40.71
N GLU C 383 65.25 54.98 -41.98
CA GLU C 383 64.86 56.01 -42.96
C GLU C 383 63.33 56.14 -43.19
N THR C 384 62.57 55.10 -42.86
CA THR C 384 61.12 55.11 -43.01
C THR C 384 60.45 55.95 -41.93
N GLY C 385 61.17 56.23 -40.85
CA GLY C 385 60.61 56.87 -39.68
C GLY C 385 59.93 55.86 -38.75
N GLY C 386 59.96 54.58 -39.13
CA GLY C 386 59.33 53.52 -38.32
C GLY C 386 60.41 52.71 -37.61
N PHE C 387 59.96 51.73 -36.83
CA PHE C 387 60.81 50.99 -35.94
C PHE C 387 60.84 49.53 -36.35
N TYR C 388 62.01 49.07 -36.78
CA TYR C 388 62.20 47.71 -37.28
C TYR C 388 63.52 47.12 -36.80
N VAL C 389 63.48 45.84 -36.47
CA VAL C 389 64.68 45.11 -36.04
C VAL C 389 64.66 43.72 -36.66
N GLU C 390 65.85 43.23 -36.98
CA GLU C 390 66.00 41.98 -37.69
C GLU C 390 65.68 40.79 -36.77
N PRO C 391 65.16 39.71 -37.34
CA PRO C 391 65.12 38.47 -36.59
C PRO C 391 66.53 38.06 -36.14
N THR C 392 66.67 37.80 -34.84
CA THR C 392 67.96 37.67 -34.23
C THR C 392 68.07 36.35 -33.47
N VAL C 393 69.22 35.71 -33.57
CA VAL C 393 69.49 34.44 -32.92
C VAL C 393 70.84 34.47 -32.28
N PHE C 394 70.92 34.00 -31.03
CA PHE C 394 72.15 33.84 -30.29
C PHE C 394 72.24 32.42 -29.77
N GLU C 395 73.47 31.91 -29.66
CA GLU C 395 73.72 30.72 -28.85
C GLU C 395 74.24 31.15 -27.48
N VAL C 396 73.61 30.66 -26.40
CA VAL C 396 73.91 31.08 -25.04
C VAL C 396 73.78 29.93 -24.05
N LYS C 397 74.45 30.07 -22.91
CA LYS C 397 74.22 29.17 -21.78
C LYS C 397 72.92 29.56 -21.06
N PRO C 398 72.29 28.61 -20.34
CA PRO C 398 71.03 28.95 -19.68
C PRO C 398 71.06 30.11 -18.65
N ASP C 399 72.23 30.54 -18.18
CA ASP C 399 72.33 31.66 -17.22
C ASP C 399 72.55 33.04 -17.85
N ALA C 400 72.61 33.12 -19.17
CA ALA C 400 72.67 34.42 -19.84
C ALA C 400 71.44 35.27 -19.51
N LYS C 401 71.68 36.57 -19.37
CA LYS C 401 70.62 37.57 -19.19
C LYS C 401 69.55 37.44 -20.26
N ILE C 402 69.95 37.29 -21.53
CA ILE C 402 68.97 37.20 -22.61
C ILE C 402 68.23 35.88 -22.53
N ALA C 403 68.84 34.84 -21.96
CA ALA C 403 68.14 33.56 -21.79
C ALA C 403 67.17 33.55 -20.61
N ARG C 404 67.37 34.42 -19.63
CA ARG C 404 66.52 34.48 -18.44
C ARG C 404 65.37 35.50 -18.55
N GLU C 405 65.63 36.68 -19.11
CA GLU C 405 64.67 37.79 -19.04
C GLU C 405 63.82 37.86 -20.28
N GLU C 406 62.54 38.21 -20.13
CA GLU C 406 61.67 38.40 -21.28
C GLU C 406 62.13 39.62 -22.05
N ILE C 407 62.31 39.43 -23.36
CA ILE C 407 62.82 40.50 -24.24
C ILE C 407 61.68 41.20 -24.96
N PHE C 408 60.65 40.43 -25.31
CA PHE C 408 59.48 40.91 -26.02
C PHE C 408 59.84 41.47 -27.40
N GLY C 409 60.80 40.81 -28.02
CA GLY C 409 61.24 41.12 -29.38
C GLY C 409 61.74 39.83 -30.06
N PRO C 410 62.06 39.91 -31.37
CA PRO C 410 62.42 38.80 -32.24
C PRO C 410 63.85 38.30 -31.97
N VAL C 411 64.10 37.87 -30.73
CA VAL C 411 65.44 37.48 -30.28
C VAL C 411 65.41 36.11 -29.65
N LEU C 412 66.07 35.16 -30.30
CA LEU C 412 66.05 33.76 -29.86
C LEU C 412 67.32 33.44 -29.08
N SER C 413 67.15 32.73 -27.96
CA SER C 413 68.25 32.12 -27.21
C SER C 413 68.27 30.63 -27.49
N VAL C 414 69.34 30.18 -28.14
CA VAL C 414 69.53 28.78 -28.43
C VAL C 414 70.44 28.14 -27.39
N ILE C 415 69.94 27.06 -26.76
CA ILE C 415 70.57 26.44 -25.62
C ILE C 415 70.73 24.94 -25.93
N VAL C 416 71.94 24.45 -25.75
CA VAL C 416 72.23 23.04 -26.02
C VAL C 416 71.96 22.19 -24.78
N PHE C 417 71.51 20.96 -24.97
CA PHE C 417 71.46 19.98 -23.86
C PHE C 417 71.95 18.60 -24.29
N ASP C 418 72.27 17.76 -23.32
CA ASP C 418 72.81 16.42 -23.66
C ASP C 418 71.86 15.26 -23.44
N ASP C 419 70.80 15.47 -22.67
CA ASP C 419 69.81 14.40 -22.47
C ASP C 419 68.47 14.99 -22.06
N VAL C 420 67.42 14.17 -22.15
CA VAL C 420 66.06 14.66 -21.93
C VAL C 420 65.82 15.20 -20.49
N ASP C 421 66.37 14.52 -19.49
CA ASP C 421 66.27 14.99 -18.10
C ASP C 421 66.88 16.39 -17.93
N GLU C 422 68.00 16.61 -18.61
CA GLU C 422 68.64 17.90 -18.55
C GLU C 422 67.77 18.95 -19.23
N ALA C 423 67.19 18.58 -20.38
CA ALA C 423 66.34 19.54 -21.09
C ALA C 423 65.14 19.95 -20.20
N VAL C 424 64.53 19.00 -19.49
CA VAL C 424 63.38 19.30 -18.62
C VAL C 424 63.83 20.21 -17.46
N ARG C 425 65.00 19.95 -16.91
CA ARG C 425 65.53 20.77 -15.81
C ARG C 425 65.69 22.20 -16.26
N ILE C 426 66.33 22.38 -17.39
CA ILE C 426 66.57 23.71 -17.95
C ILE C 426 65.23 24.37 -18.33
N ALA C 427 64.35 23.67 -19.03
CA ALA C 427 63.06 24.26 -19.36
C ALA C 427 62.35 24.82 -18.10
N ASN C 428 62.36 24.07 -16.99
CA ASN C 428 61.54 24.45 -15.80
C ASN C 428 62.25 25.43 -14.88
N ASP C 429 63.54 25.70 -15.14
CA ASP C 429 64.35 26.54 -14.26
C ASP C 429 64.15 27.97 -14.70
N THR C 430 62.98 28.50 -14.34
CA THR C 430 62.56 29.84 -14.70
C THR C 430 61.43 30.19 -13.74
N GLU C 431 61.22 31.48 -13.47
CA GLU C 431 60.06 31.95 -12.66
C GLU C 431 58.77 32.06 -13.52
N TYR C 432 58.92 31.88 -14.82
CA TYR C 432 57.81 31.96 -15.78
C TYR C 432 57.19 30.58 -15.97
N GLY C 433 56.08 30.47 -16.71
CA GLY C 433 55.40 29.20 -16.87
C GLY C 433 54.17 29.29 -17.75
N LEU C 434 54.32 30.07 -18.82
CA LEU C 434 53.20 30.33 -19.71
C LEU C 434 53.04 29.21 -20.70
N ALA C 435 54.15 28.76 -21.28
CA ALA C 435 54.03 27.71 -22.27
C ALA C 435 55.31 26.95 -22.39
N ALA C 436 55.25 25.84 -23.11
CA ALA C 436 56.40 24.99 -23.41
C ALA C 436 56.09 24.07 -24.56
N ALA C 437 57.15 23.48 -25.13
CA ALA C 437 57.00 22.54 -26.22
C ALA C 437 58.10 21.49 -26.26
N VAL C 438 57.74 20.33 -26.78
CA VAL C 438 58.69 19.23 -27.02
C VAL C 438 58.41 18.56 -28.36
N TRP C 439 59.48 18.31 -29.13
CA TRP C 439 59.36 17.60 -30.36
C TRP C 439 60.02 16.22 -30.21
N THR C 440 59.28 15.16 -30.49
CA THR C 440 59.74 13.77 -30.35
C THR C 440 58.73 12.89 -31.06
N SER C 441 59.19 11.75 -31.57
CA SER C 441 58.29 10.82 -32.25
C SER C 441 57.86 9.69 -31.29
N ASN C 442 58.42 9.69 -30.09
CA ASN C 442 58.24 8.59 -29.16
C ASN C 442 57.02 8.85 -28.28
N LEU C 443 56.11 7.90 -28.29
CA LEU C 443 54.91 7.92 -27.46
C LEU C 443 55.15 8.24 -25.99
N THR C 444 56.04 7.47 -25.37
CA THR C 444 56.31 7.66 -23.96
C THR C 444 57.02 8.98 -23.70
N THR C 445 58.03 9.31 -24.49
CA THR C 445 58.73 10.60 -24.34
C THR C 445 57.76 11.79 -24.39
N ALA C 446 56.85 11.75 -25.36
CA ALA C 446 55.91 12.83 -25.60
C ALA C 446 54.99 13.04 -24.39
N HIS C 447 54.37 11.97 -23.94
CA HIS C 447 53.51 12.08 -22.74
C HIS C 447 54.30 12.34 -21.43
N ASP C 448 55.45 11.71 -21.24
N ASP C 448 55.42 11.66 -21.21
CA ASP C 448 56.18 11.91 -20.00
CA ASP C 448 56.25 11.90 -20.02
C ASP C 448 56.79 13.32 -19.88
C ASP C 448 56.65 13.36 -19.94
N VAL C 449 57.36 13.83 -20.96
CA VAL C 449 57.90 15.21 -20.96
C VAL C 449 56.81 16.26 -20.87
N SER C 450 55.70 16.07 -21.58
CA SER C 450 54.61 17.02 -21.56
C SER C 450 54.04 17.13 -20.10
N ARG C 451 53.99 16.02 -19.39
CA ARG C 451 53.54 16.07 -18.00
C ARG C 451 54.51 16.82 -17.07
N ARG C 452 55.80 16.70 -17.34
CA ARG C 452 56.84 17.28 -16.49
C ARG C 452 57.11 18.77 -16.71
N LEU C 453 56.61 19.31 -17.82
CA LEU C 453 56.88 20.73 -18.12
C LEU C 453 55.88 21.58 -17.35
N ARG C 454 56.37 22.51 -16.52
CA ARG C 454 55.50 23.28 -15.66
C ARG C 454 55.05 24.53 -16.40
N ALA C 455 54.09 24.36 -17.30
CA ALA C 455 53.52 25.49 -18.04
C ALA C 455 52.08 25.28 -18.37
N GLY C 456 51.35 26.37 -18.58
CA GLY C 456 49.94 26.28 -18.83
C GLY C 456 49.49 25.63 -20.11
N THR C 457 50.33 25.77 -21.15
CA THR C 457 50.09 25.16 -22.44
C THR C 457 51.36 24.44 -22.84
N VAL C 458 51.26 23.19 -23.21
CA VAL C 458 52.40 22.41 -23.67
C VAL C 458 52.03 21.89 -25.02
N TRP C 459 52.84 22.27 -25.99
CA TRP C 459 52.71 21.79 -27.37
C TRP C 459 53.66 20.63 -27.63
N VAL C 460 53.17 19.59 -28.32
CA VAL C 460 54.02 18.48 -28.66
C VAL C 460 54.01 18.35 -30.19
N ASN C 461 55.21 18.40 -30.77
CA ASN C 461 55.34 18.38 -32.22
C ASN C 461 54.59 19.53 -32.90
N CYS C 462 54.58 20.70 -32.26
CA CYS C 462 53.99 21.92 -32.81
C CYS C 462 54.38 23.06 -31.90
N TYR C 463 53.98 24.29 -32.23
CA TYR C 463 54.22 25.45 -31.35
C TYR C 463 53.23 26.54 -31.69
N ASP C 464 52.60 27.13 -30.68
CA ASP C 464 51.51 28.12 -30.92
C ASP C 464 50.51 27.59 -31.99
N GLU C 465 50.06 26.36 -31.81
CA GLU C 465 49.33 25.61 -32.85
C GLU C 465 47.88 26.06 -32.90
N GLY C 466 47.46 26.64 -34.03
CA GLY C 466 46.07 27.11 -34.20
C GLY C 466 45.65 28.10 -33.15
N GLY C 467 44.35 28.17 -32.89
CA GLY C 467 43.81 29.04 -31.83
C GLY C 467 42.53 28.49 -31.23
N ASP C 468 42.48 27.18 -31.01
CA ASP C 468 41.22 26.55 -30.60
C ASP C 468 40.77 27.04 -29.21
N MET C 469 39.50 27.41 -29.15
CA MET C 469 38.92 28.00 -27.96
C MET C 469 38.74 26.97 -26.83
N ASN C 470 38.91 25.69 -27.12
CA ASN C 470 38.76 24.68 -26.05
C ASN C 470 39.91 24.57 -25.04
N PHE C 471 41.05 25.23 -25.31
CA PHE C 471 42.25 25.05 -24.51
C PHE C 471 42.53 26.22 -23.61
N PRO C 472 42.29 26.03 -22.30
CA PRO C 472 42.66 27.13 -21.40
C PRO C 472 44.12 27.51 -21.53
N PHE C 473 44.36 28.82 -21.48
CA PHE C 473 45.64 29.38 -21.70
C PHE C 473 45.99 30.29 -20.54
N GLY C 474 47.20 30.15 -20.01
CA GLY C 474 47.64 31.04 -18.96
C GLY C 474 48.75 30.41 -18.13
N GLY C 475 49.13 31.07 -17.07
CA GLY C 475 50.43 30.80 -16.44
C GLY C 475 50.43 29.86 -15.26
N TYR C 476 51.55 29.15 -15.15
CA TYR C 476 52.06 28.67 -13.85
C TYR C 476 52.96 29.75 -13.25
N LYS C 477 53.26 29.63 -11.95
CA LYS C 477 54.25 30.52 -11.35
C LYS C 477 53.99 32.02 -11.64
N GLN C 478 54.97 32.74 -12.20
CA GLN C 478 54.83 34.17 -12.47
C GLN C 478 54.35 34.61 -13.87
N SER C 479 53.73 33.70 -14.64
CA SER C 479 53.13 34.05 -15.93
C SER C 479 51.64 34.27 -15.87
N GLY C 480 51.07 34.34 -14.68
CA GLY C 480 49.68 34.80 -14.49
C GLY C 480 48.89 33.76 -13.71
N ASN C 481 47.68 34.13 -13.32
CA ASN C 481 46.74 33.26 -12.61
C ASN C 481 45.44 33.24 -13.42
N GLY C 482 44.84 32.07 -13.48
CA GLY C 482 43.64 31.83 -14.22
C GLY C 482 43.91 31.63 -15.67
N ARG C 483 42.84 31.49 -16.43
CA ARG C 483 42.95 31.06 -17.80
C ARG C 483 42.02 31.84 -18.70
N ASP C 484 42.56 32.22 -19.86
CA ASP C 484 41.75 32.69 -21.01
C ASP C 484 41.47 31.53 -21.94
N LYS C 485 40.42 31.67 -22.76
CA LYS C 485 39.89 30.61 -23.62
C LYS C 485 39.25 29.51 -22.76
N SER C 486 38.40 28.69 -23.38
CA SER C 486 37.68 27.57 -22.80
C SER C 486 36.61 27.99 -21.80
N LEU C 487 35.80 27.02 -21.39
CA LEU C 487 34.77 27.27 -20.38
C LEU C 487 35.36 27.76 -19.04
N HIS C 488 36.62 27.38 -18.79
CA HIS C 488 37.37 27.82 -17.62
C HIS C 488 37.57 29.30 -17.57
N ALA C 489 37.55 30.01 -18.69
CA ALA C 489 37.71 31.45 -18.66
C ALA C 489 36.53 32.09 -17.94
N LEU C 490 35.35 31.46 -18.01
CA LEU C 490 34.13 32.04 -17.36
C LEU C 490 34.17 32.22 -15.81
N GLU C 491 34.99 31.40 -15.16
CA GLU C 491 35.12 31.33 -13.73
C GLU C 491 35.65 32.66 -13.18
N LYS C 492 36.44 33.32 -13.98
CA LYS C 492 37.00 34.61 -13.64
C LYS C 492 35.93 35.69 -13.55
N TYR C 493 34.79 35.49 -14.22
CA TYR C 493 33.79 36.54 -14.37
C TYR C 493 32.46 36.15 -13.75
N THR C 494 32.46 35.10 -12.91
CA THR C 494 31.27 34.62 -12.21
C THR C 494 31.63 34.22 -10.78
N GLU C 495 30.64 34.18 -9.90
CA GLU C 495 30.76 33.57 -8.58
C GLU C 495 29.93 32.30 -8.51
N LEU C 496 30.43 31.35 -7.75
CA LEU C 496 29.67 30.21 -7.34
C LEU C 496 28.70 30.61 -6.22
N LYS C 497 27.49 30.06 -6.29
CA LYS C 497 26.44 30.07 -5.20
C LYS C 497 25.92 28.68 -4.85
N SER C 498 25.94 28.33 -3.57
CA SER C 498 25.25 27.14 -3.07
C SER C 498 23.91 27.56 -2.44
N THR C 499 22.82 27.06 -3.02
CA THR C 499 21.49 27.26 -2.46
C THR C 499 21.04 25.97 -1.83
N LEU C 500 20.84 25.97 -0.52
CA LEU C 500 20.36 24.78 0.18
C LEU C 500 18.89 25.04 0.53
N ILE C 501 17.99 24.33 -0.13
CA ILE C 501 16.55 24.54 0.05
C ILE C 501 15.98 23.42 0.96
N ARG C 502 15.53 23.79 2.16
CA ARG C 502 15.11 22.75 3.08
C ARG C 502 13.64 22.56 2.93
N LEU C 503 13.26 21.33 2.58
CA LEU C 503 11.82 21.01 2.35
C LEU C 503 11.09 20.59 3.63
N ARG C 504 11.84 20.06 4.58
N ARG C 504 11.82 20.03 4.59
CA ARG C 504 11.31 19.51 5.83
CA ARG C 504 11.23 19.51 5.82
C ARG C 504 12.48 19.27 6.78
C ARG C 504 12.32 19.41 6.86
N LYS D 11 27.66 8.21 27.08
CA LYS D 11 28.23 9.57 26.83
C LYS D 11 28.99 10.03 28.07
N LEU D 12 30.15 10.64 27.84
CA LEU D 12 30.98 11.14 28.92
C LEU D 12 30.25 12.29 29.62
N THR D 13 30.41 12.36 30.95
CA THR D 13 29.82 13.43 31.74
C THR D 13 30.81 14.57 31.91
N LEU D 14 30.33 15.68 32.47
CA LEU D 14 31.19 16.78 32.84
C LEU D 14 32.36 16.28 33.66
N ALA D 15 32.10 15.35 34.59
CA ALA D 15 33.15 14.81 35.45
C ALA D 15 34.19 14.00 34.64
N ASP D 16 33.71 13.24 33.66
CA ASP D 16 34.58 12.44 32.80
C ASP D 16 35.52 13.36 32.00
N TRP D 17 34.96 14.39 31.38
CA TRP D 17 35.79 15.36 30.63
C TRP D 17 36.79 16.09 31.53
N GLN D 18 36.38 16.39 32.77
CA GLN D 18 37.28 17.00 33.76
C GLN D 18 38.42 16.06 34.16
N HIS D 19 38.10 14.80 34.46
CA HIS D 19 39.15 13.82 34.80
C HIS D 19 40.08 13.64 33.62
N LYS D 20 39.51 13.63 32.41
CA LYS D 20 40.32 13.48 31.21
C LYS D 20 41.25 14.68 31.00
N ALA D 21 40.74 15.90 31.18
CA ALA D 21 41.58 17.10 31.02
C ALA D 21 42.75 17.15 32.02
N ALA D 22 42.53 16.69 33.25
CA ALA D 22 43.60 16.70 34.26
C ALA D 22 44.72 15.71 33.95
N SER D 23 44.40 14.66 33.20
CA SER D 23 45.32 13.58 32.87
C SER D 23 45.99 13.74 31.48
N LEU D 24 45.55 14.73 30.72
CA LEU D 24 45.92 14.85 29.33
C LEU D 24 47.38 15.23 29.17
N GLU D 25 48.12 14.48 28.35
CA GLU D 25 49.46 14.92 27.91
C GLU D 25 49.31 15.71 26.61
N ILE D 26 49.62 16.99 26.63
CA ILE D 26 49.42 17.88 25.48
C ILE D 26 50.75 18.11 24.77
N GLU D 27 50.79 17.80 23.47
CA GLU D 27 51.96 18.05 22.64
C GLU D 27 51.96 19.48 22.14
N GLY D 28 53.08 20.19 22.37
CA GLY D 28 53.22 21.60 21.97
C GLY D 28 54.26 21.89 20.92
N ARG D 29 55.04 20.88 20.53
CA ARG D 29 56.08 21.12 19.54
C ARG D 29 55.51 21.32 18.14
N ALA D 30 56.25 22.01 17.30
CA ALA D 30 55.95 22.03 15.87
C ALA D 30 56.13 20.61 15.30
N PHE D 31 55.47 20.36 14.16
CA PHE D 31 55.69 19.11 13.44
C PHE D 31 56.24 19.43 12.06
N ILE D 32 57.53 19.18 11.87
CA ILE D 32 58.16 19.66 10.66
C ILE D 32 58.97 18.52 10.08
N ASP D 33 58.74 18.21 8.79
CA ASP D 33 59.49 17.21 8.09
C ASP D 33 59.51 15.84 8.84
N GLY D 34 58.31 15.38 9.20
CA GLY D 34 58.12 14.04 9.74
C GLY D 34 58.34 13.80 11.22
N ALA D 35 58.63 14.85 11.98
CA ALA D 35 58.87 14.70 13.41
C ALA D 35 58.59 15.99 14.17
N SER D 36 58.29 15.85 15.44
CA SER D 36 58.07 16.99 16.30
C SER D 36 59.41 17.71 16.51
N ARG D 37 59.38 19.03 16.62
CA ARG D 37 60.57 19.87 16.84
C ARG D 37 60.20 21.06 17.67
N ASP D 38 61.11 21.45 18.58
CA ASP D 38 60.98 22.72 19.27
C ASP D 38 61.26 23.80 18.25
N ALA D 39 60.84 25.03 18.55
CA ALA D 39 61.21 26.20 17.73
C ALA D 39 62.68 26.51 17.93
N HIS D 40 63.36 26.93 16.86
CA HIS D 40 64.75 27.38 16.92
C HIS D 40 64.93 28.31 18.13
N GLY D 41 65.88 27.96 19.00
CA GLY D 41 66.23 28.83 20.11
C GLY D 41 65.25 28.78 21.28
N GLY D 42 64.38 27.77 21.28
CA GLY D 42 63.44 27.47 22.37
C GLY D 42 62.45 28.58 22.67
N ARG D 43 61.92 29.19 21.62
CA ARG D 43 60.79 30.07 21.79
C ARG D 43 59.54 29.23 22.02
N THR D 44 58.74 29.64 23.02
CA THR D 44 57.38 29.16 23.16
C THR D 44 56.46 30.33 23.51
N PHE D 45 55.19 30.12 23.32
CA PHE D 45 54.19 30.91 23.97
C PHE D 45 53.38 30.04 24.91
N ASP D 46 52.68 30.69 25.84
CA ASP D 46 51.74 30.02 26.69
C ASP D 46 50.40 29.86 25.97
N CYS D 47 49.99 28.61 25.79
CA CYS D 47 48.68 28.28 25.26
C CYS D 47 47.66 28.35 26.40
N VAL D 48 46.86 29.41 26.43
CA VAL D 48 45.91 29.64 27.53
C VAL D 48 44.52 29.13 27.13
N SER D 49 43.79 28.55 28.08
CA SER D 49 42.41 28.14 27.86
C SER D 49 41.45 29.29 28.20
N PRO D 50 40.50 29.59 27.31
CA PRO D 50 39.48 30.61 27.59
C PRO D 50 38.44 30.21 28.61
N ILE D 51 38.46 28.96 29.06
CA ILE D 51 37.46 28.49 30.01
C ILE D 51 37.65 29.17 31.38
N ASP D 52 38.90 29.24 31.78
CA ASP D 52 39.29 29.79 33.09
C ASP D 52 40.67 30.44 33.14
N GLY D 53 41.26 30.69 31.97
CA GLY D 53 42.62 31.22 31.89
C GLY D 53 43.75 30.29 32.29
N ARG D 54 43.51 29.02 32.51
CA ARG D 54 44.62 28.11 32.86
C ARG D 54 45.57 28.01 31.67
N VAL D 55 46.87 27.92 31.95
CA VAL D 55 47.86 27.65 30.91
C VAL D 55 47.81 26.15 30.64
N LEU D 56 47.50 25.77 29.40
CA LEU D 56 47.42 24.37 29.01
C LEU D 56 48.76 23.69 28.71
N ALA D 57 49.67 24.43 28.05
CA ALA D 57 50.93 23.91 27.55
C ALA D 57 51.78 25.07 27.08
N LYS D 58 53.07 24.84 26.98
CA LYS D 58 53.96 25.75 26.29
C LYS D 58 54.14 25.22 24.85
N VAL D 59 53.87 26.08 23.86
CA VAL D 59 53.81 25.67 22.47
C VAL D 59 54.93 26.38 21.73
N ALA D 60 55.59 25.67 20.81
CA ALA D 60 56.63 26.25 19.97
C ALA D 60 56.17 27.58 19.35
N ASP D 61 57.03 28.59 19.43
CA ASP D 61 56.73 29.92 18.85
C ASP D 61 57.66 30.12 17.67
N CYS D 62 57.18 29.67 16.50
CA CYS D 62 58.03 29.59 15.33
C CYS D 62 58.26 30.95 14.71
N GLY D 63 59.46 31.06 14.15
CA GLY D 63 59.94 32.25 13.46
C GLY D 63 60.59 31.82 12.16
N GLU D 64 61.45 32.65 11.60
CA GLU D 64 61.97 32.45 10.23
C GLU D 64 62.67 31.10 10.04
N ALA D 65 63.54 30.66 10.95
CA ALA D 65 64.25 29.39 10.67
C ALA D 65 63.30 28.17 10.59
N ASP D 66 62.25 28.18 11.39
CA ASP D 66 61.28 27.09 11.42
C ASP D 66 60.39 27.13 10.16
N VAL D 67 59.96 28.34 9.78
CA VAL D 67 59.18 28.48 8.56
C VAL D 67 59.97 27.97 7.38
N ASN D 68 61.23 28.41 7.26
CA ASN D 68 62.08 27.99 6.12
C ASN D 68 62.36 26.50 6.13
N ALA D 69 62.52 25.90 7.30
CA ALA D 69 62.72 24.44 7.37
C ALA D 69 61.46 23.72 6.85
N ALA D 70 60.29 24.24 7.21
CA ALA D 70 59.06 23.61 6.85
C ALA D 70 58.81 23.74 5.35
N VAL D 71 59.00 24.94 4.81
CA VAL D 71 58.83 25.17 3.35
C VAL D 71 59.85 24.32 2.55
N ALA D 72 61.11 24.30 3.00
CA ALA D 72 62.16 23.50 2.31
C ALA D 72 61.83 22.00 2.28
N ALA D 73 61.39 21.46 3.41
CA ALA D 73 60.88 20.07 3.47
C ALA D 73 59.68 19.79 2.54
N ALA D 74 58.76 20.75 2.49
CA ALA D 74 57.60 20.68 1.61
C ALA D 74 58.00 20.74 0.14
N ARG D 75 58.93 21.65 -0.16
CA ARG D 75 59.44 21.81 -1.52
C ARG D 75 60.21 20.54 -1.92
N ARG D 76 61.11 20.06 -1.05
CA ARG D 76 61.79 18.78 -1.34
C ARG D 76 60.82 17.66 -1.64
N ALA D 77 59.84 17.48 -0.79
CA ALA D 77 58.95 16.33 -0.89
C ALA D 77 58.10 16.45 -2.17
N PHE D 78 57.57 17.64 -2.44
CA PHE D 78 56.82 17.81 -3.67
C PHE D 78 57.68 17.51 -4.89
N ASP D 79 58.87 18.12 -4.97
CA ASP D 79 59.69 18.02 -6.19
C ASP D 79 60.18 16.57 -6.36
N ALA D 80 60.30 15.83 -5.26
CA ALA D 80 60.63 14.38 -5.29
C ALA D 80 59.44 13.47 -5.68
N GLY D 81 58.22 14.00 -5.56
CA GLY D 81 57.03 13.23 -5.97
C GLY D 81 56.63 12.16 -4.97
N VAL D 82 57.07 12.28 -3.73
CA VAL D 82 56.82 11.17 -2.78
C VAL D 82 55.32 10.96 -2.50
N TRP D 83 54.56 12.04 -2.66
CA TRP D 83 53.12 12.06 -2.42
C TRP D 83 52.41 12.32 -3.74
N ALA D 84 52.88 13.34 -4.47
CA ALA D 84 52.24 13.70 -5.76
C ALA D 84 52.38 12.60 -6.80
N GLY D 85 53.47 11.85 -6.70
CA GLY D 85 53.72 10.71 -7.56
C GLY D 85 53.01 9.42 -7.20
N LEU D 86 52.30 9.36 -6.07
CA LEU D 86 51.49 8.17 -5.78
C LEU D 86 50.27 8.13 -6.67
N ASN D 87 49.78 6.92 -6.94
CA ASN D 87 48.60 6.77 -7.78
C ASN D 87 47.39 7.25 -7.00
N PRO D 88 46.37 7.76 -7.72
CA PRO D 88 45.15 8.21 -7.04
C PRO D 88 44.67 7.30 -5.89
N ARG D 89 44.59 6.00 -6.15
CA ARG D 89 44.09 5.08 -5.15
C ARG D 89 45.00 4.97 -3.91
N ALA D 90 46.30 5.06 -4.11
CA ALA D 90 47.26 4.98 -3.01
C ALA D 90 47.16 6.21 -2.10
N ARG D 91 47.00 7.40 -2.68
CA ARG D 91 46.80 8.62 -1.90
C ARG D 91 45.48 8.54 -1.16
N LYS D 92 44.47 8.01 -1.83
CA LYS D 92 43.17 7.87 -1.18
C LYS D 92 43.28 7.02 0.09
N ALA D 93 43.93 5.88 0.00
CA ALA D 93 44.01 4.96 1.18
C ALA D 93 44.69 5.66 2.36
N VAL D 94 45.73 6.43 2.07
CA VAL D 94 46.49 7.08 3.17
C VAL D 94 45.62 8.13 3.84
N LEU D 95 44.98 8.98 3.02
CA LEU D 95 44.05 9.98 3.56
C LEU D 95 42.92 9.37 4.37
N LEU D 96 42.33 8.30 3.86
CA LEU D 96 41.27 7.60 4.60
C LEU D 96 41.77 7.07 5.95
N ARG D 97 42.96 6.48 5.95
CA ARG D 97 43.56 6.03 7.23
C ARG D 97 43.76 7.17 8.22
N TRP D 98 44.13 8.35 7.73
CA TRP D 98 44.36 9.48 8.62
C TRP D 98 43.05 9.92 9.23
N ALA D 99 42.01 9.96 8.41
CA ALA D 99 40.68 10.33 8.88
C ALA D 99 40.23 9.30 9.89
N ALA D 100 40.50 8.03 9.62
CA ALA D 100 40.11 6.99 10.57
C ALA D 100 40.79 7.19 11.93
N LEU D 101 42.06 7.60 11.91
CA LEU D 101 42.80 7.91 13.14
C LEU D 101 42.20 9.07 13.88
N MET D 102 41.84 10.12 13.16
CA MET D 102 41.13 11.23 13.78
C MET D 102 39.87 10.70 14.53
N ARG D 103 39.11 9.81 13.88
CA ARG D 103 37.89 9.27 14.53
C ARG D 103 38.22 8.38 15.74
N GLU D 104 39.29 7.59 15.64
CA GLU D 104 39.77 6.80 16.77
C GLU D 104 40.19 7.69 17.95
N HIS D 105 40.67 8.89 17.66
CA HIS D 105 41.10 9.83 18.70
C HIS D 105 40.08 10.94 18.91
N LEU D 106 38.81 10.72 18.57
CA LEU D 106 37.80 11.78 18.59
C LEU D 106 37.70 12.48 19.96
N ASP D 107 37.69 11.72 21.05
CA ASP D 107 37.56 12.27 22.40
C ASP D 107 38.74 13.18 22.75
N GLU D 108 39.94 12.72 22.44
CA GLU D 108 41.16 13.52 22.63
C GLU D 108 41.15 14.84 21.84
N LEU D 109 40.88 14.75 20.55
CA LEU D 109 40.88 15.93 19.69
C LEU D 109 39.74 16.89 20.03
N SER D 110 38.59 16.33 20.37
CA SER D 110 37.44 17.14 20.77
C SER D 110 37.77 17.90 22.08
N LEU D 111 38.38 17.20 23.03
CA LEU D 111 38.81 17.81 24.29
C LEU D 111 39.88 18.90 24.13
N LEU D 112 40.92 18.60 23.36
CA LEU D 112 41.91 19.62 23.00
C LEU D 112 41.23 20.88 22.49
N GLU D 113 40.35 20.72 21.50
CA GLU D 113 39.66 21.84 20.89
C GLU D 113 38.80 22.69 21.85
N THR D 114 38.08 22.00 22.74
CA THR D 114 37.25 22.62 23.76
C THR D 114 38.13 23.44 24.75
N LEU D 115 39.18 22.80 25.25
CA LEU D 115 40.16 23.48 26.15
C LEU D 115 40.83 24.68 25.49
N ASP D 116 41.29 24.47 24.25
CA ASP D 116 42.11 25.46 23.52
C ASP D 116 41.31 26.71 23.12
N ALA D 117 40.07 26.54 22.65
CA ALA D 117 39.26 27.62 22.06
C ALA D 117 37.91 27.88 22.76
N GLY D 118 37.61 27.15 23.84
CA GLY D 118 36.41 27.39 24.63
C GLY D 118 35.10 26.92 24.03
N LYS D 119 35.18 26.06 23.03
CA LYS D 119 34.00 25.60 22.30
C LYS D 119 33.36 24.45 23.06
N PRO D 120 32.00 24.44 23.15
CA PRO D 120 31.35 23.39 23.92
C PRO D 120 31.77 22.00 23.47
N ILE D 121 32.06 21.12 24.45
CA ILE D 121 32.40 19.72 24.16
C ILE D 121 31.27 19.01 23.39
N GLY D 122 30.01 19.41 23.60
CA GLY D 122 28.86 18.82 22.86
C GLY D 122 28.89 19.21 21.38
N ASP D 123 29.58 20.32 21.09
CA ASP D 123 29.84 20.77 19.73
C ASP D 123 31.11 20.11 19.16
N THR D 124 32.21 20.11 19.91
CA THR D 124 33.50 19.59 19.34
C THR D 124 33.47 18.10 19.00
N THR D 125 32.78 17.32 19.82
CA THR D 125 32.58 15.89 19.55
C THR D 125 31.65 15.56 18.38
N THR D 126 30.73 16.47 18.03
CA THR D 126 29.67 16.17 17.07
C THR D 126 29.80 16.94 15.76
N VAL D 127 30.38 18.15 15.81
CA VAL D 127 30.52 19.00 14.65
C VAL D 127 31.97 19.11 14.20
N ASP D 128 32.84 19.65 15.06
CA ASP D 128 34.22 19.95 14.68
C ASP D 128 35.07 18.75 14.25
N VAL D 129 35.23 17.76 15.11
CA VAL D 129 36.07 16.63 14.75
C VAL D 129 35.46 15.68 13.70
N PRO D 130 34.18 15.33 13.83
CA PRO D 130 33.60 14.57 12.72
C PRO D 130 33.67 15.29 11.37
N GLY D 131 33.52 16.61 11.39
CA GLY D 131 33.62 17.44 10.19
C GLY D 131 34.99 17.46 9.55
N ALA D 132 36.04 17.51 10.36
CA ALA D 132 37.37 17.47 9.85
C ALA D 132 37.62 16.14 9.20
N ALA D 133 37.24 15.05 9.88
CA ALA D 133 37.42 13.70 9.30
C ALA D 133 36.63 13.52 7.99
N TYR D 134 35.38 14.00 7.94
CA TYR D 134 34.51 13.85 6.76
C TYR D 134 35.09 14.64 5.60
N CYS D 135 35.63 15.80 5.90
CA CYS D 135 36.29 16.57 4.85
C CYS D 135 37.45 15.82 4.19
N VAL D 136 38.32 15.24 5.04
CA VAL D 136 39.47 14.50 4.54
C VAL D 136 38.97 13.30 3.74
N GLU D 137 37.99 12.59 4.29
CA GLU D 137 37.45 11.41 3.62
C GLU D 137 36.86 11.78 2.29
N TRP D 138 36.10 12.86 2.23
CA TRP D 138 35.35 13.19 1.02
C TRP D 138 36.33 13.51 -0.12
N PHE D 139 37.34 14.29 0.20
CA PHE D 139 38.37 14.58 -0.79
C PHE D 139 39.21 13.37 -1.23
N ALA D 140 39.49 12.48 -0.29
CA ALA D 140 40.18 11.24 -0.58
C ALA D 140 39.36 10.40 -1.54
N GLU D 141 38.08 10.26 -1.23
CA GLU D 141 37.14 9.50 -2.11
C GLU D 141 36.96 10.11 -3.51
N ALA D 142 37.18 11.40 -3.63
CA ALA D 142 36.94 12.09 -4.88
C ALA D 142 38.12 11.93 -5.88
N ILE D 143 39.33 11.67 -5.34
CA ILE D 143 40.60 11.61 -6.05
C ILE D 143 40.60 10.76 -7.31
N ASP D 144 39.95 9.62 -7.25
CA ASP D 144 39.92 8.65 -8.32
C ASP D 144 38.54 8.56 -8.94
N LYS D 145 37.81 9.69 -8.96
CA LYS D 145 36.43 9.71 -9.54
C LYS D 145 36.28 10.78 -10.61
N VAL D 146 37.16 11.79 -10.57
CA VAL D 146 37.07 12.85 -11.56
C VAL D 146 38.39 13.18 -12.24
N GLY D 147 38.23 13.57 -13.48
CA GLY D 147 39.33 13.56 -14.39
C GLY D 147 39.39 14.86 -15.16
N GLY D 148 40.29 14.85 -16.13
CA GLY D 148 40.40 16.00 -17.06
C GLY D 148 39.57 15.79 -18.32
N GLU D 149 39.95 16.49 -19.37
CA GLU D 149 39.20 16.59 -20.59
C GLU D 149 40.02 16.13 -21.79
N VAL D 150 39.32 15.52 -22.73
CA VAL D 150 39.81 15.39 -24.10
C VAL D 150 39.06 16.41 -24.94
N ALA D 151 39.75 17.40 -25.47
CA ALA D 151 39.04 18.51 -26.15
C ALA D 151 38.47 18.10 -27.53
N PRO D 152 37.32 18.67 -27.93
CA PRO D 152 36.73 18.43 -29.26
C PRO D 152 37.47 19.31 -30.27
N ALA D 153 38.73 18.96 -30.50
CA ALA D 153 39.66 19.73 -31.27
C ALA D 153 39.76 19.18 -32.69
N ASP D 154 40.46 19.91 -33.54
CA ASP D 154 40.76 19.41 -34.87
C ASP D 154 41.46 18.03 -34.81
N HIS D 155 41.18 17.20 -35.80
CA HIS D 155 41.55 15.79 -35.78
C HIS D 155 43.01 15.51 -35.90
N HIS D 156 43.79 16.48 -36.34
CA HIS D 156 45.26 16.27 -36.41
C HIS D 156 45.90 16.44 -35.03
N LEU D 157 45.10 16.81 -34.02
CA LEU D 157 45.55 16.92 -32.65
C LEU D 157 44.89 15.90 -31.73
N VAL D 158 45.63 15.52 -30.70
CA VAL D 158 45.04 14.98 -29.47
C VAL D 158 45.21 16.10 -28.47
N GLY D 159 44.08 16.65 -28.04
CA GLY D 159 44.03 17.78 -27.12
C GLY D 159 43.57 17.34 -25.76
N LEU D 160 44.43 17.50 -24.76
CA LEU D 160 44.10 17.15 -23.38
C LEU D 160 44.09 18.38 -22.49
N VAL D 161 43.15 18.42 -21.55
CA VAL D 161 43.13 19.47 -20.56
C VAL D 161 43.17 18.80 -19.18
N THR D 162 44.25 19.00 -18.47
CA THR D 162 44.45 18.34 -17.16
C THR D 162 44.72 19.31 -16.01
N ARG D 163 44.69 18.75 -14.80
CA ARG D 163 44.97 19.53 -13.59
C ARG D 163 46.17 18.93 -12.90
N GLU D 164 47.03 19.79 -12.38
CA GLU D 164 48.25 19.38 -11.73
C GLU D 164 48.39 20.10 -10.40
N PRO D 165 48.92 19.42 -9.39
CA PRO D 165 49.09 20.16 -8.12
C PRO D 165 50.03 21.35 -8.27
N VAL D 166 49.74 22.41 -7.51
CA VAL D 166 50.48 23.65 -7.62
C VAL D 166 51.88 23.55 -7.00
N GLY D 167 52.01 22.78 -5.92
CA GLY D 167 53.32 22.50 -5.32
C GLY D 167 53.26 22.63 -3.80
N VAL D 168 53.80 23.74 -3.29
CA VAL D 168 53.81 23.99 -1.87
C VAL D 168 52.69 24.97 -1.51
N VAL D 169 51.76 24.48 -0.68
CA VAL D 169 50.60 25.21 -0.25
C VAL D 169 50.78 25.61 1.21
N ALA D 170 50.68 26.90 1.50
CA ALA D 170 50.65 27.38 2.89
C ALA D 170 49.18 27.62 3.24
N ALA D 171 48.78 27.21 4.44
CA ALA D 171 47.46 27.41 4.95
C ALA D 171 47.56 28.12 6.30
N VAL D 172 46.89 29.24 6.42
CA VAL D 172 46.84 30.01 7.67
C VAL D 172 45.38 30.11 8.14
N VAL D 173 45.09 29.58 9.33
CA VAL D 173 43.74 29.31 9.72
C VAL D 173 43.41 29.87 11.10
N PRO D 174 42.14 30.18 11.33
CA PRO D 174 41.79 30.93 12.50
C PRO D 174 41.48 30.03 13.68
N TRP D 175 41.07 30.68 14.78
CA TRP D 175 40.82 30.03 16.05
C TRP D 175 39.34 29.68 16.35
N ASN D 176 38.39 30.14 15.52
CA ASN D 176 36.98 29.88 15.78
C ASN D 176 36.51 28.44 15.51
N PHE D 177 37.09 27.83 14.47
CA PHE D 177 36.92 26.42 14.15
C PHE D 177 38.31 25.85 13.79
N PRO D 178 39.18 25.65 14.79
CA PRO D 178 40.60 25.31 14.54
C PRO D 178 40.85 24.07 13.65
N ILE D 179 40.33 22.93 14.08
CA ILE D 179 40.57 21.69 13.34
C ILE D 179 39.72 21.66 12.06
N LEU D 180 38.49 22.17 12.14
CA LEU D 180 37.58 22.09 10.97
C LEU D 180 38.07 22.96 9.82
N MET D 181 38.46 24.20 10.11
CA MET D 181 38.95 25.09 9.07
C MET D 181 40.31 24.65 8.55
N ALA D 182 41.12 24.07 9.42
CA ALA D 182 42.40 23.53 8.98
C ALA D 182 42.14 22.44 7.92
N ALA D 183 41.25 21.51 8.25
CA ALA D 183 40.93 20.40 7.36
C ALA D 183 40.32 20.89 6.09
N TRP D 184 39.53 21.97 6.15
CA TRP D 184 38.92 22.48 4.91
C TRP D 184 40.00 22.93 3.92
N LYS D 185 41.15 23.36 4.44
CA LYS D 185 42.31 23.65 3.60
C LYS D 185 43.13 22.40 3.24
N PHE D 186 43.59 21.66 4.24
CA PHE D 186 44.52 20.55 3.98
C PHE D 186 43.90 19.33 3.31
N GLY D 187 42.60 19.16 3.51
CA GLY D 187 41.88 18.01 2.92
C GLY D 187 41.99 18.07 1.42
N PRO D 188 41.50 19.15 0.82
CA PRO D 188 41.63 19.20 -0.66
C PRO D 188 43.09 19.41 -1.15
N ALA D 189 43.89 20.20 -0.44
CA ALA D 189 45.28 20.46 -0.90
C ALA D 189 46.08 19.18 -0.98
N LEU D 190 45.92 18.33 0.03
CA LEU D 190 46.67 17.10 0.09
C LEU D 190 46.14 16.07 -0.87
N ALA D 191 44.80 15.99 -1.04
CA ALA D 191 44.22 15.04 -1.96
C ALA D 191 44.80 15.30 -3.36
N ALA D 192 44.94 16.57 -3.72
CA ALA D 192 45.52 16.91 -5.04
C ALA D 192 47.00 16.61 -5.22
N GLY D 193 47.73 16.31 -4.15
CA GLY D 193 49.12 15.91 -4.25
C GLY D 193 50.11 16.98 -3.81
N ASN D 194 49.61 18.12 -3.32
CA ASN D 194 50.51 19.17 -2.83
C ASN D 194 51.11 18.84 -1.48
N SER D 195 52.19 19.54 -1.15
CA SER D 195 52.70 19.54 0.22
C SER D 195 52.11 20.78 0.92
N VAL D 196 51.91 20.67 2.22
CA VAL D 196 51.22 21.71 2.99
C VAL D 196 52.05 22.12 4.19
N VAL D 197 52.12 23.44 4.40
CA VAL D 197 52.64 24.06 5.62
C VAL D 197 51.48 24.79 6.26
N LEU D 198 51.00 24.24 7.36
CA LEU D 198 49.86 24.76 8.04
C LEU D 198 50.34 25.60 9.22
N LYS D 199 49.77 26.80 9.33
CA LYS D 199 50.11 27.76 10.38
C LYS D 199 48.83 28.05 11.18
N PRO D 200 48.61 27.30 12.27
CA PRO D 200 47.36 27.49 13.02
C PRO D 200 47.43 28.79 13.86
N SER D 201 46.27 29.27 14.33
CA SER D 201 46.22 30.50 15.12
C SER D 201 47.03 30.29 16.39
N GLU D 202 47.79 31.31 16.80
CA GLU D 202 48.38 31.31 18.14
C GLU D 202 47.32 31.08 19.22
N LYS D 203 46.05 31.39 18.91
CA LYS D 203 44.96 31.18 19.87
C LYS D 203 44.41 29.73 19.89
N SER D 204 44.87 28.86 19.00
CA SER D 204 44.28 27.53 18.90
C SER D 204 45.19 26.56 18.14
N PRO D 205 46.36 26.28 18.70
CA PRO D 205 47.36 25.48 18.01
C PRO D 205 47.21 23.97 18.16
N LEU D 206 46.48 23.51 19.17
CA LEU D 206 46.70 22.14 19.67
C LEU D 206 46.14 21.05 18.75
N THR D 207 44.95 21.23 18.19
CA THR D 207 44.43 20.17 17.30
C THR D 207 45.26 20.02 16.01
N ALA D 208 45.70 21.14 15.45
CA ALA D 208 46.59 21.15 14.32
C ALA D 208 47.85 20.34 14.59
N ILE D 209 48.52 20.62 15.72
CA ILE D 209 49.70 19.86 16.11
C ILE D 209 49.38 18.37 16.21
N ARG D 210 48.28 18.05 16.88
CA ARG D 210 47.97 16.66 17.14
C ARG D 210 47.71 15.89 15.85
N VAL D 211 46.92 16.47 14.94
CA VAL D 211 46.63 15.77 13.70
C VAL D 211 47.86 15.60 12.78
N ALA D 212 48.91 16.41 12.96
CA ALA D 212 50.15 16.23 12.17
C ALA D 212 50.89 14.93 12.50
N GLN D 213 50.89 14.60 13.79
CA GLN D 213 51.44 13.33 14.23
C GLN D 213 50.61 12.17 13.66
N LEU D 214 49.29 12.30 13.73
CA LEU D 214 48.40 11.26 13.17
C LEU D 214 48.62 11.12 11.69
N ALA D 215 48.80 12.25 11.01
CA ALA D 215 49.04 12.21 9.56
C ALA D 215 50.28 11.36 9.25
N PHE D 216 51.35 11.62 9.97
CA PHE D 216 52.57 10.86 9.76
C PHE D 216 52.38 9.35 10.07
N GLU D 217 51.64 9.04 11.12
CA GLU D 217 51.30 7.65 11.46
C GLU D 217 50.49 6.97 10.33
N ALA D 218 49.57 7.72 9.71
CA ALA D 218 48.76 7.22 8.56
C ALA D 218 49.56 6.96 7.29
N GLY D 219 50.72 7.59 7.21
CA GLY D 219 51.63 7.43 6.08
C GLY D 219 51.80 8.65 5.20
N ILE D 220 51.40 9.85 5.66
CA ILE D 220 51.72 11.06 4.91
C ILE D 220 53.23 11.27 5.05
N PRO D 221 53.98 11.27 3.90
CA PRO D 221 55.46 11.36 3.96
C PRO D 221 56.03 12.62 4.62
N ALA D 222 57.25 12.49 5.14
CA ALA D 222 57.98 13.58 5.79
C ALA D 222 57.97 14.78 4.86
N GLY D 223 57.55 15.93 5.38
CA GLY D 223 57.58 17.19 4.58
C GLY D 223 56.28 17.50 3.83
N VAL D 224 55.40 16.52 3.71
CA VAL D 224 54.16 16.72 2.96
C VAL D 224 53.09 17.45 3.81
N PHE D 225 53.04 17.20 5.14
CA PHE D 225 52.17 17.94 6.07
C PHE D 225 53.00 18.43 7.25
N ASN D 226 53.08 19.73 7.41
CA ASN D 226 53.90 20.37 8.46
C ASN D 226 53.01 21.33 9.19
N VAL D 227 53.18 21.42 10.50
CA VAL D 227 52.43 22.41 11.28
C VAL D 227 53.46 23.30 12.00
N VAL D 228 53.32 24.61 11.81
CA VAL D 228 54.24 25.60 12.37
C VAL D 228 53.48 26.57 13.27
N PRO D 229 53.45 26.32 14.60
CA PRO D 229 52.67 27.17 15.49
C PRO D 229 53.40 28.50 15.73
N GLY D 230 52.67 29.53 16.17
CA GLY D 230 53.25 30.87 16.41
C GLY D 230 52.21 31.91 16.09
N ALA D 231 52.54 33.19 16.25
CA ALA D 231 51.59 34.26 16.03
C ALA D 231 51.62 34.76 14.57
N GLY D 232 51.63 36.07 14.36
CA GLY D 232 51.53 36.66 13.03
C GLY D 232 52.77 36.52 12.16
N GLU D 233 53.95 36.41 12.77
CA GLU D 233 55.19 36.41 12.00
C GLU D 233 55.28 35.26 10.99
N PRO D 234 54.98 34.01 11.44
CA PRO D 234 55.13 32.91 10.49
C PRO D 234 54.14 32.97 9.35
N GLY D 235 52.96 33.56 9.57
CA GLY D 235 51.98 33.84 8.52
C GLY D 235 52.46 34.86 7.50
N LYS D 236 53.12 35.89 8.00
CA LYS D 236 53.74 36.93 7.17
C LYS D 236 54.83 36.32 6.31
N LEU D 237 55.70 35.55 6.95
CA LEU D 237 56.80 34.90 6.23
C LEU D 237 56.30 33.94 5.13
N LEU D 238 55.22 33.22 5.41
CA LEU D 238 54.66 32.26 4.46
C LEU D 238 54.07 32.99 3.25
N ALA D 239 53.42 34.13 3.47
CA ALA D 239 52.85 34.96 2.42
C ALA D 239 53.90 35.55 1.50
N LEU D 240 55.07 35.80 2.09
CA LEU D 240 56.22 36.36 1.38
C LEU D 240 57.19 35.35 0.80
N HIS D 241 57.07 34.07 1.14
CA HIS D 241 58.14 33.11 0.81
C HIS D 241 58.29 32.86 -0.66
N ARG D 242 59.53 32.86 -1.16
CA ARG D 242 59.78 32.69 -2.58
C ARG D 242 59.53 31.26 -3.06
N ASP D 243 59.41 30.29 -2.16
CA ASP D 243 59.26 28.87 -2.53
C ASP D 243 57.88 28.27 -2.17
N VAL D 244 56.93 29.12 -1.78
CA VAL D 244 55.53 28.74 -1.56
C VAL D 244 54.78 29.17 -2.86
N ASP D 245 53.94 28.30 -3.39
CA ASP D 245 53.21 28.52 -4.65
C ASP D 245 51.76 29.02 -4.45
N CYS D 246 51.23 28.86 -3.25
CA CYS D 246 49.83 29.13 -2.96
C CYS D 246 49.66 29.38 -1.46
N ILE D 247 48.89 30.39 -1.07
CA ILE D 247 48.53 30.55 0.32
C ILE D 247 47.00 30.65 0.42
N ALA D 248 46.43 29.78 1.26
CA ALA D 248 45.01 29.83 1.58
C ALA D 248 44.81 30.30 3.01
N PHE D 249 44.01 31.35 3.19
CA PHE D 249 43.88 31.95 4.49
C PHE D 249 42.40 31.99 4.84
N THR D 250 42.09 31.87 6.13
CA THR D 250 40.75 32.19 6.62
C THR D 250 40.97 33.10 7.82
N GLY D 251 40.31 34.25 7.84
CA GLY D 251 40.49 35.19 8.93
C GLY D 251 39.86 36.54 8.68
N SER D 252 40.41 37.57 9.33
CA SER D 252 39.85 38.92 9.24
C SER D 252 40.21 39.53 7.93
N THR D 253 39.43 40.53 7.54
CA THR D 253 39.62 41.22 6.28
C THR D 253 40.95 41.94 6.19
N ALA D 254 41.35 42.67 7.24
CA ALA D 254 42.59 43.44 7.21
C ALA D 254 43.81 42.54 7.07
N VAL D 255 43.76 41.37 7.69
CA VAL D 255 44.89 40.44 7.58
C VAL D 255 44.90 39.78 6.17
N GLY D 256 43.71 39.42 5.69
CA GLY D 256 43.52 38.96 4.31
C GLY D 256 44.10 39.93 3.30
N LYS D 257 43.88 41.22 3.53
CA LYS D 257 44.44 42.24 2.65
C LYS D 257 45.96 42.24 2.66
N LEU D 258 46.58 42.00 3.82
CA LEU D 258 48.04 41.91 3.97
C LEU D 258 48.54 40.69 3.19
N ILE D 259 47.86 39.55 3.36
CA ILE D 259 48.26 38.29 2.73
C ILE D 259 48.27 38.47 1.21
N MET D 260 47.17 39.01 0.70
CA MET D 260 47.05 39.23 -0.76
C MET D 260 48.17 40.15 -1.25
N GLN D 261 48.47 41.21 -0.52
CA GLN D 261 49.51 42.11 -0.94
C GLN D 261 50.91 41.44 -0.93
N TYR D 262 51.22 40.74 0.16
CA TYR D 262 52.49 40.08 0.27
C TYR D 262 52.69 38.98 -0.76
N ALA D 263 51.61 38.24 -1.06
CA ALA D 263 51.61 37.23 -2.13
C ALA D 263 52.00 37.83 -3.47
N ALA D 264 51.34 38.93 -3.82
CA ALA D 264 51.58 39.63 -5.09
C ALA D 264 53.00 40.15 -5.19
N GLN D 265 53.51 40.75 -4.13
CA GLN D 265 54.73 41.49 -4.26
C GLN D 265 55.92 40.58 -4.24
N SER D 266 55.76 39.41 -3.61
CA SER D 266 56.86 38.48 -3.53
C SER D 266 57.00 37.70 -4.83
N ASN D 267 56.17 36.69 -5.04
CA ASN D 267 56.31 35.81 -6.21
C ASN D 267 55.01 35.46 -6.90
N LEU D 268 53.94 36.24 -6.68
CA LEU D 268 52.63 35.99 -7.32
C LEU D 268 52.08 34.59 -6.98
N LYS D 269 52.45 34.07 -5.81
CA LYS D 269 51.80 32.89 -5.29
C LYS D 269 50.28 33.15 -5.27
N ARG D 270 49.49 32.10 -5.56
CA ARG D 270 48.02 32.22 -5.62
C ARG D 270 47.56 32.51 -4.20
N ALA D 271 46.62 33.43 -4.06
CA ALA D 271 46.15 33.76 -2.71
C ALA D 271 44.65 33.58 -2.68
N TRP D 272 44.18 32.83 -1.69
CA TRP D 272 42.79 32.46 -1.60
C TRP D 272 42.28 32.72 -0.17
N LEU D 273 41.27 33.58 -0.04
CA LEU D 273 40.89 34.15 1.27
C LEU D 273 39.44 33.81 1.58
N GLU D 274 39.18 33.34 2.79
CA GLU D 274 37.84 33.26 3.36
C GLU D 274 37.81 34.27 4.49
N LEU D 275 36.92 35.24 4.39
CA LEU D 275 36.94 36.39 5.28
C LEU D 275 35.64 36.49 6.07
N GLY D 276 35.37 37.65 6.66
CA GLY D 276 34.21 37.75 7.55
C GLY D 276 32.90 37.92 6.80
N GLY D 277 31.84 38.21 7.56
CA GLY D 277 30.50 38.29 7.01
C GLY D 277 29.65 39.23 7.84
N LYS D 278 28.54 39.64 7.26
CA LYS D 278 27.47 40.25 8.07
C LYS D 278 26.23 39.73 7.41
N SER D 279 26.03 38.43 7.58
CA SER D 279 25.06 37.69 6.77
C SER D 279 23.61 37.94 7.17
N PRO D 280 22.74 38.30 6.21
CA PRO D 280 21.34 38.57 6.57
C PRO D 280 20.46 37.32 6.55
N ASN D 281 19.56 37.21 7.52
CA ASN D 281 18.61 36.06 7.68
C ASN D 281 17.19 36.64 7.64
N ILE D 282 16.50 36.44 6.53
CA ILE D 282 15.26 37.15 6.22
C ILE D 282 14.06 36.25 6.57
N VAL D 283 13.11 36.75 7.35
CA VAL D 283 11.96 35.96 7.76
C VAL D 283 10.71 36.68 7.31
N LEU D 284 9.95 36.00 6.44
CA LEU D 284 8.74 36.54 5.87
C LEU D 284 7.50 35.96 6.57
N PRO D 285 6.36 36.65 6.47
CA PRO D 285 5.12 36.22 7.14
C PRO D 285 4.65 34.82 6.77
N ASP D 286 4.95 34.35 5.55
CA ASP D 286 4.55 33.00 5.14
C ASP D 286 5.62 31.92 5.40
N CYS D 287 6.58 32.24 6.24
CA CYS D 287 7.54 31.27 6.76
C CYS D 287 6.76 29.99 7.17
N PRO D 288 7.27 28.80 6.78
CA PRO D 288 6.48 27.58 7.08
C PRO D 288 6.22 27.32 8.59
N ASP D 289 7.17 27.70 9.45
CA ASP D 289 7.17 27.32 10.86
C ASP D 289 7.98 28.40 11.58
N LEU D 290 7.27 29.40 12.08
CA LEU D 290 7.88 30.53 12.83
C LEU D 290 8.70 30.07 14.02
N ASP D 291 8.22 29.05 14.71
CA ASP D 291 8.94 28.47 15.85
C ASP D 291 10.30 27.89 15.50
N ARG D 292 10.38 27.09 14.44
CA ARG D 292 11.69 26.62 13.98
C ARG D 292 12.55 27.78 13.46
N ALA D 293 11.96 28.71 12.74
CA ALA D 293 12.66 29.90 12.27
C ALA D 293 13.30 30.69 13.41
N ALA D 294 12.56 30.84 14.50
CA ALA D 294 13.08 31.55 15.66
C ALA D 294 14.23 30.79 16.33
N GLN D 295 14.04 29.48 16.52
CA GLN D 295 15.06 28.64 17.15
C GLN D 295 16.31 28.65 16.33
N THR D 296 16.15 28.57 15.01
CA THR D 296 17.29 28.50 14.10
C THR D 296 17.98 29.87 14.00
N ALA D 297 17.21 30.95 14.14
CA ALA D 297 17.78 32.30 14.11
C ALA D 297 18.66 32.51 15.35
N ALA D 298 18.24 31.97 16.48
CA ALA D 298 19.04 32.01 17.71
C ALA D 298 20.32 31.20 17.51
N GLY D 299 20.19 29.97 16.99
CA GLY D 299 21.36 29.16 16.68
C GLY D 299 22.31 29.79 15.65
N ALA D 300 21.73 30.52 14.70
CA ALA D 300 22.49 31.18 13.65
C ALA D 300 23.46 32.25 14.17
N ILE D 301 23.19 32.80 15.34
CA ILE D 301 23.98 33.88 15.93
C ILE D 301 24.62 33.52 17.24
N PHE D 302 24.09 32.52 17.95
CA PHE D 302 24.65 32.15 19.24
C PHE D 302 25.47 30.88 19.19
N TYR D 303 25.29 30.04 18.17
CA TYR D 303 26.19 28.87 17.98
C TYR D 303 27.66 29.31 17.91
N ASN D 304 28.54 28.56 18.59
CA ASN D 304 29.96 28.89 18.70
C ASN D 304 30.23 30.35 19.12
N MET D 305 29.38 30.83 20.02
CA MET D 305 29.52 32.15 20.62
C MET D 305 29.42 33.27 19.58
N GLY D 306 28.77 33.01 18.44
CA GLY D 306 28.71 33.99 17.37
C GLY D 306 30.07 34.22 16.71
N GLU D 307 31.02 33.31 16.98
CA GLU D 307 32.39 33.41 16.42
C GLU D 307 32.37 32.62 15.12
N MET D 308 31.59 33.11 14.19
CA MET D 308 31.29 32.36 12.97
C MET D 308 31.28 33.38 11.86
N CYS D 309 32.15 33.20 10.87
CA CYS D 309 32.16 34.12 9.75
C CYS D 309 30.76 34.23 9.10
N THR D 310 29.99 33.11 9.10
CA THR D 310 28.65 33.06 8.49
C THR D 310 27.53 33.36 9.44
N ALA D 311 27.85 33.89 10.64
CA ALA D 311 26.81 34.11 11.66
C ALA D 311 25.66 34.90 11.07
N GLY D 312 24.43 34.52 11.42
CA GLY D 312 23.23 35.20 10.92
C GLY D 312 23.03 36.41 11.81
N SER D 313 23.91 37.38 11.62
CA SER D 313 24.04 38.45 12.57
C SER D 313 23.11 39.62 12.33
N ARG D 314 22.46 39.65 11.16
CA ARG D 314 21.36 40.57 10.86
C ARG D 314 20.13 39.73 10.61
N LEU D 315 19.19 39.75 11.56
CA LEU D 315 17.87 39.16 11.36
C LEU D 315 16.95 40.23 10.78
N LEU D 316 16.56 40.03 9.53
CA LEU D 316 15.59 40.89 8.88
C LEU D 316 14.24 40.23 9.07
N VAL D 317 13.31 40.95 9.71
CA VAL D 317 11.96 40.38 9.94
C VAL D 317 10.86 41.33 9.46
N HIS D 318 9.85 40.76 8.80
CA HIS D 318 8.73 41.55 8.31
C HIS D 318 7.95 42.16 9.49
N ARG D 319 7.61 43.45 9.39
CA ARG D 319 6.88 44.17 10.44
C ARG D 319 5.66 43.41 11.02
N ASP D 320 4.88 42.77 10.16
CA ASP D 320 3.67 42.03 10.54
C ASP D 320 3.89 40.90 11.53
N ILE D 321 5.10 40.34 11.58
CA ILE D 321 5.40 39.24 12.54
C ILE D 321 6.51 39.60 13.55
N LYS D 322 7.00 40.82 13.52
CA LYS D 322 8.21 41.18 14.28
C LYS D 322 8.05 40.95 15.76
N ASP D 323 6.97 41.48 16.35
CA ASP D 323 6.72 41.32 17.78
C ASP D 323 6.64 39.85 18.20
N ALA D 324 5.82 39.07 17.53
CA ALA D 324 5.70 37.66 17.86
C ALA D 324 7.07 36.96 17.70
N PHE D 325 7.78 37.29 16.63
CA PHE D 325 9.08 36.64 16.35
C PHE D 325 10.11 36.97 17.43
N ILE D 326 10.16 38.22 17.84
CA ILE D 326 11.13 38.64 18.85
C ILE D 326 10.86 37.89 20.17
N GLU D 327 9.59 37.70 20.52
CA GLU D 327 9.27 36.93 21.76
C GLU D 327 9.86 35.52 21.66
N LYS D 328 9.63 34.83 20.54
CA LYS D 328 10.15 33.46 20.33
C LYS D 328 11.70 33.37 20.30
N LEU D 329 12.31 34.42 19.77
CA LEU D 329 13.75 34.60 19.73
C LEU D 329 14.35 34.70 21.16
N VAL D 330 13.70 35.49 22.00
CA VAL D 330 14.14 35.65 23.40
C VAL D 330 14.02 34.31 24.12
N ALA D 331 12.89 33.64 23.91
CA ALA D 331 12.67 32.29 24.43
C ALA D 331 13.74 31.31 23.91
N ALA D 332 14.08 31.40 22.63
CA ALA D 332 15.10 30.49 22.07
C ALA D 332 16.49 30.81 22.63
N ALA D 333 16.74 32.09 22.88
CA ALA D 333 18.04 32.55 23.41
C ALA D 333 18.39 31.97 24.77
N ARG D 334 17.36 31.58 25.53
CA ARG D 334 17.53 30.97 26.86
C ARG D 334 18.38 29.70 26.84
N ALA D 335 18.33 28.93 25.76
CA ALA D 335 19.18 27.72 25.66
C ALA D 335 20.68 28.05 25.60
N TYR D 336 21.03 29.28 25.24
CA TYR D 336 22.46 29.63 25.04
C TYR D 336 23.11 30.43 26.16
N VAL D 337 22.58 30.29 27.38
CA VAL D 337 23.19 30.84 28.59
C VAL D 337 24.61 30.38 28.63
N PRO D 338 25.56 31.29 28.85
CA PRO D 338 26.93 30.78 28.83
C PRO D 338 27.20 29.82 29.98
N GLY D 339 28.12 28.89 29.76
CA GLY D 339 28.39 27.84 30.75
C GLY D 339 29.74 27.21 30.47
N ASN D 340 30.11 26.25 31.31
CA ASN D 340 31.41 25.59 31.21
C ASN D 340 31.42 24.72 29.93
N PRO D 341 32.29 25.02 28.98
CA PRO D 341 32.24 24.18 27.77
C PRO D 341 32.62 22.71 27.99
N LEU D 342 33.26 22.37 29.11
CA LEU D 342 33.56 20.96 29.43
C LEU D 342 32.30 20.19 29.81
N ASP D 343 31.18 20.92 30.03
CA ASP D 343 29.88 20.33 30.40
C ASP D 343 29.09 20.03 29.12
N PRO D 344 28.83 18.73 28.82
CA PRO D 344 28.09 18.34 27.60
C PRO D 344 26.69 18.94 27.44
N SER D 345 26.07 19.43 28.49
CA SER D 345 24.76 20.07 28.33
C SER D 345 24.85 21.54 27.90
N VAL D 346 26.06 22.10 27.89
CA VAL D 346 26.23 23.52 27.58
C VAL D 346 26.18 23.75 26.06
N SER D 347 25.40 24.75 25.65
CA SER D 347 25.24 25.05 24.21
C SER D 347 26.03 26.27 23.73
N MET D 348 26.53 27.08 24.66
CA MET D 348 27.35 28.23 24.35
C MET D 348 28.49 28.37 25.37
N GLY D 349 29.72 28.39 24.88
CA GLY D 349 30.91 28.41 25.73
C GLY D 349 31.57 29.76 25.92
N ALA D 350 32.90 29.76 25.95
CA ALA D 350 33.70 30.96 26.26
C ALA D 350 34.18 31.73 25.02
N ILE D 351 34.26 33.05 25.15
CA ILE D 351 34.89 33.90 24.15
C ILE D 351 36.38 33.66 24.25
N VAL D 352 37.07 33.73 23.12
CA VAL D 352 38.45 33.17 23.04
C VAL D 352 39.47 33.84 23.97
N ASP D 353 39.34 35.14 24.17
CA ASP D 353 40.20 35.85 25.12
C ASP D 353 39.59 37.22 25.55
N GLY D 354 40.26 37.89 26.49
CA GLY D 354 39.68 39.09 27.06
C GLY D 354 39.56 40.19 26.03
N ILE D 355 40.56 40.32 25.17
CA ILE D 355 40.55 41.38 24.14
C ILE D 355 39.33 41.18 23.21
N GLN D 356 39.05 39.94 22.87
CA GLN D 356 37.89 39.62 22.03
C GLN D 356 36.62 39.93 22.80
N LEU D 357 36.61 39.62 24.10
CA LEU D 357 35.45 39.84 24.96
C LEU D 357 35.20 41.35 25.05
N GLU D 358 36.26 42.13 25.21
CA GLU D 358 36.07 43.58 25.38
C GLU D 358 35.66 44.23 24.06
N ARG D 359 36.10 43.65 22.94
CA ARG D 359 35.66 44.09 21.63
C ARG D 359 34.15 43.90 21.46
N VAL D 360 33.66 42.74 21.88
CA VAL D 360 32.24 42.42 21.79
C VAL D 360 31.40 43.32 22.71
N LEU D 361 31.91 43.57 23.91
CA LEU D 361 31.20 44.42 24.86
C LEU D 361 31.16 45.86 24.40
N GLY D 362 32.20 46.28 23.68
CA GLY D 362 32.23 47.58 23.05
C GLY D 362 31.13 47.71 22.02
N TYR D 363 30.94 46.67 21.19
CA TYR D 363 29.87 46.73 20.22
C TYR D 363 28.51 46.75 20.92
N ILE D 364 28.38 45.97 21.99
CA ILE D 364 27.16 45.98 22.79
C ILE D 364 26.83 47.40 23.35
N GLU D 365 27.86 48.07 23.88
CA GLU D 365 27.68 49.46 24.34
C GLU D 365 27.21 50.34 23.18
N ALA D 366 27.79 50.11 21.99
CA ALA D 366 27.41 50.86 20.80
C ALA D 366 25.95 50.58 20.48
N GLY D 367 25.56 49.31 20.57
CA GLY D 367 24.17 48.93 20.39
C GLY D 367 23.21 49.66 21.33
N ARG D 368 23.58 49.77 22.60
CA ARG D 368 22.78 50.50 23.58
C ARG D 368 22.61 51.98 23.17
N GLY D 369 23.63 52.54 22.53
CA GLY D 369 23.58 53.91 22.07
C GLY D 369 22.68 54.16 20.87
N GLU D 370 22.49 53.18 20.00
CA GLU D 370 21.77 53.43 18.76
C GLU D 370 20.48 52.64 18.55
N GLY D 371 20.24 51.61 19.37
CA GLY D 371 19.06 50.79 19.25
C GLY D 371 18.46 50.37 20.57
N ARG D 372 17.59 49.37 20.53
CA ARG D 372 16.87 48.92 21.70
C ARG D 372 17.36 47.56 22.13
N LEU D 373 17.91 47.48 23.34
CA LEU D 373 18.31 46.18 23.90
C LEU D 373 17.11 45.28 24.17
N VAL D 374 17.08 44.13 23.51
CA VAL D 374 15.96 43.18 23.62
C VAL D 374 16.19 42.14 24.72
N THR D 375 17.39 41.58 24.77
CA THR D 375 17.74 40.61 25.79
C THR D 375 19.24 40.54 25.90
N GLY D 376 19.72 40.08 27.04
CA GLY D 376 21.14 39.84 27.26
C GLY D 376 21.92 41.11 27.52
N GLY D 377 23.16 41.14 27.05
CA GLY D 377 23.95 42.37 26.99
C GLY D 377 25.18 42.37 27.88
N ALA D 378 25.33 41.37 28.74
CA ALA D 378 26.30 41.49 29.81
C ALA D 378 27.35 40.38 29.82
N ARG D 379 28.55 40.73 30.25
CA ARG D 379 29.55 39.77 30.63
C ARG D 379 29.00 38.96 31.79
N VAL D 380 29.33 37.68 31.83
CA VAL D 380 28.97 36.83 32.97
C VAL D 380 30.15 35.95 33.38
N ASN D 381 30.06 35.38 34.57
CA ASN D 381 31.07 34.47 35.11
C ASN D 381 32.52 34.95 35.11
N ALA D 382 32.71 36.25 35.34
CA ALA D 382 34.04 36.84 35.42
C ALA D 382 34.94 36.23 36.51
N GLU D 383 34.33 35.66 37.57
CA GLU D 383 35.10 35.04 38.68
C GLU D 383 35.85 33.77 38.28
N THR D 384 35.44 33.15 37.17
CA THR D 384 36.06 31.92 36.66
C THR D 384 37.46 32.14 36.10
N GLY D 385 37.77 33.40 35.76
CA GLY D 385 39.00 33.74 35.04
C GLY D 385 38.85 33.50 33.54
N GLY D 386 37.65 33.04 33.15
CA GLY D 386 37.30 32.79 31.78
C GLY D 386 36.48 33.95 31.22
N PHE D 387 36.12 33.85 29.95
CA PHE D 387 35.59 34.99 29.19
C PHE D 387 34.23 34.63 28.60
N TYR D 388 33.17 35.28 29.13
CA TYR D 388 31.83 34.89 28.75
C TYR D 388 30.95 36.11 28.58
N VAL D 389 30.02 36.03 27.64
CA VAL D 389 29.07 37.10 27.38
C VAL D 389 27.74 36.48 27.01
N GLU D 390 26.68 37.06 27.54
CA GLU D 390 25.36 36.53 27.29
C GLU D 390 24.99 36.64 25.81
N PRO D 391 24.14 35.74 25.32
CA PRO D 391 23.47 35.99 24.06
C PRO D 391 22.66 37.28 24.14
N THR D 392 22.83 38.14 23.13
CA THR D 392 22.38 39.50 23.14
C THR D 392 21.66 39.88 21.84
N VAL D 393 20.53 40.57 21.97
CA VAL D 393 19.70 40.96 20.84
C VAL D 393 19.35 42.45 20.95
N PHE D 394 19.45 43.17 19.84
CA PHE D 394 19.02 44.55 19.74
C PHE D 394 18.12 44.70 18.54
N GLU D 395 17.10 45.54 18.68
CA GLU D 395 16.39 46.05 17.54
C GLU D 395 17.06 47.35 17.08
N VAL D 396 17.46 47.39 15.81
CA VAL D 396 18.22 48.51 15.25
C VAL D 396 17.83 48.86 13.82
N LYS D 397 18.22 50.06 13.40
CA LYS D 397 18.03 50.49 12.04
C LYS D 397 19.12 49.83 11.22
N PRO D 398 18.88 49.64 9.92
CA PRO D 398 19.86 48.96 9.05
C PRO D 398 21.22 49.66 8.99
N ASP D 399 21.23 50.98 9.22
CA ASP D 399 22.43 51.82 9.18
C ASP D 399 23.25 51.82 10.47
N ALA D 400 22.75 51.17 11.51
CA ALA D 400 23.41 51.16 12.83
C ALA D 400 24.82 50.54 12.79
N LYS D 401 25.71 51.02 13.68
CA LYS D 401 27.07 50.47 13.76
C LYS D 401 27.08 48.96 14.00
N ILE D 402 26.25 48.48 14.93
CA ILE D 402 26.25 47.04 15.20
C ILE D 402 25.63 46.28 14.01
N ALA D 403 24.75 46.93 13.25
CA ALA D 403 24.18 46.28 12.04
C ALA D 403 25.10 46.27 10.83
N ARG D 404 26.12 47.13 10.81
CA ARG D 404 27.03 47.24 9.67
C ARG D 404 28.33 46.46 9.89
N GLU D 405 28.94 46.55 11.06
CA GLU D 405 30.26 45.98 11.25
C GLU D 405 30.17 44.59 11.84
N GLU D 406 31.12 43.74 11.46
CA GLU D 406 31.15 42.38 12.02
C GLU D 406 31.59 42.42 13.47
N ILE D 407 30.83 41.77 14.35
CA ILE D 407 31.11 41.77 15.77
C ILE D 407 31.94 40.56 16.17
N PHE D 408 31.60 39.40 15.63
CA PHE D 408 32.28 38.14 15.92
C PHE D 408 31.99 37.70 17.37
N GLY D 409 30.75 37.97 17.78
CA GLY D 409 30.23 37.61 19.09
C GLY D 409 28.73 37.36 18.98
N PRO D 410 28.13 36.93 20.10
CA PRO D 410 26.76 36.52 20.13
C PRO D 410 25.82 37.73 20.22
N VAL D 411 25.90 38.60 19.23
CA VAL D 411 25.13 39.83 19.24
C VAL D 411 24.33 39.95 17.94
N LEU D 412 23.01 39.92 18.07
CA LEU D 412 22.09 39.96 16.94
C LEU D 412 21.47 41.34 16.72
N SER D 413 21.48 41.76 15.47
CA SER D 413 20.79 42.98 15.02
C SER D 413 19.50 42.61 14.32
N VAL D 414 18.39 42.97 14.96
CA VAL D 414 17.07 42.69 14.41
C VAL D 414 16.60 43.93 13.68
N ILE D 415 16.35 43.79 12.40
CA ILE D 415 15.95 44.88 11.53
C ILE D 415 14.57 44.60 10.95
N VAL D 416 13.64 45.54 11.10
CA VAL D 416 12.30 45.39 10.51
C VAL D 416 12.32 45.77 9.04
N PHE D 417 11.47 45.15 8.23
CA PHE D 417 11.23 45.64 6.88
C PHE D 417 9.75 45.53 6.54
N ASP D 418 9.30 46.22 5.49
CA ASP D 418 7.86 46.22 5.13
C ASP D 418 7.48 45.45 3.89
N ASP D 419 8.47 45.10 3.05
CA ASP D 419 8.18 44.27 1.87
C ASP D 419 9.44 43.52 1.47
N VAL D 420 9.25 42.47 0.66
CA VAL D 420 10.39 41.65 0.22
C VAL D 420 11.48 42.44 -0.54
N ASP D 421 11.13 43.36 -1.44
CA ASP D 421 12.16 44.13 -2.15
C ASP D 421 13.02 44.91 -1.18
N GLU D 422 12.40 45.53 -0.18
CA GLU D 422 13.13 46.25 0.86
C GLU D 422 14.09 45.32 1.57
N ALA D 423 13.64 44.12 1.90
CA ALA D 423 14.47 43.19 2.65
C ALA D 423 15.68 42.72 1.82
N VAL D 424 15.50 42.60 0.51
CA VAL D 424 16.59 42.28 -0.39
C VAL D 424 17.59 43.43 -0.47
N ARG D 425 17.11 44.67 -0.57
CA ARG D 425 17.98 45.83 -0.63
C ARG D 425 18.80 45.94 0.64
N ILE D 426 18.16 45.79 1.80
CA ILE D 426 18.88 45.81 3.08
C ILE D 426 19.91 44.67 3.13
N ALA D 427 19.47 43.46 2.76
CA ALA D 427 20.35 42.29 2.78
C ALA D 427 21.64 42.51 2.03
N ASN D 428 21.53 43.12 0.85
CA ASN D 428 22.65 43.24 -0.09
C ASN D 428 23.46 44.51 0.11
N ASP D 429 22.93 45.40 0.95
CA ASP D 429 23.61 46.66 1.24
C ASP D 429 24.70 46.45 2.27
N THR D 430 25.76 45.78 1.83
CA THR D 430 26.90 45.47 2.69
C THR D 430 28.10 45.21 1.76
N GLU D 431 29.31 45.36 2.28
CA GLU D 431 30.53 45.00 1.52
C GLU D 431 30.85 43.49 1.66
N TYR D 432 30.13 42.82 2.55
CA TYR D 432 30.26 41.39 2.77
C TYR D 432 29.34 40.62 1.83
N GLY D 433 29.53 39.32 1.75
CA GLY D 433 28.69 38.45 0.92
C GLY D 433 29.04 36.99 1.12
N LEU D 434 29.16 36.58 2.38
CA LEU D 434 29.55 35.20 2.67
C LEU D 434 28.34 34.25 2.60
N ALA D 435 27.22 34.67 3.16
CA ALA D 435 26.01 33.85 3.14
C ALA D 435 24.78 34.72 3.34
N ALA D 436 23.59 34.13 3.17
CA ALA D 436 22.30 34.77 3.42
C ALA D 436 21.27 33.68 3.59
N ALA D 437 20.07 34.04 4.02
CA ALA D 437 19.02 33.09 4.06
C ALA D 437 17.64 33.77 3.97
N VAL D 438 16.64 33.06 3.45
CA VAL D 438 15.24 33.50 3.44
C VAL D 438 14.31 32.36 3.90
N TRP D 439 13.25 32.72 4.64
CA TRP D 439 12.25 31.79 5.14
C TRP D 439 10.90 32.16 4.57
N THR D 440 10.36 31.27 3.75
CA THR D 440 9.09 31.50 3.04
C THR D 440 8.58 30.15 2.59
N SER D 441 7.26 29.98 2.57
CA SER D 441 6.64 28.78 2.05
C SER D 441 6.34 28.85 0.58
N ASN D 442 6.49 30.03 -0.02
CA ASN D 442 6.13 30.28 -1.40
C ASN D 442 7.23 29.86 -2.37
N LEU D 443 6.90 29.03 -3.37
CA LEU D 443 7.83 28.55 -4.38
C LEU D 443 8.57 29.69 -5.08
N THR D 444 7.82 30.70 -5.56
CA THR D 444 8.41 31.78 -6.33
C THR D 444 9.26 32.68 -5.46
N THR D 445 8.75 33.10 -4.33
CA THR D 445 9.56 33.93 -3.42
C THR D 445 10.92 33.28 -3.11
N ALA D 446 10.89 32.01 -2.75
CA ALA D 446 12.09 31.27 -2.38
C ALA D 446 13.15 31.34 -3.43
N HIS D 447 12.76 31.04 -4.66
CA HIS D 447 13.72 30.92 -5.75
C HIS D 447 14.14 32.29 -6.19
N ASP D 448 13.21 33.23 -6.20
N ASP D 448 13.18 33.22 -6.26
CA ASP D 448 13.48 34.57 -6.67
CA ASP D 448 13.42 34.62 -6.68
C ASP D 448 14.43 35.31 -5.72
C ASP D 448 14.44 35.27 -5.73
N VAL D 449 14.13 35.23 -4.42
CA VAL D 449 14.94 35.87 -3.37
C VAL D 449 16.31 35.19 -3.25
N SER D 450 16.36 33.87 -3.17
CA SER D 450 17.66 33.22 -3.12
C SER D 450 18.56 33.61 -4.30
N ARG D 451 17.98 33.80 -5.51
CA ARG D 451 18.75 34.27 -6.67
C ARG D 451 19.27 35.71 -6.54
N ARG D 452 18.51 36.58 -5.91
CA ARG D 452 18.89 37.97 -5.83
C ARG D 452 19.89 38.26 -4.67
N LEU D 453 20.06 37.36 -3.71
CA LEU D 453 20.94 37.57 -2.57
C LEU D 453 22.38 37.34 -3.01
N ARG D 454 23.22 38.37 -2.81
CA ARG D 454 24.59 38.38 -3.31
C ARG D 454 25.49 37.78 -2.28
N ALA D 455 25.46 36.47 -2.23
CA ALA D 455 26.23 35.75 -1.27
C ALA D 455 26.51 34.37 -1.75
N GLY D 456 27.67 33.87 -1.31
CA GLY D 456 28.14 32.56 -1.66
C GLY D 456 27.33 31.34 -1.25
N THR D 457 26.73 31.38 -0.07
CA THR D 457 25.78 30.34 0.32
C THR D 457 24.46 30.99 0.66
N VAL D 458 23.38 30.48 0.05
CA VAL D 458 22.03 30.92 0.43
C VAL D 458 21.23 29.74 0.99
N TRP D 459 20.75 29.91 2.22
CA TRP D 459 19.88 28.91 2.87
C TRP D 459 18.42 29.35 2.79
N VAL D 460 17.59 28.44 2.33
CA VAL D 460 16.15 28.63 2.26
C VAL D 460 15.47 27.73 3.28
N ASN D 461 14.75 28.38 4.21
CA ASN D 461 14.05 27.67 5.26
C ASN D 461 14.99 26.82 6.10
N CYS D 462 16.19 27.33 6.30
CA CYS D 462 17.15 26.76 7.18
C CYS D 462 18.26 27.80 7.42
N TYR D 463 19.25 27.43 8.20
CA TYR D 463 20.44 28.29 8.36
C TYR D 463 21.62 27.47 8.86
N ASP D 464 22.79 27.67 8.22
CA ASP D 464 23.98 26.88 8.56
C ASP D 464 23.62 25.39 8.63
N GLU D 465 22.91 24.93 7.60
CA GLU D 465 22.22 23.65 7.60
C GLU D 465 23.19 22.53 7.30
N GLY D 466 23.36 21.59 8.23
CA GLY D 466 24.29 20.45 8.03
C GLY D 466 25.71 20.87 7.66
N GLY D 467 26.44 20.00 6.95
CA GLY D 467 27.83 20.33 6.59
C GLY D 467 28.31 19.59 5.36
N ASP D 468 27.40 19.47 4.42
CA ASP D 468 27.61 18.63 3.28
C ASP D 468 28.76 19.18 2.46
N MET D 469 29.61 18.28 2.03
CA MET D 469 30.81 18.66 1.28
C MET D 469 30.56 19.05 -0.18
N ASN D 470 29.40 18.75 -0.75
CA ASN D 470 29.12 19.13 -2.13
C ASN D 470 28.87 20.63 -2.35
N PHE D 471 28.76 21.41 -1.29
CA PHE D 471 28.39 22.82 -1.48
C PHE D 471 29.59 23.75 -1.34
N PRO D 472 30.05 24.36 -2.40
CA PRO D 472 31.14 25.34 -2.26
C PRO D 472 30.72 26.48 -1.33
N PHE D 473 31.70 26.93 -0.54
CA PHE D 473 31.51 27.87 0.52
C PHE D 473 32.58 28.95 0.43
N GLY D 474 32.14 30.20 0.44
CA GLY D 474 33.02 31.36 0.24
C GLY D 474 32.30 32.63 -0.15
N GLY D 475 33.08 33.65 -0.44
CA GLY D 475 32.55 35.01 -0.50
C GLY D 475 32.25 35.57 -1.88
N TYR D 476 31.23 36.42 -1.89
CA TYR D 476 31.13 37.49 -2.89
C TYR D 476 31.82 38.70 -2.26
N LYS D 477 32.11 39.70 -3.08
CA LYS D 477 32.59 40.97 -2.56
C LYS D 477 33.79 40.82 -1.58
N GLN D 478 33.72 41.40 -0.39
CA GLN D 478 34.88 41.38 0.51
C GLN D 478 34.83 40.26 1.55
N SER D 479 34.09 39.19 1.26
CA SER D 479 34.02 38.06 2.19
C SER D 479 34.97 36.93 1.75
N GLY D 480 35.79 37.23 0.76
CA GLY D 480 36.82 36.32 0.27
C GLY D 480 36.67 35.92 -1.18
N ASN D 481 37.66 35.18 -1.67
CA ASN D 481 37.69 34.71 -3.04
C ASN D 481 37.92 33.21 -3.05
N GLY D 482 37.20 32.51 -3.93
CA GLY D 482 37.38 31.09 -4.05
C GLY D 482 36.49 30.40 -3.08
N ARG D 483 36.48 29.08 -3.16
CA ARG D 483 35.57 28.31 -2.38
C ARG D 483 36.30 27.17 -1.67
N ASP D 484 35.93 27.01 -0.39
CA ASP D 484 36.15 25.79 0.37
C ASP D 484 34.97 24.80 0.24
N LYS D 485 35.26 23.53 0.51
CA LYS D 485 34.31 22.40 0.25
C LYS D 485 34.03 22.20 -1.28
N SER D 486 33.49 21.04 -1.62
CA SER D 486 33.18 20.67 -3.02
C SER D 486 34.42 20.52 -3.89
N LEU D 487 34.22 19.99 -5.09
CA LEU D 487 35.28 19.73 -6.06
C LEU D 487 35.92 21.06 -6.44
N HIS D 488 35.12 22.12 -6.34
CA HIS D 488 35.58 23.46 -6.65
C HIS D 488 36.74 23.90 -5.73
N ALA D 489 36.85 23.32 -4.54
CA ALA D 489 37.94 23.69 -3.63
C ALA D 489 39.28 23.24 -4.19
N LEU D 490 39.27 22.20 -5.02
CA LEU D 490 40.51 21.73 -5.68
C LEU D 490 41.21 22.69 -6.69
N GLU D 491 40.45 23.63 -7.23
N GLU D 491 40.48 23.64 -7.27
CA GLU D 491 40.91 24.62 -8.21
CA GLU D 491 41.06 24.59 -8.24
C GLU D 491 41.92 25.61 -7.59
C GLU D 491 42.07 25.49 -7.56
N LYS D 492 41.89 25.72 -6.26
CA LYS D 492 42.77 26.60 -5.54
C LYS D 492 44.14 25.98 -5.42
N TYR D 493 44.22 24.64 -5.57
CA TYR D 493 45.47 23.94 -5.30
C TYR D 493 46.02 23.20 -6.50
N THR D 494 45.52 23.53 -7.70
CA THR D 494 45.96 22.90 -8.92
C THR D 494 46.01 23.97 -10.01
N GLU D 495 46.69 23.63 -11.10
CA GLU D 495 46.76 24.48 -12.27
C GLU D 495 46.16 23.66 -13.38
N LEU D 496 45.51 24.34 -14.34
CA LEU D 496 45.14 23.74 -15.60
C LEU D 496 46.37 23.70 -16.54
N LYS D 497 46.47 22.62 -17.32
CA LYS D 497 47.38 22.47 -18.48
C LYS D 497 46.63 22.00 -19.72
N SER D 498 46.80 22.70 -20.85
CA SER D 498 46.34 22.22 -22.10
C SER D 498 47.53 21.59 -22.78
N THR D 499 47.41 20.33 -23.17
CA THR D 499 48.47 19.70 -23.94
C THR D 499 47.96 19.52 -25.34
N LEU D 500 48.61 20.14 -26.34
CA LEU D 500 48.21 19.92 -27.73
C LEU D 500 49.17 19.00 -28.48
N ILE D 501 48.73 17.79 -28.74
CA ILE D 501 49.60 16.79 -29.34
C ILE D 501 49.32 16.71 -30.83
N ARG D 502 50.28 17.17 -31.63
CA ARG D 502 50.10 17.15 -33.08
C ARG D 502 50.65 15.85 -33.69
N LEU D 503 49.72 15.09 -34.28
CA LEU D 503 50.03 13.81 -34.92
C LEU D 503 50.57 13.93 -36.31
N ARG D 504 50.20 15.00 -37.02
CA ARG D 504 50.61 15.23 -38.39
C ARG D 504 50.35 16.67 -38.80
N LEU E 12 2.90 9.66 8.05
CA LEU E 12 3.75 10.58 8.87
C LEU E 12 5.10 9.93 9.12
N THR E 13 6.15 10.74 9.14
CA THR E 13 7.51 10.31 9.43
C THR E 13 7.79 10.39 10.92
N LEU E 14 8.94 9.87 11.33
CA LEU E 14 9.39 9.98 12.71
C LEU E 14 9.46 11.42 13.16
N ALA E 15 10.12 12.22 12.32
CA ALA E 15 10.27 13.64 12.55
C ALA E 15 8.89 14.28 12.76
N ASP E 16 7.91 13.89 11.95
CA ASP E 16 6.53 14.38 12.07
C ASP E 16 5.94 14.09 13.44
N TRP E 17 6.11 12.85 13.89
CA TRP E 17 5.53 12.44 15.18
C TRP E 17 6.25 13.14 16.32
N GLN E 18 7.56 13.33 16.18
CA GLN E 18 8.33 14.06 17.19
C GLN E 18 7.79 15.49 17.27
N HIS E 19 7.49 16.10 16.12
CA HIS E 19 6.97 17.47 16.11
C HIS E 19 5.60 17.55 16.76
N LYS E 20 4.71 16.61 16.42
CA LYS E 20 3.42 16.53 17.06
C LYS E 20 3.52 16.34 18.59
N ALA E 21 4.42 15.48 19.07
CA ALA E 21 4.53 15.26 20.52
C ALA E 21 5.03 16.52 21.26
N ALA E 22 5.85 17.30 20.59
CA ALA E 22 6.35 18.56 21.17
C ALA E 22 5.24 19.60 21.32
N SER E 23 4.26 19.58 20.43
CA SER E 23 3.16 20.54 20.44
C SER E 23 1.92 20.04 21.17
N LEU E 24 1.87 18.74 21.45
CA LEU E 24 0.65 18.10 21.94
C LEU E 24 0.22 18.66 23.28
N GLU E 25 -1.04 19.08 23.41
CA GLU E 25 -1.59 19.43 24.71
C GLU E 25 -2.28 18.20 25.29
N ILE E 26 -1.85 17.79 26.47
CA ILE E 26 -2.37 16.54 27.07
C ILE E 26 -3.34 16.84 28.19
N GLU E 27 -4.54 16.28 28.07
CA GLU E 27 -5.55 16.41 29.13
C GLU E 27 -5.35 15.30 30.23
N GLY E 28 -5.14 15.69 31.48
CA GLY E 28 -4.94 14.73 32.58
C GLY E 28 -6.08 14.63 33.58
N ARG E 29 -7.08 15.48 33.45
CA ARG E 29 -8.19 15.43 34.40
C ARG E 29 -9.09 14.19 34.20
N ALA E 30 -9.80 13.80 35.28
CA ALA E 30 -10.88 12.84 35.20
C ALA E 30 -12.00 13.41 34.35
N PHE E 31 -12.85 12.53 33.83
CA PHE E 31 -13.99 12.97 33.08
C PHE E 31 -15.22 12.38 33.72
N ILE E 32 -15.97 13.22 34.42
CA ILE E 32 -17.05 12.71 35.27
C ILE E 32 -18.28 13.56 35.07
N ASP E 33 -19.41 12.91 34.79
CA ASP E 33 -20.65 13.61 34.66
C ASP E 33 -20.59 14.80 33.68
N GLY E 34 -20.06 14.55 32.48
CA GLY E 34 -20.06 15.52 31.39
C GLY E 34 -18.98 16.60 31.39
N ALA E 35 -18.05 16.55 32.36
CA ALA E 35 -16.98 17.55 32.43
C ALA E 35 -15.69 16.99 32.98
N SER E 36 -14.60 17.67 32.61
CA SER E 36 -13.30 17.38 33.13
C SER E 36 -13.26 17.89 34.58
N ARG E 37 -12.72 17.09 35.48
CA ARG E 37 -12.56 17.50 36.88
C ARG E 37 -11.23 17.05 37.43
N ASP E 38 -10.67 17.87 38.32
CA ASP E 38 -9.56 17.44 39.14
C ASP E 38 -10.04 16.40 40.12
N ALA E 39 -9.13 15.52 40.52
CA ALA E 39 -9.36 14.61 41.65
C ALA E 39 -9.56 15.40 42.94
N HIS E 40 -10.43 14.90 43.82
CA HIS E 40 -10.78 15.61 45.04
C HIS E 40 -9.51 15.82 45.89
N GLY E 41 -9.36 17.02 46.40
CA GLY E 41 -8.18 17.38 47.20
C GLY E 41 -6.89 17.60 46.42
N GLY E 42 -7.02 17.71 45.10
CA GLY E 42 -5.91 18.07 44.21
C GLY E 42 -4.89 16.97 43.97
N ARG E 43 -5.33 15.73 43.96
CA ARG E 43 -4.40 14.61 43.89
C ARG E 43 -4.02 14.32 42.47
N THR E 44 -2.73 14.08 42.23
CA THR E 44 -2.34 13.63 40.91
C THR E 44 -1.25 12.60 41.03
N PHE E 45 -1.05 11.88 39.94
CA PHE E 45 0.16 11.12 39.73
C PHE E 45 0.84 11.55 38.42
N ASP E 46 2.12 11.24 38.29
CA ASP E 46 2.89 11.61 37.10
C ASP E 46 2.77 10.50 36.08
N CYS E 47 2.30 10.88 34.89
CA CYS E 47 2.17 9.95 33.80
C CYS E 47 3.48 9.99 33.02
N VAL E 48 4.18 8.88 33.04
CA VAL E 48 5.54 8.77 32.57
C VAL E 48 5.55 7.95 31.30
N SER E 49 6.41 8.31 30.37
CA SER E 49 6.48 7.64 29.08
C SER E 49 7.56 6.56 29.19
N PRO E 50 7.26 5.33 28.75
CA PRO E 50 8.26 4.27 28.71
C PRO E 50 9.33 4.44 27.64
N ILE E 51 9.10 5.36 26.70
CA ILE E 51 10.06 5.60 25.63
C ILE E 51 11.43 6.06 26.21
N ASP E 52 11.36 7.02 27.13
CA ASP E 52 12.55 7.72 27.63
C ASP E 52 12.41 8.24 29.06
N GLY E 53 11.34 7.84 29.75
CA GLY E 53 11.06 8.33 31.10
C GLY E 53 10.47 9.73 31.21
N ARG E 54 10.17 10.40 30.11
CA ARG E 54 9.67 11.78 30.23
C ARG E 54 8.33 11.79 30.97
N VAL E 55 8.11 12.79 31.83
CA VAL E 55 6.79 12.96 32.44
C VAL E 55 5.95 13.64 31.38
N LEU E 56 4.87 12.98 30.93
CA LEU E 56 3.96 13.52 29.93
C LEU E 56 2.95 14.51 30.49
N ALA E 57 2.47 14.22 31.68
CA ALA E 57 1.38 15.01 32.27
C ALA E 57 1.20 14.64 33.72
N LYS E 58 0.60 15.52 34.49
CA LYS E 58 0.07 15.13 35.79
C LYS E 58 -1.39 14.76 35.51
N VAL E 59 -1.79 13.59 36.03
CA VAL E 59 -3.10 13.02 35.80
C VAL E 59 -3.83 12.87 37.13
N ALA E 60 -5.13 13.13 37.11
CA ALA E 60 -5.96 12.98 38.27
C ALA E 60 -5.73 11.63 38.98
N ASP E 61 -5.47 11.64 40.29
CA ASP E 61 -5.39 10.39 41.09
C ASP E 61 -6.64 10.23 42.00
N CYS E 62 -7.63 9.53 41.46
CA CYS E 62 -8.94 9.46 42.08
C CYS E 62 -8.99 8.54 43.27
N GLY E 63 -9.73 8.98 44.26
CA GLY E 63 -10.01 8.21 45.46
C GLY E 63 -11.50 7.91 45.54
N GLU E 64 -11.98 7.59 46.74
CA GLU E 64 -13.38 7.25 46.93
C GLU E 64 -14.34 8.38 46.59
N ALA E 65 -13.99 9.63 46.83
CA ALA E 65 -14.95 10.70 46.55
C ALA E 65 -15.27 10.76 45.06
N ASP E 66 -14.23 10.60 44.26
CA ASP E 66 -14.33 10.70 42.80
C ASP E 66 -15.04 9.48 42.19
N VAL E 67 -14.68 8.29 42.67
CA VAL E 67 -15.39 7.05 42.29
C VAL E 67 -16.87 7.24 42.61
N ASN E 68 -17.17 7.67 43.84
CA ASN E 68 -18.57 7.86 44.22
C ASN E 68 -19.33 8.84 43.35
N ALA E 69 -18.68 9.95 42.98
CA ALA E 69 -19.31 10.93 42.11
C ALA E 69 -19.62 10.32 40.74
N ALA E 70 -18.66 9.55 40.22
CA ALA E 70 -18.80 8.91 38.92
C ALA E 70 -19.90 7.87 38.95
N VAL E 71 -19.94 7.02 39.98
CA VAL E 71 -20.98 6.04 40.15
C VAL E 71 -22.39 6.66 40.32
N ALA E 72 -22.45 7.72 41.12
CA ALA E 72 -23.72 8.41 41.38
C ALA E 72 -24.29 9.01 40.07
N ALA E 73 -23.42 9.63 39.30
CA ALA E 73 -23.78 10.22 38.00
C ALA E 73 -24.29 9.16 37.02
N ALA E 74 -23.58 8.03 37.02
CA ALA E 74 -23.92 6.92 36.17
C ALA E 74 -25.27 6.38 36.53
N ARG E 75 -25.52 6.18 37.83
CA ARG E 75 -26.82 5.71 38.34
C ARG E 75 -27.90 6.68 37.96
N ARG E 76 -27.61 7.95 38.20
CA ARG E 76 -28.60 9.00 37.89
C ARG E 76 -29.03 8.98 36.41
N ALA E 77 -28.04 8.93 35.51
CA ALA E 77 -28.28 8.98 34.07
C ALA E 77 -28.99 7.70 33.60
N PHE E 78 -28.64 6.56 34.19
CA PHE E 78 -29.37 5.31 33.86
C PHE E 78 -30.86 5.42 34.24
N ASP E 79 -31.11 5.81 35.48
CA ASP E 79 -32.50 5.88 35.96
C ASP E 79 -33.28 6.90 35.21
N ALA E 80 -32.64 8.00 34.81
CA ALA E 80 -33.32 9.02 34.00
C ALA E 80 -33.66 8.50 32.60
N GLY E 81 -32.99 7.45 32.15
CA GLY E 81 -33.29 6.82 30.84
C GLY E 81 -32.80 7.68 29.67
N VAL E 82 -31.85 8.55 29.95
CA VAL E 82 -31.34 9.51 28.93
C VAL E 82 -30.61 8.81 27.79
N TRP E 83 -30.18 7.58 28.05
CA TRP E 83 -29.40 6.78 27.09
C TRP E 83 -30.06 5.42 26.88
N ALA E 84 -30.42 4.74 27.98
CA ALA E 84 -31.17 3.48 27.88
C ALA E 84 -32.54 3.63 27.26
N GLY E 85 -33.13 4.81 27.39
CA GLY E 85 -34.46 5.09 26.90
C GLY E 85 -34.52 5.61 25.49
N LEU E 86 -33.35 5.81 24.86
CA LEU E 86 -33.30 6.12 23.48
C LEU E 86 -33.71 4.93 22.65
N ASN E 87 -34.28 5.23 21.50
CA ASN E 87 -34.58 4.18 20.55
C ASN E 87 -33.31 3.57 19.96
N PRO E 88 -33.36 2.29 19.62
CA PRO E 88 -32.18 1.58 19.08
C PRO E 88 -31.42 2.37 17.97
N ARG E 89 -32.15 2.86 16.96
CA ARG E 89 -31.50 3.65 15.91
C ARG E 89 -30.84 4.92 16.43
N ALA E 90 -31.42 5.53 17.46
CA ALA E 90 -30.90 6.78 18.05
C ALA E 90 -29.56 6.58 18.78
N ARG E 91 -29.51 5.53 19.61
CA ARG E 91 -28.30 5.18 20.29
C ARG E 91 -27.22 4.76 19.28
N LYS E 92 -27.62 4.03 18.23
CA LYS E 92 -26.69 3.67 17.14
C LYS E 92 -26.04 4.90 16.52
N ALA E 93 -26.85 5.90 16.20
CA ALA E 93 -26.35 7.12 15.56
C ALA E 93 -25.31 7.82 16.43
N VAL E 94 -25.52 7.89 17.72
CA VAL E 94 -24.56 8.56 18.64
C VAL E 94 -23.23 7.81 18.68
N LEU E 95 -23.29 6.51 18.94
CA LEU E 95 -22.10 5.68 18.98
C LEU E 95 -21.34 5.76 17.66
N LEU E 96 -22.04 5.71 16.52
CA LEU E 96 -21.34 5.88 15.24
C LEU E 96 -20.63 7.22 15.13
N ARG E 97 -21.25 8.28 15.65
N ARG E 97 -21.27 8.27 15.63
CA ARG E 97 -20.63 9.59 15.60
CA ARG E 97 -20.69 9.59 15.63
C ARG E 97 -19.41 9.68 16.52
C ARG E 97 -19.40 9.60 16.47
N TRP E 98 -19.44 8.96 17.62
CA TRP E 98 -18.29 8.87 18.50
C TRP E 98 -17.13 8.14 17.83
N ALA E 99 -17.42 7.01 17.19
CA ALA E 99 -16.41 6.29 16.46
C ALA E 99 -15.79 7.16 15.37
N ALA E 100 -16.65 7.88 14.66
CA ALA E 100 -16.20 8.77 13.58
C ALA E 100 -15.26 9.85 14.14
N LEU E 101 -15.58 10.37 15.32
CA LEU E 101 -14.68 11.35 15.96
C LEU E 101 -13.34 10.70 16.29
N MET E 102 -13.36 9.47 16.81
CA MET E 102 -12.11 8.78 17.08
C MET E 102 -11.27 8.71 15.83
N ARG E 103 -11.93 8.40 14.73
CA ARG E 103 -11.24 8.27 13.49
C ARG E 103 -10.72 9.63 13.03
N GLU E 104 -11.49 10.68 13.24
CA GLU E 104 -11.06 12.02 12.89
C GLU E 104 -9.82 12.42 13.68
N HIS E 105 -9.74 11.95 14.92
CA HIS E 105 -8.66 12.25 15.83
C HIS E 105 -7.70 11.08 15.92
N LEU E 106 -7.59 10.30 14.84
CA LEU E 106 -6.74 9.11 14.91
C LEU E 106 -5.27 9.43 15.22
N ASP E 107 -4.69 10.47 14.61
CA ASP E 107 -3.26 10.77 14.86
C ASP E 107 -2.99 11.12 16.33
N GLU E 108 -3.83 11.98 16.89
CA GLU E 108 -3.70 12.35 18.28
C GLU E 108 -3.86 11.14 19.20
N LEU E 109 -4.89 10.35 18.94
CA LEU E 109 -5.14 9.19 19.78
C LEU E 109 -4.02 8.17 19.70
N SER E 110 -3.55 7.91 18.49
CA SER E 110 -2.45 7.01 18.28
C SER E 110 -1.18 7.53 18.96
N LEU E 111 -0.94 8.85 18.85
CA LEU E 111 0.26 9.42 19.43
C LEU E 111 0.23 9.37 20.97
N LEU E 112 -0.91 9.69 21.57
CA LEU E 112 -1.10 9.54 23.01
C LEU E 112 -0.79 8.11 23.47
N GLU E 113 -1.40 7.14 22.79
CA GLU E 113 -1.20 5.72 23.09
C GLU E 113 0.25 5.30 23.04
N THR E 114 0.98 5.81 22.04
CA THR E 114 2.38 5.45 21.81
C THR E 114 3.27 6.09 22.91
N LEU E 115 3.01 7.37 23.22
CA LEU E 115 3.75 8.05 24.29
C LEU E 115 3.51 7.42 25.67
N ASP E 116 2.26 7.07 25.93
CA ASP E 116 1.78 6.61 27.25
C ASP E 116 2.25 5.20 27.57
N ALA E 117 2.21 4.31 26.58
CA ALA E 117 2.34 2.86 26.86
C ALA E 117 3.50 2.20 26.11
N GLY E 118 4.22 3.01 25.28
CA GLY E 118 5.45 2.57 24.57
C GLY E 118 5.22 1.75 23.32
N LYS E 119 3.99 1.77 22.84
CA LYS E 119 3.55 0.92 21.71
C LYS E 119 3.90 1.56 20.37
N PRO E 120 4.54 0.81 19.46
CA PRO E 120 4.87 1.41 18.16
C PRO E 120 3.74 2.25 17.51
N ILE E 121 4.12 3.40 16.96
CA ILE E 121 3.23 4.26 16.24
C ILE E 121 2.65 3.59 14.99
N GLY E 122 3.42 2.69 14.40
CA GLY E 122 2.95 1.88 13.28
C GLY E 122 1.86 0.89 13.68
N ASP E 123 1.84 0.51 14.96
CA ASP E 123 0.81 -0.34 15.48
C ASP E 123 -0.40 0.48 15.98
N THR E 124 -0.16 1.59 16.68
CA THR E 124 -1.29 2.29 17.30
C THR E 124 -2.19 2.91 16.23
N THR E 125 -1.58 3.35 15.11
CA THR E 125 -2.30 3.95 14.01
C THR E 125 -3.09 2.97 13.15
N THR E 126 -2.73 1.69 13.16
CA THR E 126 -3.32 0.68 12.30
C THR E 126 -4.12 -0.39 13.05
N VAL E 127 -3.73 -0.67 14.28
CA VAL E 127 -4.37 -1.73 15.06
C VAL E 127 -5.23 -1.16 16.18
N ASP E 128 -4.62 -0.41 17.10
CA ASP E 128 -5.29 -0.01 18.33
C ASP E 128 -6.44 0.98 18.12
N VAL E 129 -6.18 2.11 17.47
CA VAL E 129 -7.21 3.13 17.37
C VAL E 129 -8.32 2.68 16.35
N PRO E 130 -7.95 2.20 15.14
CA PRO E 130 -8.97 1.64 14.24
C PRO E 130 -9.82 0.52 14.86
N GLY E 131 -9.13 -0.32 15.63
CA GLY E 131 -9.74 -1.43 16.36
C GLY E 131 -10.77 -0.93 17.37
N ALA E 132 -10.45 0.14 18.08
CA ALA E 132 -11.40 0.73 19.07
C ALA E 132 -12.65 1.26 18.39
N ALA E 133 -12.43 1.96 17.27
CA ALA E 133 -13.50 2.58 16.49
C ALA E 133 -14.36 1.48 15.88
N TYR E 134 -13.73 0.44 15.29
CA TYR E 134 -14.46 -0.74 14.73
C TYR E 134 -15.30 -1.40 15.78
N CYS E 135 -14.75 -1.55 16.99
CA CYS E 135 -15.54 -2.22 18.05
C CYS E 135 -16.83 -1.45 18.40
N VAL E 136 -16.68 -0.14 18.59
CA VAL E 136 -17.85 0.74 18.86
C VAL E 136 -18.87 0.67 17.69
N GLU E 137 -18.37 0.78 16.48
CA GLU E 137 -19.21 0.80 15.30
C GLU E 137 -20.00 -0.48 15.15
N TRP E 138 -19.32 -1.61 15.37
CA TRP E 138 -19.95 -2.93 15.18
C TRP E 138 -21.09 -3.10 16.20
N PHE E 139 -20.81 -2.82 17.46
CA PHE E 139 -21.87 -2.91 18.46
C PHE E 139 -23.01 -1.91 18.22
N ALA E 140 -22.69 -0.74 17.71
CA ALA E 140 -23.66 0.24 17.37
C ALA E 140 -24.56 -0.34 16.26
N GLU E 141 -23.93 -0.92 15.25
CA GLU E 141 -24.63 -1.45 14.07
C GLU E 141 -25.46 -2.68 14.45
N ALA E 142 -25.13 -3.33 15.57
CA ALA E 142 -25.86 -4.52 15.99
C ALA E 142 -27.15 -4.24 16.76
N ILE E 143 -27.23 -3.05 17.35
CA ILE E 143 -28.27 -2.66 18.32
C ILE E 143 -29.65 -2.88 17.75
N ASP E 144 -29.80 -2.61 16.45
CA ASP E 144 -31.12 -2.65 15.79
C ASP E 144 -31.29 -3.84 14.88
N LYS E 145 -30.52 -4.91 15.12
CA LYS E 145 -30.57 -6.08 14.23
C LYS E 145 -30.97 -7.33 14.99
N VAL E 146 -30.82 -7.34 16.31
CA VAL E 146 -31.09 -8.55 17.03
C VAL E 146 -32.00 -8.25 18.19
N GLY E 147 -32.91 -9.16 18.38
CA GLY E 147 -34.00 -8.95 19.35
C GLY E 147 -34.15 -10.09 20.33
N GLY E 148 -35.26 -10.11 21.04
CA GLY E 148 -35.61 -11.19 21.90
C GLY E 148 -36.44 -12.30 21.26
N GLU E 149 -37.13 -13.08 22.11
CA GLU E 149 -37.84 -14.27 21.71
C GLU E 149 -39.31 -14.14 22.04
N VAL E 150 -40.17 -14.69 21.16
CA VAL E 150 -41.53 -15.03 21.49
C VAL E 150 -41.51 -16.51 21.74
N ALA E 151 -41.72 -16.96 22.98
CA ALA E 151 -41.58 -18.38 23.28
C ALA E 151 -42.77 -19.21 22.72
N PRO E 152 -42.51 -20.44 22.31
CA PRO E 152 -43.54 -21.40 21.87
C PRO E 152 -44.23 -21.98 23.11
N ALA E 153 -44.94 -21.11 23.79
CA ALA E 153 -45.65 -21.42 25.00
C ALA E 153 -47.11 -21.79 24.76
N ASP E 154 -47.74 -22.26 25.82
CA ASP E 154 -49.18 -22.54 25.84
C ASP E 154 -49.97 -21.32 25.36
N HIS E 155 -51.06 -21.56 24.63
CA HIS E 155 -51.71 -20.48 23.86
C HIS E 155 -52.43 -19.44 24.68
N HIS E 156 -52.80 -19.77 25.92
CA HIS E 156 -53.36 -18.76 26.81
C HIS E 156 -52.29 -17.75 27.28
N LEU E 157 -51.03 -17.96 26.93
CA LEU E 157 -49.97 -17.03 27.28
C LEU E 157 -49.43 -16.35 26.03
N VAL E 158 -49.00 -15.12 26.22
CA VAL E 158 -48.03 -14.49 25.32
C VAL E 158 -46.73 -14.47 26.15
N GLY E 159 -45.73 -15.26 25.72
CA GLY E 159 -44.46 -15.39 26.42
C GLY E 159 -43.31 -14.71 25.70
N LEU E 160 -42.65 -13.75 26.35
CA LEU E 160 -41.55 -12.97 25.74
C LEU E 160 -40.31 -13.20 26.56
N VAL E 161 -39.19 -13.32 25.89
CA VAL E 161 -37.91 -13.36 26.56
C VAL E 161 -37.07 -12.21 25.97
N THR E 162 -36.72 -11.24 26.80
N THR E 162 -36.73 -11.21 26.78
CA THR E 162 -36.02 -10.05 26.33
CA THR E 162 -36.08 -9.97 26.28
C THR E 162 -34.71 -9.84 27.08
C THR E 162 -34.77 -9.80 27.08
N ARG E 163 -33.89 -8.91 26.60
CA ARG E 163 -32.67 -8.50 27.32
C ARG E 163 -32.82 -7.04 27.71
N GLU E 164 -32.44 -6.72 28.95
CA GLU E 164 -32.40 -5.35 29.44
C GLU E 164 -30.99 -4.97 29.95
N PRO E 165 -30.63 -3.68 29.83
CA PRO E 165 -29.35 -3.29 30.43
C PRO E 165 -29.31 -3.50 31.94
N VAL E 166 -28.12 -3.90 32.42
CA VAL E 166 -27.96 -4.19 33.86
C VAL E 166 -27.97 -2.92 34.71
N GLY E 167 -27.57 -1.81 34.12
CA GLY E 167 -27.51 -0.53 34.81
C GLY E 167 -26.15 0.15 34.78
N VAL E 168 -25.44 0.07 35.90
CA VAL E 168 -24.13 0.73 36.00
C VAL E 168 -23.00 -0.30 35.84
N VAL E 169 -22.18 -0.05 34.83
CA VAL E 169 -21.08 -1.00 34.48
C VAL E 169 -19.79 -0.33 34.82
N ALA E 170 -18.98 -0.98 35.65
CA ALA E 170 -17.60 -0.60 35.87
C ALA E 170 -16.72 -1.45 34.99
N ALA E 171 -15.70 -0.81 34.42
CA ALA E 171 -14.70 -1.43 33.58
C ALA E 171 -13.30 -1.01 34.03
N VAL E 172 -12.47 -1.99 34.34
CA VAL E 172 -11.11 -1.78 34.84
C VAL E 172 -10.21 -2.45 33.81
N VAL E 173 -9.38 -1.70 33.11
CA VAL E 173 -8.65 -2.30 32.01
C VAL E 173 -7.18 -2.03 32.06
N PRO E 174 -6.38 -2.85 31.32
CA PRO E 174 -4.97 -2.85 31.48
C PRO E 174 -4.28 -1.87 30.57
N TRP E 175 -2.94 -1.91 30.65
CA TRP E 175 -2.06 -0.96 30.00
C TRP E 175 -1.44 -1.45 28.70
N ASN E 176 -1.68 -2.73 28.37
CA ASN E 176 -1.02 -3.32 27.20
C ASN E 176 -1.73 -2.91 25.89
N PHE E 177 -3.05 -2.75 25.95
CA PHE E 177 -3.90 -2.29 24.83
C PHE E 177 -4.92 -1.30 25.44
N PRO E 178 -4.43 -0.11 25.81
CA PRO E 178 -5.29 0.76 26.63
C PRO E 178 -6.61 1.12 25.96
N ILE E 179 -6.56 1.68 24.75
CA ILE E 179 -7.79 2.13 24.11
C ILE E 179 -8.60 0.97 23.53
N LEU E 180 -7.91 -0.06 23.08
CA LEU E 180 -8.58 -1.16 22.44
C LEU E 180 -9.32 -2.00 23.46
N MET E 181 -8.66 -2.35 24.57
CA MET E 181 -9.34 -3.16 25.60
C MET E 181 -10.42 -2.36 26.29
N ALA E 182 -10.18 -1.06 26.50
CA ALA E 182 -11.25 -0.17 26.95
C ALA E 182 -12.52 -0.26 26.08
N ALA E 183 -12.36 -0.13 24.77
CA ALA E 183 -13.48 -0.16 23.85
C ALA E 183 -14.16 -1.53 23.81
N TRP E 184 -13.38 -2.63 23.98
CA TRP E 184 -13.98 -3.95 24.07
C TRP E 184 -15.00 -4.06 25.22
N LYS E 185 -14.77 -3.33 26.32
CA LYS E 185 -15.73 -3.17 27.42
C LYS E 185 -16.84 -2.14 27.14
N PHE E 186 -16.48 -0.90 26.79
CA PHE E 186 -17.48 0.16 26.64
C PHE E 186 -18.33 0.10 25.37
N GLY E 187 -17.77 -0.45 24.30
CA GLY E 187 -18.51 -0.64 23.02
C GLY E 187 -19.79 -1.39 23.23
N PRO E 188 -19.69 -2.63 23.66
CA PRO E 188 -20.92 -3.38 24.00
C PRO E 188 -21.70 -2.83 25.18
N ALA E 189 -21.01 -2.39 26.26
CA ALA E 189 -21.76 -1.98 27.45
C ALA E 189 -22.69 -0.81 27.11
N LEU E 190 -22.17 0.17 26.37
CA LEU E 190 -22.94 1.36 26.06
C LEU E 190 -24.01 1.06 25.02
N ALA E 191 -23.72 0.16 24.09
CA ALA E 191 -24.69 -0.15 23.04
C ALA E 191 -25.97 -0.66 23.65
N ALA E 192 -25.81 -1.50 24.67
CA ALA E 192 -26.95 -2.04 25.43
C ALA E 192 -27.72 -1.02 26.28
N GLY E 193 -27.13 0.15 26.52
CA GLY E 193 -27.87 1.22 27.17
C GLY E 193 -27.43 1.47 28.62
N ASN E 194 -26.45 0.72 29.09
CA ASN E 194 -25.80 1.00 30.39
C ASN E 194 -25.05 2.30 30.49
N SER E 195 -24.89 2.76 31.74
CA SER E 195 -23.91 3.79 32.06
C SER E 195 -22.60 3.10 32.45
N VAL E 196 -21.50 3.74 32.13
CA VAL E 196 -20.18 3.16 32.34
C VAL E 196 -19.29 4.09 33.19
N VAL E 197 -18.58 3.47 34.12
CA VAL E 197 -17.44 4.07 34.82
C VAL E 197 -16.20 3.27 34.47
N LEU E 198 -15.32 3.87 33.68
CA LEU E 198 -14.09 3.22 33.27
C LEU E 198 -12.92 3.70 34.11
N LYS E 199 -12.11 2.76 34.55
CA LYS E 199 -10.94 3.02 35.36
C LYS E 199 -9.73 2.49 34.55
N PRO E 200 -9.04 3.38 33.83
CA PRO E 200 -7.88 2.88 33.05
C PRO E 200 -6.68 2.64 33.91
N SER E 201 -5.69 1.90 33.43
CA SER E 201 -4.46 1.63 34.20
C SER E 201 -3.81 2.94 34.56
N GLU E 202 -3.27 3.03 35.78
CA GLU E 202 -2.39 4.16 36.12
C GLU E 202 -1.17 4.21 35.16
N LYS E 203 -0.84 3.08 34.51
CA LYS E 203 0.24 3.09 33.53
C LYS E 203 -0.21 3.57 32.14
N SER E 204 -1.53 3.75 31.90
CA SER E 204 -1.95 4.23 30.59
C SER E 204 -3.32 4.93 30.63
N PRO E 205 -3.40 6.08 31.30
CA PRO E 205 -4.66 6.79 31.45
C PRO E 205 -5.15 7.62 30.24
N LEU E 206 -4.27 7.96 29.30
CA LEU E 206 -4.46 9.16 28.42
C LEU E 206 -5.49 9.01 27.30
N THR E 207 -5.49 7.89 26.59
CA THR E 207 -6.52 7.69 25.56
C THR E 207 -7.93 7.53 26.15
N ALA E 208 -8.08 6.84 27.27
CA ALA E 208 -9.36 6.80 27.99
C ALA E 208 -9.93 8.20 28.23
N ILE E 209 -9.09 9.03 28.78
CA ILE E 209 -9.48 10.39 29.12
C ILE E 209 -9.93 11.13 27.86
N ARG E 210 -9.11 11.03 26.81
CA ARG E 210 -9.38 11.77 25.59
C ARG E 210 -10.68 11.27 24.97
N VAL E 211 -10.93 9.98 24.97
CA VAL E 211 -12.12 9.52 24.25
C VAL E 211 -13.37 9.83 25.02
N ALA E 212 -13.22 10.11 26.33
CA ALA E 212 -14.34 10.52 27.18
C ALA E 212 -14.87 11.89 26.75
N GLN E 213 -13.94 12.79 26.44
CA GLN E 213 -14.27 14.11 25.90
CA GLN E 213 -14.29 14.10 25.92
C GLN E 213 -14.97 13.99 24.55
N LEU E 214 -14.40 13.15 23.67
CA LEU E 214 -15.02 12.89 22.35
C LEU E 214 -16.41 12.29 22.51
N ALA E 215 -16.61 11.43 23.52
CA ALA E 215 -17.93 10.84 23.77
C ALA E 215 -19.00 11.91 24.03
N PHE E 216 -18.67 12.80 24.94
CA PHE E 216 -19.57 13.89 25.27
C PHE E 216 -19.80 14.78 24.04
N GLU E 217 -18.76 15.01 23.27
CA GLU E 217 -18.87 15.78 22.04
C GLU E 217 -19.85 15.14 21.06
N ALA E 218 -19.84 13.82 20.99
CA ALA E 218 -20.73 13.08 20.11
C ALA E 218 -22.17 13.00 20.57
N GLY E 219 -22.44 13.41 21.82
CA GLY E 219 -23.79 13.42 22.36
C GLY E 219 -24.11 12.33 23.37
N ILE E 220 -23.11 11.61 23.85
CA ILE E 220 -23.32 10.67 24.95
C ILE E 220 -23.65 11.50 26.19
N PRO E 221 -24.82 11.26 26.83
CA PRO E 221 -25.22 12.21 27.86
C PRO E 221 -24.31 12.25 29.11
N ALA E 222 -24.33 13.38 29.80
CA ALA E 222 -23.59 13.54 31.03
C ALA E 222 -23.86 12.35 31.94
N GLY E 223 -22.81 11.68 32.36
CA GLY E 223 -22.87 10.64 33.37
C GLY E 223 -22.93 9.24 32.80
N VAL E 224 -23.17 9.13 31.50
CA VAL E 224 -23.34 7.83 30.84
C VAL E 224 -21.95 7.24 30.55
N PHE E 225 -20.94 8.08 30.31
CA PHE E 225 -19.57 7.56 30.13
C PHE E 225 -18.58 8.41 30.91
N ASN E 226 -18.00 7.81 31.94
CA ASN E 226 -17.13 8.48 32.92
C ASN E 226 -15.77 7.75 32.96
N VAL E 227 -14.69 8.53 33.16
CA VAL E 227 -13.32 8.03 33.20
C VAL E 227 -12.65 8.52 34.50
N VAL E 228 -12.27 7.57 35.36
CA VAL E 228 -11.69 7.84 36.69
C VAL E 228 -10.26 7.29 36.70
N PRO E 229 -9.29 8.15 36.37
CA PRO E 229 -7.89 7.69 36.44
C PRO E 229 -7.39 7.53 37.89
N GLY E 230 -6.30 6.78 38.05
CA GLY E 230 -5.87 6.40 39.39
C GLY E 230 -5.13 5.09 39.41
N ALA E 231 -4.73 4.66 40.61
CA ALA E 231 -3.94 3.44 40.78
C ALA E 231 -4.90 2.26 41.08
N GLY E 232 -4.44 1.26 41.85
CA GLY E 232 -5.31 0.11 42.22
C GLY E 232 -6.55 0.46 43.02
N GLU E 233 -6.50 1.51 43.85
CA GLU E 233 -7.62 1.79 44.77
C GLU E 233 -8.99 2.01 44.10
N PRO E 234 -9.07 2.87 43.06
CA PRO E 234 -10.41 3.13 42.51
C PRO E 234 -11.02 1.85 41.86
N GLY E 235 -10.17 0.99 41.33
CA GLY E 235 -10.59 -0.31 40.81
C GLY E 235 -11.15 -1.21 41.90
N LYS E 236 -10.50 -1.22 43.07
CA LYS E 236 -11.01 -1.83 44.30
C LYS E 236 -12.37 -1.36 44.67
N LEU E 237 -12.51 -0.04 44.79
CA LEU E 237 -13.73 0.59 45.22
C LEU E 237 -14.85 0.35 44.23
N LEU E 238 -14.54 0.27 42.95
CA LEU E 238 -15.57 -0.05 41.95
C LEU E 238 -16.03 -1.49 42.14
N ALA E 239 -15.09 -2.41 42.38
CA ALA E 239 -15.48 -3.81 42.65
C ALA E 239 -16.30 -3.96 43.90
N LEU E 240 -16.08 -3.10 44.88
CA LEU E 240 -16.82 -3.13 46.14
C LEU E 240 -18.10 -2.30 46.17
N HIS E 241 -18.38 -1.57 45.11
CA HIS E 241 -19.34 -0.52 45.23
C HIS E 241 -20.75 -1.02 45.26
N ARG E 242 -21.53 -0.46 46.17
CA ARG E 242 -22.92 -0.93 46.40
C ARG E 242 -23.90 -0.61 45.28
N ASP E 243 -23.55 0.37 44.44
CA ASP E 243 -24.39 0.83 43.36
C ASP E 243 -23.86 0.53 41.94
N VAL E 244 -22.87 -0.33 41.86
CA VAL E 244 -22.33 -0.82 40.59
C VAL E 244 -22.99 -2.21 40.41
N ASP E 245 -23.53 -2.43 39.21
CA ASP E 245 -24.26 -3.64 38.90
C ASP E 245 -23.40 -4.74 38.28
N CYS E 246 -22.28 -4.37 37.73
CA CYS E 246 -21.45 -5.23 36.92
C CYS E 246 -20.04 -4.66 36.90
N ILE E 247 -19.02 -5.53 36.97
CA ILE E 247 -17.64 -5.12 36.82
C ILE E 247 -16.95 -6.01 35.80
N ALA E 248 -16.39 -5.41 34.77
CA ALA E 248 -15.65 -6.14 33.72
C ALA E 248 -14.20 -5.78 33.84
N PHE E 249 -13.32 -6.79 33.97
CA PHE E 249 -11.92 -6.57 34.31
C PHE E 249 -11.06 -7.36 33.34
N THR E 250 -10.01 -6.72 32.85
CA THR E 250 -8.92 -7.39 32.14
C THR E 250 -7.65 -7.12 32.92
N GLY E 251 -6.88 -8.18 33.21
CA GLY E 251 -5.72 -8.06 34.08
C GLY E 251 -5.16 -9.41 34.44
N SER E 252 -4.30 -9.45 35.43
CA SER E 252 -3.59 -10.67 35.81
C SER E 252 -4.55 -11.66 36.46
N THR E 253 -4.39 -12.95 36.17
CA THR E 253 -5.18 -13.98 36.85
C THR E 253 -5.14 -13.77 38.36
N ALA E 254 -4.00 -13.34 38.88
CA ALA E 254 -3.85 -13.08 40.33
C ALA E 254 -4.77 -12.00 40.87
N VAL E 255 -4.92 -10.90 40.14
CA VAL E 255 -5.73 -9.75 40.61
C VAL E 255 -7.25 -9.89 40.32
N GLY E 256 -7.60 -10.51 39.21
CA GLY E 256 -9.01 -10.86 38.99
C GLY E 256 -9.63 -11.69 40.11
N LYS E 257 -8.85 -12.58 40.73
CA LYS E 257 -9.35 -13.33 41.92
C LYS E 257 -9.82 -12.39 43.05
N LEU E 258 -9.14 -11.25 43.21
CA LEU E 258 -9.53 -10.26 44.20
C LEU E 258 -10.84 -9.57 43.82
N ILE E 259 -10.93 -9.17 42.56
CA ILE E 259 -12.12 -8.50 42.03
C ILE E 259 -13.39 -9.37 42.26
N MET E 260 -13.25 -10.65 41.96
N MET E 260 -13.25 -10.64 41.96
CA MET E 260 -14.35 -11.61 42.13
CA MET E 260 -14.35 -11.59 42.09
C MET E 260 -14.83 -11.66 43.56
C MET E 260 -14.82 -11.70 43.55
N GLN E 261 -13.88 -11.67 44.49
CA GLN E 261 -14.20 -11.75 45.90
C GLN E 261 -14.92 -10.48 46.38
N TYR E 262 -14.42 -9.32 45.97
CA TYR E 262 -15.05 -8.05 46.33
C TYR E 262 -16.48 -7.91 45.75
N ALA E 263 -16.68 -8.43 44.53
CA ALA E 263 -18.01 -8.43 43.92
C ALA E 263 -19.00 -9.17 44.79
N ALA E 264 -18.62 -10.38 45.14
CA ALA E 264 -19.42 -11.26 45.90
C ALA E 264 -19.68 -10.68 47.30
N GLN E 265 -18.60 -10.21 47.95
N GLN E 265 -18.65 -10.18 47.98
CA GLN E 265 -18.63 -9.72 49.33
CA GLN E 265 -18.85 -9.80 49.38
C GLN E 265 -19.67 -8.59 49.46
C GLN E 265 -19.54 -8.45 49.55
N SER E 266 -19.68 -7.69 48.48
CA SER E 266 -20.48 -6.45 48.55
C SER E 266 -21.92 -6.70 48.17
N ASN E 267 -22.24 -6.63 46.88
CA ASN E 267 -23.63 -6.71 46.40
C ASN E 267 -23.87 -7.75 45.31
N LEU E 268 -22.98 -8.72 45.17
CA LEU E 268 -23.09 -9.74 44.11
C LEU E 268 -23.21 -9.16 42.68
N LYS E 269 -22.63 -7.98 42.46
CA LYS E 269 -22.47 -7.45 41.10
C LYS E 269 -21.85 -8.53 40.18
N ARG E 270 -22.34 -8.59 38.93
CA ARG E 270 -21.76 -9.51 37.98
C ARG E 270 -20.28 -9.21 37.81
N ALA E 271 -19.44 -10.24 37.86
CA ALA E 271 -18.01 -10.06 37.63
C ALA E 271 -17.59 -10.88 36.44
N TRP E 272 -16.90 -10.23 35.52
CA TRP E 272 -16.48 -10.80 34.26
C TRP E 272 -15.00 -10.46 34.03
N LEU E 273 -14.15 -11.50 33.96
CA LEU E 273 -12.73 -11.32 33.91
C LEU E 273 -12.14 -11.82 32.61
N GLU E 274 -11.15 -11.08 32.08
N GLU E 274 -11.17 -11.07 32.07
CA GLU E 274 -10.27 -11.57 31.02
CA GLU E 274 -10.25 -11.57 31.04
C GLU E 274 -8.86 -11.53 31.63
C GLU E 274 -8.86 -11.54 31.64
N LEU E 275 -8.20 -12.70 31.71
CA LEU E 275 -6.98 -12.81 32.49
C LEU E 275 -5.85 -13.24 31.56
N GLY E 276 -4.75 -13.71 32.11
CA GLY E 276 -3.60 -14.08 31.28
C GLY E 276 -3.71 -15.43 30.57
N GLY E 277 -2.62 -15.80 29.96
CA GLY E 277 -2.54 -17.04 29.21
C GLY E 277 -1.11 -17.59 29.15
N LYS E 278 -0.99 -18.81 28.65
CA LYS E 278 0.30 -19.38 28.28
C LYS E 278 -0.01 -20.22 27.05
N SER E 279 -0.37 -19.49 26.00
CA SER E 279 -1.07 -20.07 24.85
C SER E 279 -0.11 -20.86 23.95
N PRO E 280 -0.49 -22.10 23.59
CA PRO E 280 0.41 -22.97 22.79
C PRO E 280 0.15 -22.81 21.30
N ASN E 281 1.23 -22.85 20.52
CA ASN E 281 1.21 -22.66 19.06
C ASN E 281 1.93 -23.85 18.46
N ILE E 282 1.15 -24.79 17.93
CA ILE E 282 1.60 -26.10 17.57
C ILE E 282 1.90 -26.15 16.07
N VAL E 283 3.11 -26.55 15.69
CA VAL E 283 3.51 -26.57 14.28
C VAL E 283 3.88 -27.97 13.89
N LEU E 284 3.11 -28.55 12.97
CA LEU E 284 3.28 -29.93 12.52
C LEU E 284 4.06 -30.04 11.21
N PRO E 285 4.61 -31.24 10.92
CA PRO E 285 5.46 -31.39 9.74
C PRO E 285 4.75 -31.07 8.43
N ASP E 286 3.42 -31.29 8.39
CA ASP E 286 2.62 -30.98 7.18
C ASP E 286 1.96 -29.57 7.19
N CYS E 287 2.47 -28.68 8.03
CA CYS E 287 2.16 -27.24 7.98
C CYS E 287 2.25 -26.72 6.54
N PRO E 288 1.20 -26.02 6.02
CA PRO E 288 1.20 -25.62 4.60
C PRO E 288 2.36 -24.70 4.14
N ASP E 289 2.77 -23.78 4.98
CA ASP E 289 3.75 -22.79 4.63
C ASP E 289 4.60 -22.52 5.88
N LEU E 290 5.75 -23.18 5.95
CA LEU E 290 6.71 -23.06 7.06
C LEU E 290 7.29 -21.64 7.23
N ASP E 291 7.51 -20.93 6.12
CA ASP E 291 7.95 -19.55 6.21
C ASP E 291 6.92 -18.66 6.91
N ARG E 292 5.66 -18.76 6.49
CA ARG E 292 4.60 -17.97 7.11
C ARG E 292 4.44 -18.39 8.58
N ALA E 293 4.48 -19.69 8.86
CA ALA E 293 4.35 -20.13 10.26
C ALA E 293 5.44 -19.54 11.14
N ALA E 294 6.69 -19.52 10.65
CA ALA E 294 7.81 -19.01 11.45
C ALA E 294 7.70 -17.52 11.65
N GLN E 295 7.37 -16.79 10.57
CA GLN E 295 7.12 -15.36 10.72
C GLN E 295 5.97 -15.06 11.70
N THR E 296 4.89 -15.83 11.61
CA THR E 296 3.71 -15.64 12.50
C THR E 296 4.00 -16.09 13.95
N ALA E 297 4.87 -17.08 14.11
CA ALA E 297 5.21 -17.51 15.48
C ALA E 297 6.03 -16.44 16.18
N ALA E 298 6.87 -15.74 15.41
CA ALA E 298 7.59 -14.58 15.92
C ALA E 298 6.62 -13.48 16.26
N GLY E 299 5.68 -13.20 15.35
CA GLY E 299 4.68 -12.17 15.57
C GLY E 299 3.80 -12.49 16.78
N ALA E 300 3.56 -13.77 17.04
CA ALA E 300 2.67 -14.21 18.11
C ALA E 300 3.23 -13.91 19.51
N ILE E 301 4.54 -13.75 19.59
CA ILE E 301 5.25 -13.52 20.83
C ILE E 301 5.91 -12.17 20.92
N PHE E 302 6.24 -11.53 19.80
CA PHE E 302 7.00 -10.28 19.88
C PHE E 302 6.16 -9.06 19.56
N TYR E 303 5.03 -9.23 18.85
CA TYR E 303 4.12 -8.15 18.66
C TYR E 303 3.73 -7.55 20.00
N ASN E 304 3.69 -6.22 20.03
CA ASN E 304 3.37 -5.46 21.27
C ASN E 304 4.27 -5.85 22.42
N MET E 305 5.49 -6.25 22.08
CA MET E 305 6.52 -6.54 23.07
C MET E 305 6.19 -7.77 23.90
N GLY E 306 5.34 -8.68 23.41
CA GLY E 306 4.97 -9.88 24.18
C GLY E 306 3.95 -9.57 25.26
N GLU E 307 3.52 -8.33 25.29
CA GLU E 307 2.62 -7.82 26.32
C GLU E 307 1.21 -8.06 25.78
N MET E 308 0.87 -9.34 25.72
N MET E 308 0.90 -9.35 25.66
CA MET E 308 -0.34 -9.79 25.09
CA MET E 308 -0.32 -9.82 25.00
C MET E 308 -0.80 -10.98 25.90
C MET E 308 -0.80 -10.99 25.87
N CYS E 309 -2.02 -10.90 26.42
CA CYS E 309 -2.60 -12.02 27.17
C CYS E 309 -2.61 -13.31 26.32
N THR E 310 -2.87 -13.14 25.02
CA THR E 310 -2.94 -14.30 24.09
C THR E 310 -1.64 -14.63 23.40
N ALA E 311 -0.53 -14.14 23.94
CA ALA E 311 0.78 -14.31 23.27
C ALA E 311 0.99 -15.81 23.05
N GLY E 312 1.55 -16.17 21.89
CA GLY E 312 1.91 -17.54 21.57
C GLY E 312 3.26 -17.83 22.21
N SER E 313 3.22 -17.99 23.53
CA SER E 313 4.45 -18.01 24.32
C SER E 313 5.03 -19.40 24.49
N ARG E 314 4.28 -20.43 24.09
CA ARG E 314 4.82 -21.78 23.96
C ARG E 314 4.67 -22.17 22.49
N LEU E 315 5.81 -22.30 21.77
CA LEU E 315 5.83 -22.80 20.41
C LEU E 315 6.16 -24.28 20.49
N LEU E 316 5.20 -25.13 20.11
CA LEU E 316 5.41 -26.58 20.14
C LEU E 316 5.66 -26.98 18.72
N VAL E 317 6.81 -27.61 18.47
CA VAL E 317 7.28 -27.88 17.13
C VAL E 317 7.72 -29.33 17.01
N HIS E 318 7.27 -29.99 15.97
CA HIS E 318 7.54 -31.42 15.79
C HIS E 318 9.02 -31.59 15.50
N ARG E 319 9.62 -32.61 16.07
CA ARG E 319 11.06 -32.87 15.91
C ARG E 319 11.58 -32.86 14.48
N ASP E 320 10.84 -33.46 13.53
CA ASP E 320 11.26 -33.53 12.13
C ASP E 320 11.51 -32.15 11.48
N ILE E 321 10.78 -31.11 11.90
CA ILE E 321 10.93 -29.77 11.32
C ILE E 321 11.64 -28.78 12.26
N LYS E 322 12.06 -29.22 13.43
CA LYS E 322 12.52 -28.29 14.47
C LYS E 322 13.68 -27.41 14.05
N ASP E 323 14.75 -28.02 13.53
CA ASP E 323 15.96 -27.28 13.19
C ASP E 323 15.70 -26.19 12.15
N ALA E 324 15.04 -26.55 11.07
CA ALA E 324 14.70 -25.64 9.99
C ALA E 324 13.72 -24.57 10.49
N PHE E 325 12.76 -24.98 11.30
CA PHE E 325 11.80 -24.03 11.82
C PHE E 325 12.49 -23.00 12.69
N ILE E 326 13.27 -23.47 13.66
CA ILE E 326 13.99 -22.58 14.59
C ILE E 326 14.89 -21.58 13.80
N GLU E 327 15.61 -22.08 12.80
CA GLU E 327 16.36 -21.17 11.92
C GLU E 327 15.46 -20.06 11.38
N LYS E 328 14.29 -20.41 10.84
CA LYS E 328 13.34 -19.42 10.31
C LYS E 328 12.82 -18.41 11.33
N LEU E 329 12.58 -18.91 12.53
CA LEU E 329 12.15 -18.16 13.67
C LEU E 329 13.16 -17.09 14.08
N VAL E 330 14.41 -17.51 14.15
CA VAL E 330 15.51 -16.63 14.56
C VAL E 330 15.69 -15.50 13.53
N ALA E 331 15.58 -15.83 12.27
CA ALA E 331 15.59 -14.84 11.21
C ALA E 331 14.41 -13.86 11.36
N ALA E 332 13.22 -14.40 11.62
CA ALA E 332 12.02 -13.56 11.82
C ALA E 332 12.15 -12.65 13.04
N ALA E 333 12.80 -13.16 14.09
CA ALA E 333 12.96 -12.39 15.34
C ALA E 333 13.73 -11.07 15.16
N ARG E 334 14.63 -11.00 14.16
CA ARG E 334 15.46 -9.83 13.87
C ARG E 334 14.70 -8.56 13.44
N ALA E 335 13.60 -8.71 12.73
CA ALA E 335 12.72 -7.59 12.48
C ALA E 335 12.25 -6.88 13.76
N TYR E 336 12.26 -7.61 14.88
CA TYR E 336 11.73 -7.07 16.13
C TYR E 336 12.77 -6.48 17.07
N VAL E 337 13.81 -5.87 16.50
CA VAL E 337 14.83 -5.27 17.37
C VAL E 337 14.24 -3.98 17.95
N PRO E 338 14.40 -3.76 19.25
CA PRO E 338 13.80 -2.59 19.94
C PRO E 338 14.20 -1.29 19.28
N GLY E 339 13.28 -0.34 19.22
CA GLY E 339 13.60 0.99 18.74
C GLY E 339 12.62 2.00 19.29
N ASN E 340 12.81 3.27 18.93
CA ASN E 340 11.90 4.33 19.35
C ASN E 340 10.51 4.09 18.81
N PRO E 341 9.50 4.01 19.69
CA PRO E 341 8.20 3.70 19.08
C PRO E 341 7.55 4.86 18.31
N LEU E 342 8.10 6.07 18.41
CA LEU E 342 7.66 7.15 17.56
C LEU E 342 8.10 7.00 16.09
N ASP E 343 9.03 6.07 15.82
CA ASP E 343 9.53 5.80 14.48
C ASP E 343 8.61 4.79 13.80
N PRO E 344 8.00 5.18 12.67
CA PRO E 344 7.04 4.29 12.02
C PRO E 344 7.63 2.97 11.48
N SER E 345 8.96 2.89 11.32
CA SER E 345 9.55 1.65 10.86
C SER E 345 9.76 0.64 11.97
N VAL E 346 9.53 1.03 13.23
CA VAL E 346 9.88 0.16 14.37
C VAL E 346 8.73 -0.80 14.70
N SER E 347 9.08 -2.05 15.01
CA SER E 347 8.12 -3.12 15.23
C SER E 347 8.00 -3.56 16.66
N MET E 348 9.02 -3.27 17.46
CA MET E 348 9.09 -3.58 18.87
C MET E 348 9.44 -2.31 19.59
N GLY E 349 8.58 -1.90 20.51
CA GLY E 349 8.79 -0.68 21.23
C GLY E 349 9.29 -0.96 22.62
N ALA E 350 8.77 -0.21 23.58
CA ALA E 350 9.27 -0.17 24.92
C ALA E 350 8.40 -0.99 25.82
N ILE E 351 9.03 -1.63 26.79
CA ILE E 351 8.37 -2.26 27.91
C ILE E 351 7.82 -1.16 28.81
N VAL E 352 6.69 -1.46 29.46
CA VAL E 352 5.87 -0.37 29.99
C VAL E 352 6.53 0.45 31.11
N ASP E 353 7.29 -0.21 31.97
CA ASP E 353 8.09 0.43 32.98
C ASP E 353 9.26 -0.44 33.47
N GLY E 354 10.04 0.09 34.41
CA GLY E 354 11.20 -0.65 34.95
C GLY E 354 10.84 -1.92 35.70
N ILE E 355 9.77 -1.89 36.48
CA ILE E 355 9.32 -3.10 37.21
C ILE E 355 8.94 -4.21 36.22
N GLN E 356 8.26 -3.86 35.14
CA GLN E 356 7.93 -4.88 34.14
C GLN E 356 9.20 -5.38 33.44
N LEU E 357 10.10 -4.46 33.10
CA LEU E 357 11.35 -4.81 32.46
C LEU E 357 12.14 -5.78 33.36
N GLU E 358 12.19 -5.52 34.66
CA GLU E 358 13.01 -6.38 35.56
C GLU E 358 12.37 -7.78 35.74
N ARG E 359 11.05 -7.82 35.71
CA ARG E 359 10.31 -9.08 35.78
C ARG E 359 10.63 -9.93 34.56
N VAL E 360 10.62 -9.31 33.39
CA VAL E 360 10.98 -10.00 32.15
C VAL E 360 12.45 -10.46 32.19
N LEU E 361 13.31 -9.60 32.68
CA LEU E 361 14.73 -9.94 32.77
C LEU E 361 14.96 -11.09 33.78
N GLY E 362 14.20 -11.12 34.88
CA GLY E 362 14.28 -12.26 35.82
C GLY E 362 13.85 -13.61 35.21
N TYR E 363 12.79 -13.59 34.42
CA TYR E 363 12.48 -14.77 33.62
C TYR E 363 13.57 -15.21 32.62
N ILE E 364 14.19 -14.24 31.92
CA ILE E 364 15.30 -14.54 31.03
C ILE E 364 16.47 -15.22 31.77
N GLU E 365 16.79 -14.75 32.97
CA GLU E 365 17.84 -15.39 33.79
C GLU E 365 17.45 -16.84 34.17
N ALA E 366 16.22 -17.06 34.60
CA ALA E 366 15.73 -18.43 34.80
C ALA E 366 15.90 -19.25 33.52
N GLY E 367 15.42 -18.73 32.40
CA GLY E 367 15.57 -19.43 31.11
C GLY E 367 17.01 -19.81 30.77
N ARG E 368 17.97 -18.93 31.05
CA ARG E 368 19.39 -19.21 30.73
C ARG E 368 19.85 -20.46 31.47
N GLY E 369 19.34 -20.66 32.68
CA GLY E 369 19.75 -21.81 33.49
C GLY E 369 19.06 -23.10 33.06
N GLU E 370 17.81 -23.00 32.62
CA GLU E 370 16.97 -24.18 32.41
C GLU E 370 16.78 -24.55 30.97
N GLY E 371 17.27 -23.71 30.06
CA GLY E 371 17.10 -23.92 28.64
C GLY E 371 18.26 -23.43 27.79
N ARG E 372 18.08 -23.60 26.49
CA ARG E 372 19.07 -23.15 25.52
C ARG E 372 18.66 -21.80 24.97
N LEU E 373 19.53 -20.79 25.14
CA LEU E 373 19.28 -19.47 24.55
C LEU E 373 19.49 -19.52 23.04
N VAL E 374 18.44 -19.26 22.29
CA VAL E 374 18.53 -19.39 20.83
C VAL E 374 18.88 -18.02 20.24
N THR E 375 18.22 -16.99 20.75
CA THR E 375 18.46 -15.63 20.32
C THR E 375 17.97 -14.65 21.38
N GLY E 376 18.62 -13.49 21.39
CA GLY E 376 18.24 -12.37 22.23
C GLY E 376 18.74 -12.48 23.66
N GLY E 377 17.92 -11.97 24.57
CA GLY E 377 18.18 -12.11 26.01
C GLY E 377 18.71 -10.89 26.76
N ALA E 378 19.01 -9.80 26.07
CA ALA E 378 19.62 -8.64 26.76
C ALA E 378 18.68 -7.44 26.80
N ARG E 379 18.73 -6.72 27.93
CA ARG E 379 18.28 -5.34 27.92
C ARG E 379 19.10 -4.51 26.91
N VAL E 380 18.45 -3.55 26.22
CA VAL E 380 19.16 -2.64 25.31
C VAL E 380 18.72 -1.20 25.49
N ASN E 381 19.51 -0.26 24.97
CA ASN E 381 19.15 1.17 25.02
C ASN E 381 18.85 1.74 26.39
N ALA E 382 19.59 1.29 27.39
CA ALA E 382 19.38 1.76 28.76
C ALA E 382 19.57 3.26 28.89
N GLU E 383 20.56 3.75 28.12
CA GLU E 383 20.95 5.17 28.10
C GLU E 383 19.83 6.12 27.70
N THR E 384 18.86 5.64 26.94
CA THR E 384 17.73 6.46 26.49
C THR E 384 16.83 6.91 27.66
N GLY E 385 16.91 6.24 28.81
CA GLY E 385 15.98 6.44 29.94
C GLY E 385 14.73 5.56 29.84
N GLY E 386 14.62 4.80 28.74
CA GLY E 386 13.45 3.95 28.48
C GLY E 386 13.76 2.49 28.67
N PHE E 387 12.72 1.67 28.55
CA PHE E 387 12.71 0.25 28.94
C PHE E 387 12.58 -0.64 27.72
N TYR E 388 13.70 -1.29 27.36
CA TYR E 388 13.77 -2.09 26.14
C TYR E 388 14.50 -3.40 26.36
N VAL E 389 14.05 -4.46 25.67
CA VAL E 389 14.60 -5.81 25.82
C VAL E 389 14.47 -6.51 24.47
N GLU E 390 15.51 -7.26 24.09
CA GLU E 390 15.51 -7.96 22.82
C GLU E 390 14.43 -9.06 22.73
N PRO E 391 13.92 -9.33 21.51
CA PRO E 391 13.13 -10.53 21.33
C PRO E 391 13.98 -11.74 21.61
N THR E 392 13.47 -12.62 22.48
CA THR E 392 14.25 -13.66 23.11
C THR E 392 13.57 -15.01 22.94
N VAL E 393 14.36 -16.01 22.58
CA VAL E 393 13.85 -17.37 22.36
C VAL E 393 14.69 -18.35 23.10
N PHE E 394 14.05 -19.20 23.93
CA PHE E 394 14.67 -20.40 24.49
C PHE E 394 14.06 -21.69 23.98
N GLU E 395 14.89 -22.71 23.94
CA GLU E 395 14.46 -24.09 23.81
C GLU E 395 14.41 -24.70 25.23
N VAL E 396 13.27 -25.27 25.58
CA VAL E 396 13.07 -25.80 26.94
C VAL E 396 12.19 -27.01 26.94
N LYS E 397 12.23 -27.72 28.05
CA LYS E 397 11.28 -28.76 28.35
C LYS E 397 9.95 -28.11 28.72
N PRO E 398 8.85 -28.87 28.57
CA PRO E 398 7.55 -28.29 28.83
C PRO E 398 7.26 -27.92 30.28
N ASP E 399 8.01 -28.50 31.20
CA ASP E 399 7.84 -28.25 32.63
C ASP E 399 8.75 -27.12 33.16
N ALA E 400 9.55 -26.51 32.29
CA ALA E 400 10.40 -25.39 32.65
C ALA E 400 9.58 -24.21 33.21
N LYS E 401 10.18 -23.47 34.12
CA LYS E 401 9.55 -22.30 34.69
C LYS E 401 9.04 -21.32 33.63
N ILE E 402 9.91 -20.93 32.68
CA ILE E 402 9.48 -20.00 31.61
C ILE E 402 8.43 -20.63 30.67
N ALA E 403 8.34 -21.96 30.65
CA ALA E 403 7.27 -22.62 29.89
C ALA E 403 5.93 -22.61 30.62
N ARG E 404 5.94 -22.53 31.95
CA ARG E 404 4.73 -22.63 32.73
C ARG E 404 4.11 -21.29 33.11
N GLU E 405 4.94 -20.30 33.41
CA GLU E 405 4.46 -19.07 34.02
C GLU E 405 4.36 -18.01 32.98
N GLU E 406 3.33 -17.17 33.11
CA GLU E 406 3.16 -16.05 32.19
C GLU E 406 4.23 -14.98 32.45
N ILE E 407 4.95 -14.63 31.41
CA ILE E 407 6.04 -13.69 31.53
C ILE E 407 5.56 -12.29 31.17
N PHE E 408 4.67 -12.21 30.16
CA PHE E 408 4.15 -10.97 29.65
C PHE E 408 5.22 -10.07 29.02
N GLY E 409 6.11 -10.65 28.23
CA GLY E 409 7.21 -9.96 27.55
C GLY E 409 7.66 -10.84 26.38
N PRO E 410 8.67 -10.38 25.63
CA PRO E 410 8.98 -11.02 24.38
C PRO E 410 9.92 -12.17 24.57
N VAL E 411 9.45 -13.19 25.27
CA VAL E 411 10.26 -14.34 25.60
C VAL E 411 9.46 -15.59 25.23
N LEU E 412 9.98 -16.30 24.25
CA LEU E 412 9.37 -17.49 23.70
C LEU E 412 10.01 -18.77 24.25
N SER E 413 9.16 -19.74 24.58
CA SER E 413 9.55 -21.10 24.97
C SER E 413 9.28 -22.04 23.80
N VAL E 414 10.34 -22.56 23.19
CA VAL E 414 10.23 -23.53 22.12
C VAL E 414 10.36 -24.94 22.72
N ILE E 415 9.31 -25.73 22.49
CA ILE E 415 9.17 -27.06 23.10
C ILE E 415 9.03 -28.05 21.98
N VAL E 416 9.83 -29.13 22.01
CA VAL E 416 9.78 -30.14 20.95
C VAL E 416 8.82 -31.28 21.28
N PHE E 417 8.15 -31.86 20.28
CA PHE E 417 7.34 -33.03 20.52
C PHE E 417 7.51 -34.04 19.39
N ASP E 418 7.07 -35.27 19.64
CA ASP E 418 7.27 -36.36 18.67
C ASP E 418 5.98 -36.83 18.04
N ASP E 419 4.84 -36.53 18.61
CA ASP E 419 3.58 -36.92 17.99
C ASP E 419 2.47 -35.96 18.35
N VAL E 420 1.46 -35.93 17.50
CA VAL E 420 0.38 -34.96 17.64
C VAL E 420 -0.33 -35.10 19.00
N ASP E 421 -0.52 -36.32 19.50
CA ASP E 421 -1.24 -36.49 20.76
C ASP E 421 -0.44 -35.91 21.93
N GLU E 422 0.87 -36.07 21.89
CA GLU E 422 1.76 -35.48 22.89
C GLU E 422 1.66 -33.94 22.84
N ALA E 423 1.68 -33.35 21.64
CA ALA E 423 1.52 -31.87 21.51
C ALA E 423 0.22 -31.39 22.17
N VAL E 424 -0.86 -32.13 21.94
CA VAL E 424 -2.16 -31.77 22.52
C VAL E 424 -2.13 -31.88 24.06
N ARG E 425 -1.54 -32.94 24.59
N ARG E 425 -1.53 -32.96 24.58
CA ARG E 425 -1.42 -33.09 26.04
CA ARG E 425 -1.36 -33.13 26.02
C ARG E 425 -0.59 -31.94 26.64
C ARG E 425 -0.61 -31.94 26.61
N ILE E 426 0.52 -31.59 26.00
CA ILE E 426 1.37 -30.50 26.47
C ILE E 426 0.56 -29.20 26.40
N ALA E 427 -0.10 -28.98 25.26
CA ALA E 427 -0.86 -27.77 25.04
C ALA E 427 -1.86 -27.57 26.19
N ASN E 428 -2.55 -28.64 26.58
CA ASN E 428 -3.67 -28.51 27.53
C ASN E 428 -3.19 -28.55 28.97
N ASP E 429 -1.93 -28.91 29.18
CA ASP E 429 -1.42 -29.09 30.54
C ASP E 429 -1.04 -27.74 31.10
N THR E 430 -2.06 -26.97 31.46
CA THR E 430 -1.86 -25.64 32.01
C THR E 430 -3.17 -25.22 32.67
N GLU E 431 -3.11 -24.32 33.63
N GLU E 431 -3.07 -24.32 33.64
CA GLU E 431 -4.34 -23.84 34.21
CA GLU E 431 -4.23 -23.75 34.30
C GLU E 431 -4.86 -22.65 33.41
C GLU E 431 -4.86 -22.67 33.41
N TYR E 432 -4.11 -22.21 32.39
CA TYR E 432 -4.63 -21.18 31.45
C TYR E 432 -5.44 -21.81 30.32
N GLY E 433 -6.14 -20.96 29.56
CA GLY E 433 -6.88 -21.43 28.43
C GLY E 433 -7.46 -20.32 27.59
N LEU E 434 -6.64 -19.31 27.31
CA LEU E 434 -7.10 -18.18 26.51
C LEU E 434 -7.13 -18.45 25.01
N ALA E 435 -6.09 -19.11 24.50
CA ALA E 435 -6.04 -19.37 23.07
C ALA E 435 -5.07 -20.49 22.81
N ALA E 436 -5.03 -20.91 21.57
CA ALA E 436 -4.20 -21.99 21.12
C ALA E 436 -4.19 -21.94 19.58
N ALA E 437 -3.21 -22.60 18.97
CA ALA E 437 -3.18 -22.71 17.52
C ALA E 437 -2.54 -23.98 17.03
N VAL E 438 -2.94 -24.41 15.83
CA VAL E 438 -2.29 -25.58 15.17
C VAL E 438 -2.08 -25.30 13.72
N TRP E 439 -0.93 -25.76 13.17
CA TRP E 439 -0.59 -25.58 11.77
C TRP E 439 -0.47 -26.91 11.06
N THR E 440 -1.40 -27.19 10.17
CA THR E 440 -1.46 -28.46 9.46
C THR E 440 -2.23 -28.27 8.17
N SER E 441 -1.79 -28.98 7.14
CA SER E 441 -2.57 -29.03 5.87
C SER E 441 -3.68 -30.09 5.85
N ASN E 442 -3.77 -30.92 6.89
CA ASN E 442 -4.64 -32.09 6.85
C ASN E 442 -6.00 -31.73 7.42
N LEU E 443 -7.06 -31.97 6.64
CA LEU E 443 -8.41 -31.64 7.03
C LEU E 443 -8.76 -32.25 8.39
N THR E 444 -8.49 -33.54 8.56
CA THR E 444 -8.86 -34.21 9.81
C THR E 444 -8.02 -33.76 11.01
N THR E 445 -6.71 -33.63 10.82
CA THR E 445 -5.87 -33.13 11.90
C THR E 445 -6.38 -31.78 12.37
N ALA E 446 -6.71 -30.91 11.41
CA ALA E 446 -7.12 -29.53 11.75
C ALA E 446 -8.35 -29.47 12.64
N HIS E 447 -9.42 -30.16 12.24
CA HIS E 447 -10.64 -30.14 13.01
C HIS E 447 -10.50 -30.91 14.28
N ASP E 448 -9.75 -32.00 14.25
N ASP E 448 -9.78 -32.05 14.24
CA ASP E 448 -9.67 -32.85 15.41
CA ASP E 448 -9.61 -32.91 15.42
C ASP E 448 -8.81 -32.25 16.53
C ASP E 448 -8.86 -32.14 16.50
N VAL E 449 -7.67 -31.68 16.15
CA VAL E 449 -6.83 -30.97 17.10
C VAL E 449 -7.55 -29.70 17.62
N SER E 450 -8.15 -28.93 16.72
CA SER E 450 -8.82 -27.68 17.18
C SER E 450 -9.96 -27.93 18.18
N ARG E 451 -10.71 -29.03 17.99
CA ARG E 451 -11.75 -29.47 18.93
C ARG E 451 -11.15 -29.86 20.31
N ARG E 452 -9.97 -30.45 20.30
CA ARG E 452 -9.33 -30.94 21.51
C ARG E 452 -8.61 -29.90 22.35
N LEU E 453 -8.24 -28.76 21.76
CA LEU E 453 -7.55 -27.68 22.50
C LEU E 453 -8.56 -26.87 23.35
N ARG E 454 -8.28 -26.84 24.66
CA ARG E 454 -9.12 -26.32 25.73
C ARG E 454 -8.78 -24.82 25.86
N ALA E 455 -9.16 -24.06 24.82
CA ALA E 455 -8.96 -22.63 24.81
C ALA E 455 -10.15 -21.93 24.17
N GLY E 456 -10.36 -20.67 24.54
CA GLY E 456 -11.47 -19.85 24.00
C GLY E 456 -11.40 -19.52 22.55
N THR E 457 -10.17 -19.34 22.02
CA THR E 457 -9.94 -19.06 20.60
C THR E 457 -8.91 -20.04 20.10
N VAL E 458 -9.19 -20.74 19.01
CA VAL E 458 -8.23 -21.64 18.42
C VAL E 458 -8.02 -21.22 16.96
N TRP E 459 -6.78 -20.90 16.67
CA TRP E 459 -6.37 -20.48 15.35
C TRP E 459 -5.77 -21.67 14.61
N VAL E 460 -6.18 -21.86 13.35
CA VAL E 460 -5.64 -22.97 12.56
C VAL E 460 -4.92 -22.34 11.36
N ASN E 461 -3.64 -22.65 11.22
CA ASN E 461 -2.82 -22.05 10.14
C ASN E 461 -2.81 -20.50 10.17
N CYS E 462 -2.91 -19.97 11.38
CA CYS E 462 -2.77 -18.58 11.64
C CYS E 462 -2.52 -18.41 13.13
N TYR E 463 -2.37 -17.18 13.59
CA TYR E 463 -2.22 -16.88 15.03
C TYR E 463 -2.54 -15.41 15.19
N ASP E 464 -3.40 -15.09 16.15
CA ASP E 464 -3.84 -13.71 16.36
C ASP E 464 -4.25 -13.07 15.02
N GLU E 465 -5.07 -13.78 14.25
CA GLU E 465 -5.43 -13.49 12.89
C GLU E 465 -6.52 -12.44 12.87
N GLY E 466 -6.21 -11.30 12.30
CA GLY E 466 -7.17 -10.23 12.13
C GLY E 466 -7.73 -9.73 13.43
N GLY E 467 -8.96 -9.23 13.34
CA GLY E 467 -9.55 -8.56 14.45
C GLY E 467 -11.04 -8.66 14.50
N ASP E 468 -11.61 -9.67 13.85
CA ASP E 468 -13.02 -9.66 13.53
C ASP E 468 -13.88 -9.68 14.78
N MET E 469 -14.90 -8.83 14.84
CA MET E 469 -15.81 -8.77 16.01
C MET E 469 -16.78 -9.93 16.11
N ASN E 470 -16.86 -10.80 15.10
CA ASN E 470 -17.75 -11.95 15.18
C ASN E 470 -17.24 -13.08 16.08
N PHE E 471 -16.00 -12.96 16.55
CA PHE E 471 -15.41 -14.09 17.30
C PHE E 471 -15.31 -13.82 18.78
N PRO E 472 -16.22 -14.41 19.61
CA PRO E 472 -16.02 -14.20 21.06
C PRO E 472 -14.64 -14.63 21.50
N PHE E 473 -14.11 -13.94 22.53
CA PHE E 473 -12.74 -14.00 22.94
C PHE E 473 -12.69 -14.02 24.46
N GLY E 474 -12.10 -15.06 25.02
CA GLY E 474 -12.00 -15.14 26.47
C GLY E 474 -11.56 -16.53 26.88
N GLY E 475 -11.56 -16.77 28.20
CA GLY E 475 -10.81 -17.90 28.69
C GLY E 475 -11.63 -19.16 28.98
N TYR E 476 -10.97 -20.31 28.89
CA TYR E 476 -11.35 -21.53 29.62
C TYR E 476 -10.52 -21.48 30.88
N LYS E 477 -10.95 -22.27 31.88
CA LYS E 477 -10.14 -22.48 33.09
C LYS E 477 -9.76 -21.13 33.77
N GLN E 478 -8.47 -20.84 34.00
CA GLN E 478 -8.13 -19.64 34.77
C GLN E 478 -7.68 -18.44 33.92
N SER E 479 -8.14 -18.41 32.68
CA SER E 479 -7.89 -17.30 31.75
C SER E 479 -9.07 -16.34 31.67
N GLY E 480 -10.05 -16.54 32.55
CA GLY E 480 -11.15 -15.59 32.67
C GLY E 480 -12.48 -16.22 32.37
N ASN E 481 -13.55 -15.50 32.65
CA ASN E 481 -14.89 -15.97 32.36
C ASN E 481 -15.67 -15.02 31.44
N GLY E 482 -16.55 -15.56 30.63
CA GLY E 482 -17.26 -14.73 29.67
C GLY E 482 -16.41 -14.37 28.47
N ARG E 483 -16.98 -13.57 27.60
CA ARG E 483 -16.32 -13.27 26.36
C ARG E 483 -16.43 -11.81 25.97
N ASP E 484 -15.35 -11.28 25.37
CA ASP E 484 -15.35 -10.01 24.67
C ASP E 484 -15.50 -10.27 23.13
N LYS E 485 -15.85 -9.21 22.40
CA LYS E 485 -16.30 -9.31 21.01
C LYS E 485 -17.55 -10.21 20.83
N SER E 486 -18.18 -10.06 19.67
CA SER E 486 -19.34 -10.84 19.23
C SER E 486 -20.59 -10.43 20.02
N LEU E 487 -21.74 -10.92 19.56
CA LEU E 487 -23.00 -10.60 20.26
C LEU E 487 -22.97 -11.16 21.67
N HIS E 488 -22.16 -12.20 21.87
CA HIS E 488 -22.05 -12.82 23.19
C HIS E 488 -21.45 -11.87 24.24
N ALA E 489 -20.67 -10.87 23.82
CA ALA E 489 -20.15 -9.86 24.74
C ALA E 489 -21.28 -9.11 25.49
N LEU E 490 -22.44 -9.00 24.88
CA LEU E 490 -23.61 -8.26 25.44
C LEU E 490 -24.33 -8.92 26.61
N GLU E 491 -24.18 -10.23 26.71
CA GLU E 491 -24.70 -10.99 27.81
C GLU E 491 -24.08 -10.52 29.14
N LYS E 492 -22.85 -10.01 29.08
CA LYS E 492 -22.16 -9.52 30.27
C LYS E 492 -22.78 -8.25 30.89
N TYR E 493 -23.57 -7.54 30.12
CA TYR E 493 -24.01 -6.20 30.48
C TYR E 493 -25.52 -6.10 30.36
N THR E 494 -26.19 -7.25 30.21
CA THR E 494 -27.63 -7.35 30.17
C THR E 494 -28.15 -8.47 31.09
N GLU E 495 -29.43 -8.36 31.47
CA GLU E 495 -30.20 -9.44 32.09
C GLU E 495 -31.29 -9.95 31.13
N LEU E 496 -31.49 -11.25 31.18
CA LEU E 496 -32.67 -11.91 30.61
C LEU E 496 -33.86 -11.70 31.52
N LYS E 497 -34.97 -11.38 30.86
CA LYS E 497 -36.30 -11.33 31.43
C LYS E 497 -37.30 -12.23 30.66
N SER E 498 -38.01 -13.10 31.40
CA SER E 498 -39.15 -13.84 30.91
C SER E 498 -40.43 -13.08 31.35
N THR E 499 -41.25 -12.67 30.40
CA THR E 499 -42.53 -12.04 30.68
C THR E 499 -43.64 -12.98 30.26
N LEU E 500 -44.46 -13.48 31.20
CA LEU E 500 -45.55 -14.41 30.87
C LEU E 500 -46.85 -13.63 31.04
N ILE E 501 -47.49 -13.35 29.91
CA ILE E 501 -48.71 -12.55 29.89
C ILE E 501 -49.90 -13.45 29.68
N ARG E 502 -50.68 -13.64 30.74
CA ARG E 502 -51.80 -14.53 30.68
C ARG E 502 -53.05 -13.82 30.20
N LEU E 503 -53.60 -14.28 29.08
CA LEU E 503 -54.73 -13.65 28.40
C LEU E 503 -56.08 -14.09 28.97
N ARG E 504 -56.16 -15.34 29.42
CA ARG E 504 -57.38 -15.89 30.01
CA ARG E 504 -57.38 -15.90 30.00
C ARG E 504 -57.02 -17.05 30.94
N LEU F 12 -37.13 23.97 2.01
CA LEU F 12 -37.47 24.58 0.69
C LEU F 12 -38.97 24.89 0.57
N THR F 13 -39.27 25.97 -0.13
CA THR F 13 -40.66 26.38 -0.45
C THR F 13 -41.12 25.83 -1.81
N LEU F 14 -42.39 26.02 -2.13
CA LEU F 14 -42.91 25.66 -3.45
C LEU F 14 -42.10 26.32 -4.58
N ALA F 15 -41.81 27.62 -4.45
CA ALA F 15 -41.09 28.31 -5.52
C ALA F 15 -39.69 27.72 -5.69
N ASP F 16 -39.09 27.29 -4.59
CA ASP F 16 -37.76 26.66 -4.61
C ASP F 16 -37.77 25.38 -5.43
N TRP F 17 -38.79 24.54 -5.22
CA TRP F 17 -38.90 23.28 -5.95
C TRP F 17 -39.19 23.54 -7.42
N GLN F 18 -40.11 24.45 -7.70
CA GLN F 18 -40.39 24.81 -9.08
C GLN F 18 -39.14 25.29 -9.82
N HIS F 19 -38.35 26.13 -9.18
CA HIS F 19 -37.11 26.60 -9.80
C HIS F 19 -36.13 25.42 -9.97
N LYS F 20 -36.03 24.57 -8.96
CA LYS F 20 -35.19 23.36 -9.06
C LYS F 20 -35.65 22.50 -10.23
N ALA F 21 -36.94 22.26 -10.34
CA ALA F 21 -37.47 21.49 -11.46
C ALA F 21 -37.13 22.15 -12.80
N ALA F 22 -37.15 23.48 -12.85
CA ALA F 22 -36.92 24.18 -14.15
C ALA F 22 -35.53 23.91 -14.75
N SER F 23 -34.50 23.77 -13.94
CA SER F 23 -33.13 23.57 -14.47
C SER F 23 -32.55 22.17 -14.24
N LEU F 24 -33.32 21.27 -13.64
CA LEU F 24 -32.91 19.89 -13.43
C LEU F 24 -32.54 19.24 -14.75
N GLU F 25 -31.38 18.57 -14.78
CA GLU F 25 -31.01 17.73 -15.91
C GLU F 25 -31.45 16.30 -15.53
N ILE F 26 -32.22 15.68 -16.41
CA ILE F 26 -32.76 14.35 -16.14
C ILE F 26 -32.09 13.35 -17.08
N GLU F 27 -31.53 12.30 -16.49
CA GLU F 27 -30.97 11.19 -17.23
C GLU F 27 -32.06 10.18 -17.58
N GLY F 28 -32.22 9.89 -18.88
CA GLY F 28 -33.14 8.86 -19.35
C GLY F 28 -32.53 7.61 -19.98
N ARG F 29 -31.21 7.49 -19.99
CA ARG F 29 -30.57 6.28 -20.51
C ARG F 29 -30.72 5.10 -19.56
N ALA F 30 -30.67 3.90 -20.12
CA ALA F 30 -30.43 2.68 -19.32
C ALA F 30 -29.05 2.72 -18.62
N PHE F 31 -28.89 1.97 -17.56
CA PHE F 31 -27.57 1.83 -16.95
C PHE F 31 -27.20 0.36 -16.91
N ILE F 32 -26.22 -0.02 -17.74
CA ILE F 32 -25.93 -1.38 -17.95
C ILE F 32 -24.41 -1.57 -18.04
N ASP F 33 -23.93 -2.50 -17.23
CA ASP F 33 -22.53 -2.86 -17.19
C ASP F 33 -21.64 -1.63 -17.00
N GLY F 34 -22.05 -0.76 -16.06
CA GLY F 34 -21.26 0.39 -15.62
C GLY F 34 -21.21 1.53 -16.63
N ALA F 35 -22.12 1.49 -17.58
CA ALA F 35 -22.30 2.62 -18.52
C ALA F 35 -23.75 3.02 -18.67
N SER F 36 -23.98 4.32 -18.95
CA SER F 36 -25.28 4.79 -19.39
C SER F 36 -25.36 4.56 -20.91
N ARG F 37 -26.45 3.95 -21.35
CA ARG F 37 -26.57 3.52 -22.73
C ARG F 37 -27.99 3.71 -23.23
N ASP F 38 -28.12 4.05 -24.51
CA ASP F 38 -29.41 4.04 -25.18
C ASP F 38 -29.87 2.61 -25.35
N ALA F 39 -31.18 2.44 -25.49
CA ALA F 39 -31.76 1.17 -25.82
C ALA F 39 -31.37 0.75 -27.22
N HIS F 40 -31.57 -0.52 -27.51
CA HIS F 40 -31.43 -1.07 -28.85
C HIS F 40 -32.23 -0.22 -29.82
N GLY F 41 -31.60 0.18 -30.92
CA GLY F 41 -32.26 0.99 -31.93
C GLY F 41 -32.54 2.42 -31.53
N GLY F 42 -32.03 2.85 -30.37
CA GLY F 42 -32.32 4.17 -29.84
C GLY F 42 -33.75 4.40 -29.41
N ARG F 43 -34.55 3.34 -29.25
CA ARG F 43 -35.97 3.54 -29.00
C ARG F 43 -36.12 4.21 -27.65
N THR F 44 -37.03 5.18 -27.55
CA THR F 44 -37.37 5.79 -26.28
C THR F 44 -38.86 5.78 -26.06
N PHE F 45 -39.29 6.03 -24.81
CA PHE F 45 -40.67 6.38 -24.53
C PHE F 45 -40.64 7.68 -23.78
N ASP F 46 -41.75 8.42 -23.84
CA ASP F 46 -41.85 9.69 -23.18
C ASP F 46 -42.24 9.49 -21.72
N CYS F 47 -41.44 10.04 -20.83
CA CYS F 47 -41.73 9.99 -19.40
C CYS F 47 -42.52 11.24 -19.07
N VAL F 48 -43.77 11.10 -18.67
CA VAL F 48 -44.70 12.25 -18.55
C VAL F 48 -45.05 12.44 -17.08
N SER F 49 -45.03 13.68 -16.58
CA SER F 49 -45.35 13.92 -15.18
C SER F 49 -46.86 13.91 -14.98
N PRO F 50 -47.34 13.19 -13.97
CA PRO F 50 -48.80 13.34 -13.70
C PRO F 50 -49.25 14.65 -13.03
N ILE F 51 -48.32 15.53 -12.68
CA ILE F 51 -48.65 16.81 -12.08
C ILE F 51 -49.42 17.70 -13.09
N ASP F 52 -48.93 17.71 -14.31
CA ASP F 52 -49.48 18.57 -15.36
C ASP F 52 -49.31 18.05 -16.78
N GLY F 53 -48.93 16.79 -16.94
CA GLY F 53 -48.69 16.23 -18.28
C GLY F 53 -47.44 16.69 -19.03
N ARG F 54 -46.54 17.42 -18.41
CA ARG F 54 -45.31 17.85 -19.09
C ARG F 54 -44.46 16.61 -19.39
N VAL F 55 -43.81 16.59 -20.56
CA VAL F 55 -42.81 15.56 -20.86
C VAL F 55 -41.52 15.90 -20.12
N LEU F 56 -41.14 15.04 -19.16
CA LEU F 56 -39.94 15.25 -18.38
C LEU F 56 -38.67 14.84 -19.14
N ALA F 57 -38.74 13.78 -19.92
CA ALA F 57 -37.55 13.24 -20.60
C ALA F 57 -37.96 12.17 -21.59
N LYS F 58 -37.08 11.85 -22.53
CA LYS F 58 -37.26 10.61 -23.28
C LYS F 58 -36.35 9.58 -22.66
N VAL F 59 -36.93 8.43 -22.31
CA VAL F 59 -36.26 7.39 -21.54
C VAL F 59 -36.06 6.16 -22.43
N ALA F 60 -34.92 5.53 -22.29
CA ALA F 60 -34.62 4.29 -23.02
C ALA F 60 -35.72 3.24 -22.89
N ASP F 61 -36.21 2.74 -24.03
CA ASP F 61 -37.31 1.77 -24.05
C ASP F 61 -36.74 0.40 -24.38
N CYS F 62 -36.33 -0.30 -23.34
CA CYS F 62 -35.47 -1.45 -23.53
C CYS F 62 -36.24 -2.66 -24.02
N GLY F 63 -35.55 -3.49 -24.79
CA GLY F 63 -36.12 -4.70 -25.37
C GLY F 63 -35.19 -5.88 -25.14
N GLU F 64 -35.41 -6.95 -25.88
CA GLU F 64 -34.63 -8.16 -25.72
C GLU F 64 -33.11 -7.97 -25.73
N ALA F 65 -32.54 -7.17 -26.65
CA ALA F 65 -31.07 -7.08 -26.71
C ALA F 65 -30.52 -6.44 -25.43
N ASP F 66 -31.29 -5.50 -24.91
CA ASP F 66 -30.89 -4.76 -23.72
C ASP F 66 -30.99 -5.65 -22.48
N VAL F 67 -32.07 -6.41 -22.39
CA VAL F 67 -32.24 -7.34 -21.30
C VAL F 67 -31.14 -8.38 -21.35
N ASN F 68 -30.85 -8.88 -22.53
CA ASN F 68 -29.79 -9.87 -22.59
C ASN F 68 -28.41 -9.30 -22.16
N ALA F 69 -28.08 -8.09 -22.59
CA ALA F 69 -26.78 -7.50 -22.25
C ALA F 69 -26.65 -7.23 -20.75
N ALA F 70 -27.75 -6.85 -20.12
CA ALA F 70 -27.76 -6.64 -18.66
C ALA F 70 -27.64 -7.97 -17.89
N VAL F 71 -28.33 -9.01 -18.37
CA VAL F 71 -28.26 -10.31 -17.69
C VAL F 71 -26.86 -10.93 -17.85
N ALA F 72 -26.31 -10.77 -19.05
CA ALA F 72 -24.93 -11.24 -19.32
C ALA F 72 -23.89 -10.53 -18.47
N ALA F 73 -24.02 -9.22 -18.34
CA ALA F 73 -23.10 -8.43 -17.53
C ALA F 73 -23.23 -8.82 -16.05
N ALA F 74 -24.48 -9.07 -15.63
CA ALA F 74 -24.75 -9.50 -14.25
C ALA F 74 -24.09 -10.86 -13.96
N ARG F 75 -24.23 -11.79 -14.89
CA ARG F 75 -23.68 -13.13 -14.76
C ARG F 75 -22.13 -13.10 -14.78
N ARG F 76 -21.54 -12.30 -15.65
CA ARG F 76 -20.08 -12.23 -15.74
C ARG F 76 -19.53 -11.67 -14.44
N ALA F 77 -20.16 -10.60 -13.93
CA ALA F 77 -19.73 -9.97 -12.69
C ALA F 77 -19.82 -10.95 -11.51
N PHE F 78 -20.91 -11.73 -11.48
CA PHE F 78 -21.14 -12.68 -10.39
C PHE F 78 -20.08 -13.77 -10.47
N ASP F 79 -19.85 -14.30 -11.67
CA ASP F 79 -18.78 -15.34 -11.86
C ASP F 79 -17.36 -14.84 -11.58
N ALA F 80 -17.08 -13.58 -11.87
CA ALA F 80 -15.76 -13.04 -11.64
C ALA F 80 -15.56 -12.75 -10.14
N GLY F 81 -16.65 -12.72 -9.37
CA GLY F 81 -16.55 -12.51 -7.92
C GLY F 81 -16.18 -11.09 -7.53
N VAL F 82 -16.35 -10.13 -8.45
CA VAL F 82 -16.01 -8.74 -8.20
C VAL F 82 -16.80 -8.10 -7.07
N TRP F 83 -17.98 -8.66 -6.77
CA TRP F 83 -18.86 -8.22 -5.70
C TRP F 83 -19.10 -9.36 -4.68
N ALA F 84 -19.48 -10.54 -5.15
CA ALA F 84 -19.71 -11.69 -4.29
C ALA F 84 -18.46 -12.19 -3.56
N GLY F 85 -17.29 -11.91 -4.14
CA GLY F 85 -16.03 -12.38 -3.56
C GLY F 85 -15.38 -11.40 -2.60
N LEU F 86 -16.04 -10.24 -2.43
CA LEU F 86 -15.60 -9.26 -1.45
C LEU F 86 -15.97 -9.74 -0.05
N ASN F 87 -15.15 -9.35 0.92
CA ASN F 87 -15.40 -9.60 2.31
C ASN F 87 -16.62 -8.82 2.81
N PRO F 88 -17.35 -9.38 3.81
CA PRO F 88 -18.54 -8.76 4.36
C PRO F 88 -18.35 -7.28 4.64
N ARG F 89 -17.27 -6.97 5.34
CA ARG F 89 -17.00 -5.57 5.73
C ARG F 89 -16.72 -4.65 4.52
N ALA F 90 -16.09 -5.21 3.48
CA ALA F 90 -15.81 -4.44 2.26
C ALA F 90 -17.13 -4.14 1.48
N ARG F 91 -18.02 -5.14 1.40
CA ARG F 91 -19.34 -4.93 0.78
C ARG F 91 -20.15 -3.93 1.56
N LYS F 92 -20.19 -4.08 2.89
CA LYS F 92 -20.80 -3.11 3.78
C LYS F 92 -20.34 -1.66 3.47
N ALA F 93 -19.03 -1.45 3.32
CA ALA F 93 -18.45 -0.12 3.11
C ALA F 93 -18.99 0.50 1.83
N VAL F 94 -18.98 -0.27 0.75
CA VAL F 94 -19.51 0.23 -0.54
C VAL F 94 -21.01 0.58 -0.50
N LEU F 95 -21.81 -0.29 0.11
CA LEU F 95 -23.25 -0.03 0.28
C LEU F 95 -23.61 1.18 1.15
N LEU F 96 -22.92 1.32 2.30
CA LEU F 96 -23.00 2.52 3.09
C LEU F 96 -22.63 3.80 2.29
N ARG F 97 -21.58 3.73 1.46
N ARG F 97 -21.59 3.75 1.46
CA ARG F 97 -21.16 4.88 0.63
CA ARG F 97 -21.16 4.91 0.65
C ARG F 97 -22.25 5.27 -0.36
C ARG F 97 -22.23 5.29 -0.39
N TRP F 98 -22.84 4.27 -1.00
CA TRP F 98 -23.97 4.45 -1.87
C TRP F 98 -25.17 5.11 -1.15
N ALA F 99 -25.56 4.60 0.04
CA ALA F 99 -26.65 5.25 0.82
C ALA F 99 -26.32 6.69 1.18
N ALA F 100 -25.04 6.93 1.53
CA ALA F 100 -24.62 8.29 1.86
C ALA F 100 -24.73 9.19 0.64
N LEU F 101 -24.44 8.68 -0.55
CA LEU F 101 -24.61 9.44 -1.78
C LEU F 101 -26.07 9.76 -2.11
N MET F 102 -26.94 8.80 -1.90
CA MET F 102 -28.37 8.99 -1.95
C MET F 102 -28.82 10.12 -1.04
N ARG F 103 -28.27 10.13 0.17
CA ARG F 103 -28.64 11.19 1.12
C ARG F 103 -28.08 12.55 0.68
N GLU F 104 -26.87 12.55 0.13
CA GLU F 104 -26.26 13.77 -0.38
C GLU F 104 -27.09 14.32 -1.52
N HIS F 105 -27.63 13.40 -2.33
CA HIS F 105 -28.46 13.79 -3.47
C HIS F 105 -29.97 13.76 -3.18
N LEU F 106 -30.34 13.92 -1.91
CA LEU F 106 -31.73 13.73 -1.50
C LEU F 106 -32.69 14.67 -2.17
N ASP F 107 -32.31 15.95 -2.32
CA ASP F 107 -33.24 16.90 -2.98
C ASP F 107 -33.50 16.47 -4.44
N GLU F 108 -32.46 16.07 -5.14
CA GLU F 108 -32.55 15.69 -6.58
C GLU F 108 -33.44 14.44 -6.74
N LEU F 109 -33.18 13.43 -5.92
CA LEU F 109 -33.90 12.18 -6.02
C LEU F 109 -35.35 12.37 -5.62
N SER F 110 -35.58 13.17 -4.59
CA SER F 110 -36.93 13.46 -4.15
C SER F 110 -37.71 14.17 -5.23
N LEU F 111 -37.06 15.11 -5.92
CA LEU F 111 -37.69 15.92 -6.95
C LEU F 111 -37.98 15.05 -8.16
N LEU F 112 -37.03 14.21 -8.55
CA LEU F 112 -37.30 13.23 -9.58
C LEU F 112 -38.54 12.38 -9.26
N GLU F 113 -38.65 11.89 -8.01
CA GLU F 113 -39.71 10.98 -7.64
C GLU F 113 -41.06 11.71 -7.68
N THR F 114 -41.06 12.95 -7.21
CA THR F 114 -42.28 13.77 -7.22
C THR F 114 -42.71 14.06 -8.64
N LEU F 115 -41.79 14.51 -9.48
CA LEU F 115 -42.13 14.83 -10.89
C LEU F 115 -42.64 13.60 -11.69
N ASP F 116 -42.00 12.45 -11.43
CA ASP F 116 -42.18 11.23 -12.21
C ASP F 116 -43.51 10.56 -11.83
N ALA F 117 -43.80 10.51 -10.54
CA ALA F 117 -44.90 9.70 -10.01
C ALA F 117 -46.01 10.52 -9.37
N GLY F 118 -45.82 11.83 -9.21
CA GLY F 118 -46.86 12.72 -8.66
C GLY F 118 -47.03 12.69 -7.14
N LYS F 119 -45.99 12.23 -6.46
CA LYS F 119 -45.97 12.02 -5.04
C LYS F 119 -45.55 13.33 -4.40
N PRO F 120 -46.34 13.80 -3.40
CA PRO F 120 -45.99 15.02 -2.67
C PRO F 120 -44.52 15.14 -2.28
N ILE F 121 -43.89 16.25 -2.64
CA ILE F 121 -42.50 16.52 -2.22
C ILE F 121 -42.29 16.41 -0.70
N GLY F 122 -43.31 16.75 0.09
CA GLY F 122 -43.22 16.56 1.54
C GLY F 122 -43.03 15.09 1.96
N ASP F 123 -43.52 14.17 1.13
CA ASP F 123 -43.43 12.74 1.32
C ASP F 123 -42.12 12.21 0.74
N THR F 124 -41.75 12.61 -0.48
CA THR F 124 -40.57 11.99 -1.08
C THR F 124 -39.29 12.34 -0.38
N THR F 125 -39.24 13.55 0.20
CA THR F 125 -38.07 14.01 0.97
C THR F 125 -37.97 13.39 2.37
N THR F 126 -39.07 12.86 2.90
CA THR F 126 -39.07 12.39 4.28
C THR F 126 -39.32 10.89 4.44
N VAL F 127 -40.07 10.29 3.52
CA VAL F 127 -40.38 8.85 3.57
C VAL F 127 -39.59 8.08 2.49
N ASP F 128 -39.78 8.45 1.23
CA ASP F 128 -39.25 7.64 0.10
C ASP F 128 -37.71 7.56 -0.04
N VAL F 129 -37.07 8.72 -0.19
CA VAL F 129 -35.60 8.72 -0.33
C VAL F 129 -34.86 8.31 0.98
N PRO F 130 -35.23 8.88 2.14
CA PRO F 130 -34.64 8.37 3.43
C PRO F 130 -34.87 6.88 3.68
N GLY F 131 -36.04 6.38 3.30
CA GLY F 131 -36.36 4.96 3.46
C GLY F 131 -35.54 4.11 2.51
N ALA F 132 -35.34 4.59 1.29
CA ALA F 132 -34.43 3.88 0.37
C ALA F 132 -33.03 3.74 0.96
N ALA F 133 -32.46 4.85 1.42
CA ALA F 133 -31.12 4.85 2.03
C ALA F 133 -31.04 3.98 3.31
N TYR F 134 -32.01 4.12 4.20
CA TYR F 134 -32.10 3.29 5.42
C TYR F 134 -32.11 1.80 5.10
N CYS F 135 -32.94 1.39 4.12
CA CYS F 135 -32.98 -0.02 3.72
C CYS F 135 -31.57 -0.51 3.29
N VAL F 136 -30.91 0.24 2.40
CA VAL F 136 -29.60 -0.11 1.98
C VAL F 136 -28.62 -0.16 3.17
N GLU F 137 -28.66 0.87 4.01
CA GLU F 137 -27.74 0.99 5.11
C GLU F 137 -27.96 -0.20 6.06
N TRP F 138 -29.22 -0.56 6.30
CA TRP F 138 -29.58 -1.59 7.29
C TRP F 138 -29.12 -2.96 6.84
N PHE F 139 -29.36 -3.29 5.57
CA PHE F 139 -28.79 -4.51 5.05
C PHE F 139 -27.26 -4.49 5.03
N ALA F 140 -26.64 -3.37 4.70
CA ALA F 140 -25.16 -3.29 4.74
C ALA F 140 -24.59 -3.58 6.13
N GLU F 141 -25.25 -3.00 7.14
CA GLU F 141 -24.88 -3.16 8.58
C GLU F 141 -25.14 -4.58 9.06
N ALA F 142 -26.04 -5.32 8.40
CA ALA F 142 -26.40 -6.68 8.82
C ALA F 142 -25.45 -7.76 8.30
N ILE F 143 -24.76 -7.45 7.22
CA ILE F 143 -23.99 -8.43 6.44
C ILE F 143 -22.94 -9.11 7.31
N ASP F 144 -22.32 -8.34 8.21
CA ASP F 144 -21.28 -8.91 9.08
C ASP F 144 -21.68 -9.16 10.52
N LYS F 145 -22.98 -9.34 10.76
CA LYS F 145 -23.55 -9.65 12.09
C LYS F 145 -24.21 -11.02 12.18
N VAL F 146 -24.64 -11.57 11.05
CA VAL F 146 -25.38 -12.80 11.09
C VAL F 146 -24.74 -13.80 10.17
N GLY F 147 -24.70 -15.04 10.60
CA GLY F 147 -24.05 -16.07 9.83
C GLY F 147 -24.87 -17.34 9.80
N GLY F 148 -24.16 -18.44 9.55
CA GLY F 148 -24.75 -19.77 9.38
C GLY F 148 -24.64 -20.55 10.68
N GLU F 149 -24.77 -21.87 10.55
CA GLU F 149 -24.87 -22.79 11.67
C GLU F 149 -23.77 -23.87 11.61
N VAL F 150 -23.37 -24.32 12.80
CA VAL F 150 -22.60 -25.55 12.98
C VAL F 150 -23.61 -26.49 13.61
N ALA F 151 -24.04 -27.47 12.83
CA ALA F 151 -25.12 -28.39 13.23
C ALA F 151 -24.69 -29.29 14.39
N PRO F 152 -25.65 -29.63 15.30
CA PRO F 152 -25.38 -30.59 16.37
C PRO F 152 -25.42 -32.02 15.86
N ALA F 153 -24.44 -32.32 15.02
CA ALA F 153 -24.37 -33.58 14.26
C ALA F 153 -23.49 -34.56 15.00
N ASP F 154 -23.53 -35.78 14.53
CA ASP F 154 -22.65 -36.84 15.06
C ASP F 154 -21.17 -36.41 14.98
N HIS F 155 -20.38 -36.85 15.95
CA HIS F 155 -19.04 -36.31 16.15
C HIS F 155 -18.04 -36.61 15.03
N HIS F 156 -18.29 -37.65 14.22
CA HIS F 156 -17.37 -37.93 13.11
C HIS F 156 -17.53 -36.94 11.95
N LEU F 157 -18.52 -36.06 12.08
CA LEU F 157 -18.81 -35.04 11.11
C LEU F 157 -18.58 -33.65 11.64
N VAL F 158 -18.10 -32.76 10.76
CA VAL F 158 -18.27 -31.33 11.01
C VAL F 158 -19.36 -30.90 10.06
N GLY F 159 -20.50 -30.54 10.63
CA GLY F 159 -21.67 -30.19 9.82
C GLY F 159 -22.00 -28.69 9.84
N LEU F 160 -22.01 -28.08 8.66
CA LEU F 160 -22.17 -26.65 8.46
C LEU F 160 -23.44 -26.45 7.66
N VAL F 161 -24.12 -25.33 7.94
CA VAL F 161 -25.26 -24.92 7.18
C VAL F 161 -25.06 -23.45 6.90
N THR F 162 -24.84 -23.14 5.65
CA THR F 162 -24.54 -21.78 5.25
C THR F 162 -25.53 -21.25 4.22
N ARG F 163 -25.42 -19.97 3.89
CA ARG F 163 -26.21 -19.37 2.84
C ARG F 163 -25.26 -18.77 1.79
N GLU F 164 -25.59 -18.94 0.52
CA GLU F 164 -24.82 -18.37 -0.57
C GLU F 164 -25.72 -17.60 -1.51
N PRO F 165 -25.19 -16.54 -2.15
CA PRO F 165 -26.03 -15.79 -3.09
C PRO F 165 -26.48 -16.69 -4.25
N VAL F 166 -27.69 -16.45 -4.73
CA VAL F 166 -28.36 -17.23 -5.79
C VAL F 166 -27.73 -16.98 -7.14
N GLY F 167 -27.24 -15.77 -7.31
CA GLY F 167 -26.50 -15.36 -8.52
C GLY F 167 -27.02 -14.09 -9.17
N VAL F 168 -27.86 -14.26 -10.20
CA VAL F 168 -28.39 -13.11 -10.92
C VAL F 168 -29.84 -12.87 -10.53
N VAL F 169 -30.13 -11.70 -10.01
CA VAL F 169 -31.46 -11.39 -9.49
C VAL F 169 -32.07 -10.31 -10.37
N ALA F 170 -33.25 -10.60 -10.92
CA ALA F 170 -34.05 -9.62 -11.56
C ALA F 170 -35.00 -9.02 -10.56
N ALA F 171 -35.20 -7.72 -10.62
CA ALA F 171 -36.25 -7.07 -9.83
C ALA F 171 -37.21 -6.24 -10.67
N VAL F 172 -38.50 -6.47 -10.50
CA VAL F 172 -39.51 -5.71 -11.27
C VAL F 172 -40.36 -5.01 -10.27
N VAL F 173 -40.34 -3.68 -10.32
CA VAL F 173 -40.99 -2.92 -9.26
C VAL F 173 -42.00 -1.95 -9.83
N PRO F 174 -42.93 -1.50 -8.99
CA PRO F 174 -44.03 -0.74 -9.45
C PRO F 174 -43.77 0.76 -9.37
N TRP F 175 -44.80 1.53 -9.77
CA TRP F 175 -44.72 2.99 -9.85
C TRP F 175 -45.20 3.78 -8.62
N ASN F 176 -45.80 3.15 -7.63
CA ASN F 176 -46.37 3.90 -6.49
C ASN F 176 -45.34 4.35 -5.45
N PHE F 177 -44.31 3.54 -5.24
CA PHE F 177 -43.12 3.90 -4.45
C PHE F 177 -41.90 3.46 -5.22
N PRO F 178 -41.55 4.17 -6.29
CA PRO F 178 -40.46 3.70 -7.16
C PRO F 178 -39.13 3.42 -6.50
N ILE F 179 -38.55 4.42 -5.85
CA ILE F 179 -37.23 4.30 -5.25
C ILE F 179 -37.27 3.38 -4.02
N LEU F 180 -38.31 3.50 -3.20
CA LEU F 180 -38.41 2.72 -1.99
C LEU F 180 -38.58 1.22 -2.22
N MET F 181 -39.52 0.85 -3.10
CA MET F 181 -39.69 -0.55 -3.44
C MET F 181 -38.50 -1.09 -4.25
N ALA F 182 -37.87 -0.29 -5.14
CA ALA F 182 -36.58 -0.71 -5.74
C ALA F 182 -35.61 -1.14 -4.65
N ALA F 183 -35.32 -0.22 -3.75
CA ALA F 183 -34.40 -0.43 -2.62
C ALA F 183 -34.80 -1.64 -1.78
N TRP F 184 -36.10 -1.89 -1.61
CA TRP F 184 -36.49 -3.06 -0.79
C TRP F 184 -35.99 -4.38 -1.42
N LYS F 185 -35.92 -4.38 -2.77
CA LYS F 185 -35.30 -5.51 -3.47
C LYS F 185 -33.79 -5.43 -3.52
N PHE F 186 -33.24 -4.32 -4.06
CA PHE F 186 -31.77 -4.27 -4.31
C PHE F 186 -30.90 -4.19 -3.03
N GLY F 187 -31.42 -3.56 -1.98
CA GLY F 187 -30.75 -3.56 -0.68
C GLY F 187 -30.34 -4.92 -0.15
N PRO F 188 -31.32 -5.79 0.12
CA PRO F 188 -30.92 -7.12 0.57
C PRO F 188 -30.27 -7.99 -0.54
N ALA F 189 -30.80 -7.96 -1.77
CA ALA F 189 -30.19 -8.74 -2.87
C ALA F 189 -28.68 -8.45 -3.08
N LEU F 190 -28.33 -7.16 -3.07
CA LEU F 190 -26.92 -6.78 -3.22
C LEU F 190 -26.08 -7.05 -1.96
N ALA F 191 -26.63 -6.81 -0.76
CA ALA F 191 -25.92 -7.12 0.47
C ALA F 191 -25.45 -8.56 0.45
N ALA F 192 -26.30 -9.45 -0.07
CA ALA F 192 -25.97 -10.86 -0.06
C ALA F 192 -24.93 -11.29 -1.14
N GLY F 193 -24.59 -10.39 -2.07
CA GLY F 193 -23.52 -10.65 -3.04
C GLY F 193 -24.01 -10.89 -4.47
N ASN F 194 -25.32 -10.81 -4.66
CA ASN F 194 -25.89 -11.02 -5.99
C ASN F 194 -25.64 -9.90 -6.94
N SER F 195 -25.70 -10.20 -8.25
CA SER F 195 -25.82 -9.14 -9.26
C SER F 195 -27.33 -8.95 -9.43
N VAL F 196 -27.75 -7.72 -9.74
CA VAL F 196 -29.16 -7.34 -9.85
C VAL F 196 -29.45 -6.65 -11.18
N VAL F 197 -30.53 -7.08 -11.82
CA VAL F 197 -31.05 -6.36 -12.97
C VAL F 197 -32.39 -5.80 -12.54
N LEU F 198 -32.47 -4.48 -12.45
CA LEU F 198 -33.70 -3.81 -12.03
C LEU F 198 -34.52 -3.32 -13.22
N LYS F 199 -35.79 -3.71 -13.25
CA LYS F 199 -36.69 -3.22 -14.29
C LYS F 199 -37.79 -2.35 -13.65
N PRO F 200 -37.58 -1.03 -13.61
CA PRO F 200 -38.56 -0.18 -12.95
C PRO F 200 -39.78 0.01 -13.85
N SER F 201 -40.88 0.50 -13.28
CA SER F 201 -42.09 0.75 -14.05
C SER F 201 -41.83 1.77 -15.14
N GLU F 202 -42.48 1.54 -16.29
CA GLU F 202 -42.47 2.56 -17.32
C GLU F 202 -43.12 3.84 -16.84
N LYS F 203 -43.91 3.79 -15.76
CA LYS F 203 -44.57 4.98 -15.23
C LYS F 203 -43.69 5.70 -14.21
N SER F 204 -42.51 5.14 -13.92
CA SER F 204 -41.60 5.73 -12.90
C SER F 204 -40.16 5.25 -13.05
N PRO F 205 -39.52 5.55 -14.21
CA PRO F 205 -38.15 5.08 -14.43
C PRO F 205 -37.04 5.91 -13.73
N LEU F 206 -37.33 7.14 -13.31
CA LEU F 206 -36.24 8.15 -13.19
C LEU F 206 -35.31 7.95 -11.99
N THR F 207 -35.87 7.61 -10.84
CA THR F 207 -35.03 7.46 -9.64
C THR F 207 -34.13 6.21 -9.70
N ALA F 208 -34.65 5.16 -10.28
CA ALA F 208 -33.90 3.93 -10.49
C ALA F 208 -32.71 4.18 -11.42
N ILE F 209 -32.94 4.83 -12.55
CA ILE F 209 -31.78 5.22 -13.38
C ILE F 209 -30.73 5.99 -12.55
N ARG F 210 -31.18 7.00 -11.84
CA ARG F 210 -30.25 7.90 -11.15
C ARG F 210 -29.50 7.15 -10.02
N VAL F 211 -30.18 6.27 -9.28
CA VAL F 211 -29.46 5.59 -8.19
C VAL F 211 -28.42 4.62 -8.77
N ALA F 212 -28.68 4.11 -9.98
CA ALA F 212 -27.72 3.20 -10.63
C ALA F 212 -26.44 3.91 -10.97
N GLN F 213 -26.53 5.13 -11.48
CA GLN F 213 -25.32 5.94 -11.67
C GLN F 213 -24.60 6.17 -10.31
N LEU F 214 -25.35 6.53 -9.26
CA LEU F 214 -24.79 6.76 -7.93
C LEU F 214 -24.15 5.48 -7.37
N ALA F 215 -24.72 4.31 -7.67
CA ALA F 215 -24.18 3.03 -7.26
C ALA F 215 -22.78 2.85 -7.88
N PHE F 216 -22.66 3.16 -9.16
CA PHE F 216 -21.38 3.05 -9.84
C PHE F 216 -20.38 4.09 -9.28
N GLU F 217 -20.86 5.29 -8.96
CA GLU F 217 -20.05 6.33 -8.33
C GLU F 217 -19.50 5.86 -6.97
N ALA F 218 -20.32 5.16 -6.19
CA ALA F 218 -19.93 4.67 -4.84
C ALA F 218 -19.01 3.47 -4.92
N GLY F 219 -18.90 2.86 -6.09
CA GLY F 219 -17.99 1.70 -6.24
C GLY F 219 -18.63 0.36 -6.39
N ILE F 220 -19.93 0.32 -6.72
CA ILE F 220 -20.59 -0.95 -7.03
C ILE F 220 -20.08 -1.37 -8.40
N PRO F 221 -19.52 -2.59 -8.54
CA PRO F 221 -18.81 -2.85 -9.79
C PRO F 221 -19.74 -2.95 -11.01
N ALA F 222 -19.17 -2.69 -12.18
CA ALA F 222 -19.89 -2.77 -13.46
C ALA F 222 -20.57 -4.10 -13.60
N GLY F 223 -21.86 -4.07 -13.91
CA GLY F 223 -22.65 -5.29 -14.06
C GLY F 223 -23.30 -5.85 -12.82
N VAL F 224 -22.90 -5.36 -11.65
CA VAL F 224 -23.54 -5.79 -10.38
C VAL F 224 -24.89 -5.10 -10.12
N PHE F 225 -25.05 -3.87 -10.58
CA PHE F 225 -26.36 -3.19 -10.53
C PHE F 225 -26.69 -2.51 -11.86
N ASN F 226 -27.68 -3.06 -12.55
CA ASN F 226 -28.10 -2.63 -13.87
C ASN F 226 -29.54 -2.20 -13.86
N VAL F 227 -29.86 -1.14 -14.59
CA VAL F 227 -31.26 -0.63 -14.64
C VAL F 227 -31.71 -0.64 -16.09
N VAL F 228 -32.80 -1.35 -16.35
CA VAL F 228 -33.36 -1.55 -17.71
C VAL F 228 -34.78 -0.95 -17.80
N PRO F 229 -34.88 0.34 -18.15
CA PRO F 229 -36.20 0.96 -18.27
C PRO F 229 -37.01 0.48 -19.48
N GLY F 230 -38.32 0.64 -19.41
CA GLY F 230 -39.29 0.13 -20.41
C GLY F 230 -40.54 -0.49 -19.76
N ALA F 231 -41.41 -1.08 -20.57
CA ALA F 231 -42.74 -1.50 -20.11
C ALA F 231 -42.77 -2.96 -19.66
N GLY F 232 -43.85 -3.66 -19.97
CA GLY F 232 -44.01 -5.02 -19.46
C GLY F 232 -43.14 -6.02 -20.17
N GLU F 233 -42.75 -5.70 -21.40
CA GLU F 233 -41.99 -6.68 -22.19
C GLU F 233 -40.61 -7.02 -21.60
N PRO F 234 -39.77 -6.00 -21.29
CA PRO F 234 -38.50 -6.37 -20.62
C PRO F 234 -38.69 -7.13 -19.28
N GLY F 235 -39.73 -6.80 -18.50
CA GLY F 235 -40.01 -7.57 -17.25
C GLY F 235 -40.37 -9.03 -17.53
N LYS F 236 -41.25 -9.25 -18.52
CA LYS F 236 -41.59 -10.58 -18.99
C LYS F 236 -40.33 -11.33 -19.41
N LEU F 237 -39.44 -10.66 -20.16
CA LEU F 237 -38.20 -11.27 -20.64
C LEU F 237 -37.28 -11.65 -19.49
N LEU F 238 -37.19 -10.78 -18.49
CA LEU F 238 -36.43 -11.16 -17.29
C LEU F 238 -37.04 -12.37 -16.58
N ALA F 239 -38.38 -12.40 -16.46
CA ALA F 239 -39.07 -13.53 -15.84
C ALA F 239 -38.86 -14.85 -16.62
N LEU F 240 -38.72 -14.75 -17.93
CA LEU F 240 -38.51 -15.93 -18.78
C LEU F 240 -37.04 -16.21 -19.03
N HIS F 241 -36.13 -15.41 -18.48
CA HIS F 241 -34.76 -15.50 -18.95
C HIS F 241 -34.10 -16.80 -18.47
N ARG F 242 -33.31 -17.41 -19.37
CA ARG F 242 -32.68 -18.71 -19.09
C ARG F 242 -31.57 -18.60 -18.02
N ASP F 243 -30.96 -17.42 -17.91
CA ASP F 243 -29.83 -17.16 -17.04
C ASP F 243 -30.10 -16.21 -15.84
N VAL F 244 -31.37 -15.98 -15.53
CA VAL F 244 -31.74 -15.28 -14.31
C VAL F 244 -32.12 -16.35 -13.27
N ASP F 245 -31.61 -16.20 -12.07
CA ASP F 245 -31.76 -17.25 -11.02
C ASP F 245 -32.95 -16.99 -10.07
N CYS F 246 -33.37 -15.73 -10.01
CA CYS F 246 -34.47 -15.32 -9.17
C CYS F 246 -35.14 -14.07 -9.74
N ILE F 247 -36.45 -13.99 -9.57
CA ILE F 247 -37.16 -12.74 -9.87
C ILE F 247 -37.99 -12.34 -8.65
N ALA F 248 -37.84 -11.08 -8.25
CA ALA F 248 -38.59 -10.48 -7.20
C ALA F 248 -39.47 -9.42 -7.80
N PHE F 249 -40.77 -9.53 -7.56
CA PHE F 249 -41.73 -8.69 -8.24
C PHE F 249 -42.60 -8.07 -7.18
N THR F 250 -42.94 -6.79 -7.35
CA THR F 250 -44.03 -6.16 -6.60
C THR F 250 -44.95 -5.56 -7.62
N GLY F 251 -46.25 -5.86 -7.53
CA GLY F 251 -47.26 -5.28 -8.44
C GLY F 251 -48.61 -5.91 -8.20
N SER F 252 -49.44 -6.01 -9.24
CA SER F 252 -50.80 -6.52 -9.00
C SER F 252 -50.76 -8.04 -8.91
N THR F 253 -51.74 -8.59 -8.20
CA THR F 253 -51.86 -10.03 -8.06
C THR F 253 -52.00 -10.71 -9.43
N ALA F 254 -52.75 -10.08 -10.34
CA ALA F 254 -53.00 -10.66 -11.67
C ALA F 254 -51.72 -10.77 -12.48
N VAL F 255 -50.87 -9.75 -12.41
CA VAL F 255 -49.58 -9.82 -13.10
C VAL F 255 -48.63 -10.77 -12.36
N GLY F 256 -48.74 -10.83 -11.04
CA GLY F 256 -47.95 -11.78 -10.27
C GLY F 256 -48.17 -13.22 -10.70
N LYS F 257 -49.40 -13.58 -11.06
CA LYS F 257 -49.65 -14.96 -11.53
C LYS F 257 -48.91 -15.22 -12.84
N LEU F 258 -48.74 -14.20 -13.65
CA LEU F 258 -48.00 -14.41 -14.89
C LEU F 258 -46.52 -14.59 -14.61
N ILE F 259 -45.95 -13.72 -13.76
CA ILE F 259 -44.56 -13.82 -13.37
C ILE F 259 -44.24 -15.26 -12.91
N MET F 260 -45.11 -15.83 -12.07
CA MET F 260 -44.83 -17.20 -11.59
C MET F 260 -44.86 -18.28 -12.66
N GLN F 261 -45.77 -18.12 -13.61
CA GLN F 261 -45.87 -19.04 -14.74
C GLN F 261 -44.63 -18.92 -15.63
N TYR F 262 -44.23 -17.69 -15.96
CA TYR F 262 -42.99 -17.46 -16.69
C TYR F 262 -41.79 -18.14 -16.01
N ALA F 263 -41.65 -17.99 -14.68
CA ALA F 263 -40.55 -18.65 -13.95
C ALA F 263 -40.63 -20.17 -14.10
N ALA F 264 -41.83 -20.71 -13.86
CA ALA F 264 -42.11 -22.16 -13.99
C ALA F 264 -41.85 -22.74 -15.39
N GLN F 265 -42.19 -21.98 -16.41
CA GLN F 265 -42.10 -22.46 -17.78
C GLN F 265 -40.70 -22.43 -18.33
N SER F 266 -39.87 -21.57 -17.76
CA SER F 266 -38.54 -21.35 -18.26
C SER F 266 -37.56 -22.22 -17.51
N ASN F 267 -36.95 -21.71 -16.42
CA ASN F 267 -35.85 -22.41 -15.81
C ASN F 267 -36.03 -22.60 -14.32
N LEU F 268 -37.29 -22.47 -13.86
CA LEU F 268 -37.60 -22.68 -12.46
C LEU F 268 -36.84 -21.72 -11.55
N LYS F 269 -36.47 -20.53 -12.03
CA LYS F 269 -35.99 -19.46 -11.14
C LYS F 269 -36.92 -19.26 -9.94
N ARG F 270 -36.38 -18.84 -8.80
CA ARG F 270 -37.16 -18.56 -7.65
C ARG F 270 -37.98 -17.35 -8.02
N ALA F 271 -39.25 -17.34 -7.63
CA ALA F 271 -40.09 -16.19 -7.85
C ALA F 271 -40.70 -15.77 -6.50
N TRP F 272 -40.56 -14.49 -6.20
CA TRP F 272 -41.03 -13.94 -4.94
C TRP F 272 -41.91 -12.75 -5.27
N LEU F 273 -43.13 -12.72 -4.77
CA LEU F 273 -44.09 -11.69 -5.17
C LEU F 273 -44.60 -10.89 -3.99
N GLU F 274 -44.75 -9.58 -4.22
CA GLU F 274 -45.43 -8.72 -3.24
C GLU F 274 -46.56 -8.15 -4.05
N LEU F 275 -47.77 -8.44 -3.62
CA LEU F 275 -48.94 -8.21 -4.46
C LEU F 275 -49.94 -7.26 -3.81
N GLY F 276 -51.16 -7.27 -4.34
CA GLY F 276 -52.19 -6.35 -3.87
C GLY F 276 -52.78 -6.69 -2.52
N GLY F 277 -53.66 -5.80 -2.07
CA GLY F 277 -54.41 -6.09 -0.85
C GLY F 277 -55.75 -5.43 -0.76
N LYS F 278 -56.48 -5.80 0.29
CA LYS F 278 -57.70 -5.10 0.68
C LYS F 278 -57.74 -5.12 2.18
N SER F 279 -56.75 -4.47 2.77
CA SER F 279 -56.49 -4.60 4.19
C SER F 279 -57.57 -4.00 5.11
N PRO F 280 -58.03 -4.79 6.13
CA PRO F 280 -59.05 -4.33 7.06
C PRO F 280 -58.44 -3.63 8.25
N ASN F 281 -59.08 -2.52 8.63
CA ASN F 281 -58.70 -1.64 9.75
C ASN F 281 -59.85 -1.61 10.73
N ILE F 282 -59.71 -2.34 11.83
CA ILE F 282 -60.80 -2.59 12.80
C ILE F 282 -60.79 -1.66 14.00
N VAL F 283 -61.87 -0.89 14.17
CA VAL F 283 -61.95 0.05 15.28
C VAL F 283 -63.05 -0.38 16.25
N LEU F 284 -62.63 -0.69 17.48
CA LEU F 284 -63.57 -1.15 18.55
C LEU F 284 -63.91 -0.01 19.50
N PRO F 285 -65.01 -0.15 20.26
CA PRO F 285 -65.46 0.91 21.16
C PRO F 285 -64.43 1.32 22.17
N ASP F 286 -63.59 0.38 22.59
CA ASP F 286 -62.59 0.69 23.59
C ASP F 286 -61.23 1.08 23.00
N CYS F 287 -61.24 1.49 21.72
CA CYS F 287 -60.13 2.16 21.07
C CYS F 287 -59.56 3.22 22.00
N PRO F 288 -58.22 3.24 22.25
CA PRO F 288 -57.72 4.15 23.31
C PRO F 288 -57.82 5.64 22.99
N ASP F 289 -57.66 6.00 21.72
CA ASP F 289 -57.74 7.39 21.27
C ASP F 289 -58.51 7.43 19.94
N LEU F 290 -59.80 7.74 20.02
CA LEU F 290 -60.65 7.71 18.83
C LEU F 290 -60.29 8.77 17.81
N ASP F 291 -59.73 9.89 18.28
CA ASP F 291 -59.33 10.95 17.36
C ASP F 291 -58.09 10.54 16.59
N ARG F 292 -57.10 9.96 17.28
CA ARG F 292 -55.94 9.45 16.57
C ARG F 292 -56.38 8.33 15.62
N ALA F 293 -57.28 7.46 16.06
CA ALA F 293 -57.78 6.39 15.20
C ALA F 293 -58.46 6.92 13.92
N ALA F 294 -59.22 8.02 14.00
CA ALA F 294 -59.90 8.56 12.81
C ALA F 294 -58.91 9.23 11.87
N GLN F 295 -57.98 9.99 12.43
CA GLN F 295 -56.92 10.63 11.67
C GLN F 295 -56.08 9.56 10.97
N THR F 296 -55.71 8.54 11.72
CA THR F 296 -54.92 7.44 11.17
C THR F 296 -55.67 6.61 10.11
N ALA F 297 -56.96 6.37 10.32
CA ALA F 297 -57.79 5.74 9.28
C ALA F 297 -57.78 6.52 7.95
N ALA F 298 -57.74 7.86 8.00
CA ALA F 298 -57.70 8.69 6.80
C ALA F 298 -56.33 8.54 6.14
N GLY F 299 -55.27 8.60 6.92
CA GLY F 299 -53.91 8.37 6.41
C GLY F 299 -53.69 7.02 5.73
N ALA F 300 -54.33 6.01 6.32
CA ALA F 300 -54.22 4.65 5.91
C ALA F 300 -54.73 4.45 4.50
N ILE F 301 -55.68 5.30 4.05
CA ILE F 301 -56.30 5.15 2.74
C ILE F 301 -56.01 6.34 1.84
N PHE F 302 -55.64 7.49 2.38
CA PHE F 302 -55.34 8.64 1.50
C PHE F 302 -53.88 9.00 1.34
N TYR F 303 -53.02 8.53 2.22
CA TYR F 303 -51.58 8.67 2.02
C TYR F 303 -51.17 8.04 0.66
N ASN F 304 -50.33 8.78 -0.07
CA ASN F 304 -49.84 8.38 -1.40
C ASN F 304 -51.00 8.12 -2.33
N MET F 305 -52.05 8.92 -2.17
CA MET F 305 -53.20 8.84 -3.05
C MET F 305 -53.93 7.48 -3.00
N GLY F 306 -53.76 6.72 -1.92
CA GLY F 306 -54.35 5.38 -1.82
C GLY F 306 -53.67 4.34 -2.73
N GLU F 307 -52.57 4.76 -3.34
CA GLU F 307 -51.78 3.93 -4.24
C GLU F 307 -50.78 3.20 -3.35
N MET F 308 -51.32 2.28 -2.56
N MET F 308 -51.34 2.28 -2.57
CA MET F 308 -50.56 1.57 -1.56
CA MET F 308 -50.66 1.58 -1.48
C MET F 308 -51.14 0.18 -1.50
C MET F 308 -51.17 0.16 -1.51
N CYS F 309 -50.31 -0.82 -1.70
CA CYS F 309 -50.79 -2.19 -1.64
C CYS F 309 -51.37 -2.46 -0.25
N THR F 310 -50.80 -1.85 0.80
CA THR F 310 -51.37 -2.04 2.14
C THR F 310 -52.40 -1.04 2.56
N ALA F 311 -52.95 -0.23 1.65
CA ALA F 311 -53.96 0.79 2.03
C ALA F 311 -55.03 0.17 2.95
N GLY F 312 -55.37 0.91 4.00
CA GLY F 312 -56.47 0.58 4.91
C GLY F 312 -57.80 0.87 4.26
N SER F 313 -58.11 0.06 3.26
CA SER F 313 -59.19 0.32 2.32
C SER F 313 -60.56 -0.27 2.73
N ARG F 314 -60.56 -1.15 3.75
CA ARG F 314 -61.78 -1.55 4.46
C ARG F 314 -61.67 -1.09 5.89
N LEU F 315 -62.48 -0.11 6.25
CA LEU F 315 -62.50 0.39 7.60
C LEU F 315 -63.69 -0.27 8.28
N LEU F 316 -63.41 -1.17 9.21
CA LEU F 316 -64.46 -1.87 9.94
C LEU F 316 -64.66 -1.15 11.26
N VAL F 317 -65.90 -0.73 11.51
CA VAL F 317 -66.20 0.06 12.72
C VAL F 317 -67.42 -0.49 13.50
N HIS F 318 -67.27 -0.63 14.81
CA HIS F 318 -68.37 -1.11 15.67
C HIS F 318 -69.58 -0.16 15.57
N ARG F 319 -70.77 -0.74 15.41
CA ARG F 319 -72.02 0.07 15.33
C ARG F 319 -72.13 1.18 16.40
N ASP F 320 -71.75 0.86 17.62
CA ASP F 320 -71.83 1.83 18.74
C ASP F 320 -71.01 3.10 18.55
N ILE F 321 -69.97 3.08 17.72
CA ILE F 321 -69.15 4.29 17.53
C ILE F 321 -69.15 4.79 16.07
N LYS F 322 -69.85 4.08 15.19
CA LYS F 322 -69.84 4.39 13.77
C LYS F 322 -70.16 5.85 13.45
N ASP F 323 -71.33 6.33 13.91
CA ASP F 323 -71.74 7.68 13.56
C ASP F 323 -70.67 8.70 13.91
N ALA F 324 -70.21 8.69 15.17
CA ALA F 324 -69.21 9.66 15.63
C ALA F 324 -67.85 9.46 14.92
N PHE F 325 -67.46 8.21 14.77
CA PHE F 325 -66.21 7.91 14.10
C PHE F 325 -66.17 8.41 12.64
N ILE F 326 -67.23 8.11 11.88
CA ILE F 326 -67.36 8.61 10.51
C ILE F 326 -67.26 10.13 10.48
N GLU F 327 -67.83 10.81 11.47
CA GLU F 327 -67.76 12.26 11.51
C GLU F 327 -66.30 12.70 11.56
N LYS F 328 -65.55 12.09 12.46
CA LYS F 328 -64.13 12.38 12.63
C LYS F 328 -63.33 12.02 11.39
N LEU F 329 -63.69 10.88 10.80
CA LEU F 329 -63.04 10.42 9.57
C LEU F 329 -63.19 11.48 8.47
N VAL F 330 -64.41 11.98 8.29
CA VAL F 330 -64.70 13.00 7.28
C VAL F 330 -63.87 14.27 7.51
N ALA F 331 -63.76 14.70 8.76
CA ALA F 331 -62.97 15.90 9.10
C ALA F 331 -61.50 15.68 8.77
N ALA F 332 -60.99 14.50 9.13
CA ALA F 332 -59.63 14.11 8.82
C ALA F 332 -59.33 14.08 7.32
N ALA F 333 -60.33 13.73 6.51
CA ALA F 333 -60.19 13.68 5.04
C ALA F 333 -59.84 15.05 4.43
N ARG F 334 -60.29 16.13 5.07
CA ARG F 334 -60.07 17.51 4.57
C ARG F 334 -58.58 17.85 4.36
N ALA F 335 -57.69 17.28 5.18
CA ALA F 335 -56.26 17.51 5.00
C ALA F 335 -55.71 16.93 3.69
N TYR F 336 -56.46 16.02 3.06
CA TYR F 336 -55.99 15.36 1.85
C TYR F 336 -56.63 15.85 0.58
N VAL F 337 -57.06 17.11 0.58
CA VAL F 337 -57.55 17.76 -0.64
C VAL F 337 -56.37 17.81 -1.60
N PRO F 338 -56.58 17.32 -2.82
CA PRO F 338 -55.48 17.25 -3.78
C PRO F 338 -54.81 18.60 -4.07
N GLY F 339 -53.48 18.55 -4.24
CA GLY F 339 -52.71 19.74 -4.50
C GLY F 339 -51.51 19.46 -5.38
N ASN F 340 -50.86 20.55 -5.79
CA ASN F 340 -49.64 20.45 -6.57
C ASN F 340 -48.58 19.76 -5.72
N PRO F 341 -48.08 18.60 -6.19
CA PRO F 341 -47.12 17.87 -5.41
C PRO F 341 -45.80 18.61 -5.13
N LEU F 342 -45.47 19.63 -5.92
CA LEU F 342 -44.23 20.38 -5.68
C LEU F 342 -44.38 21.34 -4.50
N ASP F 343 -45.60 21.56 -4.03
CA ASP F 343 -45.87 22.32 -2.82
C ASP F 343 -45.68 21.48 -1.53
N PRO F 344 -44.75 21.86 -0.66
CA PRO F 344 -44.48 21.09 0.56
C PRO F 344 -45.64 21.02 1.56
N SER F 345 -46.62 21.90 1.41
CA SER F 345 -47.81 21.86 2.30
C SER F 345 -48.86 20.81 1.90
N VAL F 346 -48.70 20.23 0.71
CA VAL F 346 -49.67 19.30 0.15
C VAL F 346 -49.46 17.88 0.69
N SER F 347 -50.57 17.25 1.10
CA SER F 347 -50.55 15.91 1.66
C SER F 347 -51.04 14.87 0.70
N MET F 348 -51.78 15.27 -0.34
CA MET F 348 -52.13 14.32 -1.38
C MET F 348 -51.92 14.90 -2.78
N GLY F 349 -51.14 14.17 -3.60
CA GLY F 349 -50.77 14.63 -4.95
C GLY F 349 -51.60 14.02 -6.06
N ALA F 350 -50.92 13.62 -7.13
CA ALA F 350 -51.54 13.27 -8.39
C ALA F 350 -51.64 11.79 -8.58
N ILE F 351 -52.70 11.36 -9.26
CA ILE F 351 -52.81 9.98 -9.74
C ILE F 351 -51.83 9.82 -10.94
N VAL F 352 -51.24 8.64 -11.09
CA VAL F 352 -50.09 8.47 -11.98
C VAL F 352 -50.30 8.81 -13.47
N ASP F 353 -51.45 8.42 -14.01
CA ASP F 353 -51.85 8.83 -15.36
C ASP F 353 -53.38 8.80 -15.52
N GLY F 354 -53.86 9.18 -16.71
CA GLY F 354 -55.30 9.25 -16.98
C GLY F 354 -56.00 7.92 -16.95
N ILE F 355 -55.34 6.85 -17.42
CA ILE F 355 -55.95 5.52 -17.39
C ILE F 355 -56.17 5.02 -15.94
N GLN F 356 -55.18 5.23 -15.07
CA GLN F 356 -55.35 4.95 -13.63
C GLN F 356 -56.45 5.81 -13.08
N LEU F 357 -56.50 7.07 -13.47
CA LEU F 357 -57.56 7.93 -12.99
C LEU F 357 -58.93 7.41 -13.39
N GLU F 358 -59.11 7.02 -14.65
CA GLU F 358 -60.41 6.52 -15.09
C GLU F 358 -60.82 5.25 -14.32
N ARG F 359 -59.85 4.38 -14.05
CA ARG F 359 -60.09 3.14 -13.30
C ARG F 359 -60.62 3.42 -11.91
N VAL F 360 -59.98 4.37 -11.22
CA VAL F 360 -60.42 4.80 -9.90
C VAL F 360 -61.81 5.45 -9.99
N LEU F 361 -62.02 6.27 -11.02
CA LEU F 361 -63.34 6.88 -11.25
C LEU F 361 -64.44 5.84 -11.50
N GLY F 362 -64.09 4.78 -12.22
CA GLY F 362 -65.00 3.66 -12.48
C GLY F 362 -65.40 2.99 -11.19
N TYR F 363 -64.44 2.77 -10.29
CA TYR F 363 -64.78 2.22 -8.96
C TYR F 363 -65.68 3.12 -8.16
N ILE F 364 -65.42 4.42 -8.21
CA ILE F 364 -66.26 5.39 -7.48
C ILE F 364 -67.71 5.32 -7.98
N GLU F 365 -67.89 5.15 -9.29
CA GLU F 365 -69.24 5.08 -9.85
C GLU F 365 -69.90 3.79 -9.36
N ALA F 366 -69.13 2.70 -9.36
CA ALA F 366 -69.59 1.42 -8.80
C ALA F 366 -70.05 1.61 -7.35
N GLY F 367 -69.21 2.28 -6.56
CA GLY F 367 -69.54 2.65 -5.20
C GLY F 367 -70.86 3.38 -5.03
N ARG F 368 -71.12 4.35 -5.91
CA ARG F 368 -72.39 5.10 -5.91
C ARG F 368 -73.58 4.18 -6.14
N GLY F 369 -73.39 3.14 -6.95
CA GLY F 369 -74.44 2.21 -7.28
C GLY F 369 -74.73 1.16 -6.21
N GLU F 370 -73.74 0.84 -5.39
CA GLU F 370 -73.92 -0.23 -4.39
C GLU F 370 -73.85 0.25 -2.94
N GLY F 371 -73.50 1.51 -2.72
CA GLY F 371 -73.46 2.01 -1.37
C GLY F 371 -73.71 3.49 -1.24
N ARG F 372 -73.37 4.01 -0.07
CA ARG F 372 -73.68 5.38 0.30
C ARG F 372 -72.41 6.21 0.28
N LEU F 373 -72.44 7.26 -0.53
CA LEU F 373 -71.30 8.16 -0.65
C LEU F 373 -71.27 9.11 0.52
N VAL F 374 -70.23 9.00 1.35
CA VAL F 374 -70.05 9.82 2.56
C VAL F 374 -69.33 11.15 2.26
N THR F 375 -68.21 11.09 1.54
CA THR F 375 -67.45 12.30 1.19
C THR F 375 -66.59 12.11 -0.04
N GLY F 376 -66.29 13.22 -0.72
CA GLY F 376 -65.46 13.21 -1.91
C GLY F 376 -66.16 12.68 -3.13
N GLY F 377 -65.39 12.02 -4.01
CA GLY F 377 -65.94 11.32 -5.17
C GLY F 377 -65.66 11.94 -6.51
N ALA F 378 -65.19 13.18 -6.53
CA ALA F 378 -64.95 13.87 -7.84
C ALA F 378 -63.50 13.93 -8.27
N ARG F 379 -63.27 13.84 -9.58
CA ARG F 379 -62.06 14.35 -10.21
C ARG F 379 -61.96 15.85 -9.96
N VAL F 380 -60.75 16.34 -9.71
CA VAL F 380 -60.54 17.76 -9.54
C VAL F 380 -59.39 18.26 -10.39
N ASN F 381 -59.30 19.59 -10.53
CA ASN F 381 -58.15 20.25 -11.16
C ASN F 381 -57.75 19.76 -12.54
N ALA F 382 -58.73 19.30 -13.32
CA ALA F 382 -58.50 18.87 -14.69
C ALA F 382 -57.77 19.93 -15.51
N GLU F 383 -58.05 21.21 -15.23
CA GLU F 383 -57.44 22.32 -15.98
C GLU F 383 -55.91 22.41 -15.89
N THR F 384 -55.30 21.70 -14.92
CA THR F 384 -53.85 21.66 -14.82
C THR F 384 -53.18 20.78 -15.90
N GLY F 385 -53.94 19.91 -16.54
CA GLY F 385 -53.39 18.83 -17.36
C GLY F 385 -52.96 17.61 -16.55
N GLY F 386 -53.08 17.69 -15.22
CA GLY F 386 -52.77 16.57 -14.34
C GLY F 386 -53.97 15.83 -13.82
N PHE F 387 -53.69 14.74 -13.11
CA PHE F 387 -54.66 13.73 -12.75
C PHE F 387 -54.86 13.73 -11.23
N TYR F 388 -56.03 14.20 -10.80
CA TYR F 388 -56.36 14.36 -9.38
C TYR F 388 -57.79 13.95 -9.07
N VAL F 389 -57.96 13.38 -7.88
CA VAL F 389 -59.25 12.87 -7.42
C VAL F 389 -59.29 13.05 -5.89
N GLU F 390 -60.46 13.37 -5.40
CA GLU F 390 -60.67 13.73 -4.02
C GLU F 390 -60.54 12.51 -3.13
N PRO F 391 -60.13 12.72 -1.89
CA PRO F 391 -60.26 11.59 -0.94
C PRO F 391 -61.74 11.21 -0.78
N THR F 392 -62.06 9.93 -0.96
CA THR F 392 -63.42 9.50 -1.13
C THR F 392 -63.77 8.38 -0.13
N VAL F 393 -64.98 8.44 0.41
CA VAL F 393 -65.48 7.46 1.39
C VAL F 393 -66.90 7.02 1.08
N PHE F 394 -67.14 5.71 1.17
CA PHE F 394 -68.45 5.11 0.99
C PHE F 394 -68.75 4.23 2.19
N GLU F 395 -70.01 4.16 2.60
CA GLU F 395 -70.49 3.07 3.46
C GLU F 395 -71.05 1.99 2.57
N VAL F 396 -70.61 0.75 2.80
CA VAL F 396 -70.99 -0.39 2.00
C VAL F 396 -71.12 -1.64 2.89
N LYS F 397 -71.81 -2.64 2.36
CA LYS F 397 -71.83 -3.98 2.93
C LYS F 397 -70.57 -4.70 2.46
N PRO F 398 -70.16 -5.75 3.19
CA PRO F 398 -68.97 -6.51 2.85
C PRO F 398 -68.91 -7.10 1.46
N ASP F 399 -70.07 -7.36 0.84
CA ASP F 399 -70.10 -7.96 -0.50
C ASP F 399 -70.03 -6.97 -1.66
N ALA F 400 -69.96 -5.67 -1.38
CA ALA F 400 -69.88 -4.68 -2.45
C ALA F 400 -68.62 -4.90 -3.31
N LYS F 401 -68.75 -4.69 -4.62
CA LYS F 401 -67.61 -4.65 -5.53
C LYS F 401 -66.44 -3.83 -4.96
N ILE F 402 -66.71 -2.62 -4.44
CA ILE F 402 -65.61 -1.77 -3.97
C ILE F 402 -65.05 -2.24 -2.63
N ALA F 403 -65.82 -3.07 -1.91
CA ALA F 403 -65.35 -3.67 -0.67
C ALA F 403 -64.42 -4.84 -0.95
N ARG F 404 -64.64 -5.51 -2.07
CA ARG F 404 -63.96 -6.73 -2.45
C ARG F 404 -62.69 -6.52 -3.30
N GLU F 405 -62.77 -5.68 -4.33
CA GLU F 405 -61.65 -5.49 -5.28
C GLU F 405 -60.69 -4.37 -4.89
N GLU F 406 -59.39 -4.57 -5.14
CA GLU F 406 -58.39 -3.53 -4.88
C GLU F 406 -58.62 -2.40 -5.88
N ILE F 407 -58.79 -1.17 -5.37
CA ILE F 407 -59.04 0.04 -6.17
C ILE F 407 -57.72 0.75 -6.54
N PHE F 408 -56.76 0.73 -5.60
CA PHE F 408 -55.45 1.40 -5.74
C PHE F 408 -55.66 2.90 -5.94
N GLY F 409 -56.52 3.47 -5.12
CA GLY F 409 -56.78 4.90 -5.16
C GLY F 409 -57.38 5.28 -3.84
N PRO F 410 -57.72 6.55 -3.67
CA PRO F 410 -58.03 7.10 -2.36
C PRO F 410 -59.51 6.92 -2.06
N VAL F 411 -59.94 5.67 -2.00
CA VAL F 411 -61.35 5.30 -1.87
C VAL F 411 -61.55 4.28 -0.77
N LEU F 412 -62.24 4.70 0.27
CA LEU F 412 -62.45 3.93 1.49
C LEU F 412 -63.84 3.26 1.46
N SER F 413 -63.87 2.00 1.86
CA SER F 413 -65.10 1.30 2.12
C SER F 413 -65.25 1.13 3.63
N VAL F 414 -66.23 1.83 4.20
CA VAL F 414 -66.60 1.67 5.58
C VAL F 414 -67.69 0.59 5.75
N ILE F 415 -67.42 -0.33 6.68
CA ILE F 415 -68.25 -1.49 6.93
C ILE F 415 -68.53 -1.59 8.44
N VAL F 416 -69.82 -1.66 8.79
CA VAL F 416 -70.24 -1.77 10.19
C VAL F 416 -70.22 -3.22 10.64
N PHE F 417 -69.92 -3.44 11.93
CA PHE F 417 -70.04 -4.76 12.57
C PHE F 417 -70.63 -4.62 13.99
N ASP F 418 -71.09 -5.74 14.52
CA ASP F 418 -71.79 -5.72 15.82
C ASP F 418 -71.01 -6.38 16.95
N ASP F 419 -70.02 -7.22 16.61
CA ASP F 419 -69.16 -7.81 17.63
C ASP F 419 -67.82 -8.20 17.05
N VAL F 420 -66.85 -8.42 17.93
CA VAL F 420 -65.48 -8.68 17.50
C VAL F 420 -65.35 -9.93 16.62
N ASP F 421 -66.07 -11.00 16.94
CA ASP F 421 -66.00 -12.22 16.14
C ASP F 421 -66.45 -11.94 14.71
N GLU F 422 -67.46 -11.08 14.55
CA GLU F 422 -67.97 -10.69 13.23
C GLU F 422 -66.92 -9.82 12.50
N ALA F 423 -66.27 -8.93 13.25
CA ALA F 423 -65.24 -8.11 12.66
C ALA F 423 -64.13 -9.01 12.13
N VAL F 424 -63.74 -10.03 12.88
CA VAL F 424 -62.65 -10.93 12.45
C VAL F 424 -63.07 -11.74 11.22
N ARG F 425 -64.30 -12.26 11.23
CA ARG F 425 -64.82 -12.99 10.05
C ARG F 425 -64.77 -12.12 8.78
N ILE F 426 -65.31 -10.91 8.90
CA ILE F 426 -65.30 -9.97 7.78
C ILE F 426 -63.85 -9.66 7.37
N ALA F 427 -62.99 -9.30 8.32
CA ALA F 427 -61.58 -9.00 7.99
C ALA F 427 -60.93 -10.13 7.20
N ASN F 428 -61.18 -11.38 7.59
CA ASN F 428 -60.46 -12.50 6.98
C ASN F 428 -61.14 -13.02 5.70
N ASP F 429 -62.36 -12.54 5.43
CA ASP F 429 -63.12 -13.04 4.26
C ASP F 429 -62.71 -12.25 3.03
N THR F 430 -61.52 -12.59 2.53
CA THR F 430 -60.91 -11.97 1.37
C THR F 430 -59.84 -12.93 0.86
N GLU F 431 -59.51 -12.89 -0.43
CA GLU F 431 -58.38 -13.69 -0.93
C GLU F 431 -57.02 -12.98 -0.71
N TYR F 432 -57.07 -11.74 -0.23
CA TYR F 432 -55.85 -10.95 0.07
C TYR F 432 -55.43 -11.20 1.51
N GLY F 433 -54.30 -10.62 1.90
CA GLY F 433 -53.75 -10.92 3.20
C GLY F 433 -52.45 -10.16 3.48
N LEU F 434 -52.42 -8.91 3.08
CA LEU F 434 -51.14 -8.18 3.10
C LEU F 434 -50.97 -7.57 4.47
N ALA F 435 -52.05 -7.00 5.01
CA ALA F 435 -52.00 -6.32 6.30
C ALA F 435 -53.37 -6.23 6.92
N ALA F 436 -53.40 -5.86 8.18
CA ALA F 436 -54.64 -5.64 8.95
C ALA F 436 -54.34 -4.87 10.21
N ALA F 437 -55.39 -4.33 10.85
CA ALA F 437 -55.20 -3.54 12.08
C ALA F 437 -56.40 -3.64 12.98
N VAL F 438 -56.15 -3.52 14.29
CA VAL F 438 -57.22 -3.47 15.26
C VAL F 438 -56.88 -2.40 16.27
N TRP F 439 -57.90 -1.65 16.68
CA TRP F 439 -57.73 -0.63 17.70
C TRP F 439 -58.55 -0.96 18.95
N THR F 440 -57.87 -1.16 20.10
CA THR F 440 -58.47 -1.56 21.37
C THR F 440 -57.50 -1.28 22.51
N SER F 441 -58.01 -0.94 23.68
CA SER F 441 -57.15 -0.67 24.82
C SER F 441 -57.04 -1.93 25.72
N ASN F 442 -57.76 -2.99 25.34
CA ASN F 442 -57.79 -4.20 26.14
C ASN F 442 -56.63 -5.13 25.74
N LEU F 443 -55.84 -5.47 26.76
CA LEU F 443 -54.72 -6.41 26.60
C LEU F 443 -55.08 -7.73 25.87
N THR F 444 -56.13 -8.39 26.33
CA THR F 444 -56.54 -9.66 25.76
C THR F 444 -57.12 -9.49 24.36
N THR F 445 -57.99 -8.51 24.14
CA THR F 445 -58.47 -8.21 22.81
C THR F 445 -57.33 -7.95 21.81
N ALA F 446 -56.34 -7.17 22.20
CA ALA F 446 -55.26 -6.81 21.31
C ALA F 446 -54.46 -8.04 20.85
N HIS F 447 -53.98 -8.84 21.79
CA HIS F 447 -53.25 -10.06 21.38
C HIS F 447 -54.19 -11.09 20.73
N ASP F 448 -55.41 -11.30 21.25
CA ASP F 448 -56.29 -12.35 20.68
C ASP F 448 -56.60 -12.04 19.24
N VAL F 449 -57.00 -10.81 18.99
CA VAL F 449 -57.36 -10.42 17.64
C VAL F 449 -56.18 -10.36 16.69
N SER F 450 -55.04 -9.82 17.11
CA SER F 450 -53.86 -9.78 16.22
C SER F 450 -53.48 -11.19 15.80
N ARG F 451 -53.56 -12.14 16.70
CA ARG F 451 -53.28 -13.54 16.34
C ARG F 451 -54.26 -14.09 15.28
N ARG F 452 -55.50 -13.65 15.32
CA ARG F 452 -56.54 -14.21 14.44
C ARG F 452 -56.62 -13.61 13.02
N LEU F 453 -56.02 -12.44 12.85
CA LEU F 453 -56.02 -11.77 11.56
C LEU F 453 -55.00 -12.38 10.60
N ARG F 454 -55.48 -12.88 9.45
CA ARG F 454 -54.65 -13.64 8.55
C ARG F 454 -53.95 -12.68 7.58
N ALA F 455 -52.92 -11.98 8.08
CA ALA F 455 -52.16 -11.03 7.26
C ALA F 455 -50.70 -10.94 7.67
N GLY F 456 -49.83 -10.57 6.74
CA GLY F 456 -48.42 -10.50 6.99
C GLY F 456 -47.95 -9.49 8.04
N THR F 457 -48.65 -8.36 8.07
CA THR F 457 -48.42 -7.31 9.06
C THR F 457 -49.72 -6.97 9.78
N VAL F 458 -49.71 -7.00 11.10
CA VAL F 458 -50.87 -6.59 11.87
C VAL F 458 -50.42 -5.44 12.77
N TRP F 459 -51.11 -4.33 12.63
CA TRP F 459 -50.92 -3.15 13.48
C TRP F 459 -51.99 -3.09 14.57
N VAL F 460 -51.58 -2.78 15.79
CA VAL F 460 -52.50 -2.65 16.90
C VAL F 460 -52.35 -1.20 17.40
N ASN F 461 -53.46 -0.50 17.43
CA ASN F 461 -53.45 0.92 17.78
C ASN F 461 -52.52 1.77 16.93
N CYS F 462 -52.42 1.41 15.66
CA CYS F 462 -51.64 2.18 14.68
C CYS F 462 -52.00 1.67 13.31
N TYR F 463 -51.44 2.26 12.26
CA TYR F 463 -51.67 1.75 10.89
C TYR F 463 -50.50 2.26 10.05
N ASP F 464 -49.85 1.36 9.32
CA ASP F 464 -48.65 1.72 8.52
C ASP F 464 -47.65 2.52 9.36
N GLU F 465 -47.38 2.00 10.54
CA GLU F 465 -46.66 2.70 11.60
C GLU F 465 -45.16 2.63 11.33
N GLY F 466 -44.55 3.80 11.14
CA GLY F 466 -43.11 3.91 10.89
C GLY F 466 -42.67 3.16 9.65
N GLY F 467 -41.41 2.73 9.63
CA GLY F 467 -40.90 1.93 8.54
C GLY F 467 -39.76 1.02 8.92
N ASP F 468 -39.84 0.44 10.10
CA ASP F 468 -38.70 -0.23 10.72
C ASP F 468 -38.34 -1.49 9.95
N MET F 469 -37.03 -1.62 9.72
CA MET F 469 -36.49 -2.70 8.89
C MET F 469 -36.55 -4.09 9.54
N ASN F 470 -36.89 -4.14 10.82
CA ASN F 470 -36.95 -5.42 11.54
C ASN F 470 -38.23 -6.26 11.32
N PHE F 471 -39.23 -5.66 10.66
CA PHE F 471 -40.51 -6.30 10.46
C PHE F 471 -40.68 -6.84 9.06
N PRO F 472 -40.59 -8.16 8.89
CA PRO F 472 -40.90 -8.69 7.55
C PRO F 472 -42.29 -8.25 7.09
N PHE F 473 -42.41 -8.00 5.79
CA PHE F 473 -43.56 -7.39 5.22
C PHE F 473 -43.94 -8.19 3.99
N GLY F 474 -45.18 -8.68 3.93
CA GLY F 474 -45.62 -9.36 2.70
C GLY F 474 -46.85 -10.19 2.97
N GLY F 475 -47.25 -10.98 1.97
CA GLY F 475 -48.57 -11.53 1.96
C GLY F 475 -48.84 -12.89 2.58
N TYR F 476 -50.07 -13.03 3.08
CA TYR F 476 -50.72 -14.34 3.19
C TYR F 476 -51.54 -14.50 1.93
N LYS F 477 -51.99 -15.71 1.65
CA LYS F 477 -52.92 -15.94 0.54
C LYS F 477 -52.47 -15.31 -0.82
N GLN F 478 -53.29 -14.46 -1.47
CA GLN F 478 -52.95 -13.96 -2.77
C GLN F 478 -52.27 -12.58 -2.73
N SER F 479 -51.76 -12.17 -1.56
CA SER F 479 -51.05 -10.86 -1.44
C SER F 479 -49.52 -10.98 -1.60
N GLY F 480 -49.04 -12.15 -2.00
CA GLY F 480 -47.61 -12.35 -2.25
C GLY F 480 -47.06 -13.49 -1.44
N ASN F 481 -45.84 -13.92 -1.81
CA ASN F 481 -45.10 -14.92 -1.07
C ASN F 481 -43.74 -14.36 -0.73
N GLY F 482 -43.31 -14.69 0.48
CA GLY F 482 -42.05 -14.22 1.01
C GLY F 482 -42.22 -12.85 1.63
N ARG F 483 -41.10 -12.32 2.09
CA ARG F 483 -41.13 -11.07 2.83
C ARG F 483 -40.02 -10.12 2.37
N ASP F 484 -40.39 -8.85 2.21
CA ASP F 484 -39.45 -7.69 2.21
C ASP F 484 -39.23 -7.16 3.65
N LYS F 485 -38.08 -6.50 3.83
CA LYS F 485 -37.61 -6.01 5.11
C LYS F 485 -37.16 -7.21 5.95
N SER F 486 -36.34 -6.92 6.95
CA SER F 486 -35.80 -7.84 7.93
C SER F 486 -34.81 -8.81 7.32
N LEU F 487 -34.18 -9.56 8.21
CA LEU F 487 -33.21 -10.56 7.80
C LEU F 487 -33.92 -11.61 6.97
N HIS F 488 -35.24 -11.77 7.15
CA HIS F 488 -35.99 -12.76 6.36
C HIS F 488 -36.05 -12.41 4.89
N ALA F 489 -35.77 -11.16 4.52
CA ALA F 489 -35.77 -10.76 3.09
C ALA F 489 -34.56 -11.37 2.39
N LEU F 490 -33.50 -11.63 3.14
CA LEU F 490 -32.29 -12.30 2.54
C LEU F 490 -32.46 -13.70 1.97
N GLU F 491 -33.43 -14.44 2.51
N GLU F 491 -33.42 -14.47 2.49
CA GLU F 491 -33.74 -15.82 2.13
CA GLU F 491 -33.68 -15.87 2.06
C GLU F 491 -34.18 -15.93 0.67
C GLU F 491 -34.14 -15.94 0.61
N LYS F 492 -34.73 -14.85 0.15
CA LYS F 492 -35.22 -14.80 -1.20
C LYS F 492 -34.07 -14.72 -2.20
N TYR F 493 -32.87 -14.31 -1.75
CA TYR F 493 -31.74 -14.03 -2.63
C TYR F 493 -30.51 -14.88 -2.30
N THR F 494 -30.70 -15.90 -1.47
CA THR F 494 -29.63 -16.85 -1.11
C THR F 494 -30.18 -18.29 -1.19
N GLU F 495 -29.26 -19.24 -1.32
CA GLU F 495 -29.56 -20.66 -1.10
C GLU F 495 -28.91 -21.15 0.17
N LEU F 496 -29.57 -22.12 0.80
CA LEU F 496 -29.00 -22.88 1.89
C LEU F 496 -28.13 -23.99 1.31
N LYS F 497 -26.98 -24.18 1.92
CA LYS F 497 -26.09 -25.34 1.71
C LYS F 497 -25.77 -26.11 3.01
N SER F 498 -26.02 -27.40 3.00
CA SER F 498 -25.54 -28.30 4.03
C SER F 498 -24.20 -28.93 3.55
N THR F 499 -23.12 -28.66 4.27
CA THR F 499 -21.83 -29.32 4.04
C THR F 499 -21.57 -30.30 5.16
N LEU F 500 -21.44 -31.57 4.81
CA LEU F 500 -21.17 -32.62 5.78
C LEU F 500 -19.70 -33.11 5.57
N ILE F 501 -18.83 -32.74 6.51
CA ILE F 501 -17.42 -33.01 6.41
C ILE F 501 -17.11 -34.22 7.29
N ARG F 502 -16.80 -35.34 6.66
CA ARG F 502 -16.54 -36.55 7.43
C ARG F 502 -15.06 -36.66 7.76
N LEU F 503 -14.75 -36.71 9.06
CA LEU F 503 -13.36 -36.72 9.54
C LEU F 503 -12.77 -38.13 9.65
N ARG F 504 -13.65 -39.11 9.82
CA ARG F 504 -13.30 -40.50 10.07
C ARG F 504 -14.56 -41.35 9.94
N LEU G 12 -55.66 -42.54 44.95
CA LEU G 12 -55.00 -42.93 46.24
C LEU G 12 -55.43 -42.00 47.39
N THR G 13 -55.84 -42.59 48.49
CA THR G 13 -56.25 -41.84 49.67
C THR G 13 -55.11 -41.64 50.66
N LEU G 14 -55.39 -40.87 51.70
CA LEU G 14 -54.49 -40.71 52.83
C LEU G 14 -54.05 -42.06 53.42
N ALA G 15 -54.98 -43.01 53.52
CA ALA G 15 -54.66 -44.33 54.05
C ALA G 15 -53.68 -45.09 53.17
N ASP G 16 -53.87 -45.00 51.86
CA ASP G 16 -53.01 -45.69 50.89
C ASP G 16 -51.56 -45.20 50.97
N TRP G 17 -51.40 -43.89 51.02
CA TRP G 17 -50.07 -43.26 51.12
C TRP G 17 -49.42 -43.62 52.44
N GLN G 18 -50.23 -43.66 53.50
CA GLN G 18 -49.74 -44.09 54.81
C GLN G 18 -49.27 -45.54 54.77
N HIS G 19 -50.05 -46.43 54.15
CA HIS G 19 -49.62 -47.82 53.95
C HIS G 19 -48.33 -47.89 53.13
N LYS G 20 -48.27 -47.17 52.01
CA LYS G 20 -47.07 -47.14 51.15
C LYS G 20 -45.83 -46.61 51.89
N ALA G 21 -46.04 -45.56 52.66
CA ALA G 21 -44.98 -45.02 53.51
C ALA G 21 -44.44 -46.08 54.46
N ALA G 22 -45.33 -46.89 55.04
CA ALA G 22 -44.91 -47.97 55.95
C ALA G 22 -44.13 -49.10 55.25
N SER G 23 -44.40 -49.33 53.97
CA SER G 23 -43.78 -50.44 53.21
C SER G 23 -42.48 -50.05 52.49
N LEU G 24 -42.20 -48.75 52.46
CA LEU G 24 -41.16 -48.20 51.63
C LEU G 24 -39.79 -48.53 52.20
N GLU G 25 -38.92 -49.14 51.40
CA GLU G 25 -37.53 -49.29 51.79
C GLU G 25 -36.83 -48.05 51.24
N ILE G 26 -36.02 -47.41 52.05
CA ILE G 26 -35.41 -46.13 51.68
C ILE G 26 -33.92 -46.32 51.60
N GLU G 27 -33.34 -45.94 50.47
CA GLU G 27 -31.90 -46.04 50.30
C GLU G 27 -31.27 -44.75 50.80
N GLY G 28 -30.36 -44.84 51.77
CA GLY G 28 -29.67 -43.65 52.26
C GLY G 28 -28.20 -43.53 51.96
N ARG G 29 -27.62 -44.46 51.19
CA ARG G 29 -26.23 -44.38 50.83
C ARG G 29 -25.99 -43.33 49.76
N ALA G 30 -24.76 -42.85 49.68
CA ALA G 30 -24.36 -42.01 48.54
C ALA G 30 -24.42 -42.83 47.25
N PHE G 31 -24.36 -42.18 46.09
CA PHE G 31 -24.22 -42.89 44.85
C PHE G 31 -23.03 -42.31 44.10
N ILE G 32 -21.93 -43.02 44.17
CA ILE G 32 -20.68 -42.53 43.65
C ILE G 32 -20.10 -43.53 42.74
N ASP G 33 -19.75 -43.07 41.54
CA ASP G 33 -19.11 -43.89 40.56
C ASP G 33 -19.80 -45.24 40.29
N GLY G 34 -21.07 -45.17 39.93
CA GLY G 34 -21.85 -46.34 39.56
C GLY G 34 -22.35 -47.21 40.72
N ALA G 35 -22.13 -46.81 41.97
CA ALA G 35 -22.46 -47.69 43.10
C ALA G 35 -23.04 -46.94 44.31
N SER G 36 -23.95 -47.60 45.05
CA SER G 36 -24.40 -47.07 46.35
C SER G 36 -23.29 -47.34 47.37
N ARG G 37 -22.84 -46.32 48.07
CA ARG G 37 -21.67 -46.45 48.95
C ARG G 37 -21.97 -45.73 50.25
N ASP G 38 -21.58 -46.33 51.36
CA ASP G 38 -21.46 -45.57 52.61
C ASP G 38 -20.43 -44.47 52.45
N ALA G 39 -20.57 -43.41 53.24
CA ALA G 39 -19.48 -42.47 53.45
C ALA G 39 -18.24 -43.21 53.94
N HIS G 40 -17.09 -42.76 53.49
CA HIS G 40 -15.83 -43.32 53.94
C HIS G 40 -15.80 -43.14 55.44
N GLY G 41 -15.63 -44.24 56.18
CA GLY G 41 -15.74 -44.19 57.65
C GLY G 41 -17.11 -44.51 58.24
N GLY G 42 -18.16 -44.48 57.43
CA GLY G 42 -19.49 -44.98 57.85
C GLY G 42 -20.37 -43.99 58.59
N ARG G 43 -19.95 -42.74 58.74
CA ARG G 43 -20.80 -41.77 59.43
C ARG G 43 -22.13 -41.58 58.67
N THR G 44 -23.20 -41.37 59.42
CA THR G 44 -24.53 -41.12 58.85
C THR G 44 -25.16 -40.01 59.64
N PHE G 45 -26.21 -39.42 59.07
CA PHE G 45 -27.04 -38.47 59.78
C PHE G 45 -28.45 -38.96 59.70
N ASP G 46 -29.25 -38.54 60.68
CA ASP G 46 -30.63 -38.93 60.72
C ASP G 46 -31.45 -38.04 59.79
N CYS G 47 -32.08 -38.65 58.80
CA CYS G 47 -33.10 -38.00 57.95
C CYS G 47 -34.51 -38.00 58.59
N VAL G 48 -34.92 -36.85 59.11
CA VAL G 48 -36.08 -36.73 59.99
C VAL G 48 -37.27 -36.07 59.26
N SER G 49 -38.39 -36.77 59.17
CA SER G 49 -39.51 -36.22 58.43
C SER G 49 -40.14 -35.08 59.23
N PRO G 50 -40.48 -33.95 58.56
CA PRO G 50 -41.15 -32.86 59.26
C PRO G 50 -42.63 -33.08 59.58
N ILE G 51 -43.21 -34.16 59.05
CA ILE G 51 -44.61 -34.43 59.22
C ILE G 51 -44.91 -34.72 60.68
N ASP G 52 -44.10 -35.60 61.26
CA ASP G 52 -44.30 -36.09 62.62
C ASP G 52 -42.99 -36.32 63.39
N GLY G 53 -41.85 -36.02 62.76
CA GLY G 53 -40.56 -36.14 63.42
C GLY G 53 -39.95 -37.53 63.41
N ARG G 54 -40.61 -38.48 62.76
CA ARG G 54 -40.08 -39.84 62.62
C ARG G 54 -38.75 -39.81 61.87
N VAL G 55 -37.79 -40.60 62.33
CA VAL G 55 -36.58 -40.87 61.55
C VAL G 55 -36.88 -41.81 60.38
N LEU G 56 -36.71 -41.31 59.16
CA LEU G 56 -36.99 -42.09 57.95
C LEU G 56 -35.88 -43.05 57.59
N ALA G 57 -34.65 -42.60 57.82
CA ALA G 57 -33.45 -43.33 57.36
C ALA G 57 -32.20 -42.72 57.95
N LYS G 58 -31.13 -43.50 57.95
CA LYS G 58 -29.80 -43.01 58.24
C LYS G 58 -29.13 -42.80 56.89
N VAL G 59 -28.66 -41.57 56.66
CA VAL G 59 -28.10 -41.16 55.36
C VAL G 59 -26.59 -40.92 55.46
N ALA G 60 -25.86 -41.42 54.47
CA ALA G 60 -24.42 -41.18 54.38
C ALA G 60 -24.12 -39.69 54.61
N ASP G 61 -23.16 -39.43 55.50
CA ASP G 61 -22.83 -38.06 55.91
C ASP G 61 -21.44 -37.80 55.36
N CYS G 62 -21.40 -37.32 54.12
CA CYS G 62 -20.19 -37.38 53.35
C CYS G 62 -19.26 -36.24 53.69
N GLY G 63 -17.97 -36.47 53.45
CA GLY G 63 -16.91 -35.49 53.70
C GLY G 63 -15.86 -35.50 52.61
N GLU G 64 -14.66 -35.06 52.96
CA GLU G 64 -13.56 -34.83 52.02
C GLU G 64 -13.33 -36.02 51.12
N ALA G 65 -13.17 -37.21 51.71
CA ALA G 65 -12.78 -38.37 50.89
C ALA G 65 -13.86 -38.72 49.88
N ASP G 66 -15.10 -38.52 50.26
CA ASP G 66 -16.24 -38.84 49.39
C ASP G 66 -16.31 -37.84 48.24
N VAL G 67 -16.20 -36.57 48.59
CA VAL G 67 -16.19 -35.50 47.60
C VAL G 67 -15.06 -35.75 46.56
N ASN G 68 -13.87 -36.05 47.07
CA ASN G 68 -12.73 -36.30 46.21
C ASN G 68 -12.96 -37.50 45.31
N ALA G 69 -13.60 -38.55 45.82
CA ALA G 69 -13.89 -39.74 45.02
C ALA G 69 -14.90 -39.46 43.89
N ALA G 70 -15.97 -38.71 44.23
CA ALA G 70 -17.00 -38.33 43.25
C ALA G 70 -16.40 -37.44 42.16
N VAL G 71 -15.63 -36.46 42.58
CA VAL G 71 -14.97 -35.54 41.65
C VAL G 71 -13.97 -36.32 40.75
N ALA G 72 -13.22 -37.24 41.33
CA ALA G 72 -12.18 -37.97 40.56
C ALA G 72 -12.85 -38.86 39.51
N ALA G 73 -13.97 -39.48 39.86
CA ALA G 73 -14.74 -40.32 38.91
C ALA G 73 -15.40 -39.49 37.82
N ALA G 74 -15.96 -38.33 38.21
CA ALA G 74 -16.52 -37.35 37.27
C ALA G 74 -15.46 -36.91 36.26
N ARG G 75 -14.26 -36.57 36.75
CA ARG G 75 -13.16 -36.20 35.89
C ARG G 75 -12.74 -37.36 34.99
N ARG G 76 -12.61 -38.55 35.58
CA ARG G 76 -12.19 -39.72 34.79
C ARG G 76 -13.19 -39.95 33.63
N ALA G 77 -14.48 -39.95 33.96
CA ALA G 77 -15.54 -40.22 32.97
C ALA G 77 -15.56 -39.16 31.89
N PHE G 78 -15.39 -37.91 32.29
CA PHE G 78 -15.37 -36.82 31.29
C PHE G 78 -14.20 -37.02 30.30
N ASP G 79 -12.99 -37.17 30.84
CA ASP G 79 -11.77 -37.38 30.03
C ASP G 79 -11.81 -38.62 29.11
N ALA G 80 -12.43 -39.69 29.60
CA ALA G 80 -12.72 -40.86 28.80
C ALA G 80 -13.76 -40.66 27.71
N GLY G 81 -14.66 -39.70 27.87
CA GLY G 81 -15.68 -39.39 26.86
C GLY G 81 -16.81 -40.39 26.80
N VAL G 82 -17.04 -41.12 27.90
CA VAL G 82 -18.09 -42.11 27.95
C VAL G 82 -19.48 -41.50 27.86
N TRP G 83 -19.55 -40.20 28.14
CA TRP G 83 -20.80 -39.48 28.08
C TRP G 83 -20.68 -38.32 27.09
N ALA G 84 -19.62 -37.54 27.23
CA ALA G 84 -19.37 -36.41 26.36
C ALA G 84 -19.11 -36.78 24.91
N GLY G 85 -18.55 -37.96 24.69
CA GLY G 85 -18.17 -38.42 23.36
C GLY G 85 -19.32 -39.15 22.68
N LEU G 86 -20.44 -39.32 23.37
CA LEU G 86 -21.64 -39.86 22.73
C LEU G 86 -22.25 -38.81 21.79
N ASN G 87 -22.77 -39.29 20.66
CA ASN G 87 -23.48 -38.42 19.76
C ASN G 87 -24.71 -37.81 20.42
N PRO G 88 -25.13 -36.61 19.99
CA PRO G 88 -26.30 -35.90 20.52
C PRO G 88 -27.54 -36.81 20.63
N ARG G 89 -27.83 -37.59 19.60
CA ARG G 89 -29.02 -38.43 19.67
C ARG G 89 -28.87 -39.55 20.70
N ALA G 90 -27.66 -40.05 20.87
CA ALA G 90 -27.41 -41.16 21.80
C ALA G 90 -27.50 -40.67 23.25
N ARG G 91 -27.04 -39.44 23.50
CA ARG G 91 -27.26 -38.84 24.84
C ARG G 91 -28.74 -38.54 25.06
N LYS G 92 -29.41 -38.07 24.01
CA LYS G 92 -30.83 -37.81 24.10
C LYS G 92 -31.57 -39.12 24.58
N ALA G 93 -31.22 -40.25 24.00
CA ALA G 93 -32.01 -41.47 24.23
C ALA G 93 -31.90 -41.89 25.71
N VAL G 94 -30.68 -41.80 26.22
CA VAL G 94 -30.39 -42.21 27.62
C VAL G 94 -31.12 -41.28 28.57
N LEU G 95 -31.06 -39.96 28.32
CA LEU G 95 -31.75 -39.02 29.18
C LEU G 95 -33.24 -39.23 29.14
N LEU G 96 -33.80 -39.47 27.95
CA LEU G 96 -35.23 -39.79 27.85
C LEU G 96 -35.61 -41.05 28.66
N ARG G 97 -34.80 -42.10 28.57
N ARG G 97 -34.81 -42.12 28.58
CA ARG G 97 -35.02 -43.33 29.33
CA ARG G 97 -35.11 -43.32 29.36
C ARG G 97 -35.06 -43.03 30.85
C ARG G 97 -35.07 -43.04 30.88
N TRP G 98 -34.13 -42.20 31.30
CA TRP G 98 -34.04 -41.83 32.70
C TRP G 98 -35.30 -41.12 33.17
N ALA G 99 -35.77 -40.16 32.38
CA ALA G 99 -37.03 -39.45 32.66
C ALA G 99 -38.21 -40.41 32.63
N ALA G 100 -38.20 -41.33 31.70
CA ALA G 100 -39.25 -42.38 31.68
C ALA G 100 -39.25 -43.22 32.96
N LEU G 101 -38.06 -43.58 33.44
CA LEU G 101 -37.93 -44.29 34.70
C LEU G 101 -38.47 -43.48 35.87
N MET G 102 -38.19 -42.18 35.89
CA MET G 102 -38.76 -41.30 36.90
C MET G 102 -40.28 -41.35 36.99
N ARG G 103 -40.91 -41.25 35.82
CA ARG G 103 -42.38 -41.27 35.71
C ARG G 103 -42.94 -42.65 36.08
N GLU G 104 -42.25 -43.72 35.68
CA GLU G 104 -42.58 -45.10 36.08
C GLU G 104 -42.52 -45.25 37.60
N HIS G 105 -41.58 -44.58 38.24
CA HIS G 105 -41.41 -44.60 39.68
C HIS G 105 -42.02 -43.35 40.32
N LEU G 106 -43.00 -42.73 39.68
CA LEU G 106 -43.47 -41.43 40.17
C LEU G 106 -44.03 -41.47 41.58
N ASP G 107 -44.78 -42.52 41.92
CA ASP G 107 -45.44 -42.63 43.22
C ASP G 107 -44.36 -42.72 44.31
N GLU G 108 -43.35 -43.55 44.08
CA GLU G 108 -42.25 -43.72 45.02
C GLU G 108 -41.53 -42.39 45.19
N LEU G 109 -41.15 -41.73 44.09
CA LEU G 109 -40.41 -40.48 44.20
C LEU G 109 -41.23 -39.39 44.88
N SER G 110 -42.52 -39.30 44.55
CA SER G 110 -43.38 -38.29 45.17
C SER G 110 -43.56 -38.50 46.69
N LEU G 111 -43.69 -39.77 47.11
CA LEU G 111 -43.75 -40.14 48.54
C LEU G 111 -42.43 -39.84 49.28
N LEU G 112 -41.29 -40.20 48.68
CA LEU G 112 -39.98 -39.85 49.27
C LEU G 112 -39.88 -38.34 49.51
N GLU G 113 -40.31 -37.53 48.54
CA GLU G 113 -40.23 -36.05 48.63
C GLU G 113 -41.12 -35.47 49.74
N THR G 114 -42.32 -36.01 49.82
CA THR G 114 -43.32 -35.64 50.81
C THR G 114 -42.82 -36.03 52.22
N LEU G 115 -42.34 -37.26 52.38
CA LEU G 115 -41.80 -37.70 53.69
C LEU G 115 -40.57 -36.88 54.06
N ASP G 116 -39.69 -36.66 53.08
CA ASP G 116 -38.38 -36.06 53.32
C ASP G 116 -38.51 -34.55 53.64
N ALA G 117 -39.34 -33.86 52.86
CA ALA G 117 -39.44 -32.38 52.93
C ALA G 117 -40.76 -31.82 53.50
N GLY G 118 -41.74 -32.67 53.78
CA GLY G 118 -43.04 -32.19 54.29
C GLY G 118 -44.01 -31.58 53.28
N LYS G 119 -43.72 -31.80 52.00
CA LYS G 119 -44.49 -31.22 50.90
C LYS G 119 -45.74 -32.09 50.59
N PRO G 120 -46.93 -31.46 50.47
CA PRO G 120 -48.12 -32.21 50.10
C PRO G 120 -47.95 -33.19 48.96
N ILE G 121 -48.36 -34.43 49.25
CA ILE G 121 -48.46 -35.48 48.24
C ILE G 121 -49.24 -35.04 46.97
N GLY G 122 -50.31 -34.26 47.14
CA GLY G 122 -51.01 -33.68 45.99
C GLY G 122 -50.15 -32.78 45.10
N ASP G 123 -49.14 -32.14 45.69
CA ASP G 123 -48.14 -31.33 44.95
C ASP G 123 -47.00 -32.15 44.34
N THR G 124 -46.43 -33.08 45.10
CA THR G 124 -45.22 -33.74 44.64
C THR G 124 -45.51 -34.68 43.48
N THR G 125 -46.68 -35.31 43.50
CA THR G 125 -47.13 -36.16 42.42
C THR G 125 -47.50 -35.40 41.13
N THR G 126 -47.84 -34.12 41.23
CA THR G 126 -48.27 -33.34 40.05
C THR G 126 -47.32 -32.25 39.63
N VAL G 127 -46.60 -31.67 40.57
CA VAL G 127 -45.70 -30.58 40.27
C VAL G 127 -44.25 -31.06 40.26
N ASP G 128 -43.75 -31.55 41.39
CA ASP G 128 -42.30 -31.74 41.53
C ASP G 128 -41.76 -32.87 40.70
N VAL G 129 -42.38 -34.04 40.84
CA VAL G 129 -41.87 -35.17 40.12
C VAL G 129 -42.08 -35.07 38.59
N PRO G 130 -43.30 -34.76 38.12
CA PRO G 130 -43.47 -34.50 36.68
C PRO G 130 -42.59 -33.37 36.13
N GLY G 131 -42.40 -32.33 36.93
CA GLY G 131 -41.52 -31.24 36.60
C GLY G 131 -40.06 -31.68 36.40
N ALA G 132 -39.55 -32.59 37.23
CA ALA G 132 -38.18 -33.10 37.09
C ALA G 132 -37.99 -33.86 35.80
N ALA G 133 -38.96 -34.74 35.51
CA ALA G 133 -38.94 -35.54 34.27
C ALA G 133 -39.03 -34.64 33.05
N TYR G 134 -40.00 -33.71 33.06
CA TYR G 134 -40.14 -32.70 32.00
C TYR G 134 -38.82 -31.97 31.76
N CYS G 135 -38.18 -31.53 32.85
CA CYS G 135 -36.92 -30.77 32.65
C CYS G 135 -35.89 -31.61 31.92
N VAL G 136 -35.69 -32.84 32.43
CA VAL G 136 -34.77 -33.76 31.77
C VAL G 136 -35.14 -34.01 30.29
N GLU G 137 -36.42 -34.24 30.03
CA GLU G 137 -36.87 -34.58 28.70
C GLU G 137 -36.67 -33.45 27.72
N TRP G 138 -36.88 -32.23 28.19
CA TRP G 138 -36.79 -31.05 27.35
C TRP G 138 -35.34 -30.77 26.96
N PHE G 139 -34.43 -30.79 27.93
CA PHE G 139 -33.03 -30.70 27.58
C PHE G 139 -32.54 -31.86 26.72
N ALA G 140 -33.05 -33.06 26.97
CA ALA G 140 -32.72 -34.22 26.13
C ALA G 140 -33.13 -33.93 24.68
N GLU G 141 -34.35 -33.43 24.54
CA GLU G 141 -34.92 -33.16 23.21
C GLU G 141 -34.30 -31.97 22.51
N ALA G 142 -33.65 -31.08 23.28
CA ALA G 142 -32.96 -29.90 22.69
C ALA G 142 -31.57 -30.14 22.11
N ILE G 143 -30.92 -31.23 22.54
CA ILE G 143 -29.51 -31.51 22.31
C ILE G 143 -29.15 -31.53 20.84
N ASP G 144 -30.05 -32.09 20.04
CA ASP G 144 -29.87 -32.24 18.62
C ASP G 144 -30.73 -31.29 17.81
N LYS G 145 -31.07 -30.13 18.38
CA LYS G 145 -31.87 -29.11 17.71
C LYS G 145 -31.14 -27.78 17.54
N VAL G 146 -30.19 -27.48 18.43
CA VAL G 146 -29.53 -26.19 18.46
C VAL G 146 -28.04 -26.39 18.33
N GLY G 147 -27.43 -25.52 17.54
CA GLY G 147 -26.00 -25.67 17.26
C GLY G 147 -25.24 -24.37 17.42
N GLY G 148 -24.04 -24.35 16.86
CA GLY G 148 -23.16 -23.20 16.90
C GLY G 148 -23.31 -22.34 15.66
N GLU G 149 -22.27 -21.57 15.37
CA GLU G 149 -22.28 -20.59 14.29
C GLU G 149 -21.13 -20.72 13.31
N VAL G 150 -21.44 -20.36 12.07
CA VAL G 150 -20.44 -20.07 11.05
C VAL G 150 -20.42 -18.57 10.90
N ALA G 151 -19.33 -17.93 11.39
CA ALA G 151 -19.22 -16.46 11.36
C ALA G 151 -19.18 -15.86 9.96
N PRO G 152 -19.78 -14.68 9.77
CA PRO G 152 -19.69 -13.97 8.50
C PRO G 152 -18.33 -13.26 8.41
N ALA G 153 -17.29 -14.08 8.26
CA ALA G 153 -15.90 -13.66 8.34
C ALA G 153 -15.31 -13.49 6.94
N ASP G 154 -14.15 -12.88 6.90
CA ASP G 154 -13.39 -12.69 5.70
C ASP G 154 -13.23 -14.06 5.04
N HIS G 155 -13.20 -14.04 3.69
CA HIS G 155 -13.38 -15.27 2.93
C HIS G 155 -12.21 -16.23 3.02
N HIS G 156 -11.04 -15.70 3.39
CA HIS G 156 -9.87 -16.57 3.52
C HIS G 156 -9.88 -17.43 4.79
N LEU G 157 -10.88 -17.18 5.65
CA LEU G 157 -11.08 -17.95 6.85
C LEU G 157 -12.36 -18.76 6.75
N VAL G 158 -12.31 -19.96 7.34
CA VAL G 158 -13.53 -20.59 7.80
C VAL G 158 -13.65 -20.28 9.28
N GLY G 159 -14.70 -19.57 9.65
CA GLY G 159 -14.91 -19.15 11.04
C GLY G 159 -16.06 -19.80 11.80
N LEU G 160 -15.73 -20.59 12.81
CA LEU G 160 -16.76 -21.30 13.58
C LEU G 160 -16.86 -20.78 15.01
N VAL G 161 -18.08 -20.82 15.57
CA VAL G 161 -18.28 -20.53 16.98
C VAL G 161 -19.14 -21.64 17.58
N THR G 162 -18.52 -22.39 18.47
CA THR G 162 -19.11 -23.60 19.01
C THR G 162 -19.10 -23.53 20.49
N ARG G 163 -19.81 -24.49 21.08
CA ARG G 163 -19.88 -24.66 22.52
C ARG G 163 -19.41 -26.04 22.88
N GLU G 164 -18.71 -26.14 23.99
CA GLU G 164 -18.24 -27.44 24.50
C GLU G 164 -18.52 -27.55 26.00
N PRO G 165 -18.76 -28.77 26.50
CA PRO G 165 -18.95 -28.92 27.94
C PRO G 165 -17.76 -28.44 28.74
N VAL G 166 -18.06 -27.88 29.90
CA VAL G 166 -17.03 -27.33 30.79
C VAL G 166 -16.21 -28.41 31.50
N GLY G 167 -16.84 -29.55 31.76
CA GLY G 167 -16.13 -30.72 32.33
C GLY G 167 -16.89 -31.30 33.52
N VAL G 168 -16.42 -30.93 34.70
CA VAL G 168 -17.01 -31.38 35.95
C VAL G 168 -17.84 -30.28 36.59
N VAL G 169 -19.12 -30.58 36.80
CA VAL G 169 -20.10 -29.62 37.33
C VAL G 169 -20.56 -30.12 38.68
N ALA G 170 -20.40 -29.28 39.70
CA ALA G 170 -21.01 -29.48 40.98
C ALA G 170 -22.28 -28.71 41.06
N ALA G 171 -23.28 -29.34 41.66
CA ALA G 171 -24.55 -28.74 41.86
C ALA G 171 -24.93 -28.89 43.35
N VAL G 172 -25.25 -27.77 43.98
CA VAL G 172 -25.61 -27.77 45.41
C VAL G 172 -27.01 -27.18 45.48
N VAL G 173 -27.96 -27.93 46.03
CA VAL G 173 -29.34 -27.60 45.84
C VAL G 173 -30.08 -27.62 47.16
N PRO G 174 -31.21 -26.91 47.21
CA PRO G 174 -31.85 -26.69 48.48
C PRO G 174 -32.90 -27.72 48.79
N TRP G 175 -33.58 -27.54 49.92
CA TRP G 175 -34.59 -28.50 50.40
C TRP G 175 -36.06 -28.16 50.11
N ASN G 176 -36.31 -26.99 49.53
CA ASN G 176 -37.70 -26.56 49.28
C ASN G 176 -38.34 -27.23 48.05
N PHE G 177 -37.55 -27.52 47.03
CA PHE G 177 -37.96 -28.30 45.87
C PHE G 177 -36.77 -29.20 45.49
N PRO G 178 -36.53 -30.24 46.29
CA PRO G 178 -35.34 -31.06 46.18
C PRO G 178 -35.14 -31.69 44.81
N ILE G 179 -36.13 -32.42 44.31
CA ILE G 179 -35.92 -33.13 43.06
C ILE G 179 -36.03 -32.16 41.90
N LEU G 180 -36.95 -31.20 42.03
CA LEU G 180 -37.21 -30.28 40.93
C LEU G 180 -35.98 -29.40 40.71
N MET G 181 -35.43 -28.83 41.79
CA MET G 181 -34.25 -27.95 41.67
C MET G 181 -32.97 -28.72 41.31
N ALA G 182 -32.84 -29.96 41.80
CA ALA G 182 -31.75 -30.83 41.34
C ALA G 182 -31.77 -30.95 39.82
N ALA G 183 -32.96 -31.24 39.31
CA ALA G 183 -33.19 -31.50 37.91
C ALA G 183 -32.91 -30.27 37.08
N TRP G 184 -33.34 -29.13 37.59
CA TRP G 184 -33.03 -27.86 36.91
C TRP G 184 -31.53 -27.68 36.71
N LYS G 185 -30.72 -28.25 37.61
CA LYS G 185 -29.24 -28.24 37.39
C LYS G 185 -28.76 -29.42 36.51
N PHE G 186 -29.06 -30.66 36.90
CA PHE G 186 -28.50 -31.85 36.20
C PHE G 186 -29.08 -32.08 34.80
N GLY G 187 -30.31 -31.64 34.54
CA GLY G 187 -30.90 -31.79 33.19
C GLY G 187 -30.05 -31.12 32.11
N PRO G 188 -29.84 -29.80 32.24
CA PRO G 188 -29.03 -29.18 31.18
C PRO G 188 -27.55 -29.57 31.34
N ALA G 189 -27.00 -29.62 32.54
CA ALA G 189 -25.54 -29.89 32.68
C ALA G 189 -25.17 -31.25 32.04
N LEU G 190 -26.00 -32.27 32.25
CA LEU G 190 -25.80 -33.59 31.65
C LEU G 190 -26.09 -33.59 30.13
N ALA G 191 -27.12 -32.86 29.70
CA ALA G 191 -27.49 -32.86 28.28
C ALA G 191 -26.29 -32.31 27.49
N ALA G 192 -25.59 -31.36 28.08
CA ALA G 192 -24.41 -30.76 27.42
C ALA G 192 -23.15 -31.64 27.45
N GLY G 193 -23.18 -32.77 28.16
CA GLY G 193 -22.05 -33.72 28.14
C GLY G 193 -21.16 -33.75 29.36
N ASN G 194 -21.49 -32.90 30.33
CA ASN G 194 -20.68 -32.78 31.56
C ASN G 194 -20.88 -33.96 32.48
N SER G 195 -19.87 -34.22 33.31
CA SER G 195 -20.06 -35.05 34.51
C SER G 195 -20.52 -34.15 35.64
N VAL G 196 -21.41 -34.71 36.47
CA VAL G 196 -22.03 -33.97 37.56
C VAL G 196 -21.83 -34.63 38.94
N VAL G 197 -21.54 -33.79 39.92
CA VAL G 197 -21.58 -34.18 41.30
C VAL G 197 -22.65 -33.33 42.03
N LEU G 198 -23.68 -34.01 42.52
CA LEU G 198 -24.82 -33.33 43.11
C LEU G 198 -24.75 -33.49 44.63
N LYS G 199 -24.86 -32.36 45.32
CA LYS G 199 -24.82 -32.34 46.77
C LYS G 199 -26.19 -31.83 47.22
N PRO G 200 -27.11 -32.75 47.52
CA PRO G 200 -28.45 -32.30 47.90
C PRO G 200 -28.44 -31.79 49.32
N SER G 201 -29.52 -31.12 49.73
CA SER G 201 -29.58 -30.61 51.09
C SER G 201 -29.61 -31.77 52.11
N GLU G 202 -28.95 -31.55 53.25
CA GLU G 202 -29.05 -32.48 54.37
C GLU G 202 -30.51 -32.55 54.90
N LYS G 203 -31.29 -31.52 54.59
CA LYS G 203 -32.71 -31.56 54.91
C LYS G 203 -33.54 -32.33 53.88
N SER G 204 -32.96 -32.74 52.76
CA SER G 204 -33.72 -33.47 51.74
C SER G 204 -32.89 -34.30 50.80
N PRO G 205 -32.26 -35.39 51.30
CA PRO G 205 -31.37 -36.15 50.46
C PRO G 205 -32.03 -37.23 49.62
N LEU G 206 -33.29 -37.56 49.88
CA LEU G 206 -33.74 -38.88 49.50
C LEU G 206 -34.01 -39.02 48.00
N THR G 207 -34.69 -38.03 47.39
CA THR G 207 -35.05 -38.18 46.00
C THR G 207 -33.78 -38.11 45.13
N ALA G 208 -32.79 -37.30 45.50
CA ALA G 208 -31.55 -37.18 44.77
C ALA G 208 -30.85 -38.54 44.74
N ILE G 209 -30.79 -39.19 45.90
CA ILE G 209 -30.19 -40.53 45.95
C ILE G 209 -30.96 -41.48 45.03
N ARG G 210 -32.27 -41.46 45.13
CA ARG G 210 -33.09 -42.41 44.35
C ARG G 210 -32.93 -42.17 42.85
N VAL G 211 -32.93 -40.91 42.39
CA VAL G 211 -32.77 -40.67 40.97
C VAL G 211 -31.37 -41.01 40.42
N ALA G 212 -30.34 -41.00 41.27
CA ALA G 212 -28.98 -41.41 40.88
C ALA G 212 -28.96 -42.89 40.51
N GLN G 213 -29.73 -43.68 41.23
CA GLN G 213 -29.82 -45.12 40.95
C GLN G 213 -30.58 -45.32 39.64
N LEU G 214 -31.71 -44.63 39.48
CA LEU G 214 -32.44 -44.62 38.22
C LEU G 214 -31.54 -44.16 37.06
N ALA G 215 -30.73 -43.12 37.25
CA ALA G 215 -29.76 -42.69 36.23
C ALA G 215 -28.81 -43.80 35.74
N PHE G 216 -28.19 -44.51 36.67
CA PHE G 216 -27.33 -45.64 36.33
C PHE G 216 -28.10 -46.75 35.61
N GLU G 217 -29.31 -47.05 36.07
CA GLU G 217 -30.21 -48.00 35.41
C GLU G 217 -30.49 -47.63 33.97
N ALA G 218 -30.75 -46.34 33.70
CA ALA G 218 -31.09 -45.84 32.33
C ALA G 218 -29.91 -45.81 31.36
N GLY G 219 -28.71 -45.82 31.93
CA GLY G 219 -27.47 -45.93 31.19
C GLY G 219 -26.52 -44.72 31.30
N ILE G 220 -26.75 -43.86 32.28
CA ILE G 220 -25.78 -42.82 32.52
C ILE G 220 -24.51 -43.49 33.04
N PRO G 221 -23.34 -43.34 32.35
CA PRO G 221 -22.18 -44.15 32.79
C PRO G 221 -21.67 -43.80 34.18
N ALA G 222 -21.06 -44.81 34.84
CA ALA G 222 -20.44 -44.65 36.15
C ALA G 222 -19.51 -43.43 36.21
N GLY G 223 -19.68 -42.57 37.20
CA GLY G 223 -18.87 -41.35 37.31
C GLY G 223 -19.57 -40.12 36.76
N VAL G 224 -20.56 -40.31 35.91
CA VAL G 224 -21.09 -39.18 35.16
C VAL G 224 -22.15 -38.49 35.96
N PHE G 225 -22.87 -39.22 36.83
CA PHE G 225 -23.82 -38.54 37.76
C PHE G 225 -23.71 -39.14 39.15
N ASN G 226 -23.36 -38.29 40.13
CA ASN G 226 -22.98 -38.76 41.42
C ASN G 226 -23.69 -37.91 42.41
N VAL G 227 -24.14 -38.54 43.49
CA VAL G 227 -24.87 -37.85 44.55
C VAL G 227 -24.14 -38.11 45.90
N VAL G 228 -23.83 -37.00 46.57
CA VAL G 228 -23.02 -36.99 47.77
C VAL G 228 -23.85 -36.28 48.84
N PRO G 229 -24.62 -37.05 49.65
CA PRO G 229 -25.39 -36.40 50.70
C PRO G 229 -24.52 -35.94 51.87
N GLY G 230 -25.11 -35.07 52.69
CA GLY G 230 -24.41 -34.39 53.72
C GLY G 230 -24.81 -32.93 53.84
N ALA G 231 -24.12 -32.21 54.72
CA ALA G 231 -24.55 -30.86 55.04
C ALA G 231 -23.64 -29.84 54.36
N GLY G 232 -23.26 -28.76 55.05
CA GLY G 232 -22.61 -27.65 54.38
C GLY G 232 -21.19 -27.95 53.93
N GLU G 233 -20.50 -28.79 54.69
CA GLU G 233 -19.09 -29.08 54.43
C GLU G 233 -18.82 -29.67 53.03
N PRO G 234 -19.46 -30.79 52.67
CA PRO G 234 -19.19 -31.26 51.29
C PRO G 234 -19.52 -30.21 50.17
N GLY G 235 -20.56 -29.41 50.35
CA GLY G 235 -20.88 -28.30 49.45
C GLY G 235 -19.75 -27.28 49.34
N LYS G 236 -19.23 -26.87 50.51
CA LYS G 236 -18.05 -26.02 50.58
C LYS G 236 -16.84 -26.66 49.87
N LEU G 237 -16.60 -27.93 50.17
CA LEU G 237 -15.49 -28.65 49.56
C LEU G 237 -15.61 -28.64 48.03
N LEU G 238 -16.81 -28.82 47.53
CA LEU G 238 -17.01 -28.84 46.05
C LEU G 238 -16.73 -27.46 45.45
N ALA G 239 -17.18 -26.41 46.13
CA ALA G 239 -16.98 -25.04 45.70
C ALA G 239 -15.48 -24.64 45.70
N LEU G 240 -14.71 -25.23 46.61
CA LEU G 240 -13.26 -25.04 46.68
C LEU G 240 -12.44 -26.04 45.89
N HIS G 241 -13.08 -27.05 45.30
CA HIS G 241 -12.32 -28.17 44.74
C HIS G 241 -11.46 -27.76 43.57
N ARG G 242 -10.20 -28.19 43.56
CA ARG G 242 -9.30 -27.77 42.48
C ARG G 242 -9.66 -28.38 41.11
N ASP G 243 -10.49 -29.41 41.09
CA ASP G 243 -10.80 -30.11 39.85
C ASP G 243 -12.28 -30.07 39.47
N VAL G 244 -13.05 -29.19 40.10
CA VAL G 244 -14.41 -28.86 39.70
C VAL G 244 -14.30 -27.63 38.80
N ASP G 245 -15.02 -27.67 37.68
CA ASP G 245 -14.98 -26.59 36.70
C ASP G 245 -16.05 -25.55 36.84
N CYS G 246 -17.13 -25.92 37.49
CA CYS G 246 -18.31 -25.08 37.57
C CYS G 246 -19.07 -25.50 38.80
N ILE G 247 -19.66 -24.52 39.47
CA ILE G 247 -20.62 -24.78 40.55
C ILE G 247 -21.88 -23.98 40.34
N ALA G 248 -23.01 -24.70 40.49
CA ALA G 248 -24.30 -24.15 40.30
C ALA G 248 -24.94 -24.34 41.65
N PHE G 249 -25.41 -23.25 42.23
CA PHE G 249 -25.97 -23.30 43.58
C PHE G 249 -27.34 -22.62 43.60
N THR G 250 -28.28 -23.20 44.36
CA THR G 250 -29.52 -22.57 44.58
C THR G 250 -29.71 -22.62 46.09
N GLY G 251 -29.96 -21.46 46.70
CA GLY G 251 -30.08 -21.35 48.15
C GLY G 251 -30.25 -19.90 48.54
N SER G 252 -29.83 -19.58 49.75
CA SER G 252 -30.06 -18.25 50.26
C SER G 252 -29.03 -17.31 49.67
N THR G 253 -29.35 -16.01 49.62
CA THR G 253 -28.37 -15.03 49.15
C THR G 253 -27.07 -15.02 50.00
N ALA G 254 -27.21 -15.10 51.33
CA ALA G 254 -26.03 -15.04 52.20
C ALA G 254 -25.06 -16.21 51.97
N VAL G 255 -25.57 -17.40 51.66
CA VAL G 255 -24.67 -18.53 51.40
C VAL G 255 -24.08 -18.45 49.98
N GLY G 256 -24.85 -17.94 49.02
CA GLY G 256 -24.33 -17.70 47.68
C GLY G 256 -23.10 -16.80 47.60
N LYS G 257 -23.04 -15.81 48.48
CA LYS G 257 -21.87 -14.97 48.56
C LYS G 257 -20.60 -15.74 48.94
N LEU G 258 -20.75 -16.73 49.80
CA LEU G 258 -19.62 -17.58 50.18
C LEU G 258 -19.23 -18.47 49.00
N ILE G 259 -20.20 -19.06 48.32
CA ILE G 259 -19.92 -19.94 47.16
C ILE G 259 -19.07 -19.15 46.15
N MET G 260 -19.48 -17.92 45.83
CA MET G 260 -18.71 -17.06 44.93
C MET G 260 -17.30 -16.87 45.38
N GLN G 261 -17.13 -16.65 46.68
CA GLN G 261 -15.80 -16.46 47.22
C GLN G 261 -14.97 -17.71 47.20
N TYR G 262 -15.55 -18.86 47.56
CA TYR G 262 -14.82 -20.13 47.45
C TYR G 262 -14.36 -20.43 46.02
N ALA G 263 -15.27 -20.23 45.05
CA ALA G 263 -14.92 -20.41 43.63
C ALA G 263 -13.72 -19.54 43.20
N ALA G 264 -13.75 -18.25 43.56
CA ALA G 264 -12.68 -17.33 43.18
C ALA G 264 -11.35 -17.63 43.87
N GLN G 265 -11.42 -18.02 45.15
CA GLN G 265 -10.22 -18.28 45.96
C GLN G 265 -9.47 -19.51 45.51
N SER G 266 -10.20 -20.48 44.96
CA SER G 266 -9.65 -21.78 44.58
C SER G 266 -9.13 -21.76 43.15
N ASN G 267 -9.97 -22.10 42.18
CA ASN G 267 -9.51 -22.21 40.79
C ASN G 267 -10.32 -21.39 39.78
N LEU G 268 -11.04 -20.37 40.25
CA LEU G 268 -11.90 -19.52 39.39
C LEU G 268 -12.93 -20.32 38.63
N LYS G 269 -13.39 -21.42 39.21
CA LYS G 269 -14.45 -22.20 38.61
C LYS G 269 -15.63 -21.24 38.31
N ARG G 270 -16.45 -21.57 37.32
CA ARG G 270 -17.63 -20.75 36.99
C ARG G 270 -18.62 -20.90 38.14
N ALA G 271 -19.17 -19.81 38.63
CA ALA G 271 -20.12 -19.93 39.73
C ALA G 271 -21.43 -19.29 39.33
N TRP G 272 -22.53 -20.05 39.45
CA TRP G 272 -23.85 -19.63 39.03
C TRP G 272 -24.85 -19.90 40.15
N LEU G 273 -25.56 -18.85 40.55
CA LEU G 273 -26.32 -18.88 41.78
C LEU G 273 -27.78 -18.54 41.52
N GLU G 274 -28.67 -19.19 42.25
CA GLU G 274 -30.07 -18.79 42.27
C GLU G 274 -30.36 -18.61 43.75
N LEU G 275 -30.84 -17.41 44.11
CA LEU G 275 -30.81 -16.97 45.47
C LEU G 275 -32.24 -16.59 45.92
N GLY G 276 -32.36 -15.85 47.00
CA GLY G 276 -33.66 -15.61 47.56
C GLY G 276 -34.35 -14.49 46.81
N GLY G 277 -35.50 -14.10 47.32
CA GLY G 277 -36.20 -12.94 46.80
C GLY G 277 -37.21 -12.35 47.76
N LYS G 278 -37.86 -11.27 47.35
CA LYS G 278 -38.94 -10.62 48.09
C LYS G 278 -39.82 -10.02 47.01
N SER G 279 -40.36 -10.93 46.20
CA SER G 279 -41.05 -10.59 44.96
C SER G 279 -42.39 -9.86 45.18
N PRO G 280 -42.58 -8.72 44.50
CA PRO G 280 -43.83 -7.96 44.61
C PRO G 280 -44.87 -8.40 43.58
N ASN G 281 -46.11 -8.46 44.04
CA ASN G 281 -47.26 -8.91 43.27
C ASN G 281 -48.25 -7.74 43.31
N ILE G 282 -48.39 -7.01 42.20
CA ILE G 282 -49.05 -5.69 42.12
C ILE G 282 -50.43 -5.85 41.54
N VAL G 283 -51.44 -5.38 42.28
CA VAL G 283 -52.82 -5.52 41.83
C VAL G 283 -53.49 -4.15 41.66
N LEU G 284 -53.95 -3.88 40.44
CA LEU G 284 -54.45 -2.56 40.09
C LEU G 284 -55.95 -2.63 39.93
N PRO G 285 -56.64 -1.48 40.13
CA PRO G 285 -58.11 -1.45 40.06
C PRO G 285 -58.73 -2.07 38.80
N ASP G 286 -58.05 -1.97 37.67
CA ASP G 286 -58.58 -2.61 36.44
C ASP G 286 -58.12 -4.05 36.20
N CYS G 287 -57.64 -4.72 37.25
CA CYS G 287 -57.38 -6.16 37.24
C CYS G 287 -58.53 -6.87 36.47
N PRO G 288 -58.21 -7.83 35.59
CA PRO G 288 -59.33 -8.43 34.84
C PRO G 288 -60.32 -9.21 35.72
N ASP G 289 -59.79 -9.94 36.70
CA ASP G 289 -60.59 -10.78 37.58
C ASP G 289 -60.01 -10.68 38.99
N LEU G 290 -60.66 -9.89 39.84
CA LEU G 290 -60.16 -9.71 41.20
C LEU G 290 -60.20 -10.97 42.05
N ASP G 291 -61.14 -11.85 41.77
CA ASP G 291 -61.29 -13.10 42.52
C ASP G 291 -60.15 -14.05 42.17
N ARG G 292 -59.88 -14.19 40.88
CA ARG G 292 -58.72 -15.00 40.46
C ARG G 292 -57.44 -14.41 41.07
N ALA G 293 -57.29 -13.08 40.97
CA ALA G 293 -56.12 -12.38 41.50
C ALA G 293 -55.91 -12.68 42.98
N ALA G 294 -57.00 -12.57 43.75
CA ALA G 294 -56.94 -12.90 45.18
C ALA G 294 -56.59 -14.37 45.49
N GLN G 295 -57.15 -15.32 44.74
CA GLN G 295 -56.83 -16.73 44.95
C GLN G 295 -55.37 -17.01 44.55
N THR G 296 -54.96 -16.40 43.45
CA THR G 296 -53.60 -16.55 42.98
C THR G 296 -52.61 -15.86 43.93
N ALA G 297 -53.02 -14.74 44.53
CA ALA G 297 -52.22 -14.04 45.54
C ALA G 297 -51.95 -14.95 46.74
N ALA G 298 -52.99 -15.66 47.17
CA ALA G 298 -52.84 -16.57 48.27
C ALA G 298 -51.93 -17.71 47.84
N GLY G 299 -52.15 -18.27 46.67
CA GLY G 299 -51.27 -19.34 46.19
C GLY G 299 -49.82 -18.88 46.12
N ALA G 300 -49.60 -17.64 45.70
CA ALA G 300 -48.26 -17.13 45.46
C ALA G 300 -47.43 -17.10 46.75
N ILE G 301 -48.06 -17.10 47.91
CA ILE G 301 -47.34 -17.01 49.20
C ILE G 301 -47.55 -18.22 50.13
N PHE G 302 -48.60 -19.03 49.89
CA PHE G 302 -48.89 -20.19 50.73
C PHE G 302 -48.57 -21.51 50.06
N TYR G 303 -48.50 -21.54 48.72
CA TYR G 303 -48.01 -22.74 48.03
C TYR G 303 -46.61 -23.13 48.56
N ASN G 304 -46.44 -24.43 48.79
CA ASN G 304 -45.20 -25.00 49.33
C ASN G 304 -44.79 -24.26 50.60
N MET G 305 -45.80 -23.91 51.40
CA MET G 305 -45.58 -23.31 52.71
C MET G 305 -44.82 -21.98 52.67
N GLY G 306 -44.84 -21.31 51.52
CA GLY G 306 -44.11 -20.07 51.34
C GLY G 306 -42.62 -20.30 51.25
N GLU G 307 -42.22 -21.57 51.16
CA GLU G 307 -40.81 -21.97 51.02
C GLU G 307 -40.47 -21.95 49.54
N MET G 308 -40.52 -20.74 49.00
N MET G 308 -40.58 -20.74 48.98
CA MET G 308 -40.39 -20.52 47.58
CA MET G 308 -40.46 -20.50 47.55
C MET G 308 -39.57 -19.26 47.39
C MET G 308 -39.58 -19.25 47.40
N CYS G 309 -38.43 -19.38 46.74
CA CYS G 309 -37.60 -18.19 46.48
C CYS G 309 -38.41 -17.11 45.76
N THR G 310 -39.34 -17.52 44.89
CA THR G 310 -40.16 -16.57 44.13
C THR G 310 -41.48 -16.26 44.75
N ALA G 311 -41.63 -16.59 46.03
CA ALA G 311 -42.86 -16.34 46.77
C ALA G 311 -43.32 -14.89 46.58
N GLY G 312 -44.61 -14.73 46.25
CA GLY G 312 -45.25 -13.44 46.14
C GLY G 312 -45.49 -12.88 47.53
N SER G 313 -44.38 -12.54 48.20
CA SER G 313 -44.32 -12.23 49.61
C SER G 313 -44.67 -10.75 49.92
N ARG G 314 -44.62 -9.90 48.90
CA ARG G 314 -45.14 -8.53 49.02
C ARG G 314 -46.31 -8.33 48.10
N LEU G 315 -47.49 -8.17 48.68
CA LEU G 315 -48.66 -7.93 47.88
C LEU G 315 -48.92 -6.43 47.84
N LEU G 316 -48.74 -5.82 46.66
CA LEU G 316 -48.99 -4.40 46.51
C LEU G 316 -50.36 -4.22 45.89
N VAL G 317 -51.25 -3.57 46.64
CA VAL G 317 -52.62 -3.35 46.18
C VAL G 317 -53.04 -1.86 46.22
N HIS G 318 -53.78 -1.47 45.18
CA HIS G 318 -54.24 -0.07 45.04
C HIS G 318 -55.27 0.24 46.14
N ARG G 319 -55.14 1.43 46.74
CA ARG G 319 -55.98 1.86 47.84
C ARG G 319 -57.46 1.67 47.55
N ASP G 320 -57.87 1.93 46.31
CA ASP G 320 -59.29 1.90 45.94
C ASP G 320 -59.88 0.48 46.07
N ILE G 321 -59.05 -0.56 45.90
CA ILE G 321 -59.54 -1.93 45.98
C ILE G 321 -59.00 -2.68 47.22
N LYS G 322 -58.14 -2.06 48.02
CA LYS G 322 -57.50 -2.75 49.15
C LYS G 322 -58.45 -3.53 50.05
N ASP G 323 -59.47 -2.88 50.59
CA ASP G 323 -60.39 -3.51 51.56
C ASP G 323 -61.06 -4.75 51.03
N ALA G 324 -61.65 -4.65 49.84
CA ALA G 324 -62.32 -5.79 49.25
C ALA G 324 -61.30 -6.86 48.89
N PHE G 325 -60.11 -6.45 48.44
CA PHE G 325 -59.12 -7.43 48.04
C PHE G 325 -58.64 -8.23 49.24
N ILE G 326 -58.37 -7.53 50.34
CA ILE G 326 -57.97 -8.21 51.57
C ILE G 326 -59.05 -9.20 52.03
N GLU G 327 -60.33 -8.87 51.84
CA GLU G 327 -61.41 -9.77 52.25
C GLU G 327 -61.32 -11.09 51.48
N LYS G 328 -61.13 -10.98 50.16
CA LYS G 328 -61.06 -12.14 49.27
C LYS G 328 -59.78 -12.93 49.58
N LEU G 329 -58.73 -12.22 49.93
CA LEU G 329 -57.48 -12.86 50.29
C LEU G 329 -57.65 -13.72 51.53
N VAL G 330 -58.38 -13.21 52.52
CA VAL G 330 -58.65 -13.95 53.74
C VAL G 330 -59.44 -15.23 53.42
N ALA G 331 -60.47 -15.11 52.61
CA ALA G 331 -61.28 -16.27 52.19
C ALA G 331 -60.45 -17.33 51.43
N ALA G 332 -59.54 -16.90 50.55
CA ALA G 332 -58.68 -17.84 49.83
C ALA G 332 -57.63 -18.50 50.74
N ALA G 333 -57.21 -17.80 51.79
CA ALA G 333 -56.25 -18.35 52.78
C ALA G 333 -56.87 -19.53 53.51
N ARG G 334 -58.19 -19.60 53.57
CA ARG G 334 -58.92 -20.69 54.25
C ARG G 334 -58.57 -22.07 53.68
N ALA G 335 -58.18 -22.11 52.41
CA ALA G 335 -57.80 -23.37 51.78
C ALA G 335 -56.41 -23.91 52.21
N TYR G 336 -55.57 -23.06 52.83
CA TYR G 336 -54.18 -23.42 53.19
C TYR G 336 -53.97 -23.73 54.68
N VAL G 337 -55.04 -24.21 55.32
CA VAL G 337 -54.98 -24.77 56.64
C VAL G 337 -53.97 -25.92 56.67
N PRO G 338 -52.97 -25.83 57.56
CA PRO G 338 -51.98 -26.90 57.63
C PRO G 338 -52.64 -28.29 57.88
N GLY G 339 -52.13 -29.30 57.20
CA GLY G 339 -52.53 -30.67 57.50
C GLY G 339 -51.41 -31.61 57.20
N ASN G 340 -51.73 -32.89 57.29
CA ASN G 340 -50.78 -33.96 57.00
C ASN G 340 -50.47 -34.02 55.49
N PRO G 341 -49.20 -33.80 55.12
CA PRO G 341 -48.84 -33.83 53.70
C PRO G 341 -49.16 -35.14 53.01
N LEU G 342 -49.39 -36.22 53.77
CA LEU G 342 -49.73 -37.48 53.15
C LEU G 342 -51.19 -37.57 52.74
N ASP G 343 -52.01 -36.59 53.18
CA ASP G 343 -53.40 -36.45 52.77
C ASP G 343 -53.51 -35.70 51.44
N PRO G 344 -54.06 -36.34 50.39
CA PRO G 344 -54.17 -35.66 49.09
C PRO G 344 -55.10 -34.45 49.01
N SER G 345 -55.88 -34.18 50.05
CA SER G 345 -56.77 -33.02 50.06
C SER G 345 -56.09 -31.80 50.68
N VAL G 346 -54.86 -31.98 51.18
CA VAL G 346 -54.14 -30.91 51.89
C VAL G 346 -53.31 -30.06 50.91
N SER G 347 -53.42 -28.74 51.09
CA SER G 347 -52.76 -27.76 50.24
C SER G 347 -51.55 -27.13 50.91
N MET G 348 -51.48 -27.17 52.24
CA MET G 348 -50.28 -26.72 52.93
C MET G 348 -49.81 -27.71 53.96
N GLY G 349 -48.52 -28.01 53.87
CA GLY G 349 -47.91 -29.07 54.62
C GLY G 349 -47.04 -28.52 55.72
N ALA G 350 -45.94 -29.21 55.97
CA ALA G 350 -45.13 -28.92 57.13
C ALA G 350 -43.89 -28.10 56.79
N ILE G 351 -43.53 -27.20 57.69
CA ILE G 351 -42.22 -26.53 57.64
C ILE G 351 -41.11 -27.58 57.87
N VAL G 352 -39.96 -27.38 57.25
CA VAL G 352 -38.99 -28.45 57.08
C VAL G 352 -38.38 -28.98 58.38
N ASP G 353 -38.16 -28.10 59.36
CA ASP G 353 -37.66 -28.49 60.70
C ASP G 353 -37.93 -27.39 61.71
N GLY G 354 -37.63 -27.68 62.98
CA GLY G 354 -37.97 -26.76 64.06
C GLY G 354 -37.17 -25.47 64.04
N ILE G 355 -35.91 -25.53 63.62
CA ILE G 355 -35.13 -24.29 63.44
C ILE G 355 -35.71 -23.35 62.36
N GLN G 356 -36.10 -23.90 61.19
CA GLN G 356 -36.84 -23.12 60.21
C GLN G 356 -38.14 -22.57 60.78
N LEU G 357 -38.88 -23.43 61.49
CA LEU G 357 -40.15 -22.99 62.07
C LEU G 357 -39.95 -21.82 63.03
N GLU G 358 -38.96 -21.86 63.93
CA GLU G 358 -38.81 -20.76 64.88
C GLU G 358 -38.35 -19.46 64.19
N ARG G 359 -37.64 -19.58 63.07
CA ARG G 359 -37.22 -18.42 62.30
C ARG G 359 -38.44 -17.73 61.76
N VAL G 360 -39.37 -18.53 61.24
CA VAL G 360 -40.62 -18.03 60.69
C VAL G 360 -41.44 -17.35 61.78
N LEU G 361 -41.54 -17.97 62.96
CA LEU G 361 -42.27 -17.41 64.07
C LEU G 361 -41.60 -16.12 64.56
N GLY G 362 -40.29 -16.03 64.51
CA GLY G 362 -39.61 -14.79 64.91
C GLY G 362 -40.00 -13.63 64.01
N TYR G 363 -40.08 -13.91 62.70
CA TYR G 363 -40.59 -12.93 61.76
C TYR G 363 -42.04 -12.61 61.95
N ILE G 364 -42.88 -13.60 62.18
CA ILE G 364 -44.28 -13.30 62.57
C ILE G 364 -44.33 -12.38 63.81
N GLU G 365 -43.47 -12.60 64.80
CA GLU G 365 -43.47 -11.72 66.00
C GLU G 365 -43.09 -10.28 65.64
N ALA G 366 -42.06 -10.13 64.79
CA ALA G 366 -41.63 -8.84 64.30
C ALA G 366 -42.79 -8.12 63.64
N GLY G 367 -43.53 -8.84 62.81
CA GLY G 367 -44.73 -8.31 62.15
C GLY G 367 -45.75 -7.69 63.07
N ARG G 368 -46.05 -8.37 64.18
CA ARG G 368 -46.94 -7.82 65.23
C ARG G 368 -46.37 -6.51 65.78
N GLY G 369 -45.05 -6.44 65.90
CA GLY G 369 -44.41 -5.20 66.33
C GLY G 369 -44.59 -4.03 65.38
N GLU G 370 -44.72 -4.30 64.08
CA GLU G 370 -44.66 -3.25 63.07
C GLU G 370 -45.89 -3.10 62.17
N GLY G 371 -46.83 -4.04 62.23
CA GLY G 371 -47.99 -4.00 61.34
C GLY G 371 -49.25 -4.57 61.92
N ARG G 372 -50.26 -4.71 61.08
CA ARG G 372 -51.58 -5.15 61.49
C ARG G 372 -51.78 -6.59 61.07
N LEU G 373 -51.95 -7.48 62.04
CA LEU G 373 -52.21 -8.89 61.74
C LEU G 373 -53.61 -9.02 61.16
N VAL G 374 -53.68 -9.55 59.93
CA VAL G 374 -54.96 -9.72 59.25
C VAL G 374 -55.51 -11.12 59.49
N THR G 375 -54.67 -12.13 59.39
CA THR G 375 -55.11 -13.50 59.66
C THR G 375 -53.92 -14.43 59.93
N GLY G 376 -54.22 -15.57 60.54
CA GLY G 376 -53.24 -16.60 60.86
C GLY G 376 -52.29 -16.19 61.95
N GLY G 377 -51.04 -16.60 61.81
CA GLY G 377 -49.97 -16.15 62.72
C GLY G 377 -49.55 -17.14 63.77
N ALA G 378 -50.16 -18.33 63.79
CA ALA G 378 -49.88 -19.31 64.84
C ALA G 378 -49.23 -20.58 64.34
N ARG G 379 -48.35 -21.12 65.19
CA ARG G 379 -47.90 -22.50 65.07
C ARG G 379 -49.04 -23.40 65.52
N VAL G 380 -49.27 -24.47 64.76
CA VAL G 380 -50.34 -25.42 65.03
C VAL G 380 -49.85 -26.87 65.01
N ASN G 381 -50.59 -27.72 65.71
CA ASN G 381 -50.37 -29.16 65.69
C ASN G 381 -48.99 -29.61 66.21
N ALA G 382 -48.48 -28.91 67.21
CA ALA G 382 -47.23 -29.31 67.89
C ALA G 382 -47.29 -30.74 68.43
N GLU G 383 -48.49 -31.14 68.88
CA GLU G 383 -48.74 -32.49 69.40
C GLU G 383 -48.35 -33.63 68.44
N THR G 384 -48.39 -33.34 67.15
CA THR G 384 -48.03 -34.32 66.09
C THR G 384 -46.55 -34.68 66.04
N GLY G 385 -45.71 -33.84 66.62
CA GLY G 385 -44.27 -34.01 66.47
C GLY G 385 -43.76 -33.35 65.21
N GLY G 386 -44.67 -32.89 64.34
CA GLY G 386 -44.31 -32.13 63.14
C GLY G 386 -44.37 -30.62 63.32
N PHE G 387 -43.99 -29.91 62.27
CA PHE G 387 -43.77 -28.47 62.28
C PHE G 387 -44.74 -27.80 61.33
N TYR G 388 -45.72 -27.08 61.88
CA TYR G 388 -46.76 -26.43 61.07
C TYR G 388 -47.01 -25.01 61.55
N VAL G 389 -47.25 -24.10 60.61
CA VAL G 389 -47.60 -22.69 60.92
C VAL G 389 -48.75 -22.27 60.04
N GLU G 390 -49.63 -21.42 60.56
CA GLU G 390 -50.81 -20.98 59.81
C GLU G 390 -50.47 -20.08 58.64
N PRO G 391 -51.26 -20.13 57.55
CA PRO G 391 -51.07 -19.12 56.50
C PRO G 391 -51.32 -17.71 57.08
N THR G 392 -50.34 -16.81 56.94
CA THR G 392 -50.33 -15.57 57.69
C THR G 392 -50.23 -14.31 56.81
N VAL G 393 -51.05 -13.32 57.13
CA VAL G 393 -51.14 -12.07 56.38
C VAL G 393 -51.03 -10.88 57.35
N PHE G 394 -50.12 -9.93 57.05
CA PHE G 394 -50.04 -8.62 57.72
C PHE G 394 -50.20 -7.50 56.71
N GLU G 395 -50.75 -6.39 57.19
CA GLU G 395 -50.65 -5.11 56.49
C GLU G 395 -49.50 -4.28 57.09
N VAL G 396 -48.57 -3.88 56.22
CA VAL G 396 -47.38 -3.14 56.67
C VAL G 396 -46.98 -2.04 55.68
N LYS G 397 -46.19 -1.09 56.15
CA LYS G 397 -45.55 -0.10 55.28
C LYS G 397 -44.40 -0.82 54.57
N PRO G 398 -43.91 -0.24 53.46
CA PRO G 398 -42.81 -0.86 52.73
C PRO G 398 -41.48 -0.96 53.50
N ASP G 399 -41.30 -0.11 54.52
CA ASP G 399 -40.05 -0.14 55.32
C ASP G 399 -40.03 -1.20 56.44
N ALA G 400 -41.13 -1.91 56.65
CA ALA G 400 -41.21 -2.95 57.69
C ALA G 400 -40.13 -4.04 57.53
N LYS G 401 -39.72 -4.64 58.64
CA LYS G 401 -38.78 -5.76 58.57
C LYS G 401 -39.37 -6.92 57.76
N ILE G 402 -40.62 -7.30 58.03
CA ILE G 402 -41.20 -8.42 57.30
C ILE G 402 -41.46 -8.10 55.84
N ALA G 403 -41.51 -6.81 55.50
CA ALA G 403 -41.66 -6.40 54.10
C ALA G 403 -40.33 -6.40 53.35
N ARG G 404 -39.22 -6.34 54.07
CA ARG G 404 -37.89 -6.14 53.48
C ARG G 404 -37.14 -7.47 53.41
N GLU G 405 -37.14 -8.23 54.50
CA GLU G 405 -36.41 -9.51 54.58
C GLU G 405 -37.19 -10.74 54.11
N GLU G 406 -36.46 -11.68 53.50
CA GLU G 406 -36.99 -12.94 53.06
C GLU G 406 -37.29 -13.84 54.25
N ILE G 407 -38.55 -14.22 54.40
CA ILE G 407 -39.03 -15.03 55.54
C ILE G 407 -38.89 -16.53 55.27
N PHE G 408 -39.19 -16.91 54.03
CA PHE G 408 -39.20 -18.30 53.57
C PHE G 408 -40.23 -19.14 54.32
N GLY G 409 -41.35 -18.50 54.61
CA GLY G 409 -42.49 -19.10 55.31
C GLY G 409 -43.77 -18.51 54.73
N PRO G 410 -44.95 -18.92 55.24
CA PRO G 410 -46.23 -18.52 54.65
C PRO G 410 -46.75 -17.22 55.26
N VAL G 411 -45.98 -16.15 55.05
CA VAL G 411 -46.18 -14.85 55.65
C VAL G 411 -46.19 -13.73 54.60
N LEU G 412 -47.39 -13.17 54.40
CA LEU G 412 -47.60 -12.18 53.38
C LEU G 412 -47.60 -10.77 54.00
N SER G 413 -46.89 -9.87 53.33
CA SER G 413 -46.89 -8.45 53.62
C SER G 413 -47.74 -7.74 52.59
N VAL G 414 -48.80 -7.07 53.07
CA VAL G 414 -49.71 -6.35 52.18
C VAL G 414 -49.44 -4.86 52.31
N ILE G 415 -49.11 -4.23 51.17
CA ILE G 415 -48.63 -2.85 51.09
C ILE G 415 -49.54 -2.07 50.15
N VAL G 416 -50.04 -0.92 50.62
CA VAL G 416 -50.96 -0.13 49.80
C VAL G 416 -50.18 0.89 49.00
N PHE G 417 -50.73 1.26 47.84
CA PHE G 417 -50.17 2.34 47.03
C PHE G 417 -51.30 3.16 46.41
N ASP G 418 -50.98 4.37 45.94
CA ASP G 418 -52.01 5.29 45.40
C ASP G 418 -51.97 5.44 43.87
N ASP G 419 -50.90 5.00 43.24
CA ASP G 419 -50.79 5.09 41.80
C ASP G 419 -49.70 4.15 41.29
N VAL G 420 -49.77 3.89 40.00
CA VAL G 420 -48.86 2.94 39.36
C VAL G 420 -47.37 3.28 39.52
N ASP G 421 -46.98 4.54 39.35
CA ASP G 421 -45.56 4.90 39.49
C ASP G 421 -45.08 4.57 40.90
N GLU G 422 -45.93 4.79 41.88
CA GLU G 422 -45.57 4.47 43.25
C GLU G 422 -45.44 2.95 43.46
N ALA G 423 -46.35 2.17 42.89
CA ALA G 423 -46.28 0.72 43.02
C ALA G 423 -44.97 0.19 42.44
N VAL G 424 -44.54 0.78 41.32
CA VAL G 424 -43.35 0.34 40.64
C VAL G 424 -42.11 0.71 41.46
N ARG G 425 -42.08 1.91 42.03
CA ARG G 425 -40.99 2.30 42.94
C ARG G 425 -40.86 1.35 44.13
N ILE G 426 -41.98 1.06 44.79
CA ILE G 426 -41.99 0.14 45.93
C ILE G 426 -41.54 -1.25 45.49
N ALA G 427 -42.02 -1.73 44.34
CA ALA G 427 -41.65 -3.04 43.83
C ALA G 427 -40.16 -3.11 43.58
N ASN G 428 -39.63 -2.07 42.96
CA ASN G 428 -38.20 -2.08 42.68
C ASN G 428 -37.26 -1.73 43.86
N ASP G 429 -37.80 -1.21 44.95
CA ASP G 429 -36.93 -0.79 46.05
C ASP G 429 -36.59 -1.99 46.93
N THR G 430 -35.67 -2.81 46.45
CA THR G 430 -35.25 -4.03 47.12
C THR G 430 -33.94 -4.46 46.50
N GLU G 431 -33.14 -5.15 47.29
CA GLU G 431 -31.91 -5.76 46.76
C GLU G 431 -32.15 -7.06 46.00
N TYR G 432 -33.37 -7.56 46.07
CA TYR G 432 -33.73 -8.77 45.38
C TYR G 432 -34.26 -8.46 43.98
N GLY G 433 -34.59 -9.50 43.23
CA GLY G 433 -35.03 -9.33 41.86
C GLY G 433 -35.30 -10.61 41.12
N LEU G 434 -35.85 -11.59 41.85
CA LEU G 434 -36.08 -12.89 41.27
C LEU G 434 -37.34 -12.87 40.40
N ALA G 435 -38.39 -12.26 40.92
CA ALA G 435 -39.66 -12.20 40.18
C ALA G 435 -40.55 -11.03 40.58
N ALA G 436 -41.65 -10.84 39.87
CA ALA G 436 -42.59 -9.74 40.10
C ALA G 436 -43.82 -10.01 39.23
N ALA G 437 -44.93 -9.34 39.54
CA ALA G 437 -46.13 -9.56 38.81
C ALA G 437 -46.94 -8.30 38.84
N VAL G 438 -47.78 -8.12 37.82
CA VAL G 438 -48.75 -7.01 37.75
C VAL G 438 -50.08 -7.51 37.18
N TRP G 439 -51.19 -7.00 37.72
CA TRP G 439 -52.53 -7.42 37.31
C TRP G 439 -53.31 -6.22 36.76
N THR G 440 -53.56 -6.23 35.45
CA THR G 440 -54.24 -5.13 34.76
C THR G 440 -54.83 -5.59 33.43
N SER G 441 -55.98 -5.04 33.05
CA SER G 441 -56.61 -5.37 31.77
C SER G 441 -56.13 -4.47 30.62
N ASN G 442 -55.42 -3.40 30.97
CA ASN G 442 -55.03 -2.40 30.05
C ASN G 442 -53.77 -2.84 29.32
N LEU G 443 -53.83 -2.84 27.99
CA LEU G 443 -52.66 -3.14 27.12
C LEU G 443 -51.40 -2.31 27.47
N THR G 444 -51.51 -1.01 27.49
CA THR G 444 -50.30 -0.20 27.72
C THR G 444 -49.77 -0.38 29.16
N THR G 445 -50.67 -0.39 30.14
CA THR G 445 -50.21 -0.62 31.49
C THR G 445 -49.46 -1.95 31.64
N ALA G 446 -50.01 -3.02 31.07
CA ALA G 446 -49.40 -4.34 31.18
C ALA G 446 -47.96 -4.35 30.63
N HIS G 447 -47.78 -3.84 29.41
CA HIS G 447 -46.46 -3.81 28.82
C HIS G 447 -45.51 -2.81 29.47
N ASP G 448 -46.03 -1.65 29.86
CA ASP G 448 -45.25 -0.56 30.41
C ASP G 448 -44.66 -1.02 31.75
N VAL G 449 -45.52 -1.55 32.62
CA VAL G 449 -45.12 -2.00 33.97
C VAL G 449 -44.23 -3.24 33.89
N SER G 450 -44.62 -4.22 33.11
CA SER G 450 -43.79 -5.41 33.04
C SER G 450 -42.35 -5.02 32.57
N ARG G 451 -42.22 -4.02 31.69
CA ARG G 451 -40.89 -3.56 31.27
C ARG G 451 -40.07 -2.93 32.42
N ARG G 452 -40.74 -2.19 33.30
CA ARG G 452 -40.04 -1.43 34.33
C ARG G 452 -39.70 -2.24 35.58
N LEU G 453 -40.28 -3.41 35.72
CA LEU G 453 -40.00 -4.24 36.90
C LEU G 453 -38.65 -4.96 36.73
N ARG G 454 -37.73 -4.72 37.66
CA ARG G 454 -36.36 -5.24 37.60
C ARG G 454 -36.30 -6.65 38.20
N ALA G 455 -36.76 -7.65 37.44
CA ALA G 455 -36.83 -9.02 37.93
C ALA G 455 -36.72 -9.99 36.77
N GLY G 456 -36.26 -11.17 37.05
CA GLY G 456 -35.97 -12.16 36.02
C GLY G 456 -37.18 -12.74 35.32
N THR G 457 -38.26 -12.85 36.10
CA THR G 457 -39.53 -13.28 35.58
C THR G 457 -40.62 -12.29 36.00
N VAL G 458 -41.40 -11.83 35.04
CA VAL G 458 -42.54 -10.98 35.36
C VAL G 458 -43.75 -11.67 34.78
N TRP G 459 -44.76 -11.81 35.65
CA TRP G 459 -46.00 -12.42 35.33
C TRP G 459 -47.04 -11.29 35.22
N VAL G 460 -47.90 -11.38 34.22
CA VAL G 460 -48.97 -10.39 34.02
C VAL G 460 -50.28 -11.18 34.07
N ASN G 461 -51.16 -10.76 34.97
CA ASN G 461 -52.42 -11.43 35.16
C ASN G 461 -52.26 -12.92 35.48
N CYS G 462 -51.18 -13.23 36.20
CA CYS G 462 -50.88 -14.57 36.70
C CYS G 462 -49.77 -14.48 37.76
N TYR G 463 -49.41 -15.61 38.33
CA TYR G 463 -48.28 -15.68 39.28
C TYR G 463 -47.79 -17.12 39.33
N ASP G 464 -46.49 -17.32 39.22
CA ASP G 464 -45.93 -18.64 39.28
C ASP G 464 -46.69 -19.53 38.30
N GLU G 465 -46.91 -18.99 37.10
CA GLU G 465 -47.75 -19.60 36.07
C GLU G 465 -47.07 -20.78 35.34
N GLY G 466 -47.67 -21.96 35.51
CA GLY G 466 -47.23 -23.21 34.90
C GLY G 466 -45.77 -23.48 35.22
N GLY G 467 -45.07 -24.11 34.28
CA GLY G 467 -43.66 -24.44 34.49
C GLY G 467 -42.92 -24.63 33.21
N ASP G 468 -43.29 -23.84 32.21
CA ASP G 468 -42.77 -24.06 30.90
C ASP G 468 -41.24 -23.88 30.84
N MET G 469 -40.56 -24.82 30.18
CA MET G 469 -39.12 -24.83 30.10
C MET G 469 -38.55 -23.75 29.20
N ASN G 470 -39.37 -23.07 28.39
CA ASN G 470 -38.90 -22.00 27.51
C ASN G 470 -38.54 -20.67 28.20
N PHE G 471 -38.84 -20.52 29.50
CA PHE G 471 -38.69 -19.23 30.15
C PHE G 471 -37.45 -19.25 31.06
N PRO G 472 -36.38 -18.57 30.67
CA PRO G 472 -35.31 -18.48 31.65
C PRO G 472 -35.78 -17.91 32.98
N PHE G 473 -35.22 -18.46 34.06
CA PHE G 473 -35.62 -18.15 35.40
C PHE G 473 -34.35 -17.85 36.20
N GLY G 474 -34.34 -16.70 36.84
CA GLY G 474 -33.21 -16.30 37.68
C GLY G 474 -33.23 -14.84 38.07
N GLY G 475 -32.14 -14.39 38.70
CA GLY G 475 -32.12 -13.13 39.43
C GLY G 475 -31.62 -11.95 38.63
N TYR G 476 -32.23 -10.78 38.91
CA TYR G 476 -31.56 -9.48 38.84
C TYR G 476 -30.92 -9.23 40.23
N LYS G 477 -29.96 -8.33 40.28
CA LYS G 477 -29.40 -7.86 41.57
C LYS G 477 -28.98 -9.03 42.50
N GLN G 478 -29.47 -9.13 43.74
CA GLN G 478 -28.91 -10.16 44.64
C GLN G 478 -29.74 -11.44 44.73
N SER G 479 -30.56 -11.68 43.71
CA SER G 479 -31.35 -12.91 43.63
C SER G 479 -30.72 -14.00 42.78
N GLY G 480 -29.53 -13.74 42.25
CA GLY G 480 -28.74 -14.76 41.52
C GLY G 480 -28.23 -14.26 40.20
N ASN G 481 -27.32 -15.04 39.59
CA ASN G 481 -26.75 -14.69 38.30
C ASN G 481 -26.95 -15.88 37.37
N GLY G 482 -27.26 -15.60 36.12
CA GLY G 482 -27.52 -16.72 35.15
C GLY G 482 -28.94 -17.27 35.30
N ARG G 483 -29.27 -18.24 34.46
CA ARG G 483 -30.66 -18.62 34.34
C ARG G 483 -30.78 -20.12 34.33
N ASP G 484 -31.75 -20.61 35.10
CA ASP G 484 -32.26 -21.96 34.95
C ASP G 484 -33.48 -21.97 33.97
N LYS G 485 -33.76 -23.17 33.47
CA LYS G 485 -34.72 -23.38 32.38
C LYS G 485 -34.23 -22.71 31.06
N SER G 486 -34.83 -23.13 29.93
CA SER G 486 -34.57 -22.57 28.60
C SER G 486 -33.21 -22.97 28.04
N LEU G 487 -32.97 -22.69 26.75
CA LEU G 487 -31.67 -22.97 26.15
C LEU G 487 -30.56 -22.18 26.85
N HIS G 488 -30.94 -21.07 27.48
CA HIS G 488 -29.98 -20.22 28.15
C HIS G 488 -29.34 -20.91 29.35
N ALA G 489 -30.03 -21.90 29.93
CA ALA G 489 -29.45 -22.67 31.06
C ALA G 489 -28.14 -23.39 30.64
N LEU G 490 -28.05 -23.78 29.38
CA LEU G 490 -26.87 -24.55 28.88
C LEU G 490 -25.57 -23.75 28.90
N GLU G 491 -25.65 -22.40 28.89
CA GLU G 491 -24.47 -21.54 28.86
C GLU G 491 -23.67 -21.66 30.15
N LYS G 492 -24.38 -21.98 31.22
CA LYS G 492 -23.75 -22.09 32.50
C LYS G 492 -22.82 -23.31 32.53
N TYR G 493 -23.06 -24.26 31.63
CA TYR G 493 -22.33 -25.53 31.62
C TYR G 493 -21.51 -25.81 30.38
N THR G 494 -21.30 -24.80 29.53
CA THR G 494 -20.47 -24.92 28.33
C THR G 494 -19.52 -23.75 28.19
N GLU G 495 -18.50 -23.92 27.37
CA GLU G 495 -17.67 -22.78 26.96
C GLU G 495 -17.87 -22.50 25.48
N LEU G 496 -17.81 -21.21 25.11
CA LEU G 496 -17.68 -20.79 23.70
C LEU G 496 -16.25 -20.91 23.25
N LYS G 497 -16.11 -21.48 22.06
CA LYS G 497 -14.90 -21.51 21.33
C LYS G 497 -15.01 -20.87 19.93
N SER G 498 -14.13 -19.92 19.66
CA SER G 498 -13.96 -19.41 18.30
C SER G 498 -12.81 -20.15 17.58
N THR G 499 -13.15 -20.85 16.50
CA THR G 499 -12.10 -21.47 15.65
C THR G 499 -11.96 -20.66 14.37
N LEU G 500 -10.75 -20.12 14.13
CA LEU G 500 -10.43 -19.44 12.93
C LEU G 500 -9.53 -20.29 12.05
N ILE G 501 -10.11 -20.86 11.00
CA ILE G 501 -9.38 -21.73 10.06
C ILE G 501 -8.93 -20.89 8.88
N ARG G 502 -7.63 -20.59 8.80
CA ARG G 502 -7.08 -19.88 7.65
C ARG G 502 -6.72 -20.83 6.52
N LEU G 503 -7.34 -20.58 5.36
CA LEU G 503 -7.24 -21.44 4.16
C LEU G 503 -6.13 -21.01 3.24
N ARG G 504 -5.78 -19.73 3.28
N ARG G 504 -5.76 -19.74 3.31
CA ARG G 504 -4.78 -19.14 2.41
CA ARG G 504 -4.66 -19.17 2.54
C ARG G 504 -4.34 -17.81 2.99
C ARG G 504 -4.31 -17.82 3.11
N LYS H 11 -33.31 -62.35 13.96
CA LYS H 11 -33.50 -61.57 12.70
C LYS H 11 -34.24 -62.40 11.67
N LEU H 12 -35.14 -61.76 10.92
CA LEU H 12 -35.99 -62.49 10.00
C LEU H 12 -35.22 -62.92 8.76
N THR H 13 -35.46 -64.15 8.33
CA THR H 13 -34.85 -64.73 7.17
C THR H 13 -35.72 -64.43 5.96
N LEU H 14 -35.17 -64.67 4.76
CA LEU H 14 -35.93 -64.63 3.52
C LEU H 14 -37.23 -65.40 3.64
N ALA H 15 -37.20 -66.54 4.32
CA ALA H 15 -38.39 -67.38 4.45
C ALA H 15 -39.42 -66.79 5.42
N ASP H 16 -38.95 -66.09 6.45
CA ASP H 16 -39.85 -65.36 7.37
C ASP H 16 -40.58 -64.22 6.64
N TRP H 17 -39.84 -63.45 5.84
CA TRP H 17 -40.42 -62.38 5.02
C TRP H 17 -41.37 -62.93 3.94
N GLN H 18 -41.07 -64.13 3.44
CA GLN H 18 -41.97 -64.78 2.48
C GLN H 18 -43.28 -65.18 3.15
N HIS H 19 -43.20 -65.86 4.29
CA HIS H 19 -44.40 -66.28 5.02
C HIS H 19 -45.25 -65.09 5.42
N LYS H 20 -44.60 -64.05 5.95
CA LYS H 20 -45.31 -62.85 6.34
C LYS H 20 -46.02 -62.26 5.12
N ALA H 21 -45.36 -62.26 3.98
CA ALA H 21 -45.94 -61.66 2.78
C ALA H 21 -47.19 -62.42 2.34
N ALA H 22 -47.20 -63.74 2.49
CA ALA H 22 -48.34 -64.56 2.08
C ALA H 22 -49.55 -64.36 2.99
N SER H 23 -49.30 -64.08 4.27
CA SER H 23 -50.37 -63.90 5.26
C SER H 23 -50.89 -62.45 5.34
N LEU H 24 -50.14 -61.50 4.80
CA LEU H 24 -50.38 -60.07 4.99
C LEU H 24 -51.75 -59.61 4.49
N GLU H 25 -52.48 -58.88 5.34
CA GLU H 25 -53.74 -58.23 4.92
C GLU H 25 -53.49 -56.75 4.58
N ILE H 26 -53.48 -56.45 3.29
CA ILE H 26 -53.11 -55.11 2.81
C ILE H 26 -54.34 -54.22 2.68
N GLU H 27 -54.28 -53.00 3.22
CA GLU H 27 -55.37 -52.05 3.12
C GLU H 27 -55.18 -51.16 1.89
N GLY H 28 -56.23 -51.03 1.08
CA GLY H 28 -56.15 -50.29 -0.18
C GLY H 28 -57.02 -49.07 -0.28
N ARG H 29 -57.91 -48.88 0.70
CA ARG H 29 -58.80 -47.73 0.68
C ARG H 29 -58.04 -46.44 0.97
N ALA H 30 -58.59 -45.34 0.47
CA ALA H 30 -58.16 -44.00 0.85
C ALA H 30 -58.45 -43.85 2.33
N PHE H 31 -57.75 -42.92 2.98
CA PHE H 31 -58.07 -42.56 4.37
C PHE H 31 -58.41 -41.08 4.42
N ILE H 32 -59.69 -40.76 4.60
CA ILE H 32 -60.18 -39.40 4.46
C ILE H 32 -61.06 -39.06 5.65
N ASP H 33 -60.72 -37.98 6.35
CA ASP H 33 -61.54 -37.46 7.44
C ASP H 33 -61.84 -38.51 8.55
N GLY H 34 -60.79 -39.22 8.99
CA GLY H 34 -60.89 -40.12 10.14
C GLY H 34 -61.25 -41.58 9.87
N ALA H 35 -61.37 -41.96 8.61
CA ALA H 35 -61.79 -43.34 8.30
C ALA H 35 -61.43 -43.75 6.88
N SER H 36 -61.25 -45.04 6.69
CA SER H 36 -60.97 -45.61 5.39
C SER H 36 -62.23 -45.43 4.51
N ARG H 37 -62.02 -45.14 3.24
CA ARG H 37 -63.12 -45.00 2.26
C ARG H 37 -62.71 -45.51 0.91
N ASP H 38 -63.68 -46.10 0.22
CA ASP H 38 -63.55 -46.42 -1.17
C ASP H 38 -63.54 -45.10 -1.91
N ALA H 39 -62.94 -45.09 -3.10
CA ALA H 39 -63.11 -43.96 -4.01
C ALA H 39 -64.57 -43.89 -4.45
N HIS H 40 -65.02 -42.69 -4.78
CA HIS H 40 -66.31 -42.48 -5.39
C HIS H 40 -66.44 -43.44 -6.55
N GLY H 41 -67.53 -44.19 -6.59
CA GLY H 41 -67.84 -45.04 -7.73
C GLY H 41 -66.95 -46.27 -7.86
N GLY H 42 -66.22 -46.57 -6.78
CA GLY H 42 -65.43 -47.79 -6.61
C GLY H 42 -64.34 -48.00 -7.65
N ARG H 43 -63.64 -46.94 -8.02
CA ARG H 43 -62.51 -47.08 -8.90
C ARG H 43 -61.38 -47.66 -8.06
N THR H 44 -60.72 -48.69 -8.59
CA THR H 44 -59.42 -49.11 -8.10
C THR H 44 -58.40 -49.20 -9.24
N PHE H 45 -57.14 -49.22 -8.85
CA PHE H 45 -56.09 -49.65 -9.73
C PHE H 45 -55.45 -50.86 -9.09
N ASP H 46 -54.81 -51.69 -9.90
CA ASP H 46 -54.06 -52.83 -9.39
C ASP H 46 -52.72 -52.33 -8.90
N CYS H 47 -52.41 -52.60 -7.63
CA CYS H 47 -51.11 -52.27 -7.05
C CYS H 47 -50.17 -53.45 -7.33
N VAL H 48 -49.24 -53.25 -8.26
CA VAL H 48 -48.38 -54.33 -8.73
C VAL H 48 -47.05 -54.27 -7.97
N SER H 49 -46.45 -55.43 -7.76
CA SER H 49 -45.12 -55.51 -7.16
C SER H 49 -44.06 -55.64 -8.27
N PRO H 50 -42.97 -54.85 -8.18
CA PRO H 50 -41.92 -54.95 -9.18
C PRO H 50 -41.08 -56.19 -9.06
N ILE H 51 -41.25 -56.93 -7.97
CA ILE H 51 -40.38 -58.05 -7.68
C ILE H 51 -40.60 -59.15 -8.73
N ASP H 52 -41.88 -59.47 -8.94
CA ASP H 52 -42.28 -60.56 -9.84
C ASP H 52 -43.54 -60.27 -10.64
N GLY H 53 -44.01 -59.03 -10.55
CA GLY H 53 -45.22 -58.60 -11.25
C GLY H 53 -46.55 -58.94 -10.60
N ARG H 54 -46.55 -59.48 -9.39
CA ARG H 54 -47.81 -59.96 -8.79
C ARG H 54 -48.68 -58.81 -8.35
N VAL H 55 -49.99 -58.98 -8.43
CA VAL H 55 -50.93 -57.95 -7.97
C VAL H 55 -51.08 -58.08 -6.46
N LEU H 56 -50.66 -57.03 -5.75
CA LEU H 56 -50.66 -57.04 -4.29
C LEU H 56 -52.01 -56.74 -3.67
N ALA H 57 -52.78 -55.87 -4.32
CA ALA H 57 -54.00 -55.30 -3.75
C ALA H 57 -54.63 -54.41 -4.80
N LYS H 58 -55.93 -54.19 -4.68
CA LYS H 58 -56.64 -53.21 -5.46
C LYS H 58 -56.78 -51.98 -4.55
N VAL H 59 -56.39 -50.82 -5.06
CA VAL H 59 -56.27 -49.60 -4.24
C VAL H 59 -57.25 -48.57 -4.78
N ALA H 60 -57.86 -47.75 -3.90
CA ALA H 60 -58.79 -46.71 -4.36
C ALA H 60 -58.09 -45.82 -5.37
N ASP H 61 -58.74 -45.55 -6.49
CA ASP H 61 -58.19 -44.70 -7.55
C ASP H 61 -58.99 -43.41 -7.45
N CYS H 62 -58.50 -42.48 -6.63
CA CYS H 62 -59.29 -41.30 -6.27
C CYS H 62 -59.34 -40.26 -7.39
N GLY H 63 -60.42 -39.52 -7.37
CA GLY H 63 -60.74 -38.51 -8.39
C GLY H 63 -61.22 -37.26 -7.70
N GLU H 64 -61.87 -36.37 -8.45
CA GLU H 64 -62.25 -35.06 -7.89
C GLU H 64 -63.13 -35.13 -6.63
N ALA H 65 -64.16 -35.97 -6.59
CA ALA H 65 -65.03 -35.98 -5.41
C ALA H 65 -64.24 -36.35 -4.15
N ASP H 66 -63.27 -37.24 -4.29
CA ASP H 66 -62.44 -37.67 -3.15
C ASP H 66 -61.44 -36.58 -2.75
N VAL H 67 -60.81 -35.97 -3.74
CA VAL H 67 -59.91 -34.82 -3.52
C VAL H 67 -60.65 -33.75 -2.77
N ASN H 68 -61.84 -33.40 -3.24
CA ASN H 68 -62.65 -32.35 -2.58
C ASN H 68 -63.09 -32.68 -1.15
N ALA H 69 -63.46 -33.93 -0.89
CA ALA H 69 -63.82 -34.35 0.45
C ALA H 69 -62.61 -34.26 1.40
N ALA H 70 -61.44 -34.65 0.91
CA ALA H 70 -60.24 -34.61 1.73
C ALA H 70 -59.85 -33.15 2.04
N VAL H 71 -59.77 -32.30 0.99
CA VAL H 71 -59.50 -30.87 1.17
C VAL H 71 -60.54 -30.20 2.11
N ALA H 72 -61.84 -30.48 1.87
CA ALA H 72 -62.92 -29.93 2.73
C ALA H 72 -62.75 -30.34 4.21
N ALA H 73 -62.40 -31.60 4.45
CA ALA H 73 -62.16 -32.08 5.82
C ALA H 73 -60.93 -31.44 6.50
N ALA H 74 -59.86 -31.31 5.71
CA ALA H 74 -58.66 -30.57 6.05
C ALA H 74 -58.98 -29.14 6.47
N ARG H 75 -59.73 -28.45 5.62
CA ARG H 75 -60.11 -27.06 5.87
C ARG H 75 -60.97 -26.91 7.08
N ARG H 76 -62.02 -27.72 7.20
CA ARG H 76 -62.85 -27.68 8.41
C ARG H 76 -62.01 -27.87 9.66
N ALA H 77 -61.09 -28.84 9.64
CA ALA H 77 -60.39 -29.17 10.87
C ALA H 77 -59.41 -28.04 11.19
N PHE H 78 -58.75 -27.49 10.18
CA PHE H 78 -57.83 -26.40 10.44
C PHE H 78 -58.55 -25.17 11.00
N ASP H 79 -59.64 -24.78 10.33
CA ASP H 79 -60.43 -23.63 10.77
C ASP H 79 -61.04 -23.85 12.17
N ALA H 80 -61.32 -25.11 12.55
CA ALA H 80 -61.85 -25.44 13.88
C ALA H 80 -60.77 -25.46 14.97
N GLY H 81 -59.51 -25.56 14.55
CA GLY H 81 -58.37 -25.48 15.46
C GLY H 81 -58.14 -26.76 16.21
N VAL H 82 -58.71 -27.88 15.74
CA VAL H 82 -58.61 -29.16 16.48
C VAL H 82 -57.17 -29.63 16.69
N TRP H 83 -56.29 -29.18 15.80
CA TRP H 83 -54.88 -29.54 15.79
C TRP H 83 -54.01 -28.28 15.91
N ALA H 84 -54.30 -27.25 15.12
CA ALA H 84 -53.52 -26.01 15.18
C ALA H 84 -53.67 -25.32 16.54
N GLY H 85 -54.85 -25.52 17.16
CA GLY H 85 -55.18 -24.97 18.48
C GLY H 85 -54.63 -25.67 19.72
N LEU H 86 -54.04 -26.85 19.57
CA LEU H 86 -53.46 -27.55 20.70
C LEU H 86 -52.16 -26.84 21.07
N ASN H 87 -51.84 -26.87 22.35
CA ASN H 87 -50.55 -26.36 22.81
C ASN H 87 -49.37 -27.15 22.21
N PRO H 88 -48.22 -26.46 22.04
CA PRO H 88 -47.03 -27.12 21.48
C PRO H 88 -46.78 -28.51 22.09
N ARG H 89 -46.87 -28.61 23.41
CA ARG H 89 -46.57 -29.89 24.06
C ARG H 89 -47.61 -30.96 23.75
N ALA H 90 -48.86 -30.55 23.55
CA ALA H 90 -49.92 -31.51 23.23
C ALA H 90 -49.76 -32.08 21.81
N ARG H 91 -49.39 -31.24 20.84
CA ARG H 91 -49.09 -31.69 19.47
C ARG H 91 -47.86 -32.58 19.47
N LYS H 92 -46.89 -32.22 20.31
CA LYS H 92 -45.66 -33.01 20.40
C LYS H 92 -45.99 -34.47 20.80
N ALA H 93 -46.82 -34.61 21.82
CA ALA H 93 -47.14 -35.93 22.37
C ALA H 93 -47.82 -36.79 21.32
N VAL H 94 -48.77 -36.22 20.59
CA VAL H 94 -49.51 -36.98 19.57
C VAL H 94 -48.56 -37.49 18.46
N LEU H 95 -47.68 -36.61 17.96
CA LEU H 95 -46.75 -37.00 16.91
C LEU H 95 -45.74 -38.04 17.39
N LEU H 96 -45.28 -37.93 18.64
CA LEU H 96 -44.43 -38.97 19.22
C LEU H 96 -45.16 -40.31 19.33
N ARG H 97 -46.43 -40.28 19.75
CA ARG H 97 -47.22 -41.50 19.80
C ARG H 97 -47.34 -42.10 18.39
N TRP H 98 -47.54 -41.27 17.36
CA TRP H 98 -47.64 -41.78 15.98
C TRP H 98 -46.30 -42.40 15.54
N ALA H 99 -45.19 -41.74 15.85
CA ALA H 99 -43.91 -42.29 15.46
C ALA H 99 -43.64 -43.61 16.21
N ALA H 100 -44.07 -43.66 17.45
CA ALA H 100 -43.90 -44.88 18.27
C ALA H 100 -44.62 -46.06 17.61
N LEU H 101 -45.83 -45.80 17.10
CA LEU H 101 -46.63 -46.81 16.37
C LEU H 101 -45.96 -47.27 15.09
N MET H 102 -45.43 -46.34 14.31
CA MET H 102 -44.63 -46.74 13.15
C MET H 102 -43.52 -47.76 13.59
N ARG H 103 -42.84 -47.48 14.69
CA ARG H 103 -41.75 -48.36 15.14
C ARG H 103 -42.31 -49.71 15.62
N GLU H 104 -43.42 -49.69 16.34
CA GLU H 104 -44.11 -50.92 16.71
C GLU H 104 -44.47 -51.74 15.48
N HIS H 105 -44.85 -51.07 14.39
CA HIS H 105 -45.27 -51.73 13.17
C HIS H 105 -44.17 -51.76 12.13
N LEU H 106 -42.91 -51.72 12.58
CA LEU H 106 -41.79 -51.57 11.66
C LEU H 106 -41.73 -52.71 10.62
N ASP H 107 -41.93 -53.94 11.06
CA ASP H 107 -41.84 -55.09 10.16
C ASP H 107 -42.92 -55.04 9.09
N GLU H 108 -44.16 -54.81 9.50
CA GLU H 108 -45.24 -54.60 8.57
C GLU H 108 -44.96 -53.48 7.55
N LEU H 109 -44.50 -52.33 8.03
CA LEU H 109 -44.31 -51.18 7.16
C LEU H 109 -43.16 -51.41 6.21
N SER H 110 -42.08 -52.01 6.73
CA SER H 110 -40.93 -52.29 5.91
C SER H 110 -41.34 -53.30 4.81
N LEU H 111 -42.16 -54.27 5.17
CA LEU H 111 -42.62 -55.34 4.24
C LEU H 111 -43.49 -54.77 3.12
N LEU H 112 -44.48 -53.98 3.52
CA LEU H 112 -45.25 -53.21 2.54
C LEU H 112 -44.37 -52.44 1.54
N GLU H 113 -43.38 -51.69 2.03
CA GLU H 113 -42.52 -50.89 1.19
C GLU H 113 -41.73 -51.71 0.19
N THR H 114 -41.21 -52.85 0.67
CA THR H 114 -40.36 -53.73 -0.14
C THR H 114 -41.21 -54.32 -1.29
N LEU H 115 -42.38 -54.85 -0.95
CA LEU H 115 -43.31 -55.40 -1.96
C LEU H 115 -43.80 -54.34 -2.94
N ASP H 116 -44.07 -53.14 -2.46
CA ASP H 116 -44.69 -52.08 -3.27
C ASP H 116 -43.74 -51.49 -4.31
N ALA H 117 -42.51 -51.16 -3.86
CA ALA H 117 -41.53 -50.41 -4.65
C ALA H 117 -40.24 -51.19 -5.01
N GLY H 118 -40.16 -52.45 -4.58
CA GLY H 118 -39.04 -53.33 -4.94
C GLY H 118 -37.72 -53.03 -4.25
N LYS H 119 -37.82 -52.33 -3.12
CA LYS H 119 -36.66 -51.86 -2.36
C LYS H 119 -36.20 -52.98 -1.42
N PRO H 120 -34.88 -53.27 -1.40
CA PRO H 120 -34.44 -54.34 -0.51
C PRO H 120 -34.98 -54.21 0.91
N ILE H 121 -35.43 -55.33 1.49
CA ILE H 121 -35.91 -55.41 2.87
C ILE H 121 -34.83 -55.03 3.90
N GLY H 122 -33.56 -55.26 3.56
CA GLY H 122 -32.44 -54.89 4.44
C GLY H 122 -32.27 -53.36 4.45
N ASP H 123 -32.75 -52.72 3.39
CA ASP H 123 -32.87 -51.26 3.31
C ASP H 123 -34.10 -50.69 4.01
N THR H 124 -35.26 -51.30 3.78
CA THR H 124 -36.51 -50.72 4.26
C THR H 124 -36.67 -50.80 5.77
N THR H 125 -36.18 -51.88 6.39
CA THR H 125 -36.20 -52.04 7.85
C THR H 125 -35.19 -51.16 8.62
N THR H 126 -34.17 -50.67 7.93
CA THR H 126 -33.06 -49.94 8.56
C THR H 126 -32.95 -48.46 8.15
N VAL H 127 -33.39 -48.11 6.96
CA VAL H 127 -33.32 -46.75 6.45
C VAL H 127 -34.69 -46.10 6.35
N ASP H 128 -35.58 -46.71 5.57
CA ASP H 128 -36.83 -46.10 5.22
C ASP H 128 -37.78 -45.90 6.41
N VAL H 129 -38.18 -46.97 7.09
CA VAL H 129 -39.16 -46.84 8.15
C VAL H 129 -38.57 -46.14 9.38
N PRO H 130 -37.33 -46.48 9.78
CA PRO H 130 -36.73 -45.73 10.88
C PRO H 130 -36.54 -44.23 10.57
N GLY H 131 -36.25 -43.92 9.31
CA GLY H 131 -36.14 -42.56 8.84
C GLY H 131 -37.44 -41.77 8.90
N ALA H 132 -38.53 -42.40 8.52
CA ALA H 132 -39.85 -41.75 8.58
C ALA H 132 -40.15 -41.45 10.02
N ALA H 133 -39.97 -42.46 10.87
CA ALA H 133 -40.26 -42.26 12.29
C ALA H 133 -39.41 -41.16 12.86
N TYR H 134 -38.11 -41.19 12.63
CA TYR H 134 -37.18 -40.18 13.20
C TYR H 134 -37.56 -38.77 12.73
N CYS H 135 -37.95 -38.65 11.47
CA CYS H 135 -38.39 -37.34 10.96
C CYS H 135 -39.57 -36.81 11.78
N VAL H 136 -40.57 -37.66 11.97
CA VAL H 136 -41.75 -37.25 12.73
C VAL H 136 -41.31 -36.86 14.14
N GLU H 137 -40.46 -37.68 14.76
CA GLU H 137 -40.06 -37.43 16.15
C GLU H 137 -39.27 -36.13 16.28
N TRP H 138 -38.31 -35.88 15.36
CA TRP H 138 -37.45 -34.70 15.42
C TRP H 138 -38.28 -33.41 15.31
N PHE H 139 -39.19 -33.36 14.35
CA PHE H 139 -40.10 -32.21 14.29
C PHE H 139 -41.05 -32.07 15.47
N ALA H 140 -41.51 -33.19 16.03
CA ALA H 140 -42.37 -33.14 17.22
C ALA H 140 -41.59 -32.54 18.39
N GLU H 141 -40.36 -33.02 18.58
CA GLU H 141 -39.46 -32.47 19.61
C GLU H 141 -39.08 -30.99 19.44
N ALA H 142 -39.14 -30.49 18.21
CA ALA H 142 -38.69 -29.16 17.89
C ALA H 142 -39.80 -28.14 18.17
N ILE H 143 -41.05 -28.61 18.17
CA ILE H 143 -42.27 -27.80 18.32
C ILE H 143 -42.20 -26.82 19.48
N ASP H 144 -41.69 -27.28 20.60
CA ASP H 144 -41.62 -26.45 21.81
C ASP H 144 -40.22 -25.99 22.19
N LYS H 145 -39.33 -25.86 21.21
CA LYS H 145 -37.95 -25.41 21.45
C LYS H 145 -37.57 -24.13 20.74
N VAL H 146 -38.34 -23.75 19.73
CA VAL H 146 -38.02 -22.56 18.95
C VAL H 146 -39.21 -21.68 18.77
N GLY H 147 -38.94 -20.39 18.80
CA GLY H 147 -40.00 -19.42 18.88
C GLY H 147 -39.81 -18.30 17.90
N GLY H 148 -40.58 -17.26 18.12
CA GLY H 148 -40.56 -16.05 17.30
C GLY H 148 -39.59 -15.04 17.88
N GLU H 149 -39.74 -13.79 17.45
CA GLU H 149 -38.83 -12.70 17.80
C GLU H 149 -39.56 -11.54 18.47
N VAL H 150 -38.89 -10.89 19.41
CA VAL H 150 -39.22 -9.53 19.81
C VAL H 150 -38.25 -8.60 19.10
N ALA H 151 -38.79 -7.79 18.19
CA ALA H 151 -37.93 -6.90 17.38
C ALA H 151 -37.31 -5.79 18.22
N PRO H 152 -36.03 -5.45 17.93
CA PRO H 152 -35.36 -4.29 18.53
C PRO H 152 -35.89 -2.99 17.92
N ALA H 153 -37.15 -2.69 18.21
CA ALA H 153 -37.89 -1.58 17.60
C ALA H 153 -37.94 -0.36 18.48
N ASP H 154 -38.51 0.73 17.97
CA ASP H 154 -38.73 1.90 18.82
C ASP H 154 -39.60 1.56 20.06
N HIS H 155 -39.31 2.24 21.18
CA HIS H 155 -39.85 1.89 22.49
C HIS H 155 -41.33 2.09 22.70
N HIS H 156 -41.91 2.93 21.86
CA HIS H 156 -43.37 3.12 21.89
C HIS H 156 -44.10 1.91 21.29
N LEU H 157 -43.35 0.96 20.71
CA LEU H 157 -43.94 -0.27 20.19
C LEU H 157 -43.47 -1.50 20.94
N VAL H 158 -44.36 -2.49 21.00
CA VAL H 158 -43.98 -3.89 21.21
C VAL H 158 -44.09 -4.56 19.85
N GLY H 159 -42.95 -4.96 19.32
CA GLY H 159 -42.83 -5.57 18.01
C GLY H 159 -42.55 -7.06 18.03
N LEU H 160 -43.50 -7.84 17.54
CA LEU H 160 -43.38 -9.31 17.53
C LEU H 160 -43.27 -9.79 16.11
N VAL H 161 -42.43 -10.81 15.89
CA VAL H 161 -42.36 -11.49 14.61
C VAL H 161 -42.61 -12.98 14.91
N THR H 162 -43.73 -13.51 14.43
CA THR H 162 -44.11 -14.88 14.68
C THR H 162 -44.42 -15.68 13.41
N ARG H 163 -44.60 -16.99 13.58
CA ARG H 163 -44.91 -17.90 12.44
C ARG H 163 -46.20 -18.58 12.77
N GLU H 164 -47.03 -18.74 11.74
CA GLU H 164 -48.34 -19.36 11.88
C GLU H 164 -48.48 -20.39 10.76
N PRO H 165 -49.15 -21.53 11.04
CA PRO H 165 -49.45 -22.49 9.98
C PRO H 165 -50.17 -21.84 8.79
N VAL H 166 -49.83 -22.31 7.59
CA VAL H 166 -50.38 -21.78 6.35
C VAL H 166 -51.85 -22.22 6.18
N GLY H 167 -52.16 -23.43 6.62
CA GLY H 167 -53.58 -23.93 6.67
C GLY H 167 -53.70 -25.34 6.12
N VAL H 168 -54.08 -25.45 4.83
CA VAL H 168 -54.14 -26.79 4.20
C VAL H 168 -52.96 -27.04 3.29
N VAL H 169 -52.23 -28.12 3.58
CA VAL H 169 -51.03 -28.43 2.86
C VAL H 169 -51.30 -29.71 2.08
N ALA H 170 -51.01 -29.69 0.77
CA ALA H 170 -51.10 -30.87 -0.09
C ALA H 170 -49.67 -31.34 -0.32
N ALA H 171 -49.46 -32.65 -0.18
CA ALA H 171 -48.12 -33.21 -0.36
C ALA H 171 -48.24 -34.28 -1.42
N VAL H 172 -47.50 -34.12 -2.52
CA VAL H 172 -47.45 -35.09 -3.62
C VAL H 172 -46.06 -35.72 -3.70
N VAL H 173 -45.97 -37.04 -3.52
CA VAL H 173 -44.68 -37.68 -3.30
C VAL H 173 -44.42 -38.87 -4.22
N PRO H 174 -43.13 -39.20 -4.45
CA PRO H 174 -42.75 -40.18 -5.42
C PRO H 174 -42.68 -41.58 -4.80
N TRP H 175 -42.25 -42.54 -5.65
CA TRP H 175 -42.26 -43.96 -5.38
C TRP H 175 -40.87 -44.50 -5.04
N ASN H 176 -39.85 -43.66 -5.08
CA ASN H 176 -38.48 -44.16 -4.84
C ASN H 176 -38.17 -44.33 -3.37
N PHE H 177 -38.75 -43.47 -2.56
CA PHE H 177 -38.72 -43.58 -1.12
C PHE H 177 -40.13 -43.19 -0.63
N PRO H 178 -41.14 -44.06 -0.85
CA PRO H 178 -42.54 -43.70 -0.53
C PRO H 178 -42.81 -43.20 0.91
N ILE H 179 -42.46 -43.98 1.92
CA ILE H 179 -42.75 -43.59 3.30
C ILE H 179 -41.83 -42.46 3.83
N LEU H 180 -40.56 -42.50 3.42
CA LEU H 180 -39.55 -41.54 3.91
C LEU H 180 -39.83 -40.13 3.37
N MET H 181 -40.07 -40.04 2.06
CA MET H 181 -40.42 -38.76 1.45
C MET H 181 -41.78 -38.24 1.92
N ALA H 182 -42.74 -39.13 2.12
CA ALA H 182 -44.04 -38.71 2.65
C ALA H 182 -43.83 -38.01 4.00
N ALA H 183 -43.16 -38.71 4.92
CA ALA H 183 -42.81 -38.15 6.22
C ALA H 183 -41.93 -36.89 6.17
N TRP H 184 -41.01 -36.77 5.21
CA TRP H 184 -40.25 -35.53 5.12
C TRP H 184 -41.22 -34.36 4.84
N LYS H 185 -42.36 -34.63 4.17
CA LYS H 185 -43.40 -33.58 4.03
C LYS H 185 -44.31 -33.47 5.24
N PHE H 186 -44.90 -34.58 5.68
CA PHE H 186 -45.97 -34.48 6.69
C PHE H 186 -45.45 -34.18 8.07
N GLY H 187 -44.20 -34.53 8.32
CA GLY H 187 -43.60 -34.40 9.66
C GLY H 187 -43.54 -32.94 10.05
N PRO H 188 -42.85 -32.12 9.25
CA PRO H 188 -42.88 -30.69 9.55
C PRO H 188 -44.23 -30.03 9.31
N ALA H 189 -44.99 -30.43 8.30
CA ALA H 189 -46.26 -29.73 8.08
C ALA H 189 -47.22 -29.92 9.26
N LEU H 190 -47.28 -31.14 9.80
CA LEU H 190 -48.22 -31.42 10.89
C LEU H 190 -47.71 -30.79 12.18
N ALA H 191 -46.40 -30.84 12.41
CA ALA H 191 -45.85 -30.26 13.64
C ALA H 191 -46.22 -28.77 13.76
N ALA H 192 -46.17 -28.07 12.64
CA ALA H 192 -46.57 -26.66 12.58
C ALA H 192 -48.08 -26.38 12.79
N GLY H 193 -48.92 -27.41 12.74
CA GLY H 193 -50.33 -27.27 13.05
C GLY H 193 -51.20 -27.26 11.82
N ASN H 194 -50.62 -27.49 10.64
CA ASN H 194 -51.42 -27.59 9.42
C ASN H 194 -52.26 -28.88 9.30
N SER H 195 -53.28 -28.87 8.44
CA SER H 195 -53.93 -30.14 7.99
C SER H 195 -53.26 -30.52 6.68
N VAL H 196 -53.14 -31.82 6.40
CA VAL H 196 -52.36 -32.31 5.28
C VAL H 196 -53.22 -33.25 4.45
N VAL H 197 -53.15 -33.06 3.14
CA VAL H 197 -53.69 -34.03 2.19
C VAL H 197 -52.52 -34.62 1.44
N LEU H 198 -52.29 -35.90 1.68
CA LEU H 198 -51.16 -36.61 1.08
C LEU H 198 -51.63 -37.47 -0.09
N LYS H 199 -50.97 -37.28 -1.24
CA LYS H 199 -51.28 -37.99 -2.49
C LYS H 199 -50.01 -38.81 -2.88
N PRO H 200 -49.94 -40.08 -2.45
CA PRO H 200 -48.76 -40.87 -2.76
C PRO H 200 -48.74 -41.33 -4.24
N SER H 201 -47.60 -41.84 -4.70
CA SER H 201 -47.48 -42.33 -6.07
C SER H 201 -48.49 -43.46 -6.30
N GLU H 202 -49.03 -43.55 -7.51
CA GLU H 202 -49.80 -44.75 -7.86
C GLU H 202 -48.87 -45.94 -7.91
N LYS H 203 -47.57 -45.70 -8.05
CA LYS H 203 -46.62 -46.82 -8.03
C LYS H 203 -46.26 -47.26 -6.61
N SER H 204 -46.68 -46.53 -5.58
CA SER H 204 -46.33 -46.89 -4.20
C SER H 204 -47.30 -46.32 -3.16
N PRO H 205 -48.54 -46.80 -3.14
CA PRO H 205 -49.51 -46.19 -2.22
C PRO H 205 -49.53 -46.75 -0.81
N LEU H 206 -48.96 -47.93 -0.59
CA LEU H 206 -49.37 -48.76 0.55
C LEU H 206 -48.93 -48.21 1.92
N THR H 207 -47.68 -47.77 2.05
CA THR H 207 -47.23 -47.30 3.38
C THR H 207 -47.96 -46.02 3.79
N ALA H 208 -48.21 -45.14 2.83
CA ALA H 208 -48.99 -43.93 3.12
C ALA H 208 -50.37 -44.26 3.68
N ILE H 209 -51.10 -45.14 3.00
CA ILE H 209 -52.40 -45.57 3.49
C ILE H 209 -52.25 -46.13 4.92
N ARG H 210 -51.24 -46.95 5.15
CA ARG H 210 -51.14 -47.61 6.44
C ARG H 210 -50.87 -46.62 7.57
N VAL H 211 -49.92 -45.70 7.38
CA VAL H 211 -49.61 -44.74 8.45
C VAL H 211 -50.74 -43.76 8.74
N ALA H 212 -51.70 -43.61 7.80
CA ALA H 212 -52.86 -42.75 8.06
C ALA H 212 -53.75 -43.31 9.15
N GLN H 213 -53.90 -44.64 9.17
CA GLN H 213 -54.70 -45.29 10.19
C GLN H 213 -53.98 -45.18 11.53
N LEU H 214 -52.66 -45.37 11.48
CA LEU H 214 -51.86 -45.24 12.70
C LEU H 214 -51.97 -43.82 13.25
N ALA H 215 -52.05 -42.86 12.33
CA ALA H 215 -52.14 -41.46 12.71
C ALA H 215 -53.43 -41.25 13.47
N PHE H 216 -54.52 -41.79 12.96
CA PHE H 216 -55.81 -41.66 13.65
C PHE H 216 -55.76 -42.32 15.03
N GLU H 217 -55.10 -43.46 15.14
CA GLU H 217 -55.01 -44.18 16.41
C GLU H 217 -54.24 -43.35 17.46
N ALA H 218 -53.18 -42.70 16.99
CA ALA H 218 -52.27 -41.93 17.81
C ALA H 218 -52.92 -40.66 18.31
N GLY H 219 -53.98 -40.23 17.62
CA GLY H 219 -54.74 -39.06 18.02
C GLY H 219 -54.68 -37.87 17.07
N ILE H 220 -54.24 -38.09 15.82
CA ILE H 220 -54.31 -37.03 14.82
C ILE H 220 -55.80 -36.89 14.50
N PRO H 221 -56.40 -35.71 14.78
CA PRO H 221 -57.85 -35.60 14.60
C PRO H 221 -58.31 -35.82 13.15
N ALA H 222 -59.58 -36.22 12.99
CA ALA H 222 -60.20 -36.39 11.65
C ALA H 222 -60.00 -35.17 10.78
N GLY H 223 -59.54 -35.38 9.55
CA GLY H 223 -59.38 -34.29 8.62
C GLY H 223 -57.96 -33.71 8.63
N VAL H 224 -57.20 -33.96 9.70
CA VAL H 224 -55.88 -33.33 9.86
C VAL H 224 -54.82 -34.08 9.01
N PHE H 225 -54.98 -35.40 8.81
CA PHE H 225 -54.09 -36.20 7.99
C PHE H 225 -54.94 -37.12 7.12
N ASN H 226 -54.88 -36.89 5.82
CA ASN H 226 -55.69 -37.62 4.85
C ASN H 226 -54.80 -38.22 3.80
N VAL H 227 -55.11 -39.42 3.35
CA VAL H 227 -54.35 -40.02 2.24
C VAL H 227 -55.30 -40.38 1.07
N VAL H 228 -54.95 -39.88 -0.12
CA VAL H 228 -55.78 -39.97 -1.33
C VAL H 228 -54.98 -40.65 -2.43
N PRO H 229 -55.07 -41.99 -2.53
CA PRO H 229 -54.36 -42.73 -3.59
C PRO H 229 -54.94 -42.49 -4.99
N GLY H 230 -54.17 -42.82 -6.03
CA GLY H 230 -54.51 -42.47 -7.41
C GLY H 230 -53.29 -42.07 -8.19
N ALA H 231 -53.47 -41.77 -9.46
CA ALA H 231 -52.41 -41.41 -10.38
C ALA H 231 -52.26 -39.89 -10.45
N GLY H 232 -52.05 -39.35 -11.65
CA GLY H 232 -51.72 -37.95 -11.83
C GLY H 232 -52.90 -37.01 -11.60
N GLU H 233 -54.12 -37.51 -11.86
CA GLU H 233 -55.30 -36.65 -11.77
C GLU H 233 -55.50 -35.98 -10.40
N PRO H 234 -55.49 -36.75 -9.29
CA PRO H 234 -55.63 -36.07 -7.99
C PRO H 234 -54.49 -35.12 -7.65
N GLY H 235 -53.32 -35.30 -8.24
CA GLY H 235 -52.21 -34.34 -8.05
C GLY H 235 -52.42 -33.04 -8.79
N LYS H 236 -52.95 -33.15 -10.01
CA LYS H 236 -53.29 -31.99 -10.78
C LYS H 236 -54.39 -31.23 -10.02
N LEU H 237 -55.40 -31.96 -9.54
CA LEU H 237 -56.51 -31.33 -8.82
C LEU H 237 -56.05 -30.60 -7.55
N LEU H 238 -55.10 -31.19 -6.85
CA LEU H 238 -54.60 -30.59 -5.62
C LEU H 238 -53.80 -29.32 -5.93
N ALA H 239 -52.96 -29.33 -6.98
CA ALA H 239 -52.22 -28.16 -7.40
C ALA H 239 -53.11 -27.02 -7.84
N LEU H 240 -54.27 -27.37 -8.41
CA LEU H 240 -55.27 -26.41 -8.87
C LEU H 240 -56.29 -25.99 -7.82
N HIS H 241 -56.31 -26.65 -6.67
CA HIS H 241 -57.44 -26.48 -5.76
C HIS H 241 -57.49 -25.09 -5.14
N ARG H 242 -58.69 -24.50 -5.12
CA ARG H 242 -58.86 -23.16 -4.60
C ARG H 242 -58.75 -23.06 -3.08
N ASP H 243 -58.96 -24.16 -2.37
CA ASP H 243 -58.90 -24.17 -0.90
C ASP H 243 -57.64 -24.86 -0.31
N VAL H 244 -56.66 -25.14 -1.16
CA VAL H 244 -55.36 -25.63 -0.71
C VAL H 244 -54.42 -24.38 -0.65
N ASP H 245 -53.64 -24.24 0.41
CA ASP H 245 -52.80 -23.08 0.64
C ASP H 245 -51.31 -23.30 0.29
N CYS H 246 -50.93 -24.56 0.14
CA CYS H 246 -49.56 -24.93 -0.05
C CYS H 246 -49.48 -26.32 -0.65
N ILE H 247 -48.60 -26.51 -1.62
CA ILE H 247 -48.37 -27.81 -2.24
C ILE H 247 -46.86 -28.09 -2.23
N ALA H 248 -46.49 -29.22 -1.65
CA ALA H 248 -45.14 -29.68 -1.62
C ALA H 248 -45.01 -30.95 -2.46
N PHE H 249 -44.10 -30.92 -3.43
CA PHE H 249 -43.98 -31.98 -4.43
C PHE H 249 -42.55 -32.50 -4.40
N THR H 250 -42.37 -33.81 -4.54
CA THR H 250 -41.06 -34.38 -4.83
C THR H 250 -41.29 -35.26 -6.07
N GLY H 251 -40.48 -35.11 -7.12
CA GLY H 251 -40.64 -35.92 -8.32
C GLY H 251 -39.89 -35.37 -9.50
N SER H 252 -40.40 -35.60 -10.71
CA SER H 252 -39.67 -35.20 -11.93
C SER H 252 -39.70 -33.70 -12.14
N THR H 253 -38.64 -33.20 -12.77
CA THR H 253 -38.51 -31.77 -13.06
C THR H 253 -39.68 -31.29 -13.93
N ALA H 254 -40.09 -32.10 -14.90
CA ALA H 254 -41.23 -31.80 -15.76
C ALA H 254 -42.58 -31.75 -15.03
N VAL H 255 -42.83 -32.68 -14.10
CA VAL H 255 -44.11 -32.63 -13.37
C VAL H 255 -44.07 -31.41 -12.42
N GLY H 256 -42.92 -31.19 -11.82
CA GLY H 256 -42.72 -29.96 -11.01
C GLY H 256 -43.13 -28.68 -11.67
N LYS H 257 -42.76 -28.52 -12.95
CA LYS H 257 -43.12 -27.29 -13.69
C LYS H 257 -44.65 -27.13 -13.88
N LEU H 258 -45.34 -28.26 -14.04
CA LEU H 258 -46.80 -28.26 -14.09
C LEU H 258 -47.38 -27.85 -12.74
N ILE H 259 -46.85 -28.41 -11.66
CA ILE H 259 -47.36 -28.12 -10.31
C ILE H 259 -47.21 -26.64 -10.05
N MET H 260 -46.03 -26.11 -10.35
CA MET H 260 -45.76 -24.68 -10.12
C MET H 260 -46.71 -23.81 -10.91
N GLN H 261 -46.92 -24.15 -12.16
CA GLN H 261 -47.81 -23.39 -13.00
C GLN H 261 -49.27 -23.42 -12.48
N TYR H 262 -49.76 -24.62 -12.18
CA TYR H 262 -51.14 -24.76 -11.73
C TYR H 262 -51.34 -24.03 -10.41
N ALA H 263 -50.35 -24.11 -9.52
CA ALA H 263 -50.40 -23.36 -8.27
C ALA H 263 -50.56 -21.85 -8.52
N ALA H 264 -49.70 -21.29 -9.36
CA ALA H 264 -49.74 -19.86 -9.72
C ALA H 264 -51.09 -19.46 -10.34
N GLN H 265 -51.59 -20.24 -11.29
CA GLN H 265 -52.71 -19.75 -12.06
C GLN H 265 -54.02 -19.86 -11.29
N SER H 266 -54.08 -20.78 -10.32
CA SER H 266 -55.29 -20.99 -9.56
C SER H 266 -55.43 -19.94 -8.46
N ASN H 267 -54.76 -20.17 -7.34
CA ASN H 267 -54.85 -19.27 -6.19
C ASN H 267 -53.54 -18.83 -5.59
N LEU H 268 -52.43 -18.97 -6.30
CA LEU H 268 -51.09 -18.55 -5.77
C LEU H 268 -50.71 -19.33 -4.46
N LYS H 269 -51.19 -20.55 -4.33
CA LYS H 269 -50.77 -21.42 -3.26
C LYS H 269 -49.25 -21.57 -3.34
N ARG H 270 -48.61 -21.67 -2.17
CA ARG H 270 -47.16 -21.77 -2.11
C ARG H 270 -46.79 -23.08 -2.78
N ALA H 271 -45.78 -23.09 -3.63
CA ALA H 271 -45.36 -24.33 -4.26
C ALA H 271 -43.90 -24.60 -3.95
N TRP H 272 -43.65 -25.78 -3.40
CA TRP H 272 -42.32 -26.20 -2.99
C TRP H 272 -41.93 -27.54 -3.63
N LEU H 273 -40.85 -27.53 -4.41
CA LEU H 273 -40.49 -28.64 -5.27
C LEU H 273 -39.13 -29.20 -4.86
N GLU H 274 -39.06 -30.51 -4.69
CA GLU H 274 -37.80 -31.27 -4.72
C GLU H 274 -37.76 -32.12 -5.98
N LEU H 275 -36.78 -31.86 -6.83
CA LEU H 275 -36.77 -32.39 -8.21
C LEU H 275 -35.54 -33.27 -8.42
N GLY H 276 -35.10 -33.45 -9.67
CA GLY H 276 -34.05 -34.43 -9.97
C GLY H 276 -32.65 -33.87 -9.76
N GLY H 277 -31.66 -34.70 -10.03
CA GLY H 277 -30.28 -34.30 -9.91
C GLY H 277 -29.43 -35.00 -10.94
N LYS H 278 -28.20 -34.51 -11.08
CA LYS H 278 -27.14 -35.25 -11.76
C LYS H 278 -25.90 -34.89 -10.99
N SER H 279 -25.85 -35.46 -9.79
CA SER H 279 -24.91 -35.03 -8.76
C SER H 279 -23.48 -35.56 -8.97
N PRO H 280 -22.49 -34.64 -8.94
CA PRO H 280 -21.10 -35.02 -9.16
C PRO H 280 -20.39 -35.43 -7.89
N ASN H 281 -19.59 -36.48 -7.99
CA ASN H 281 -18.80 -37.05 -6.88
C ASN H 281 -17.33 -37.01 -7.33
N ILE H 282 -16.57 -36.05 -6.80
CA ILE H 282 -15.25 -35.76 -7.30
C ILE H 282 -14.21 -36.44 -6.42
N VAL H 283 -13.34 -37.23 -7.02
CA VAL H 283 -12.35 -37.98 -6.24
C VAL H 283 -10.97 -37.50 -6.65
N LEU H 284 -10.21 -36.97 -5.69
CA LEU H 284 -8.90 -36.44 -5.99
C LEU H 284 -7.81 -37.41 -5.54
N PRO H 285 -6.58 -37.27 -6.09
CA PRO H 285 -5.46 -38.16 -5.75
C PRO H 285 -5.12 -38.26 -4.26
N ASP H 286 -5.37 -37.19 -3.50
CA ASP H 286 -5.08 -37.19 -2.05
C ASP H 286 -6.31 -37.57 -1.20
N CYS H 287 -7.31 -38.19 -1.82
CA CYS H 287 -8.43 -38.79 -1.12
C CYS H 287 -7.88 -39.67 0.00
N PRO H 288 -8.38 -39.50 1.26
CA PRO H 288 -7.77 -40.20 2.43
C PRO H 288 -7.78 -41.73 2.42
N ASP H 289 -8.77 -42.32 1.77
CA ASP H 289 -8.96 -43.78 1.78
C ASP H 289 -9.65 -44.12 0.45
N LEU H 290 -8.85 -44.46 -0.55
CA LEU H 290 -9.36 -44.75 -1.90
C LEU H 290 -10.31 -45.95 -1.95
N ASP H 291 -10.10 -46.91 -1.05
CA ASP H 291 -11.00 -48.05 -0.95
C ASP H 291 -12.39 -47.63 -0.48
N ARG H 292 -12.47 -46.86 0.60
CA ARG H 292 -13.78 -46.38 1.07
C ARG H 292 -14.45 -45.47 0.02
N ALA H 293 -13.66 -44.64 -0.66
CA ALA H 293 -14.19 -43.75 -1.72
C ALA H 293 -14.77 -44.55 -2.86
N ALA H 294 -14.12 -45.66 -3.19
CA ALA H 294 -14.59 -46.51 -4.24
C ALA H 294 -15.89 -47.17 -3.84
N GLN H 295 -15.91 -47.78 -2.66
CA GLN H 295 -17.11 -48.46 -2.18
C GLN H 295 -18.27 -47.50 -2.03
N THR H 296 -17.95 -46.31 -1.56
CA THR H 296 -19.00 -45.31 -1.31
C THR H 296 -19.61 -44.78 -2.60
N ALA H 297 -18.78 -44.64 -3.62
CA ALA H 297 -19.27 -44.23 -4.95
C ALA H 297 -20.19 -45.29 -5.55
N ALA H 298 -19.88 -46.56 -5.30
CA ALA H 298 -20.70 -47.67 -5.76
C ALA H 298 -22.03 -47.56 -5.05
N GLY H 299 -22.01 -47.31 -3.73
CA GLY H 299 -23.26 -47.10 -2.99
C GLY H 299 -24.02 -45.86 -3.43
N ALA H 300 -23.30 -44.81 -3.79
CA ALA H 300 -23.92 -43.55 -4.20
C ALA H 300 -24.73 -43.66 -5.50
N ILE H 301 -24.50 -44.70 -6.31
CA ILE H 301 -25.17 -44.86 -7.62
C ILE H 301 -25.98 -46.14 -7.75
N PHE H 302 -25.61 -47.17 -6.99
CA PHE H 302 -26.33 -48.42 -7.01
C PHE H 302 -27.29 -48.60 -5.82
N TYR H 303 -27.09 -47.82 -4.74
CA TYR H 303 -28.10 -47.85 -3.64
C TYR H 303 -29.48 -47.47 -4.18
N ASN H 304 -30.50 -48.18 -3.72
CA ASN H 304 -31.90 -48.03 -4.17
C ASN H 304 -32.05 -48.02 -5.69
N MET H 305 -31.23 -48.81 -6.35
CA MET H 305 -31.31 -49.05 -7.79
C MET H 305 -30.98 -47.79 -8.58
N GLY H 306 -30.25 -46.87 -7.97
CA GLY H 306 -29.96 -45.60 -8.60
C GLY H 306 -31.19 -44.68 -8.73
N GLU H 307 -32.28 -45.08 -8.06
CA GLU H 307 -33.55 -44.35 -8.02
C GLU H 307 -33.50 -43.37 -6.87
N MET H 308 -32.61 -42.41 -7.02
N MET H 308 -32.61 -42.42 -7.00
CA MET H 308 -32.25 -41.50 -5.95
CA MET H 308 -32.29 -41.51 -5.92
C MET H 308 -32.06 -40.17 -6.60
C MET H 308 -32.07 -40.19 -6.59
N CYS H 309 -32.84 -39.17 -6.19
CA CYS H 309 -32.68 -37.85 -6.72
C CYS H 309 -31.21 -37.39 -6.55
N THR H 310 -30.59 -37.74 -5.42
CA THR H 310 -29.18 -37.36 -5.16
C THR H 310 -28.14 -38.36 -5.61
N ALA H 311 -28.44 -39.25 -6.55
CA ALA H 311 -27.49 -40.30 -6.93
C ALA H 311 -26.19 -39.66 -7.37
N GLY H 312 -25.07 -40.26 -6.98
CA GLY H 312 -23.75 -39.77 -7.36
C GLY H 312 -23.48 -40.31 -8.75
N SER H 313 -24.18 -39.75 -9.74
CA SER H 313 -24.30 -40.39 -11.03
C SER H 313 -23.24 -39.96 -12.00
N ARG H 314 -22.49 -38.91 -11.61
CA ARG H 314 -21.31 -38.48 -12.30
C ARG H 314 -20.10 -38.63 -11.39
N LEU H 315 -19.29 -39.67 -11.60
CA LEU H 315 -18.04 -39.83 -10.87
C LEU H 315 -16.94 -39.14 -11.64
N LEU H 316 -16.48 -38.02 -11.08
CA LEU H 316 -15.36 -37.27 -11.65
C LEU H 316 -14.13 -37.77 -10.94
N VAL H 317 -13.20 -38.37 -11.69
CA VAL H 317 -11.94 -38.91 -11.12
C VAL H 317 -10.70 -38.35 -11.80
N HIS H 318 -9.68 -38.01 -11.01
CA HIS H 318 -8.47 -37.37 -11.51
C HIS H 318 -7.70 -38.41 -12.33
N ARG H 319 -7.16 -38.00 -13.47
CA ARG H 319 -6.49 -38.92 -14.39
C ARG H 319 -5.42 -39.81 -13.75
N ASP H 320 -4.64 -39.26 -12.82
CA ASP H 320 -3.56 -40.00 -12.13
C ASP H 320 -4.04 -41.22 -11.33
N ILE H 321 -5.27 -41.20 -10.84
CA ILE H 321 -5.82 -42.35 -10.09
C ILE H 321 -6.96 -43.08 -10.82
N LYS H 322 -7.25 -42.72 -12.07
CA LYS H 322 -8.49 -43.20 -12.72
C LYS H 322 -8.56 -44.70 -12.94
N ASP H 323 -7.50 -45.26 -13.55
CA ASP H 323 -7.44 -46.70 -13.81
C ASP H 323 -7.63 -47.48 -12.52
N ALA H 324 -6.85 -47.12 -11.52
CA ALA H 324 -6.84 -47.83 -10.24
C ALA H 324 -8.20 -47.72 -9.54
N PHE H 325 -8.77 -46.51 -9.56
CA PHE H 325 -10.10 -46.29 -9.01
C PHE H 325 -11.20 -47.10 -9.70
N ILE H 326 -11.16 -47.17 -11.04
CA ILE H 326 -12.21 -47.87 -11.79
C ILE H 326 -12.22 -49.38 -11.46
N GLU H 327 -11.02 -49.94 -11.31
CA GLU H 327 -10.84 -51.31 -10.82
C GLU H 327 -11.56 -51.58 -9.48
N LYS H 328 -11.33 -50.72 -8.48
CA LYS H 328 -11.97 -50.84 -7.17
C LYS H 328 -13.49 -50.59 -7.22
N LEU H 329 -13.88 -49.70 -8.14
CA LEU H 329 -15.28 -49.44 -8.45
C LEU H 329 -15.95 -50.72 -8.92
N VAL H 330 -15.29 -51.41 -9.87
CA VAL H 330 -15.84 -52.65 -10.43
C VAL H 330 -15.98 -53.70 -9.35
N ALA H 331 -14.95 -53.81 -8.50
CA ALA H 331 -14.96 -54.77 -7.39
C ALA H 331 -16.10 -54.48 -6.44
N ALA H 332 -16.26 -53.19 -6.10
CA ALA H 332 -17.34 -52.77 -5.22
C ALA H 332 -18.73 -53.00 -5.82
N ALA H 333 -18.83 -52.93 -7.15
CA ALA H 333 -20.11 -53.08 -7.83
C ALA H 333 -20.66 -54.50 -7.75
N ARG H 334 -19.75 -55.48 -7.55
CA ARG H 334 -20.15 -56.88 -7.36
C ARG H 334 -21.07 -57.07 -6.15
N ALA H 335 -21.04 -56.18 -5.16
CA ALA H 335 -21.98 -56.32 -4.04
C ALA H 335 -23.44 -55.99 -4.43
N TYR H 336 -23.64 -55.26 -5.54
CA TYR H 336 -24.99 -54.82 -5.93
C TYR H 336 -25.62 -55.64 -7.06
N VAL H 337 -25.13 -56.87 -7.23
CA VAL H 337 -25.80 -57.88 -8.05
C VAL H 337 -27.30 -57.79 -7.78
N PRO H 338 -28.12 -57.67 -8.83
CA PRO H 338 -29.56 -57.61 -8.55
C PRO H 338 -30.05 -58.91 -7.95
N GLY H 339 -30.99 -58.83 -7.02
CA GLY H 339 -31.49 -60.02 -6.33
C GLY H 339 -32.87 -59.77 -5.76
N ASN H 340 -33.41 -60.78 -5.08
CA ASN H 340 -34.75 -60.70 -4.50
C ASN H 340 -34.79 -59.72 -3.34
N PRO H 341 -35.61 -58.66 -3.44
CA PRO H 341 -35.57 -57.74 -2.30
C PRO H 341 -36.16 -58.26 -0.97
N LEU H 342 -36.98 -59.31 -1.02
CA LEU H 342 -37.42 -59.95 0.21
C LEU H 342 -36.27 -60.74 0.86
N ASP H 343 -35.12 -60.82 0.18
CA ASP H 343 -33.91 -61.45 0.76
C ASP H 343 -33.05 -60.41 1.48
N PRO H 344 -32.89 -60.57 2.82
CA PRO H 344 -32.12 -59.58 3.59
C PRO H 344 -30.63 -59.46 3.26
N SER H 345 -30.04 -60.41 2.52
CA SER H 345 -28.67 -60.24 2.05
C SER H 345 -28.53 -59.43 0.76
N VAL H 346 -29.65 -59.08 0.13
CA VAL H 346 -29.61 -58.41 -1.18
C VAL H 346 -29.44 -56.91 -0.94
N SER H 347 -28.53 -56.31 -1.71
CA SER H 347 -28.19 -54.90 -1.57
C SER H 347 -28.79 -54.05 -2.66
N MET H 348 -29.34 -54.69 -3.68
CA MET H 348 -30.03 -53.97 -4.74
C MET H 348 -31.22 -54.80 -5.25
N GLY H 349 -32.36 -54.13 -5.38
CA GLY H 349 -33.64 -54.78 -5.71
C GLY H 349 -34.15 -54.52 -7.12
N ALA H 350 -35.48 -54.42 -7.24
CA ALA H 350 -36.14 -54.32 -8.56
C ALA H 350 -36.34 -52.87 -9.02
N ILE H 351 -36.23 -52.65 -10.33
CA ILE H 351 -36.63 -51.37 -10.93
C ILE H 351 -38.16 -51.30 -10.88
N VAL H 352 -38.72 -50.11 -10.73
CA VAL H 352 -40.12 -50.03 -10.28
C VAL H 352 -41.14 -50.61 -11.28
N ASP H 353 -40.86 -50.49 -12.58
CA ASP H 353 -41.71 -51.12 -13.62
C ASP H 353 -40.99 -51.22 -14.98
N GLY H 354 -41.68 -51.82 -15.96
CA GLY H 354 -41.08 -52.06 -17.24
C GLY H 354 -40.71 -50.79 -17.99
N ILE H 355 -41.59 -49.79 -17.93
CA ILE H 355 -41.31 -48.51 -18.60
C ILE H 355 -40.01 -47.95 -18.04
N GLN H 356 -39.88 -47.99 -16.71
CA GLN H 356 -38.67 -47.43 -16.07
C GLN H 356 -37.45 -48.23 -16.50
N LEU H 357 -37.61 -49.55 -16.50
CA LEU H 357 -36.52 -50.44 -16.90
C LEU H 357 -36.05 -50.14 -18.34
N GLU H 358 -36.97 -50.02 -19.29
CA GLU H 358 -36.57 -49.79 -20.69
C GLU H 358 -35.99 -48.37 -20.87
N ARG H 359 -36.50 -47.40 -20.10
CA ARG H 359 -35.91 -46.07 -20.06
C ARG H 359 -34.43 -46.22 -19.71
N VAL H 360 -34.16 -46.94 -18.63
CA VAL H 360 -32.77 -47.22 -18.22
C VAL H 360 -31.96 -47.95 -19.29
N LEU H 361 -32.58 -48.95 -19.91
CA LEU H 361 -31.85 -49.73 -20.93
C LEU H 361 -31.56 -48.86 -22.15
N GLY H 362 -32.48 -47.93 -22.45
CA GLY H 362 -32.25 -46.93 -23.47
C GLY H 362 -31.02 -46.08 -23.24
N TYR H 363 -30.88 -45.53 -22.03
CA TYR H 363 -29.70 -44.75 -21.71
C TYR H 363 -28.44 -45.61 -21.81
N ILE H 364 -28.50 -46.83 -21.29
CA ILE H 364 -27.39 -47.77 -21.44
C ILE H 364 -26.95 -47.96 -22.91
N GLU H 365 -27.91 -48.05 -23.81
CA GLU H 365 -27.61 -48.17 -25.24
C GLU H 365 -26.95 -46.88 -25.72
N ALA H 366 -27.49 -45.75 -25.27
CA ALA H 366 -26.91 -44.44 -25.55
C ALA H 366 -25.45 -44.49 -25.15
N GLY H 367 -25.23 -44.97 -23.93
CA GLY H 367 -23.88 -45.05 -23.36
C GLY H 367 -22.89 -45.84 -24.19
N ARG H 368 -23.34 -46.99 -24.69
CA ARG H 368 -22.52 -47.80 -25.60
C ARG H 368 -22.18 -47.06 -26.90
N GLY H 369 -23.11 -46.22 -27.35
CA GLY H 369 -22.93 -45.39 -28.53
C GLY H 369 -21.87 -44.32 -28.37
N GLU H 370 -21.71 -43.80 -27.15
CA GLU H 370 -20.84 -42.64 -26.93
C GLU H 370 -19.72 -42.83 -25.88
N GLY H 371 -19.69 -43.96 -25.17
CA GLY H 371 -18.66 -44.18 -24.18
C GLY H 371 -18.09 -45.58 -24.15
N ARG H 372 -17.35 -45.88 -23.09
CA ARG H 372 -16.75 -47.21 -22.92
C ARG H 372 -17.43 -47.93 -21.75
N LEU H 373 -18.18 -48.97 -22.05
CA LEU H 373 -18.81 -49.79 -21.02
C LEU H 373 -17.74 -50.48 -20.16
N VAL H 374 -17.73 -50.14 -18.87
CA VAL H 374 -16.74 -50.64 -17.92
C VAL H 374 -17.22 -51.96 -17.31
N THR H 375 -18.48 -51.99 -16.90
CA THR H 375 -19.09 -53.16 -16.30
C THR H 375 -20.61 -53.06 -16.34
N GLY H 376 -21.27 -54.21 -16.14
CA GLY H 376 -22.73 -54.30 -16.16
C GLY H 376 -23.30 -54.16 -17.57
N GLY H 377 -24.51 -53.64 -17.66
CA GLY H 377 -25.09 -53.25 -18.92
C GLY H 377 -26.40 -53.93 -19.24
N ALA H 378 -26.68 -55.05 -18.60
CA ALA H 378 -27.76 -55.92 -19.05
C ALA H 378 -28.92 -55.96 -18.08
N ARG H 379 -30.13 -56.14 -18.62
CA ARG H 379 -31.26 -56.60 -17.83
C ARG H 379 -30.99 -58.03 -17.40
N VAL H 380 -31.42 -58.38 -16.20
CA VAL H 380 -31.30 -59.77 -15.70
C VAL H 380 -32.61 -60.23 -15.06
N ASN H 381 -32.69 -61.53 -14.80
CA ASN H 381 -33.83 -62.16 -14.09
C ASN H 381 -35.22 -61.89 -14.68
N ALA H 382 -35.27 -61.71 -15.99
CA ALA H 382 -36.52 -61.44 -16.70
C ALA H 382 -37.57 -62.54 -16.44
N GLU H 383 -37.06 -63.76 -16.20
CA GLU H 383 -37.84 -64.97 -15.83
C GLU H 383 -38.86 -64.78 -14.71
N THR H 384 -38.47 -64.02 -13.69
CA THR H 384 -39.27 -63.81 -12.48
C THR H 384 -40.57 -63.03 -12.72
N GLY H 385 -40.65 -62.33 -13.86
CA GLY H 385 -41.71 -61.37 -14.09
C GLY H 385 -41.40 -60.01 -13.48
N GLY H 386 -40.23 -59.86 -12.86
CA GLY H 386 -39.83 -58.61 -12.25
C GLY H 386 -38.81 -57.86 -13.07
N PHE H 387 -38.44 -56.69 -12.58
CA PHE H 387 -37.71 -55.71 -13.37
C PHE H 387 -36.38 -55.44 -12.72
N TYR H 388 -35.30 -55.91 -13.36
CA TYR H 388 -33.98 -55.85 -12.76
C TYR H 388 -32.94 -55.47 -13.82
N VAL H 389 -31.94 -54.70 -13.41
CA VAL H 389 -30.86 -54.29 -14.31
C VAL H 389 -29.54 -54.23 -13.54
N GLU H 390 -28.46 -54.72 -14.17
CA GLU H 390 -27.20 -54.79 -13.47
C GLU H 390 -26.68 -53.39 -13.15
N PRO H 391 -25.90 -53.27 -12.06
CA PRO H 391 -25.10 -52.07 -11.84
C PRO H 391 -24.15 -51.87 -13.01
N THR H 392 -24.17 -50.67 -13.59
CA THR H 392 -23.51 -50.36 -14.86
C THR H 392 -22.58 -49.14 -14.79
N VAL H 393 -21.41 -49.26 -15.39
CA VAL H 393 -20.44 -48.18 -15.41
C VAL H 393 -19.93 -47.90 -16.85
N PHE H 394 -19.97 -46.63 -17.25
CA PHE H 394 -19.36 -46.14 -18.46
C PHE H 394 -18.31 -45.09 -18.20
N GLU H 395 -17.24 -45.11 -18.98
CA GLU H 395 -16.33 -43.99 -19.07
C GLU H 395 -16.76 -43.11 -20.24
N VAL H 396 -17.15 -41.87 -19.93
CA VAL H 396 -17.69 -40.95 -20.93
C VAL H 396 -17.09 -39.55 -20.83
N LYS H 397 -17.24 -38.79 -21.90
CA LYS H 397 -16.86 -37.39 -21.90
C LYS H 397 -17.97 -36.69 -21.14
N PRO H 398 -17.65 -35.52 -20.55
CA PRO H 398 -18.66 -34.83 -19.74
C PRO H 398 -19.92 -34.37 -20.50
N ASP H 399 -19.82 -34.24 -21.83
CA ASP H 399 -20.95 -33.85 -22.66
C ASP H 399 -21.81 -35.01 -23.18
N ALA H 400 -21.46 -36.24 -22.84
CA ALA H 400 -22.24 -37.41 -23.26
C ALA H 400 -23.69 -37.30 -22.79
N LYS H 401 -24.61 -37.95 -23.50
CA LYS H 401 -26.03 -37.99 -23.11
C LYS H 401 -26.28 -38.55 -21.71
N ILE H 402 -25.68 -39.70 -21.39
CA ILE H 402 -25.87 -40.31 -20.07
C ILE H 402 -25.19 -39.50 -18.95
N ALA H 403 -24.23 -38.66 -19.31
CA ALA H 403 -23.55 -37.81 -18.33
C ALA H 403 -24.33 -36.51 -18.13
N ARG H 404 -25.20 -36.13 -19.07
CA ARG H 404 -25.98 -34.89 -18.93
C ARG H 404 -27.36 -35.17 -18.31
N GLU H 405 -28.04 -36.20 -18.79
CA GLU H 405 -29.45 -36.40 -18.45
C GLU H 405 -29.61 -37.32 -17.27
N GLU H 406 -30.62 -37.05 -16.44
CA GLU H 406 -30.93 -37.94 -15.31
C GLU H 406 -31.45 -39.26 -15.81
N ILE H 407 -30.76 -40.34 -15.46
CA ILE H 407 -31.19 -41.69 -15.84
C ILE H 407 -32.18 -42.26 -14.82
N PHE H 408 -31.90 -42.10 -13.53
CA PHE H 408 -32.73 -42.62 -12.46
C PHE H 408 -32.67 -44.15 -12.39
N GLY H 409 -31.45 -44.66 -12.55
CA GLY H 409 -31.19 -46.08 -12.59
C GLY H 409 -29.73 -46.27 -12.20
N PRO H 410 -29.29 -47.52 -12.08
CA PRO H 410 -27.94 -47.79 -11.59
C PRO H 410 -26.89 -47.71 -12.68
N VAL H 411 -26.76 -46.53 -13.29
CA VAL H 411 -25.83 -46.30 -14.39
C VAL H 411 -24.93 -45.12 -14.09
N LEU H 412 -23.63 -45.42 -13.98
CA LEU H 412 -22.63 -44.45 -13.59
C LEU H 412 -21.85 -43.93 -14.79
N SER H 413 -21.66 -42.61 -14.79
CA SER H 413 -20.82 -41.91 -15.74
C SER H 413 -19.49 -41.51 -15.10
N VAL H 414 -18.41 -42.13 -15.55
CA VAL H 414 -17.08 -41.83 -15.04
C VAL H 414 -16.41 -40.84 -15.98
N ILE H 415 -16.05 -39.70 -15.44
CA ILE H 415 -15.50 -38.61 -16.21
C ILE H 415 -14.13 -38.30 -15.62
N VAL H 416 -13.10 -38.26 -16.46
CA VAL H 416 -11.74 -37.93 -16.05
C VAL H 416 -11.54 -36.42 -16.04
N PHE H 417 -10.70 -35.92 -15.12
CA PHE H 417 -10.21 -34.56 -15.20
C PHE H 417 -8.72 -34.49 -14.89
N ASP H 418 -8.12 -33.34 -15.16
CA ASP H 418 -6.67 -33.16 -15.02
C ASP H 418 -6.30 -32.25 -13.85
N ASP H 419 -7.21 -31.37 -13.46
CA ASP H 419 -6.97 -30.51 -12.30
C ASP H 419 -8.29 -30.18 -11.58
N VAL H 420 -8.16 -29.67 -10.36
CA VAL H 420 -9.33 -29.41 -9.53
C VAL H 420 -10.28 -28.31 -10.12
N ASP H 421 -9.72 -27.27 -10.74
CA ASP H 421 -10.56 -26.25 -11.38
C ASP H 421 -11.42 -26.88 -12.44
N GLU H 422 -10.83 -27.79 -13.22
CA GLU H 422 -11.56 -28.47 -14.26
C GLU H 422 -12.71 -29.33 -13.70
N ALA H 423 -12.45 -30.08 -12.65
CA ALA H 423 -13.48 -30.90 -12.00
C ALA H 423 -14.65 -30.07 -11.44
N VAL H 424 -14.34 -28.89 -10.93
CA VAL H 424 -15.36 -27.98 -10.43
C VAL H 424 -16.20 -27.46 -11.58
N ARG H 425 -15.55 -27.02 -12.65
CA ARG H 425 -16.25 -26.57 -13.88
C ARG H 425 -17.19 -27.65 -14.44
N ILE H 426 -16.70 -28.88 -14.57
CA ILE H 426 -17.58 -29.99 -15.00
C ILE H 426 -18.74 -30.27 -14.01
N ALA H 427 -18.40 -30.33 -12.72
CA ALA H 427 -19.41 -30.55 -11.67
C ALA H 427 -20.57 -29.56 -11.76
N ASN H 428 -20.25 -28.28 -11.94
CA ASN H 428 -21.26 -27.20 -11.95
C ASN H 428 -21.93 -26.95 -13.30
N ASP H 429 -21.38 -27.54 -14.37
CA ASP H 429 -21.93 -27.36 -15.70
C ASP H 429 -23.10 -28.31 -15.87
N THR H 430 -24.22 -27.92 -15.30
CA THR H 430 -25.44 -28.71 -15.33
C THR H 430 -26.56 -27.77 -14.89
N GLU H 431 -27.80 -28.06 -15.26
CA GLU H 431 -28.91 -27.27 -14.75
C GLU H 431 -29.49 -27.85 -13.45
N TYR H 432 -28.99 -29.01 -13.02
CA TYR H 432 -29.24 -29.52 -11.68
C TYR H 432 -28.30 -28.95 -10.61
N GLY H 433 -28.62 -29.25 -9.36
CA GLY H 433 -27.90 -28.73 -8.23
C GLY H 433 -28.41 -29.30 -6.92
N LEU H 434 -28.71 -30.59 -6.90
CA LEU H 434 -29.22 -31.17 -5.66
C LEU H 434 -28.14 -31.46 -4.61
N ALA H 435 -27.01 -31.99 -5.06
CA ALA H 435 -25.97 -32.43 -4.15
C ALA H 435 -24.69 -32.62 -4.97
N ALA H 436 -23.53 -32.65 -4.29
CA ALA H 436 -22.21 -32.86 -4.90
C ALA H 436 -21.36 -33.40 -3.79
N ALA H 437 -20.17 -33.89 -4.10
CA ALA H 437 -19.24 -34.29 -3.07
C ALA H 437 -17.83 -34.25 -3.60
N VAL H 438 -16.88 -34.06 -2.67
CA VAL H 438 -15.47 -34.08 -2.97
C VAL H 438 -14.72 -34.92 -1.97
N TRP H 439 -13.66 -35.59 -2.45
CA TRP H 439 -12.83 -36.45 -1.63
C TRP H 439 -11.36 -35.97 -1.63
N THR H 440 -10.88 -35.51 -0.49
CA THR H 440 -9.54 -34.90 -0.39
C THR H 440 -9.14 -34.90 1.09
N SER H 441 -7.85 -35.10 1.37
CA SER H 441 -7.30 -34.99 2.73
C SER H 441 -6.80 -33.59 3.05
N ASN H 442 -6.81 -32.70 2.04
CA ASN H 442 -6.26 -31.37 2.21
C ASN H 442 -7.31 -30.41 2.76
N LEU H 443 -7.00 -29.74 3.87
CA LEU H 443 -7.91 -28.80 4.50
C LEU H 443 -8.48 -27.72 3.57
N THR H 444 -7.59 -27.03 2.85
CA THR H 444 -7.97 -25.95 1.97
C THR H 444 -8.76 -26.49 0.78
N THR H 445 -8.30 -27.54 0.15
CA THR H 445 -9.08 -28.09 -0.96
C THR H 445 -10.54 -28.43 -0.58
N ALA H 446 -10.70 -29.10 0.56
CA ALA H 446 -12.00 -29.51 1.07
C ALA H 446 -12.98 -28.33 1.22
N HIS H 447 -12.52 -27.31 1.92
CA HIS H 447 -13.38 -26.16 2.18
C HIS H 447 -13.58 -25.34 0.90
N ASP H 448 -12.51 -25.18 0.13
N ASP H 448 -12.50 -25.13 0.15
CA ASP H 448 -12.56 -24.40 -1.09
CA ASP H 448 -12.56 -24.39 -1.13
C ASP H 448 -13.53 -24.99 -2.11
C ASP H 448 -13.59 -25.02 -2.06
N VAL H 449 -13.35 -26.26 -2.42
CA VAL H 449 -14.24 -26.98 -3.36
C VAL H 449 -15.67 -27.06 -2.85
N SER H 450 -15.84 -27.40 -1.58
CA SER H 450 -17.21 -27.54 -1.09
C SER H 450 -17.95 -26.23 -1.21
N ARG H 451 -17.24 -25.11 -1.06
CA ARG H 451 -17.84 -23.77 -1.20
C ARG H 451 -18.21 -23.42 -2.65
N ARG H 452 -17.42 -23.91 -3.60
CA ARG H 452 -17.62 -23.60 -5.02
C ARG H 452 -18.68 -24.47 -5.73
N LEU H 453 -19.05 -25.60 -5.14
CA LEU H 453 -20.03 -26.52 -5.75
C LEU H 453 -21.41 -25.97 -5.49
N ARG H 454 -22.14 -25.78 -6.59
CA ARG H 454 -23.48 -25.17 -6.58
C ARG H 454 -24.53 -26.26 -6.39
N ALA H 455 -24.64 -26.67 -5.14
CA ALA H 455 -25.54 -27.71 -4.76
C ALA H 455 -25.96 -27.54 -3.32
N GLY H 456 -27.19 -28.00 -3.02
CA GLY H 456 -27.80 -27.85 -1.72
C GLY H 456 -27.18 -28.64 -0.61
N THR H 457 -26.64 -29.81 -0.95
CA THR H 457 -25.91 -30.61 0.03
C THR H 457 -24.55 -30.94 -0.59
N VAL H 458 -23.47 -30.66 0.14
CA VAL H 458 -22.14 -31.04 -0.29
C VAL H 458 -21.55 -31.97 0.78
N TRP H 459 -21.14 -33.16 0.35
CA TRP H 459 -20.51 -34.12 1.21
C TRP H 459 -18.98 -34.08 0.92
N VAL H 460 -18.19 -34.09 1.98
CA VAL H 460 -16.74 -34.16 1.92
C VAL H 460 -16.26 -35.45 2.59
N ASN H 461 -15.57 -36.26 1.79
CA ASN H 461 -15.07 -37.55 2.22
C ASN H 461 -16.18 -38.45 2.72
N CYS H 462 -17.35 -38.29 2.09
CA CYS H 462 -18.47 -39.15 2.29
C CYS H 462 -19.45 -38.94 1.13
N TYR H 463 -20.52 -39.70 1.12
CA TYR H 463 -21.59 -39.47 0.12
C TYR H 463 -22.91 -40.01 0.70
N ASP H 464 -23.96 -39.19 0.62
CA ASP H 464 -25.27 -39.60 1.16
C ASP H 464 -25.07 -40.12 2.61
N GLU H 465 -24.35 -39.33 3.39
CA GLU H 465 -23.90 -39.74 4.72
C GLU H 465 -25.00 -39.66 5.76
N GLY H 466 -25.33 -40.81 6.36
CA GLY H 466 -26.34 -40.83 7.44
C GLY H 466 -27.67 -40.22 7.00
N GLY H 467 -28.38 -39.60 7.94
CA GLY H 467 -29.67 -39.05 7.64
C GLY H 467 -30.12 -37.99 8.61
N ASP H 468 -29.16 -37.25 9.16
CA ASP H 468 -29.42 -36.32 10.24
C ASP H 468 -30.39 -35.24 9.82
N MET H 469 -31.35 -34.97 10.68
CA MET H 469 -32.44 -34.02 10.41
C MET H 469 -32.02 -32.56 10.48
N ASN H 470 -30.81 -32.28 10.96
CA ASN H 470 -30.36 -30.90 11.06
C ASN H 470 -29.89 -30.31 9.72
N PHE H 471 -29.82 -31.11 8.67
CA PHE H 471 -29.23 -30.61 7.41
C PHE H 471 -30.28 -30.34 6.34
N PRO H 472 -30.60 -29.07 6.11
CA PRO H 472 -31.53 -28.85 4.97
C PRO H 472 -31.05 -29.50 3.66
N PHE H 473 -32.03 -30.02 2.93
CA PHE H 473 -31.84 -30.82 1.76
C PHE H 473 -32.76 -30.27 0.69
N GLY H 474 -32.17 -29.96 -0.46
CA GLY H 474 -32.89 -29.45 -1.61
C GLY H 474 -31.99 -28.81 -2.63
N GLY H 475 -32.63 -28.19 -3.62
CA GLY H 475 -31.94 -27.79 -4.81
C GLY H 475 -31.46 -26.38 -4.95
N TYR H 476 -30.38 -26.26 -5.68
CA TYR H 476 -30.06 -25.05 -6.43
C TYR H 476 -30.63 -25.27 -7.83
N LYS H 477 -30.71 -24.18 -8.59
CA LYS H 477 -31.08 -24.25 -10.00
C LYS H 477 -32.35 -25.08 -10.23
N GLN H 478 -32.32 -26.05 -11.15
CA GLN H 478 -33.55 -26.79 -11.45
C GLN H 478 -33.78 -28.08 -10.64
N SER H 479 -33.09 -28.22 -9.49
CA SER H 479 -33.31 -29.37 -8.61
C SER H 479 -34.33 -29.10 -7.50
N GLY H 480 -34.99 -27.95 -7.56
CA GLY H 480 -36.14 -27.64 -6.70
C GLY H 480 -35.91 -26.40 -5.89
N ASN H 481 -36.95 -25.92 -5.24
CA ASN H 481 -36.88 -24.79 -4.34
C ASN H 481 -37.26 -25.17 -2.92
N GLY H 482 -36.55 -24.58 -1.99
CA GLY H 482 -36.86 -24.79 -0.60
C GLY H 482 -36.18 -26.02 -0.11
N ARG H 483 -36.36 -26.29 1.17
CA ARG H 483 -35.62 -27.37 1.77
C ARG H 483 -36.52 -28.31 2.60
N ASP H 484 -36.23 -29.59 2.45
CA ASP H 484 -36.67 -30.63 3.37
C ASP H 484 -35.64 -30.89 4.47
N LYS H 485 -36.14 -31.47 5.57
CA LYS H 485 -35.35 -31.60 6.80
C LYS H 485 -34.95 -30.25 7.43
N SER H 486 -34.58 -30.29 8.71
CA SER H 486 -34.09 -29.12 9.43
C SER H 486 -35.23 -28.18 9.82
N LEU H 487 -34.97 -27.25 10.74
CA LEU H 487 -35.99 -26.27 11.09
C LEU H 487 -36.39 -25.47 9.87
N HIS H 488 -35.48 -25.36 8.92
CA HIS H 488 -35.79 -24.64 7.66
C HIS H 488 -36.98 -25.23 6.88
N ALA H 489 -37.24 -26.51 7.04
CA ALA H 489 -38.38 -27.15 6.36
C ALA H 489 -39.68 -26.50 6.86
N LEU H 490 -39.69 -26.01 8.10
CA LEU H 490 -40.95 -25.40 8.62
C LEU H 490 -41.45 -24.12 7.95
N GLU H 491 -40.54 -23.42 7.27
N GLU H 491 -40.56 -23.39 7.26
CA GLU H 491 -40.80 -22.19 6.56
CA GLU H 491 -40.94 -22.14 6.56
C GLU H 491 -41.75 -22.42 5.35
C GLU H 491 -41.89 -22.45 5.41
N LYS H 492 -41.77 -23.64 4.86
CA LYS H 492 -42.62 -24.02 3.75
C LYS H 492 -44.07 -24.12 4.19
N TYR H 493 -44.30 -24.30 5.48
CA TYR H 493 -45.65 -24.63 5.94
C TYR H 493 -46.17 -23.59 6.93
N THR H 494 -45.49 -22.43 7.00
CA THR H 494 -45.90 -21.33 7.86
C THR H 494 -45.76 -20.02 7.15
N GLU H 495 -46.39 -18.98 7.70
CA GLU H 495 -46.24 -17.62 7.24
C GLU H 495 -45.59 -16.83 8.39
N LEU H 496 -44.82 -15.81 8.03
CA LEU H 496 -44.33 -14.83 9.01
C LEU H 496 -45.41 -13.77 9.18
N LYS H 497 -45.58 -13.32 10.42
CA LYS H 497 -46.37 -12.12 10.80
C LYS H 497 -45.53 -11.14 11.67
N SER H 498 -45.55 -9.87 11.30
CA SER H 498 -45.05 -8.80 12.13
C SER H 498 -46.26 -8.21 12.82
N THR H 499 -46.28 -8.21 14.15
CA THR H 499 -47.33 -7.55 14.89
C THR H 499 -46.70 -6.31 15.55
N LEU H 500 -47.16 -5.10 15.18
CA LEU H 500 -46.65 -3.88 15.77
C LEU H 500 -47.69 -3.31 16.78
N ILE H 501 -47.37 -3.39 18.04
CA ILE H 501 -48.33 -2.97 19.10
C ILE H 501 -47.92 -1.62 19.59
N ARG H 502 -48.72 -0.62 19.25
CA ARG H 502 -48.39 0.76 19.65
C ARG H 502 -49.02 1.07 21.03
N LEU H 503 -48.16 1.41 21.99
CA LEU H 503 -48.52 1.65 23.35
C LEU H 503 -48.92 3.10 23.64
N ARG H 504 -48.42 4.02 22.83
CA ARG H 504 -48.69 5.46 22.98
C ARG H 504 -48.21 6.16 21.72
#